data_8IFN
#
_entry.id   8IFN
#
_cell.length_a   1.00
_cell.length_b   1.00
_cell.length_c   1.00
_cell.angle_alpha   90.00
_cell.angle_beta   90.00
_cell.angle_gamma   90.00
#
_symmetry.space_group_name_H-M   'P 1'
#
loop_
_entity.id
_entity.type
_entity.pdbx_description
1 polymer 'Spike glycoprotein'
2 polymer VHH-T148
3 branched alpha-D-mannopyranose-(1-3)-beta-D-mannopyranose-(1-4)-2-acetamido-2-deoxy-beta-D-glucopyranose-(1-4)-2-acetamido-2-deoxy-beta-D-glucopyranose
#
loop_
_entity_poly.entity_id
_entity_poly.type
_entity_poly.pdbx_seq_one_letter_code
_entity_poly.pdbx_strand_id
1 'polypeptide(L)'
;MIHSVFLLMFLLTPTESYVDVGPDSVKSACIEVDIQQTFFDKTWPRPIDVSKADGIIYPQGRTYSNITITYQGLFPYQGD
HGDMYVYSAGHATGTTPQKLFVANYSQDVKQFANGFVVRIGAAANSTGTVIISPSTSATIRKIYPAFMLGSSVGNFSDGK
MGRFFNHTLVLLPDGCGTLLRAFYCILEPRSGNHCPAGNSYTSFATYHTPATDCSDGNYNRNASLNSFKEYFNLRNCTFM
YTYNITEDEILEWFGITQTAQGVHLFSSRYVDLYGGNMFQFATLPVYDTIKYYSIIPHSIRSIQSDRKAWAAFYVYKLQP
LTFLLDFSVDGYIRRAIDCGFNDLSQLHCSYESFDVESGVYSVSSFEAKPSGSVVEQAEGVECDFSPLLSGTPPQVYNFK
RLVFTNCNYNLTKLLSLFSVNDFTCSQISPAAIASNCYSSLILDYFSYPLSMKSDLSVSSAGPISQFNYKQSFSNPTCLI
LATVPHNLTTITKPLKYSYINKCSRLLSDDRTEVPQLVNANQYSPCVSIVPSTVWEDGDYYRKQLSPLEGGGWLVASGST
VAMTEQLQMGFGITVQYGTDTNSVCPKLEFANDTKIASQLGNCVEYSLYGVSGRGVFQNCTAVGVRQQRFVYDAYQNLVG
YYSDDGNYYCLRACVSVPVSVIYDKETKTHATLFGSVACEHISSTMSQYSRSTRSMLKRRDSTYGPLQTPVGCVLGLVNS
SLFVEDCKLPLGQSLCALPDTPSTLTPSSVGSVPGEMRLASIAFNHPIQVDQLNSSYFKLSIPTNFSFGVTQEYIQTTIQ
KVTVDCKQYVCNGFQKCEQLLREYGQFCSKINQALHGANLRQDDSVRNLFASVKSSQSSPIIPGFGGDFNLTLLEPVSIS
TGSRSARSAIEDLLFDKVTIADPGYMQGYDDCMQQGPASARDLICAQYVAGYKVLPPLMDVNMEAAYTSSLLGSIAGVGW
TAGLSSFAAIPFAQSIFYRLNGVGITQQVLSENQKLIANKFNQALGAMQTGFTTTNEAFQKVQDAVNNNAQALSKLASEL
SNTFGAISASIGDIIQRLDPPEQDAQIDRLINGRLTTLNAFVAQQLVRSESAALSAQLAKDKVNECVKAQSKRSGFCGQG
THIVSFVVNAPNGLYFMHVGYYPSNHIEVVSAYGLCDAANPTNCIAPVNGYFIKTNNTRIVDEWSYTGSSFYAPEPITSL
NTKYVAPQVTYQNISTNLPPPLLGNSTGIDFQDELDEFFKNVSTSIPNFGSLTQINTTLLDLTYEMLSLQQVVKALNESY
IDLKELGNYTSRENLYFQGGGSAGSGYIPEAPRDGQAYVRKDGEWVLLSTFLGHHHHHHWSHPQFEK
;
B,C,E
2 'polypeptide(L)'
;QVQLQESGGGSVQAGGSLKLSCSVSGYTYSTYCIAWFRQVPGKEREGLAFIKNPEGNTDYADSVQGRFFISQDTVDNTVY
LSMNSLKPEDTATYYCAGAVSNWVCGMSIKSQGYGMDYWGKGTQVTVSSHHHHHH
;
A,D,F
#
# COMPACT_ATOMS: atom_id res chain seq x y z
N TYR A 18 -58.14 -6.72 -5.87
CA TYR A 18 -58.60 -7.05 -7.21
C TYR A 18 -59.59 -6.01 -7.69
N VAL A 19 -59.14 -5.11 -8.56
CA VAL A 19 -59.99 -4.03 -8.99
C VAL A 19 -61.07 -4.56 -9.94
N ASP A 20 -62.12 -3.76 -10.10
CA ASP A 20 -63.23 -4.08 -10.98
C ASP A 20 -63.01 -3.32 -12.28
N VAL A 21 -62.45 -4.00 -13.27
CA VAL A 21 -62.06 -3.33 -14.52
C VAL A 21 -63.24 -2.91 -15.37
N GLY A 22 -64.44 -3.40 -15.07
CA GLY A 22 -65.61 -2.99 -15.81
C GLY A 22 -66.45 -4.16 -16.24
N PRO A 23 -67.45 -3.89 -17.09
CA PRO A 23 -68.35 -4.97 -17.55
C PRO A 23 -67.65 -5.85 -18.58
N ASP A 24 -67.71 -7.16 -18.35
CA ASP A 24 -67.16 -8.11 -19.30
C ASP A 24 -67.85 -7.96 -20.65
N SER A 25 -67.08 -8.07 -21.73
CA SER A 25 -67.65 -7.93 -23.06
C SER A 25 -68.65 -9.04 -23.34
N VAL A 26 -69.72 -8.69 -24.05
CA VAL A 26 -70.83 -9.60 -24.29
C VAL A 26 -70.96 -10.01 -25.74
N LYS A 27 -70.08 -9.55 -26.62
CA LYS A 27 -70.15 -9.96 -28.00
C LYS A 27 -69.84 -11.44 -28.15
N SER A 28 -70.34 -12.03 -29.23
CA SER A 28 -70.20 -13.46 -29.45
C SER A 28 -68.92 -13.81 -30.21
N ALA A 29 -68.57 -13.03 -31.21
CA ALA A 29 -67.42 -13.33 -32.05
C ALA A 29 -66.53 -12.11 -32.22
N CYS A 30 -65.23 -12.36 -32.29
CA CYS A 30 -64.25 -11.31 -32.53
C CYS A 30 -64.25 -10.92 -34.00
N ILE A 31 -63.76 -9.71 -34.29
CA ILE A 31 -63.61 -9.26 -35.66
C ILE A 31 -62.52 -10.08 -36.35
N GLU A 32 -62.67 -10.27 -37.67
CA GLU A 32 -61.69 -11.02 -38.44
C GLU A 32 -60.46 -10.17 -38.70
N VAL A 33 -59.29 -10.74 -38.41
CA VAL A 33 -58.01 -10.04 -38.50
C VAL A 33 -57.21 -10.62 -39.65
N ASP A 34 -56.68 -9.75 -40.50
CA ASP A 34 -55.97 -10.12 -41.71
C ASP A 34 -54.48 -9.78 -41.56
N ILE A 35 -53.66 -10.81 -41.40
CA ILE A 35 -52.20 -10.64 -41.26
C ILE A 35 -51.59 -10.63 -42.65
N GLN A 36 -50.97 -9.50 -43.02
CA GLN A 36 -50.23 -9.38 -44.28
C GLN A 36 -48.91 -8.69 -43.96
N GLN A 37 -47.90 -9.48 -43.59
CA GLN A 37 -46.64 -8.90 -43.17
C GLN A 37 -45.95 -8.13 -44.29
N THR A 38 -46.10 -8.61 -45.53
CA THR A 38 -45.37 -8.01 -46.64
C THR A 38 -45.82 -6.59 -46.96
N PHE A 39 -46.99 -6.19 -46.48
CA PHE A 39 -47.41 -4.80 -46.66
C PHE A 39 -46.77 -3.86 -45.67
N PHE A 40 -46.16 -4.39 -44.61
CA PHE A 40 -45.60 -3.60 -43.52
C PHE A 40 -44.08 -3.68 -43.49
N ASP A 41 -43.44 -4.15 -44.55
CA ASP A 41 -42.01 -4.40 -44.54
C ASP A 41 -41.21 -3.22 -45.06
N LYS A 42 -41.79 -2.02 -45.09
CA LYS A 42 -41.07 -0.86 -45.57
C LYS A 42 -39.90 -0.54 -44.64
N THR A 43 -38.91 0.16 -45.17
CA THR A 43 -37.67 0.45 -44.43
C THR A 43 -37.43 1.95 -44.39
N TRP A 44 -37.75 2.55 -43.24
CA TRP A 44 -37.39 3.94 -42.95
C TRP A 44 -36.48 3.95 -41.74
N PRO A 45 -35.18 4.17 -41.90
CA PRO A 45 -34.27 4.05 -40.75
C PRO A 45 -34.27 5.32 -39.91
N ARG A 46 -34.39 5.13 -38.59
CA ARG A 46 -34.21 6.20 -37.61
C ARG A 46 -33.25 5.68 -36.56
N PRO A 47 -31.96 5.65 -36.84
CA PRO A 47 -30.99 5.13 -35.88
C PRO A 47 -30.79 6.10 -34.72
N ILE A 48 -30.25 5.56 -33.64
CA ILE A 48 -29.97 6.35 -32.44
C ILE A 48 -28.81 7.29 -32.74
N ASP A 49 -28.97 8.56 -32.41
CA ASP A 49 -27.94 9.58 -32.58
C ASP A 49 -27.74 10.26 -31.23
N VAL A 50 -26.71 9.87 -30.49
CA VAL A 50 -26.51 10.44 -29.16
C VAL A 50 -25.95 11.84 -29.22
N SER A 51 -25.55 12.32 -30.40
CA SER A 51 -25.20 13.72 -30.54
C SER A 51 -26.40 14.62 -30.36
N LYS A 52 -27.60 14.10 -30.60
CA LYS A 52 -28.84 14.79 -30.28
C LYS A 52 -29.42 14.32 -28.96
N ALA A 53 -28.72 13.42 -28.26
CA ALA A 53 -29.21 12.80 -27.02
C ALA A 53 -30.55 12.10 -27.26
N ASP A 54 -30.52 11.08 -28.10
CA ASP A 54 -31.70 10.26 -28.38
C ASP A 54 -31.77 9.13 -27.37
N GLY A 55 -32.93 8.99 -26.72
CA GLY A 55 -33.14 7.88 -25.83
C GLY A 55 -32.45 7.97 -24.49
N ILE A 56 -32.18 9.18 -24.00
CA ILE A 56 -31.48 9.34 -22.73
C ILE A 56 -32.48 9.38 -21.59
N ILE A 57 -32.32 8.49 -20.62
CA ILE A 57 -32.97 8.59 -19.32
C ILE A 57 -32.19 9.59 -18.50
N TYR A 58 -32.86 10.60 -17.97
CA TYR A 58 -32.19 11.56 -17.13
C TYR A 58 -31.77 10.90 -15.81
N PRO A 59 -30.63 11.28 -15.24
CA PRO A 59 -30.23 10.73 -13.95
C PRO A 59 -31.30 10.94 -12.87
N GLN A 60 -31.46 9.93 -12.02
CA GLN A 60 -32.75 9.73 -11.34
C GLN A 60 -32.99 10.74 -10.24
N GLY A 61 -32.01 11.04 -9.41
CA GLY A 61 -32.32 11.84 -8.25
C GLY A 61 -31.70 13.22 -8.16
N ARG A 62 -31.16 13.74 -9.26
CA ARG A 62 -30.35 14.94 -9.19
C ARG A 62 -30.42 15.66 -10.52
N THR A 63 -29.79 16.83 -10.56
CA THR A 63 -29.62 17.58 -11.79
C THR A 63 -28.32 18.35 -11.68
N TYR A 64 -27.81 18.76 -12.83
CA TYR A 64 -26.56 19.49 -12.92
C TYR A 64 -26.79 20.72 -13.78
N SER A 65 -25.76 21.56 -13.90
CA SER A 65 -25.88 22.78 -14.68
C SER A 65 -24.53 23.13 -15.29
N ASN A 66 -24.48 23.17 -16.63
CA ASN A 66 -23.31 23.63 -17.37
C ASN A 66 -22.09 22.77 -17.07
N ILE A 67 -22.25 21.45 -17.18
CA ILE A 67 -21.24 20.51 -16.73
C ILE A 67 -21.13 19.37 -17.73
N THR A 68 -19.99 18.69 -17.73
CA THR A 68 -19.81 17.46 -18.49
C THR A 68 -19.43 16.34 -17.53
N ILE A 69 -20.18 15.25 -17.57
CA ILE A 69 -20.10 14.19 -16.57
C ILE A 69 -20.02 12.85 -17.28
N THR A 70 -19.29 11.90 -16.71
CA THR A 70 -19.47 10.51 -17.11
C THR A 70 -20.48 9.85 -16.20
N TYR A 71 -21.44 9.17 -16.81
CA TYR A 71 -22.53 8.52 -16.12
C TYR A 71 -22.62 7.07 -16.52
N GLN A 72 -22.83 6.19 -15.54
CA GLN A 72 -23.16 4.81 -15.80
C GLN A 72 -24.65 4.64 -15.68
N GLY A 73 -25.28 4.11 -16.72
CA GLY A 73 -26.71 4.00 -16.72
C GLY A 73 -27.18 2.98 -17.72
N LEU A 74 -28.48 3.00 -17.99
CA LEU A 74 -29.09 2.15 -19.01
C LEU A 74 -29.34 3.01 -20.23
N PHE A 75 -28.62 2.72 -21.30
CA PHE A 75 -28.60 3.54 -22.50
C PHE A 75 -28.72 2.66 -23.73
N PRO A 76 -29.16 3.21 -24.85
CA PRO A 76 -29.08 2.47 -26.11
C PRO A 76 -27.74 2.68 -26.80
N TYR A 77 -27.50 1.85 -27.82
CA TYR A 77 -26.26 1.91 -28.56
C TYR A 77 -26.28 3.04 -29.57
N GLN A 78 -25.16 3.75 -29.69
CA GLN A 78 -25.00 4.68 -30.80
C GLN A 78 -25.20 3.98 -32.13
N GLY A 79 -26.02 4.59 -32.99
CA GLY A 79 -26.27 4.05 -34.30
C GLY A 79 -27.16 2.84 -34.32
N ASP A 80 -27.74 2.46 -33.19
CA ASP A 80 -28.68 1.34 -33.17
C ASP A 80 -29.92 1.68 -33.98
N HIS A 81 -30.39 0.71 -34.75
CA HIS A 81 -31.54 0.92 -35.61
C HIS A 81 -32.86 0.52 -34.95
N GLY A 82 -32.81 -0.32 -33.93
CA GLY A 82 -34.02 -0.71 -33.25
C GLY A 82 -34.89 -1.57 -34.13
N ASP A 83 -36.17 -1.62 -33.78
CA ASP A 83 -37.18 -2.32 -34.54
C ASP A 83 -38.27 -1.34 -34.88
N MET A 84 -38.67 -1.28 -36.13
CA MET A 84 -39.70 -0.34 -36.55
C MET A 84 -41.04 -1.06 -36.62
N TYR A 85 -42.07 -0.43 -36.06
CA TYR A 85 -43.42 -0.96 -36.10
C TYR A 85 -44.34 0.10 -36.66
N VAL A 86 -45.39 -0.34 -37.34
CA VAL A 86 -46.33 0.56 -37.99
C VAL A 86 -47.73 0.00 -37.87
N TYR A 87 -48.70 0.91 -37.74
CA TYR A 87 -50.11 0.58 -37.64
C TYR A 87 -50.83 1.11 -38.86
N SER A 88 -51.85 0.37 -39.30
CA SER A 88 -52.53 0.69 -40.55
C SER A 88 -54.04 0.67 -40.35
N ALA A 89 -54.74 1.24 -41.33
CA ALA A 89 -56.19 1.16 -41.37
C ALA A 89 -56.64 -0.23 -41.80
N GLY A 90 -57.91 -0.54 -41.54
CA GLY A 90 -58.47 -1.83 -41.88
C GLY A 90 -59.22 -1.82 -43.19
N HIS A 91 -59.81 -2.97 -43.50
CA HIS A 91 -60.53 -3.12 -44.76
C HIS A 91 -61.87 -2.37 -44.70
N ALA A 92 -62.02 -1.39 -45.58
CA ALA A 92 -63.24 -0.58 -45.65
C ALA A 92 -63.84 -0.76 -47.04
N THR A 93 -64.96 -1.46 -47.11
CA THR A 93 -65.63 -1.71 -48.39
C THR A 93 -66.74 -0.67 -48.58
N GLY A 94 -66.32 0.58 -48.82
CA GLY A 94 -67.26 1.62 -49.17
C GLY A 94 -68.17 2.06 -48.05
N THR A 95 -67.62 2.77 -47.07
CA THR A 95 -68.32 3.28 -45.90
C THR A 95 -68.82 2.17 -44.97
N THR A 96 -68.12 1.04 -44.93
CA THR A 96 -68.37 0.01 -43.91
C THR A 96 -67.10 -0.81 -43.68
N PRO A 97 -66.37 -0.52 -42.62
CA PRO A 97 -65.17 -1.31 -42.31
C PRO A 97 -65.57 -2.70 -41.83
N GLN A 98 -64.92 -3.72 -42.36
CA GLN A 98 -65.32 -5.08 -42.07
C GLN A 98 -64.18 -6.05 -41.76
N LYS A 99 -62.92 -5.64 -41.87
CA LYS A 99 -61.84 -6.57 -41.55
C LYS A 99 -60.58 -5.81 -41.18
N LEU A 100 -59.94 -6.21 -40.09
CA LEU A 100 -58.73 -5.57 -39.63
C LEU A 100 -57.56 -5.93 -40.54
N PHE A 101 -56.52 -5.11 -40.50
CA PHE A 101 -55.38 -5.27 -41.39
C PHE A 101 -54.11 -4.98 -40.59
N VAL A 102 -53.49 -6.02 -40.06
CA VAL A 102 -52.36 -5.87 -39.15
C VAL A 102 -51.16 -6.62 -39.71
N ALA A 103 -50.01 -6.41 -39.08
CA ALA A 103 -48.80 -7.15 -39.37
C ALA A 103 -48.68 -8.30 -38.38
N ASN A 104 -47.53 -8.98 -38.37
CA ASN A 104 -47.35 -10.23 -37.64
C ASN A 104 -46.72 -10.03 -36.29
N TYR A 105 -47.07 -8.95 -35.59
CA TYR A 105 -46.37 -8.58 -34.36
C TYR A 105 -46.69 -9.53 -33.22
N SER A 106 -47.88 -10.13 -33.21
CA SER A 106 -48.30 -10.91 -32.05
C SER A 106 -47.41 -12.13 -31.84
N GLN A 107 -47.02 -12.79 -32.92
CA GLN A 107 -46.17 -13.97 -32.81
C GLN A 107 -44.74 -13.61 -32.41
N ASP A 108 -44.30 -12.39 -32.69
CA ASP A 108 -42.91 -12.00 -32.56
C ASP A 108 -42.65 -11.56 -31.12
N VAL A 109 -42.49 -12.55 -30.25
CA VAL A 109 -42.18 -12.30 -28.85
C VAL A 109 -40.70 -12.00 -28.71
N LYS A 110 -40.39 -10.89 -28.04
CA LYS A 110 -39.02 -10.42 -27.88
C LYS A 110 -38.56 -10.64 -26.45
N GLN A 111 -37.29 -10.34 -26.20
CA GLN A 111 -36.72 -10.44 -24.87
C GLN A 111 -36.72 -9.07 -24.22
N PHE A 112 -37.26 -8.99 -23.01
CA PHE A 112 -37.19 -7.79 -22.19
C PHE A 112 -35.96 -7.93 -21.29
N ALA A 113 -34.80 -7.54 -21.83
CA ALA A 113 -33.57 -7.78 -21.09
C ALA A 113 -33.38 -6.76 -19.97
N ASN A 114 -33.22 -5.49 -20.33
CA ASN A 114 -33.04 -4.44 -19.35
C ASN A 114 -34.05 -3.32 -19.51
N GLY A 115 -35.09 -3.53 -20.30
CA GLY A 115 -36.03 -2.47 -20.61
C GLY A 115 -35.79 -1.97 -22.02
N PHE A 116 -36.55 -0.94 -22.39
CA PHE A 116 -36.34 -0.40 -23.72
C PHE A 116 -36.88 1.01 -23.79
N VAL A 117 -36.49 1.72 -24.85
CA VAL A 117 -36.99 3.06 -25.13
C VAL A 117 -37.65 3.04 -26.50
N VAL A 118 -38.59 3.95 -26.69
CA VAL A 118 -39.44 4.01 -27.87
C VAL A 118 -39.48 5.43 -28.38
N ARG A 119 -39.28 5.58 -29.68
CA ARG A 119 -39.43 6.86 -30.39
C ARG A 119 -40.79 6.85 -31.06
N ILE A 120 -41.65 7.80 -30.68
CA ILE A 120 -43.04 7.86 -31.12
C ILE A 120 -43.24 9.12 -31.95
N GLY A 121 -43.85 8.94 -33.12
CA GLY A 121 -44.29 10.06 -33.95
C GLY A 121 -43.18 10.87 -34.59
N ALA A 122 -42.12 10.22 -35.04
CA ALA A 122 -41.01 10.95 -35.63
C ALA A 122 -41.35 11.45 -37.03
N ALA A 123 -42.19 10.72 -37.75
CA ALA A 123 -42.50 11.04 -39.13
C ALA A 123 -43.73 11.91 -39.29
N ALA A 124 -44.32 12.37 -38.20
CA ALA A 124 -45.53 13.18 -38.29
C ALA A 124 -45.23 14.51 -38.95
N ASN A 125 -46.31 15.26 -39.22
CA ASN A 125 -46.24 16.56 -39.91
C ASN A 125 -45.69 16.43 -41.32
N SER A 126 -45.85 15.28 -41.96
CA SER A 126 -45.34 15.08 -43.29
C SER A 126 -46.20 14.07 -44.04
N THR A 127 -45.93 13.90 -45.32
CA THR A 127 -46.73 13.08 -46.20
C THR A 127 -46.11 11.71 -46.38
N GLY A 128 -46.95 10.68 -46.37
CA GLY A 128 -46.51 9.31 -46.49
C GLY A 128 -47.65 8.49 -47.06
N THR A 129 -47.44 7.18 -47.09
CA THR A 129 -48.41 6.30 -47.71
C THR A 129 -49.30 5.64 -46.67
N VAL A 130 -50.49 5.26 -47.10
CA VAL A 130 -51.38 4.42 -46.32
C VAL A 130 -50.97 2.98 -46.57
N ILE A 131 -50.79 2.21 -45.50
CA ILE A 131 -50.21 0.88 -45.64
C ILE A 131 -51.14 -0.03 -46.43
N ILE A 132 -52.44 0.02 -46.16
CA ILE A 132 -53.36 -0.94 -46.76
C ILE A 132 -53.48 -0.73 -48.26
N SER A 133 -53.48 0.52 -48.70
CA SER A 133 -53.51 0.85 -50.13
C SER A 133 -52.25 1.62 -50.46
N PRO A 134 -51.21 0.95 -50.97
CA PRO A 134 -49.91 1.62 -51.14
C PRO A 134 -49.96 2.84 -52.03
N SER A 135 -50.85 2.88 -53.02
CA SER A 135 -50.89 4.02 -53.92
C SER A 135 -51.30 5.29 -53.19
N THR A 136 -52.24 5.19 -52.25
CA THR A 136 -52.77 6.37 -51.57
C THR A 136 -51.71 6.98 -50.67
N SER A 137 -51.72 8.32 -50.60
CA SER A 137 -50.79 9.06 -49.77
C SER A 137 -51.55 10.13 -49.01
N ALA A 138 -51.28 10.24 -47.71
CA ALA A 138 -51.89 11.25 -46.86
C ALA A 138 -50.85 11.77 -45.88
N THR A 139 -51.22 12.80 -45.13
CA THR A 139 -50.34 13.35 -44.10
C THR A 139 -50.19 12.35 -42.95
N ILE A 140 -48.96 12.22 -42.46
CA ILE A 140 -48.65 11.28 -41.41
C ILE A 140 -49.06 11.85 -40.06
N ARG A 141 -49.65 11.00 -39.21
CA ARG A 141 -50.12 11.40 -37.90
C ARG A 141 -49.56 10.49 -36.82
N LYS A 142 -49.45 11.03 -35.61
CA LYS A 142 -48.81 10.30 -34.52
C LYS A 142 -49.79 9.32 -33.89
N ILE A 143 -49.33 8.10 -33.68
CA ILE A 143 -50.09 7.06 -33.00
C ILE A 143 -49.24 6.54 -31.84
N TYR A 144 -49.88 5.84 -30.92
CA TYR A 144 -49.14 5.42 -29.75
C TYR A 144 -49.05 3.90 -29.68
N PRO A 145 -47.91 3.37 -29.26
CA PRO A 145 -47.75 1.92 -29.18
C PRO A 145 -48.52 1.30 -28.03
N ALA A 146 -48.71 0.00 -28.13
CA ALA A 146 -49.31 -0.79 -27.07
C ALA A 146 -48.46 -2.01 -26.82
N PHE A 147 -48.35 -2.45 -25.57
CA PHE A 147 -47.41 -3.50 -25.25
C PHE A 147 -48.03 -4.53 -24.32
N MET A 148 -47.61 -5.79 -24.49
CA MET A 148 -47.89 -6.86 -23.55
C MET A 148 -46.55 -7.33 -23.00
N LEU A 149 -46.44 -7.42 -21.69
CA LEU A 149 -45.20 -7.80 -21.04
C LEU A 149 -45.50 -8.90 -20.03
N GLY A 150 -44.56 -9.82 -19.88
CA GLY A 150 -44.84 -10.92 -18.99
C GLY A 150 -43.61 -11.72 -18.66
N SER A 151 -43.82 -12.68 -17.76
CA SER A 151 -42.76 -13.55 -17.27
C SER A 151 -42.78 -14.95 -17.85
N SER A 152 -43.88 -15.36 -18.48
CA SER A 152 -43.96 -16.68 -19.09
C SER A 152 -44.81 -16.61 -20.34
N VAL A 153 -44.35 -17.25 -21.41
CA VAL A 153 -45.01 -17.17 -22.70
C VAL A 153 -45.04 -18.55 -23.34
N GLY A 154 -46.06 -18.78 -24.16
CA GLY A 154 -46.26 -20.05 -24.83
C GLY A 154 -47.15 -19.84 -26.04
N ASN A 155 -47.91 -20.88 -26.39
CA ASN A 155 -48.73 -20.86 -27.59
C ASN A 155 -50.20 -21.04 -27.27
N PHE A 156 -51.03 -20.60 -28.21
CA PHE A 156 -52.48 -20.67 -28.08
C PHE A 156 -52.96 -22.08 -28.43
N SER A 157 -54.28 -22.23 -28.60
CA SER A 157 -54.87 -23.54 -28.81
C SER A 157 -54.40 -24.18 -30.11
N ASP A 158 -54.40 -23.41 -31.19
CA ASP A 158 -54.02 -23.94 -32.50
C ASP A 158 -52.53 -23.82 -32.79
N GLY A 159 -51.70 -23.70 -31.75
CA GLY A 159 -50.26 -23.73 -31.91
C GLY A 159 -49.60 -22.41 -32.22
N LYS A 160 -50.38 -21.34 -32.42
CA LYS A 160 -49.78 -20.04 -32.69
C LYS A 160 -49.03 -19.54 -31.46
N MET A 161 -47.80 -19.07 -31.66
CA MET A 161 -47.01 -18.55 -30.57
C MET A 161 -47.59 -17.24 -30.07
N GLY A 162 -47.24 -16.89 -28.82
CA GLY A 162 -47.53 -15.57 -28.32
C GLY A 162 -48.66 -15.43 -27.34
N ARG A 163 -48.76 -16.35 -26.39
CA ARG A 163 -49.75 -16.25 -25.31
C ARG A 163 -49.03 -16.11 -23.99
N PHE A 164 -49.35 -15.05 -23.26
CA PHE A 164 -48.78 -14.81 -21.94
C PHE A 164 -49.69 -15.44 -20.89
N PHE A 165 -49.08 -16.11 -19.92
CA PHE A 165 -49.81 -17.08 -19.11
C PHE A 165 -50.34 -16.53 -17.79
N ASN A 166 -49.45 -16.12 -16.91
CA ASN A 166 -49.85 -15.63 -15.59
C ASN A 166 -50.26 -14.18 -15.69
N HIS A 167 -50.26 -13.46 -14.57
CA HIS A 167 -50.48 -12.02 -14.61
C HIS A 167 -49.60 -11.37 -15.67
N THR A 168 -50.22 -10.56 -16.52
CA THR A 168 -49.56 -9.93 -17.65
C THR A 168 -49.74 -8.43 -17.56
N LEU A 169 -48.66 -7.69 -17.77
CA LEU A 169 -48.73 -6.24 -17.81
C LEU A 169 -49.14 -5.80 -19.21
N VAL A 170 -50.12 -4.92 -19.30
CA VAL A 170 -50.60 -4.43 -20.58
C VAL A 170 -50.64 -2.92 -20.54
N LEU A 171 -50.09 -2.29 -21.56
CA LEU A 171 -50.12 -0.84 -21.73
C LEU A 171 -50.89 -0.55 -23.01
N LEU A 172 -52.07 0.05 -22.86
CA LEU A 172 -52.92 0.42 -23.99
C LEU A 172 -53.18 1.91 -24.01
N PRO A 173 -52.94 2.60 -25.12
CA PRO A 173 -53.52 3.93 -25.29
C PRO A 173 -55.01 3.82 -25.53
N ASP A 174 -55.70 4.92 -25.22
CA ASP A 174 -57.14 5.00 -25.42
C ASP A 174 -57.50 6.45 -25.70
N GLY A 175 -58.77 6.67 -26.02
CA GLY A 175 -59.28 8.01 -26.23
C GLY A 175 -58.70 8.70 -27.44
N CYS A 176 -58.53 7.96 -28.54
CA CYS A 176 -57.91 8.49 -29.75
C CYS A 176 -56.54 9.09 -29.42
N GLY A 177 -55.81 8.41 -28.54
CA GLY A 177 -54.51 8.89 -28.13
C GLY A 177 -54.54 10.03 -27.14
N THR A 178 -55.45 10.00 -26.17
CA THR A 178 -55.53 11.01 -25.13
C THR A 178 -55.37 10.47 -23.72
N LEU A 179 -55.39 9.14 -23.53
CA LEU A 179 -55.01 8.59 -22.25
C LEU A 179 -54.21 7.32 -22.44
N LEU A 180 -53.43 6.97 -21.43
CA LEU A 180 -52.67 5.73 -21.39
C LEU A 180 -53.14 4.93 -20.19
N ARG A 181 -53.47 3.67 -20.42
CA ARG A 181 -54.09 2.81 -19.43
C ARG A 181 -53.19 1.61 -19.20
N ALA A 182 -52.78 1.39 -17.97
CA ALA A 182 -51.86 0.33 -17.63
C ALA A 182 -52.51 -0.62 -16.64
N PHE A 183 -52.58 -1.90 -16.97
CA PHE A 183 -53.13 -2.86 -16.02
C PHE A 183 -52.28 -4.12 -16.00
N TYR A 184 -52.58 -5.01 -15.06
CA TYR A 184 -51.69 -6.14 -14.79
C TYR A 184 -52.54 -7.32 -14.32
N CYS A 185 -52.93 -8.18 -15.26
CA CYS A 185 -53.76 -9.32 -14.88
C CYS A 185 -53.86 -10.40 -15.93
N ILE A 186 -54.73 -11.37 -15.64
CA ILE A 186 -54.73 -12.63 -16.37
C ILE A 186 -55.67 -12.51 -17.55
N LEU A 187 -55.14 -12.79 -18.73
CA LEU A 187 -55.90 -12.75 -19.97
C LEU A 187 -56.30 -14.18 -20.30
N GLU A 188 -57.59 -14.48 -20.18
CA GLU A 188 -58.09 -15.79 -20.57
C GLU A 188 -58.72 -15.69 -21.94
N PRO A 189 -58.26 -16.45 -22.93
CA PRO A 189 -58.77 -16.28 -24.29
C PRO A 189 -60.24 -16.64 -24.37
N ARG A 190 -60.99 -15.81 -25.07
CA ARG A 190 -62.41 -16.04 -25.27
C ARG A 190 -62.61 -16.96 -26.47
N SER A 191 -63.70 -17.72 -26.44
CA SER A 191 -64.07 -18.55 -27.56
C SER A 191 -64.91 -17.75 -28.55
N GLY A 192 -65.31 -18.39 -29.64
CA GLY A 192 -66.03 -17.73 -30.70
C GLY A 192 -65.18 -17.54 -31.94
N ASN A 193 -65.84 -17.07 -32.99
CA ASN A 193 -65.16 -16.88 -34.26
C ASN A 193 -64.04 -15.88 -34.13
N HIS A 194 -62.87 -16.23 -34.66
CA HIS A 194 -61.69 -15.37 -34.72
C HIS A 194 -61.24 -14.92 -33.34
N CYS A 195 -61.47 -15.73 -32.31
CA CYS A 195 -60.97 -15.42 -30.99
C CYS A 195 -59.97 -16.50 -30.57
N PRO A 196 -58.97 -16.15 -29.78
CA PRO A 196 -57.83 -17.06 -29.58
C PRO A 196 -58.20 -18.44 -29.07
N ALA A 197 -59.27 -18.58 -28.29
CA ALA A 197 -59.73 -19.89 -27.88
C ALA A 197 -60.74 -20.47 -28.86
N GLY A 198 -61.14 -19.72 -29.86
CA GLY A 198 -62.09 -20.19 -30.86
C GLY A 198 -61.41 -20.81 -32.06
N ASN A 199 -62.02 -20.62 -33.22
CA ASN A 199 -61.51 -21.16 -34.48
C ASN A 199 -61.22 -20.02 -35.45
N SER A 200 -60.43 -20.34 -36.47
CA SER A 200 -59.98 -19.37 -37.46
C SER A 200 -59.24 -18.21 -36.80
N TYR A 201 -58.45 -18.53 -35.77
CA TYR A 201 -57.72 -17.51 -35.02
C TYR A 201 -56.43 -17.16 -35.75
N THR A 202 -56.35 -15.92 -36.24
CA THR A 202 -55.14 -15.42 -36.89
C THR A 202 -54.24 -14.69 -35.89
N SER A 203 -54.75 -13.65 -35.27
CA SER A 203 -54.06 -12.92 -34.21
C SER A 203 -55.04 -11.96 -33.56
N PHE A 204 -54.81 -11.65 -32.29
CA PHE A 204 -55.60 -10.64 -31.64
C PHE A 204 -55.14 -9.25 -32.06
N ALA A 205 -56.02 -8.27 -31.89
CA ALA A 205 -55.70 -6.90 -32.24
C ALA A 205 -56.66 -5.98 -31.51
N THR A 206 -56.30 -4.71 -31.46
CA THR A 206 -57.19 -3.68 -30.94
C THR A 206 -57.60 -2.76 -32.08
N TYR A 207 -58.74 -2.11 -31.91
CA TYR A 207 -59.24 -1.22 -32.93
C TYR A 207 -60.08 -0.12 -32.29
N HIS A 208 -60.22 0.98 -33.03
CA HIS A 208 -61.13 2.03 -32.64
C HIS A 208 -61.71 2.65 -33.91
N THR A 209 -62.94 3.12 -33.80
CA THR A 209 -63.67 3.62 -34.96
C THR A 209 -63.67 5.14 -34.96
N PRO A 210 -62.99 5.79 -35.89
CA PRO A 210 -62.99 7.26 -35.91
C PRO A 210 -64.36 7.89 -36.08
N ALA A 211 -65.29 7.18 -36.72
CA ALA A 211 -66.60 7.76 -36.97
C ALA A 211 -67.35 8.02 -35.67
N THR A 212 -67.26 7.09 -34.72
CA THR A 212 -68.01 7.19 -33.47
C THR A 212 -67.14 7.45 -32.26
N ASP A 213 -65.97 6.81 -32.17
CA ASP A 213 -65.16 6.89 -30.97
C ASP A 213 -64.32 8.15 -30.91
N CYS A 214 -64.17 8.88 -32.01
CA CYS A 214 -63.30 10.05 -32.05
C CYS A 214 -64.08 11.32 -32.38
N SER A 215 -65.35 11.39 -31.99
CA SER A 215 -66.15 12.59 -32.22
C SER A 215 -65.58 13.76 -31.42
N ASP A 216 -65.49 14.91 -32.07
CA ASP A 216 -64.85 16.07 -31.45
C ASP A 216 -65.57 16.45 -30.16
N GLY A 217 -64.78 16.64 -29.10
CA GLY A 217 -65.32 16.99 -27.81
C GLY A 217 -65.74 15.79 -27.00
N ASN A 218 -66.07 14.69 -27.68
CA ASN A 218 -66.56 13.47 -27.02
C ASN A 218 -65.76 12.30 -27.57
N TYR A 219 -64.61 12.04 -26.97
CA TYR A 219 -63.79 10.88 -27.32
C TYR A 219 -64.13 9.72 -26.39
N ASN A 220 -64.41 8.57 -26.99
CA ASN A 220 -64.70 7.38 -26.20
C ASN A 220 -63.42 6.93 -25.51
N ARG A 221 -63.41 6.98 -24.19
CA ARG A 221 -62.22 6.69 -23.40
C ARG A 221 -62.11 5.22 -23.03
N ASN A 222 -63.04 4.38 -23.45
CA ASN A 222 -62.92 2.94 -23.26
C ASN A 222 -62.88 2.18 -24.57
N ALA A 223 -62.99 2.85 -25.70
CA ALA A 223 -62.72 2.20 -26.98
C ALA A 223 -61.27 1.74 -27.01
N SER A 224 -61.04 0.60 -27.67
CA SER A 224 -59.74 -0.05 -27.74
C SER A 224 -59.36 -0.71 -26.42
N LEU A 225 -60.20 -0.53 -25.40
CA LEU A 225 -60.19 -1.45 -24.27
C LEU A 225 -61.33 -2.45 -24.35
N ASN A 226 -62.47 -2.04 -24.89
CA ASN A 226 -63.49 -3.01 -25.28
C ASN A 226 -62.96 -3.95 -26.34
N SER A 227 -62.20 -3.41 -27.30
CA SER A 227 -61.56 -4.25 -28.31
C SER A 227 -60.70 -5.31 -27.67
N PHE A 228 -59.88 -4.93 -26.71
CA PHE A 228 -59.05 -5.91 -26.03
C PHE A 228 -59.90 -6.90 -25.25
N LYS A 229 -61.05 -6.46 -24.74
CA LYS A 229 -61.93 -7.34 -24.00
C LYS A 229 -62.68 -8.30 -24.91
N GLU A 230 -62.73 -8.04 -26.21
CA GLU A 230 -63.39 -8.96 -27.12
C GLU A 230 -62.58 -10.24 -27.31
N TYR A 231 -61.25 -10.13 -27.36
CA TYR A 231 -60.40 -11.30 -27.55
C TYR A 231 -60.01 -11.96 -26.23
N PHE A 232 -60.08 -11.24 -25.12
CA PHE A 232 -59.60 -11.75 -23.86
C PHE A 232 -60.60 -11.40 -22.76
N ASN A 233 -60.54 -12.18 -21.69
CA ASN A 233 -61.27 -11.90 -20.47
C ASN A 233 -60.25 -11.57 -19.39
N LEU A 234 -60.43 -10.42 -18.74
CA LEU A 234 -59.47 -9.92 -17.75
C LEU A 234 -59.89 -10.43 -16.37
N ARG A 235 -59.01 -11.19 -15.73
CA ARG A 235 -59.33 -11.81 -14.46
C ARG A 235 -58.25 -11.51 -13.44
N ASN A 236 -58.68 -11.21 -12.22
CA ASN A 236 -57.85 -11.21 -11.01
C ASN A 236 -56.69 -10.21 -11.12
N CYS A 237 -57.04 -8.92 -11.15
CA CYS A 237 -55.99 -7.94 -11.31
C CYS A 237 -56.01 -6.73 -10.39
N THR A 238 -54.79 -6.24 -10.23
CA THR A 238 -54.24 -5.55 -9.07
C THR A 238 -54.32 -4.05 -9.20
N PHE A 239 -54.18 -3.53 -10.41
CA PHE A 239 -54.33 -2.09 -10.63
C PHE A 239 -54.81 -1.86 -12.05
N MET A 240 -55.28 -0.65 -12.28
CA MET A 240 -55.71 -0.18 -13.60
C MET A 240 -55.50 1.33 -13.57
N TYR A 241 -54.30 1.76 -13.94
CA TYR A 241 -53.90 3.15 -13.82
C TYR A 241 -54.15 3.89 -15.12
N THR A 242 -54.36 5.19 -15.01
CA THR A 242 -54.71 5.99 -16.16
C THR A 242 -53.93 7.29 -16.10
N TYR A 243 -53.44 7.72 -17.26
CA TYR A 243 -52.66 8.94 -17.35
C TYR A 243 -53.16 9.74 -18.54
N ASN A 244 -53.58 10.98 -18.31
CA ASN A 244 -54.12 11.79 -19.39
C ASN A 244 -52.99 12.34 -20.24
N ILE A 245 -53.20 12.36 -21.56
CA ILE A 245 -52.20 12.83 -22.51
C ILE A 245 -52.78 13.99 -23.29
N THR A 246 -52.06 15.11 -23.29
CA THR A 246 -52.43 16.22 -24.15
C THR A 246 -52.26 15.83 -25.60
N GLU A 247 -53.17 16.30 -26.45
CA GLU A 247 -53.17 15.94 -27.86
C GLU A 247 -52.32 16.93 -28.65
N ASP A 248 -51.29 16.42 -29.32
CA ASP A 248 -50.47 17.24 -30.21
C ASP A 248 -49.80 16.31 -31.21
N GLU A 249 -48.87 16.86 -31.98
CA GLU A 249 -48.22 16.13 -33.06
C GLU A 249 -46.72 16.32 -33.02
N ILE A 250 -46.11 16.17 -31.84
CA ILE A 250 -44.69 16.39 -31.71
C ILE A 250 -44.00 15.08 -31.34
N LEU A 251 -42.73 14.99 -31.70
CA LEU A 251 -41.93 13.80 -31.42
C LEU A 251 -41.88 13.52 -29.93
N GLU A 252 -42.05 12.26 -29.55
CA GLU A 252 -42.13 11.89 -28.16
C GLU A 252 -41.25 10.67 -27.89
N TRP A 253 -40.80 10.53 -26.66
CA TRP A 253 -39.99 9.41 -26.25
C TRP A 253 -40.63 8.73 -25.04
N PHE A 254 -40.56 7.40 -25.01
CA PHE A 254 -41.11 6.61 -23.93
C PHE A 254 -40.08 5.58 -23.50
N GLY A 255 -40.16 5.11 -22.26
CA GLY A 255 -39.19 4.13 -21.81
C GLY A 255 -39.71 3.33 -20.65
N ILE A 256 -39.16 2.12 -20.49
CA ILE A 256 -39.62 1.24 -19.42
C ILE A 256 -38.45 0.41 -18.91
N THR A 257 -38.36 0.31 -17.59
CA THR A 257 -37.34 -0.52 -16.93
C THR A 257 -37.96 -1.25 -15.74
N GLN A 258 -37.20 -2.20 -15.19
CA GLN A 258 -37.61 -3.08 -14.11
C GLN A 258 -36.56 -3.03 -13.02
N THR A 259 -36.94 -2.64 -11.80
CA THR A 259 -36.06 -2.73 -10.65
C THR A 259 -36.79 -3.41 -9.50
N ALA A 260 -36.08 -3.61 -8.39
CA ALA A 260 -36.70 -4.22 -7.21
C ALA A 260 -37.80 -3.34 -6.64
N GLN A 261 -37.84 -2.07 -7.04
CA GLN A 261 -38.87 -1.15 -6.64
C GLN A 261 -40.11 -1.24 -7.51
N GLY A 262 -40.07 -2.01 -8.60
CA GLY A 262 -41.23 -2.15 -9.47
C GLY A 262 -40.91 -1.98 -10.93
N VAL A 263 -41.89 -1.52 -11.71
CA VAL A 263 -41.71 -1.24 -13.13
C VAL A 263 -41.79 0.26 -13.32
N HIS A 264 -40.73 0.86 -13.81
CA HIS A 264 -40.65 2.30 -13.97
C HIS A 264 -40.98 2.68 -15.40
N LEU A 265 -41.84 3.68 -15.54
CA LEU A 265 -42.23 4.23 -16.82
C LEU A 265 -41.68 5.64 -16.95
N PHE A 266 -41.01 5.93 -18.05
CA PHE A 266 -40.42 7.23 -18.32
C PHE A 266 -41.04 7.80 -19.58
N SER A 267 -41.16 9.12 -19.64
CA SER A 267 -41.61 9.74 -20.87
C SER A 267 -40.97 11.12 -21.00
N SER A 268 -40.99 11.61 -22.23
CA SER A 268 -40.47 12.95 -22.51
C SER A 268 -41.45 14.02 -22.09
N ARG A 269 -42.74 13.72 -22.08
CA ARG A 269 -43.74 14.71 -21.70
C ARG A 269 -43.67 15.02 -20.22
N TYR A 270 -44.28 16.14 -19.87
CA TYR A 270 -44.46 16.71 -18.54
C TYR A 270 -43.19 17.32 -17.97
N VAL A 271 -42.02 17.10 -18.56
CA VAL A 271 -40.83 17.79 -18.08
C VAL A 271 -40.09 18.43 -19.24
N ASP A 272 -39.73 17.62 -20.24
CA ASP A 272 -38.98 18.08 -21.40
C ASP A 272 -39.77 17.73 -22.64
N LEU A 273 -40.72 18.58 -23.00
CA LEU A 273 -41.59 18.27 -24.11
C LEU A 273 -40.94 18.57 -25.44
N TYR A 274 -40.21 19.67 -25.54
CA TYR A 274 -39.58 20.10 -26.78
C TYR A 274 -38.14 19.63 -26.91
N GLY A 275 -37.60 19.01 -25.87
CA GLY A 275 -36.38 18.23 -26.00
C GLY A 275 -36.80 16.80 -26.11
N GLY A 276 -36.02 15.88 -25.57
CA GLY A 276 -36.44 14.50 -25.60
C GLY A 276 -36.09 13.74 -24.35
N ASN A 277 -35.54 14.44 -23.36
CA ASN A 277 -35.11 13.81 -22.13
C ASN A 277 -36.28 13.12 -21.47
N MET A 278 -36.03 11.94 -20.90
CA MET A 278 -37.08 11.12 -20.34
C MET A 278 -36.96 11.10 -18.82
N PHE A 279 -38.06 11.41 -18.15
CA PHE A 279 -38.12 11.45 -16.70
C PHE A 279 -39.21 10.50 -16.25
N GLN A 280 -38.98 9.84 -15.11
CA GLN A 280 -39.92 8.86 -14.62
C GLN A 280 -41.24 9.51 -14.24
N PHE A 281 -42.34 8.86 -14.57
CA PHE A 281 -43.66 9.35 -14.21
C PHE A 281 -44.55 8.31 -13.58
N ALA A 282 -44.10 7.07 -13.41
CA ALA A 282 -44.93 6.06 -12.79
C ALA A 282 -44.07 4.88 -12.36
N THR A 283 -44.46 4.26 -11.26
CA THR A 283 -43.87 3.01 -10.81
C THR A 283 -44.99 2.04 -10.51
N LEU A 284 -45.02 0.99 -11.20
CA LEU A 284 -46.04 -0.04 -11.13
C LEU A 284 -45.60 -1.18 -10.23
N PRO A 285 -46.51 -1.69 -9.41
CA PRO A 285 -46.20 -2.79 -8.48
C PRO A 285 -46.17 -4.15 -9.18
N VAL A 286 -45.13 -4.35 -9.98
CA VAL A 286 -44.89 -5.63 -10.65
C VAL A 286 -43.55 -6.13 -10.17
N TYR A 287 -43.55 -7.24 -9.45
CA TYR A 287 -42.35 -7.72 -8.81
C TYR A 287 -41.86 -9.07 -9.33
N ASP A 288 -42.63 -9.75 -10.16
CA ASP A 288 -42.11 -10.88 -10.90
C ASP A 288 -41.39 -10.40 -12.16
N THR A 289 -40.19 -10.90 -12.38
CA THR A 289 -39.31 -10.31 -13.38
C THR A 289 -39.88 -10.49 -14.77
N ILE A 290 -40.15 -9.36 -15.44
CA ILE A 290 -40.57 -9.39 -16.83
C ILE A 290 -39.43 -9.94 -17.67
N LYS A 291 -39.75 -10.91 -18.52
CA LYS A 291 -38.75 -11.53 -19.38
C LYS A 291 -39.11 -11.52 -20.85
N TYR A 292 -40.37 -11.35 -21.20
CA TYR A 292 -40.76 -11.32 -22.61
C TYR A 292 -41.74 -10.18 -22.81
N TYR A 293 -41.76 -9.66 -24.03
CA TYR A 293 -42.72 -8.62 -24.38
C TYR A 293 -43.08 -8.77 -25.84
N SER A 294 -44.20 -8.17 -26.22
CA SER A 294 -44.62 -8.16 -27.60
C SER A 294 -45.47 -6.92 -27.84
N ILE A 295 -45.54 -6.53 -29.11
CA ILE A 295 -46.30 -5.37 -29.54
C ILE A 295 -47.71 -5.83 -29.85
N ILE A 296 -48.71 -5.08 -29.41
CA ILE A 296 -50.10 -5.36 -29.72
C ILE A 296 -50.42 -4.70 -31.06
N PRO A 297 -50.89 -5.43 -32.05
CA PRO A 297 -51.32 -4.79 -33.30
C PRO A 297 -52.54 -3.93 -33.04
N HIS A 298 -52.64 -2.85 -33.79
CA HIS A 298 -53.76 -1.94 -33.68
C HIS A 298 -54.15 -1.47 -35.07
N SER A 299 -55.43 -1.55 -35.40
CA SER A 299 -55.92 -1.13 -36.70
C SER A 299 -57.11 -0.20 -36.51
N ILE A 300 -57.19 0.84 -37.31
CA ILE A 300 -58.31 1.76 -37.20
C ILE A 300 -59.39 1.31 -38.16
N ARG A 301 -60.65 1.51 -37.76
CA ARG A 301 -61.79 1.17 -38.61
C ARG A 301 -62.30 2.46 -39.23
N SER A 302 -61.64 2.90 -40.29
CA SER A 302 -61.94 4.15 -40.94
C SER A 302 -62.62 3.91 -42.29
N ILE A 303 -62.81 4.98 -43.05
CA ILE A 303 -63.51 4.95 -44.33
C ILE A 303 -62.58 5.54 -45.37
N GLN A 304 -62.80 5.16 -46.64
CA GLN A 304 -61.90 5.60 -47.70
C GLN A 304 -61.76 7.12 -47.75
N SER A 305 -62.80 7.85 -47.35
CA SER A 305 -62.66 9.30 -47.23
C SER A 305 -61.85 9.67 -46.00
N ASP A 306 -61.99 8.91 -44.91
CA ASP A 306 -61.31 9.18 -43.66
C ASP A 306 -60.13 8.25 -43.42
N ARG A 307 -59.46 7.82 -44.48
CA ARG A 307 -58.30 6.95 -44.34
C ARG A 307 -57.03 7.79 -44.32
N LYS A 308 -56.21 7.60 -43.28
CA LYS A 308 -55.04 8.45 -43.06
C LYS A 308 -53.82 7.59 -42.73
N ALA A 309 -52.67 8.25 -42.64
CA ALA A 309 -51.39 7.58 -42.44
C ALA A 309 -50.90 7.81 -41.02
N TRP A 310 -50.49 6.73 -40.36
CA TRP A 310 -50.00 6.78 -38.99
C TRP A 310 -48.49 6.57 -38.97
N ALA A 311 -47.80 7.38 -38.19
CA ALA A 311 -46.36 7.30 -38.09
C ALA A 311 -45.94 5.97 -37.49
N ALA A 312 -44.73 5.55 -37.84
CA ALA A 312 -44.13 4.34 -37.29
C ALA A 312 -43.32 4.70 -36.05
N PHE A 313 -43.26 3.76 -35.11
CA PHE A 313 -42.51 3.98 -33.89
C PHE A 313 -41.40 2.95 -33.79
N TYR A 314 -40.32 3.32 -33.13
CA TYR A 314 -39.12 2.51 -33.10
C TYR A 314 -38.77 2.12 -31.68
N VAL A 315 -38.41 0.86 -31.49
CA VAL A 315 -38.08 0.32 -30.17
C VAL A 315 -36.60 -0.03 -30.14
N TYR A 316 -35.88 0.49 -29.14
CA TYR A 316 -34.46 0.25 -28.97
C TYR A 316 -34.20 -0.30 -27.58
N LYS A 317 -33.23 -1.20 -27.47
CA LYS A 317 -32.97 -1.82 -26.18
C LYS A 317 -32.00 -1.00 -25.34
N LEU A 318 -31.98 -1.30 -24.05
CA LEU A 318 -31.13 -0.61 -23.09
C LEU A 318 -30.10 -1.56 -22.53
N GLN A 319 -28.87 -1.08 -22.38
CA GLN A 319 -27.76 -1.82 -21.82
C GLN A 319 -27.05 -0.98 -20.79
N PRO A 320 -26.34 -1.58 -19.86
CA PRO A 320 -25.53 -0.82 -18.90
C PRO A 320 -24.28 -0.28 -19.56
N LEU A 321 -24.25 1.03 -19.80
CA LEU A 321 -23.17 1.67 -20.52
C LEU A 321 -22.70 2.90 -19.76
N THR A 322 -21.47 3.31 -20.06
CA THR A 322 -20.94 4.58 -19.60
C THR A 322 -21.07 5.59 -20.73
N PHE A 323 -21.56 6.77 -20.40
CA PHE A 323 -21.83 7.83 -21.35
C PHE A 323 -21.16 9.10 -20.87
N LEU A 324 -20.83 9.97 -21.80
CA LEU A 324 -20.42 11.33 -21.47
C LEU A 324 -21.59 12.24 -21.77
N LEU A 325 -22.13 12.86 -20.73
CA LEU A 325 -23.33 13.68 -20.82
C LEU A 325 -22.96 15.15 -20.66
N ASP A 326 -23.62 16.00 -21.44
CA ASP A 326 -23.39 17.44 -21.40
C ASP A 326 -24.65 18.12 -20.89
N PHE A 327 -24.62 18.57 -19.64
CA PHE A 327 -25.76 19.26 -19.04
C PHE A 327 -25.65 20.75 -19.32
N SER A 328 -26.69 21.28 -19.96
CA SER A 328 -26.77 22.68 -20.31
C SER A 328 -26.90 23.52 -19.04
N VAL A 329 -26.98 24.84 -19.22
CA VAL A 329 -27.19 25.70 -18.07
C VAL A 329 -28.50 25.35 -17.39
N ASP A 330 -29.56 25.18 -18.16
CA ASP A 330 -30.86 24.82 -17.59
C ASP A 330 -30.99 23.33 -17.30
N GLY A 331 -29.90 22.59 -17.28
CA GLY A 331 -29.89 21.25 -16.76
C GLY A 331 -30.32 20.14 -17.68
N TYR A 332 -30.66 20.43 -18.93
CA TYR A 332 -31.06 19.39 -19.85
C TYR A 332 -29.84 18.84 -20.59
N ILE A 333 -29.95 17.58 -20.98
CA ILE A 333 -28.90 16.92 -21.75
C ILE A 333 -29.23 17.09 -23.22
N ARG A 334 -28.42 17.88 -23.92
CA ARG A 334 -28.57 18.06 -25.35
C ARG A 334 -27.48 17.38 -26.15
N ARG A 335 -26.57 16.67 -25.49
CA ARG A 335 -25.41 16.11 -26.16
C ARG A 335 -24.79 15.00 -25.32
N ALA A 336 -24.45 13.88 -25.96
CA ALA A 336 -23.87 12.75 -25.27
C ALA A 336 -22.87 12.05 -26.17
N ILE A 337 -22.05 11.21 -25.55
CA ILE A 337 -21.08 10.38 -26.26
C ILE A 337 -21.15 8.97 -25.68
N ASP A 338 -21.31 7.99 -26.55
CA ASP A 338 -21.28 6.58 -26.18
C ASP A 338 -19.83 6.16 -26.07
N CYS A 339 -19.37 5.86 -24.85
CA CYS A 339 -17.95 5.70 -24.61
C CYS A 339 -17.36 4.54 -25.40
N GLY A 340 -18.07 3.42 -25.46
CA GLY A 340 -17.53 2.24 -26.08
C GLY A 340 -17.87 2.06 -27.54
N PHE A 341 -18.36 3.10 -28.20
CA PHE A 341 -18.81 2.95 -29.57
C PHE A 341 -17.65 2.86 -30.54
N ASN A 342 -16.54 3.52 -30.26
CA ASN A 342 -15.63 3.92 -31.32
C ASN A 342 -14.28 4.22 -30.68
N ASP A 343 -13.28 4.44 -31.52
CA ASP A 343 -11.97 4.86 -31.00
C ASP A 343 -11.99 6.30 -30.55
N LEU A 344 -12.59 7.19 -31.34
CA LEU A 344 -12.78 8.57 -30.93
C LEU A 344 -13.66 8.69 -29.72
N SER A 345 -14.60 7.78 -29.54
CA SER A 345 -15.47 7.82 -28.38
C SER A 345 -14.68 7.61 -27.09
N GLN A 346 -13.84 6.58 -27.05
CA GLN A 346 -13.02 6.41 -25.87
C GLN A 346 -11.92 7.46 -25.79
N LEU A 347 -11.58 8.08 -26.92
CA LEU A 347 -10.75 9.27 -26.87
C LEU A 347 -11.42 10.37 -26.07
N HIS A 348 -12.71 10.58 -26.29
CA HIS A 348 -13.47 11.64 -25.64
C HIS A 348 -13.83 11.34 -24.20
N CYS A 349 -14.11 10.08 -23.88
CA CYS A 349 -14.57 9.77 -22.54
C CYS A 349 -13.45 9.88 -21.51
N SER A 350 -12.23 9.47 -21.86
CA SER A 350 -11.07 9.99 -21.18
C SER A 350 -10.78 11.39 -21.71
N TYR A 351 -10.12 12.20 -20.89
CA TYR A 351 -10.03 13.64 -21.09
C TYR A 351 -11.37 14.30 -20.80
N GLU A 352 -12.39 13.49 -20.56
CA GLU A 352 -13.63 13.93 -19.92
C GLU A 352 -14.31 15.05 -20.70
N SER A 353 -14.07 15.12 -22.00
CA SER A 353 -14.37 16.33 -22.76
C SER A 353 -14.97 16.00 -24.11
N PHE A 354 -15.72 16.97 -24.65
CA PHE A 354 -16.30 16.88 -25.99
C PHE A 354 -15.41 17.41 -27.08
N ASP A 355 -14.29 18.04 -26.73
CA ASP A 355 -13.40 18.66 -27.71
C ASP A 355 -11.97 18.29 -27.41
N VAL A 356 -11.72 16.99 -27.27
CA VAL A 356 -10.38 16.45 -27.15
C VAL A 356 -9.44 17.12 -28.14
N GLU A 357 -8.27 17.48 -27.67
CA GLU A 357 -7.26 18.13 -28.50
C GLU A 357 -6.75 17.14 -29.52
N SER A 358 -5.72 17.51 -30.27
CA SER A 358 -5.18 16.52 -31.19
C SER A 358 -4.44 15.44 -30.41
N GLY A 359 -5.19 14.65 -29.61
CA GLY A 359 -4.64 13.62 -28.73
C GLY A 359 -4.47 12.30 -29.44
N VAL A 360 -3.26 12.08 -29.92
CA VAL A 360 -2.98 11.01 -30.90
C VAL A 360 -2.70 9.74 -30.08
N TYR A 361 -3.77 9.13 -29.60
CA TYR A 361 -3.60 7.94 -28.78
C TYR A 361 -3.05 6.75 -29.51
N SER A 362 -2.46 5.88 -28.71
CA SER A 362 -2.68 4.46 -28.85
C SER A 362 -4.01 4.13 -28.19
N VAL A 363 -4.79 3.26 -28.83
CA VAL A 363 -6.08 2.86 -28.29
C VAL A 363 -6.06 1.35 -28.11
N SER A 364 -7.19 0.77 -27.71
CA SER A 364 -7.22 -0.65 -27.42
C SER A 364 -6.92 -1.47 -28.66
N SER A 365 -6.26 -2.60 -28.45
CA SER A 365 -5.71 -3.41 -29.54
C SER A 365 -6.70 -4.49 -29.96
N PHE A 366 -6.48 -4.99 -31.17
CA PHE A 366 -7.22 -6.14 -31.69
C PHE A 366 -6.52 -7.41 -31.26
N GLU A 367 -7.24 -8.32 -30.63
CA GLU A 367 -6.68 -9.61 -30.27
C GLU A 367 -7.31 -10.70 -31.12
N ALA A 368 -6.52 -11.70 -31.46
CA ALA A 368 -6.96 -12.72 -32.39
C ALA A 368 -8.00 -13.63 -31.77
N LYS A 369 -8.85 -14.19 -32.62
CA LYS A 369 -9.87 -15.13 -32.21
C LYS A 369 -9.42 -16.57 -32.46
N PRO A 370 -9.69 -17.47 -31.52
CA PRO A 370 -9.22 -18.86 -31.67
C PRO A 370 -9.96 -19.57 -32.79
N SER A 371 -9.21 -19.97 -33.81
CA SER A 371 -9.78 -20.72 -34.93
C SER A 371 -9.51 -22.21 -34.74
N GLY A 372 -10.11 -22.76 -33.71
CA GLY A 372 -9.97 -24.17 -33.40
C GLY A 372 -9.68 -24.41 -31.93
N SER A 373 -9.54 -25.69 -31.61
CA SER A 373 -9.23 -26.14 -30.26
C SER A 373 -8.48 -27.46 -30.32
N VAL A 374 -7.48 -27.61 -29.46
CA VAL A 374 -6.63 -28.79 -29.42
C VAL A 374 -6.70 -29.39 -28.03
N VAL A 375 -6.82 -30.72 -27.97
CA VAL A 375 -6.86 -31.44 -26.70
C VAL A 375 -6.04 -32.71 -26.82
N GLU A 376 -5.17 -32.94 -25.84
CA GLU A 376 -4.46 -34.19 -25.69
C GLU A 376 -4.64 -34.66 -24.25
N GLN A 377 -4.64 -35.97 -24.06
CA GLN A 377 -4.71 -36.54 -22.72
C GLN A 377 -4.49 -38.04 -22.82
N ALA A 378 -4.63 -38.72 -21.68
CA ALA A 378 -4.51 -40.16 -21.65
C ALA A 378 -5.67 -40.82 -22.41
N GLU A 379 -5.36 -41.90 -23.12
CA GLU A 379 -6.36 -42.60 -23.92
C GLU A 379 -6.48 -44.05 -23.48
N GLY A 380 -7.72 -44.51 -23.30
CA GLY A 380 -7.96 -45.90 -23.04
C GLY A 380 -7.70 -46.36 -21.62
N VAL A 381 -7.53 -45.44 -20.68
CA VAL A 381 -7.30 -45.78 -19.29
C VAL A 381 -8.22 -44.96 -18.43
N GLU A 382 -8.86 -45.58 -17.45
CA GLU A 382 -9.78 -44.88 -16.57
C GLU A 382 -9.33 -45.05 -15.12
N CYS A 383 -9.47 -43.98 -14.35
CA CYS A 383 -9.22 -44.07 -12.93
C CYS A 383 -10.18 -45.08 -12.31
N ASP A 384 -9.65 -45.95 -11.47
CA ASP A 384 -10.34 -47.16 -11.03
C ASP A 384 -10.77 -46.99 -9.59
N PHE A 385 -12.05 -46.72 -9.38
CA PHE A 385 -12.61 -46.56 -8.05
C PHE A 385 -13.17 -47.86 -7.49
N SER A 386 -12.95 -48.99 -8.16
CA SER A 386 -13.52 -50.26 -7.71
C SER A 386 -13.17 -50.64 -6.28
N PRO A 387 -11.93 -50.47 -5.78
CA PRO A 387 -11.67 -50.86 -4.39
C PRO A 387 -12.56 -50.16 -3.39
N LEU A 388 -13.03 -48.95 -3.73
CA LEU A 388 -13.95 -48.25 -2.86
C LEU A 388 -15.29 -48.96 -2.73
N LEU A 389 -15.62 -49.85 -3.66
CA LEU A 389 -16.94 -50.46 -3.70
C LEU A 389 -17.05 -51.75 -2.90
N SER A 390 -15.98 -52.53 -2.79
CA SER A 390 -16.03 -53.84 -2.14
C SER A 390 -15.24 -53.82 -0.85
N GLY A 391 -15.81 -54.39 0.20
CA GLY A 391 -15.13 -54.59 1.46
C GLY A 391 -15.60 -53.62 2.54
N THR A 392 -15.04 -53.82 3.72
CA THR A 392 -15.37 -52.98 4.87
C THR A 392 -14.57 -51.70 4.84
N PRO A 393 -15.21 -50.54 4.87
CA PRO A 393 -14.47 -49.27 4.90
C PRO A 393 -13.87 -49.03 6.26
N PRO A 394 -12.60 -48.66 6.33
CA PRO A 394 -11.93 -48.51 7.62
C PRO A 394 -12.38 -47.27 8.38
N GLN A 395 -11.89 -47.09 9.60
CA GLN A 395 -12.28 -45.95 10.40
C GLN A 395 -11.57 -44.69 9.91
N VAL A 396 -11.84 -43.57 10.57
CA VAL A 396 -11.25 -42.31 10.16
C VAL A 396 -9.74 -42.34 10.34
N TYR A 397 -9.25 -43.02 11.37
CA TYR A 397 -7.84 -43.00 11.70
C TYR A 397 -7.04 -44.07 10.98
N ASN A 398 -7.69 -44.98 10.24
CA ASN A 398 -7.04 -45.84 9.27
C ASN A 398 -7.60 -45.64 7.87
N PHE A 399 -7.91 -44.41 7.50
CA PHE A 399 -8.52 -44.13 6.21
C PHE A 399 -7.68 -44.73 5.09
N LYS A 400 -8.33 -45.29 4.08
CA LYS A 400 -7.57 -45.83 2.98
C LYS A 400 -7.44 -44.80 1.88
N ARG A 401 -6.27 -44.74 1.27
CA ARG A 401 -5.91 -43.72 0.30
C ARG A 401 -5.75 -44.35 -1.07
N LEU A 402 -6.33 -43.70 -2.08
CA LEU A 402 -6.15 -44.07 -3.48
C LEU A 402 -5.49 -42.90 -4.19
N VAL A 403 -4.50 -43.18 -5.02
CA VAL A 403 -3.78 -42.16 -5.76
C VAL A 403 -3.88 -42.47 -7.24
N PHE A 404 -4.35 -41.50 -8.01
CA PHE A 404 -4.59 -41.67 -9.44
C PHE A 404 -3.73 -40.69 -10.22
N THR A 405 -2.97 -41.22 -11.17
CA THR A 405 -2.24 -40.44 -12.16
C THR A 405 -2.38 -41.13 -13.50
N ASN A 406 -2.37 -40.32 -14.56
CA ASN A 406 -2.37 -40.82 -15.94
C ASN A 406 -3.63 -41.61 -16.27
N CYS A 407 -4.79 -41.10 -15.89
CA CYS A 407 -6.05 -41.78 -16.14
C CYS A 407 -7.14 -40.76 -16.40
N ASN A 408 -8.25 -41.24 -16.95
CA ASN A 408 -9.46 -40.46 -17.10
C ASN A 408 -10.43 -40.82 -15.99
N TYR A 409 -11.09 -39.81 -15.43
CA TYR A 409 -11.95 -40.04 -14.28
C TYR A 409 -13.36 -39.52 -14.55
N ASN A 410 -14.32 -40.13 -13.86
CA ASN A 410 -15.70 -39.66 -13.84
C ASN A 410 -16.16 -39.68 -12.38
N LEU A 411 -16.07 -38.52 -11.73
CA LEU A 411 -16.48 -38.44 -10.33
C LEU A 411 -17.99 -38.43 -10.19
N THR A 412 -18.71 -37.95 -11.21
CA THR A 412 -20.16 -37.93 -11.13
C THR A 412 -20.72 -39.34 -11.06
N LYS A 413 -20.13 -40.28 -11.78
CA LYS A 413 -20.58 -41.66 -11.70
C LYS A 413 -20.39 -42.22 -10.30
N LEU A 414 -19.25 -41.95 -9.68
CA LEU A 414 -19.02 -42.43 -8.33
C LEU A 414 -19.99 -41.80 -7.34
N LEU A 415 -20.25 -40.50 -7.47
CA LEU A 415 -21.14 -39.85 -6.54
C LEU A 415 -22.60 -40.20 -6.79
N SER A 416 -22.93 -40.68 -7.98
CA SER A 416 -24.30 -41.12 -8.23
C SER A 416 -24.63 -42.36 -7.43
N LEU A 417 -23.69 -43.29 -7.32
CA LEU A 417 -23.90 -44.52 -6.59
C LEU A 417 -24.05 -44.31 -5.09
N PHE A 418 -24.00 -43.07 -4.62
CA PHE A 418 -24.05 -42.78 -3.19
C PHE A 418 -25.09 -41.70 -2.95
N SER A 419 -25.61 -41.65 -1.73
CA SER A 419 -26.56 -40.64 -1.32
C SER A 419 -25.78 -39.54 -0.64
N VAL A 420 -25.53 -38.45 -1.35
CA VAL A 420 -24.60 -37.43 -0.93
C VAL A 420 -25.26 -36.55 0.13
N ASN A 421 -24.68 -36.53 1.33
CA ASN A 421 -25.21 -35.70 2.41
C ASN A 421 -24.59 -34.31 2.40
N ASP A 422 -23.26 -34.25 2.38
CA ASP A 422 -22.53 -32.99 2.42
C ASP A 422 -21.43 -33.01 1.36
N PHE A 423 -21.16 -31.85 0.75
CA PHE A 423 -20.19 -31.80 -0.33
C PHE A 423 -19.63 -30.38 -0.39
N THR A 424 -18.48 -30.16 0.24
CA THR A 424 -17.91 -28.83 0.38
C THR A 424 -16.45 -28.81 -0.04
N CYS A 425 -16.07 -27.80 -0.82
CA CYS A 425 -14.73 -27.74 -1.39
C CYS A 425 -14.06 -26.41 -1.06
N SER A 426 -12.74 -26.46 -0.96
CA SER A 426 -11.90 -25.31 -0.69
C SER A 426 -10.90 -25.12 -1.82
N GLN A 427 -10.81 -23.87 -2.31
CA GLN A 427 -9.97 -23.46 -3.43
C GLN A 427 -10.35 -24.13 -4.74
N ILE A 428 -11.54 -24.72 -4.79
CA ILE A 428 -12.03 -25.35 -6.01
C ILE A 428 -13.54 -25.35 -5.89
N SER A 429 -14.20 -25.34 -7.00
CA SER A 429 -15.64 -25.33 -6.79
C SER A 429 -16.22 -26.73 -6.91
N PRO A 430 -17.33 -27.00 -6.23
CA PRO A 430 -17.93 -28.34 -6.30
C PRO A 430 -18.27 -28.79 -7.71
N ALA A 431 -18.60 -27.85 -8.60
CA ALA A 431 -18.81 -28.21 -10.00
C ALA A 431 -17.49 -28.40 -10.74
N ALA A 432 -16.44 -27.69 -10.31
CA ALA A 432 -15.16 -27.75 -11.00
C ALA A 432 -14.41 -29.04 -10.71
N ILE A 433 -14.52 -29.55 -9.47
CA ILE A 433 -13.76 -30.72 -9.08
C ILE A 433 -14.08 -31.93 -9.94
N ALA A 434 -15.23 -31.93 -10.61
CA ALA A 434 -15.60 -33.03 -11.49
C ALA A 434 -15.28 -32.75 -12.95
N SER A 435 -14.66 -31.63 -13.27
CA SER A 435 -14.47 -31.26 -14.66
C SER A 435 -13.08 -30.72 -14.99
N ASN A 436 -12.19 -30.57 -14.04
CA ASN A 436 -10.87 -30.01 -14.28
C ASN A 436 -9.84 -31.11 -14.47
N CYS A 437 -8.69 -30.74 -15.05
CA CYS A 437 -7.56 -31.62 -15.26
C CYS A 437 -6.51 -31.38 -14.21
N TYR A 438 -5.94 -32.46 -13.67
CA TYR A 438 -4.97 -32.39 -12.60
C TYR A 438 -3.78 -33.27 -12.97
N SER A 439 -2.73 -33.21 -12.16
CA SER A 439 -1.62 -34.13 -12.33
C SER A 439 -1.74 -35.35 -11.44
N SER A 440 -2.31 -35.20 -10.25
CA SER A 440 -2.56 -36.32 -9.36
C SER A 440 -3.83 -36.05 -8.57
N LEU A 441 -4.63 -37.10 -8.40
CA LEU A 441 -5.83 -37.03 -7.58
C LEU A 441 -5.69 -38.03 -6.43
N ILE A 442 -6.00 -37.60 -5.22
CA ILE A 442 -5.89 -38.43 -4.03
C ILE A 442 -7.27 -38.49 -3.39
N LEU A 443 -7.78 -39.70 -3.19
CA LEU A 443 -9.08 -39.94 -2.61
C LEU A 443 -8.92 -40.79 -1.37
N ASP A 444 -9.17 -40.20 -0.21
CA ASP A 444 -9.10 -40.90 1.07
C ASP A 444 -10.51 -41.18 1.57
N TYR A 445 -10.80 -42.43 1.86
CA TYR A 445 -12.14 -42.78 2.28
C TYR A 445 -12.10 -43.54 3.60
N PHE A 446 -13.16 -43.36 4.39
CA PHE A 446 -13.24 -44.01 5.69
C PHE A 446 -14.71 -44.24 6.04
N SER A 447 -14.94 -44.77 7.24
CA SER A 447 -16.27 -44.92 7.82
C SER A 447 -16.47 -43.80 8.83
N TYR A 448 -17.46 -42.94 8.60
CA TYR A 448 -17.65 -41.78 9.43
C TYR A 448 -19.14 -41.55 9.68
N PRO A 449 -19.55 -41.40 10.94
CA PRO A 449 -20.96 -41.10 11.21
C PRO A 449 -21.22 -39.60 11.15
N LEU A 450 -22.32 -39.25 10.48
CA LEU A 450 -22.62 -37.86 10.15
C LEU A 450 -22.73 -36.96 11.38
N SER A 451 -22.98 -37.53 12.56
CA SER A 451 -23.25 -36.73 13.74
C SER A 451 -22.14 -35.73 14.04
N MET A 452 -20.89 -36.11 13.81
CA MET A 452 -19.75 -35.21 14.03
C MET A 452 -19.28 -34.55 12.74
N LYS A 453 -20.22 -34.15 11.88
CA LYS A 453 -19.87 -33.39 10.68
C LYS A 453 -19.03 -32.17 11.04
N SER A 454 -19.32 -31.52 12.16
CA SER A 454 -18.58 -30.33 12.54
C SER A 454 -17.15 -30.63 13.00
N ASP A 455 -16.77 -31.89 13.14
CA ASP A 455 -15.42 -32.22 13.54
C ASP A 455 -14.49 -32.47 12.36
N LEU A 456 -14.96 -32.29 11.13
CA LEU A 456 -14.12 -32.56 9.96
C LEU A 456 -13.42 -31.31 9.44
N SER A 457 -13.96 -30.12 9.68
CA SER A 457 -13.25 -28.91 9.32
C SER A 457 -12.08 -28.68 10.27
N VAL A 458 -11.02 -28.05 9.76
CA VAL A 458 -9.88 -27.72 10.61
C VAL A 458 -10.31 -26.74 11.70
N SER A 459 -11.12 -25.76 11.33
CA SER A 459 -11.84 -24.99 12.33
C SER A 459 -12.79 -25.92 13.08
N SER A 460 -13.00 -25.62 14.38
CA SER A 460 -13.66 -26.53 15.30
C SER A 460 -12.88 -27.85 15.41
N ALA A 461 -11.68 -27.72 15.99
CA ALA A 461 -10.69 -28.79 16.06
C ALA A 461 -11.29 -30.14 16.45
N GLY A 462 -11.83 -30.23 17.66
CA GLY A 462 -12.38 -31.48 18.13
C GLY A 462 -11.33 -32.56 18.21
N PRO A 463 -11.76 -33.82 18.29
CA PRO A 463 -10.81 -34.93 18.30
C PRO A 463 -10.45 -35.44 16.90
N ILE A 464 -11.34 -35.25 15.93
CA ILE A 464 -11.12 -35.81 14.60
C ILE A 464 -10.01 -35.05 13.88
N SER A 465 -10.20 -33.75 13.66
CA SER A 465 -9.21 -32.96 12.95
C SER A 465 -7.94 -32.76 13.74
N GLN A 466 -7.92 -33.12 15.02
CA GLN A 466 -6.77 -32.89 15.86
C GLN A 466 -5.99 -34.15 16.17
N PHE A 467 -6.58 -35.33 16.00
CA PHE A 467 -5.86 -36.57 16.23
C PHE A 467 -6.06 -37.62 15.17
N ASN A 468 -7.03 -37.47 14.25
CA ASN A 468 -7.42 -38.55 13.37
C ASN A 468 -7.11 -38.27 11.91
N TYR A 469 -7.59 -37.15 11.37
CA TYR A 469 -7.51 -36.89 9.94
C TYR A 469 -7.49 -35.39 9.70
N LYS A 470 -6.51 -34.93 8.93
CA LYS A 470 -6.32 -33.51 8.67
C LYS A 470 -5.92 -33.33 7.21
N GLN A 471 -6.58 -32.39 6.53
CA GLN A 471 -6.32 -32.14 5.12
C GLN A 471 -5.35 -30.98 4.96
N SER A 472 -4.59 -31.02 3.87
CA SER A 472 -3.57 -30.01 3.63
C SER A 472 -4.21 -28.67 3.31
N PHE A 473 -3.61 -27.60 3.81
CA PHE A 473 -4.12 -26.25 3.60
C PHE A 473 -3.70 -25.66 2.26
N SER A 474 -2.77 -26.30 1.56
CA SER A 474 -2.21 -25.71 0.34
C SER A 474 -3.00 -26.11 -0.91
N ASN A 475 -3.07 -27.39 -1.18
CA ASN A 475 -3.73 -27.84 -2.39
C ASN A 475 -5.24 -27.72 -2.26
N PRO A 476 -5.95 -27.57 -3.38
CA PRO A 476 -7.41 -27.55 -3.31
C PRO A 476 -7.93 -28.86 -2.77
N THR A 477 -9.00 -28.78 -1.98
CA THR A 477 -9.55 -29.97 -1.34
C THR A 477 -11.06 -30.01 -1.48
N CYS A 478 -11.61 -31.21 -1.36
CA CYS A 478 -13.05 -31.40 -1.26
C CYS A 478 -13.32 -32.43 -0.17
N LEU A 479 -14.47 -32.27 0.48
CA LEU A 479 -14.90 -33.16 1.55
C LEU A 479 -16.34 -33.58 1.28
N ILE A 480 -16.57 -34.89 1.38
CA ILE A 480 -17.83 -35.52 0.99
C ILE A 480 -18.31 -36.37 2.16
N LEU A 481 -19.58 -36.20 2.52
CA LEU A 481 -20.26 -37.11 3.44
C LEU A 481 -21.41 -37.77 2.69
N ALA A 482 -21.43 -39.10 2.68
CA ALA A 482 -22.44 -39.83 1.92
C ALA A 482 -22.91 -41.04 2.72
N THR A 483 -24.02 -41.62 2.28
CA THR A 483 -24.57 -42.85 2.85
C THR A 483 -24.73 -43.88 1.76
N VAL A 484 -24.25 -45.10 2.02
CA VAL A 484 -24.42 -46.18 1.06
C VAL A 484 -25.88 -46.63 1.05
N PRO A 485 -26.48 -46.88 -0.11
CA PRO A 485 -27.88 -47.30 -0.15
C PRO A 485 -28.03 -48.79 0.13
N HIS A 486 -29.29 -49.19 0.33
CA HIS A 486 -29.58 -50.60 0.52
C HIS A 486 -29.20 -51.42 -0.71
N ASN A 487 -29.48 -50.88 -1.89
CA ASN A 487 -29.30 -51.65 -3.12
C ASN A 487 -27.84 -52.01 -3.38
N LEU A 488 -26.90 -51.30 -2.77
CA LEU A 488 -25.48 -51.59 -2.94
C LEU A 488 -25.08 -52.59 -1.85
N THR A 489 -24.81 -53.82 -2.25
CA THR A 489 -24.70 -54.91 -1.30
C THR A 489 -23.29 -55.14 -0.78
N THR A 490 -22.27 -54.90 -1.61
CA THR A 490 -20.95 -55.44 -1.34
C THR A 490 -20.13 -54.64 -0.34
N ILE A 491 -20.58 -53.45 0.07
CA ILE A 491 -19.93 -52.75 1.18
C ILE A 491 -20.40 -53.42 2.47
N THR A 492 -19.51 -54.19 3.09
CA THR A 492 -19.86 -54.90 4.32
C THR A 492 -19.81 -53.93 5.49
N LYS A 493 -20.96 -53.71 6.11
CA LYS A 493 -21.06 -52.73 7.19
C LYS A 493 -20.19 -53.17 8.36
N PRO A 494 -19.47 -52.23 8.99
CA PRO A 494 -18.69 -52.60 10.17
C PRO A 494 -19.57 -52.70 11.40
N LEU A 495 -18.92 -52.83 12.54
CA LEU A 495 -19.65 -53.19 13.76
C LEU A 495 -19.90 -51.99 14.65
N LYS A 496 -19.04 -50.98 14.59
CA LYS A 496 -19.26 -49.73 15.33
C LYS A 496 -18.36 -48.66 14.71
N TYR A 497 -18.58 -47.42 15.13
CA TYR A 497 -17.81 -46.28 14.63
C TYR A 497 -16.70 -45.97 15.62
N SER A 498 -15.49 -46.46 15.36
CA SER A 498 -14.35 -46.26 16.24
C SER A 498 -13.55 -45.03 15.83
N TYR A 499 -13.06 -44.27 16.82
CA TYR A 499 -12.20 -43.13 16.50
C TYR A 499 -11.40 -42.68 17.71
N ILE A 500 -10.19 -42.20 17.44
CA ILE A 500 -9.23 -41.81 18.47
C ILE A 500 -9.70 -40.58 19.23
N ASN A 501 -9.43 -40.53 20.53
CA ASN A 501 -9.63 -39.33 21.33
C ASN A 501 -8.38 -38.83 22.03
N LYS A 502 -7.42 -39.71 22.34
CA LYS A 502 -6.12 -39.35 22.89
C LYS A 502 -5.05 -40.08 22.10
N CYS A 503 -4.08 -39.35 21.58
CA CYS A 503 -2.82 -39.93 21.12
C CYS A 503 -1.74 -39.02 21.66
N SER A 504 -1.01 -39.49 22.66
CA SER A 504 -0.07 -38.64 23.37
C SER A 504 1.14 -39.45 23.78
N ARG A 505 2.22 -38.74 24.06
CA ARG A 505 3.51 -39.34 24.33
C ARG A 505 3.89 -39.06 25.77
N LEU A 506 4.34 -40.11 26.47
CA LEU A 506 4.73 -40.00 27.87
C LEU A 506 6.25 -39.90 27.94
N LEU A 507 6.73 -38.70 28.28
CA LEU A 507 8.16 -38.46 28.34
C LEU A 507 8.76 -39.26 29.50
N SER A 508 10.09 -39.39 29.47
CA SER A 508 10.77 -40.25 30.44
C SER A 508 10.55 -39.79 31.88
N ASP A 509 10.25 -38.51 32.08
CA ASP A 509 9.96 -38.01 33.42
C ASP A 509 8.71 -38.64 34.00
N ASP A 510 7.89 -39.28 33.16
CA ASP A 510 6.59 -39.83 33.49
C ASP A 510 5.63 -38.77 34.03
N ARG A 511 6.00 -37.50 33.94
CA ARG A 511 5.21 -36.40 34.44
C ARG A 511 4.57 -35.59 33.32
N THR A 512 5.35 -35.27 32.30
CA THR A 512 4.86 -34.44 31.22
C THR A 512 4.13 -35.28 30.18
N GLU A 513 3.00 -34.76 29.71
CA GLU A 513 2.23 -35.35 28.63
C GLU A 513 2.43 -34.50 27.38
N VAL A 514 2.86 -35.11 26.29
CA VAL A 514 3.15 -34.41 25.06
C VAL A 514 2.15 -34.85 24.01
N PRO A 515 1.17 -34.01 23.69
CA PRO A 515 0.17 -34.38 22.69
C PRO A 515 0.81 -34.59 21.31
N GLN A 516 0.25 -35.53 20.57
CA GLN A 516 0.73 -35.87 19.23
C GLN A 516 -0.32 -35.39 18.24
N LEU A 517 -0.19 -34.15 17.81
CA LEU A 517 -1.04 -33.62 16.75
C LEU A 517 -0.77 -34.36 15.44
N VAL A 518 -1.81 -34.47 14.63
CA VAL A 518 -1.68 -35.13 13.34
C VAL A 518 -1.29 -34.09 12.29
N ASN A 519 -0.40 -34.49 11.38
CA ASN A 519 0.04 -33.63 10.30
C ASN A 519 -0.76 -33.94 9.04
N ALA A 520 -0.92 -32.92 8.20
CA ALA A 520 -1.81 -33.02 7.05
C ALA A 520 -1.41 -34.19 6.15
N ASN A 521 -2.41 -34.95 5.72
CA ASN A 521 -2.23 -36.06 4.79
C ASN A 521 -1.34 -37.16 5.37
N GLN A 522 -1.31 -37.29 6.69
CA GLN A 522 -0.49 -38.29 7.36
C GLN A 522 -1.34 -39.07 8.35
N TYR A 523 -0.93 -40.31 8.61
CA TYR A 523 -1.56 -41.11 9.65
C TYR A 523 -1.12 -40.62 11.03
N SER A 524 -2.00 -40.80 12.00
CA SER A 524 -1.66 -40.46 13.37
C SER A 524 -0.57 -41.39 13.88
N PRO A 525 0.31 -40.92 14.75
CA PRO A 525 1.41 -41.78 15.24
C PRO A 525 0.92 -42.99 16.01
N CYS A 526 -0.32 -42.97 16.48
CA CYS A 526 -0.83 -44.00 17.38
C CYS A 526 -1.50 -45.15 16.65
N VAL A 527 -1.56 -45.12 15.32
CA VAL A 527 -2.26 -46.17 14.59
C VAL A 527 -1.58 -47.52 14.71
N SER A 528 -0.34 -47.55 15.19
CA SER A 528 0.38 -48.82 15.29
C SER A 528 -0.12 -49.67 16.44
N ILE A 529 -0.75 -49.06 17.45
CA ILE A 529 -1.18 -49.76 18.64
C ILE A 529 -2.71 -49.94 18.67
N VAL A 530 -3.46 -48.91 18.31
CA VAL A 530 -4.92 -48.99 18.36
C VAL A 530 -5.41 -49.96 17.30
N PRO A 531 -6.30 -50.90 17.63
CA PRO A 531 -6.78 -51.85 16.62
C PRO A 531 -7.77 -51.18 15.68
N SER A 532 -8.15 -51.94 14.65
CA SER A 532 -9.03 -51.40 13.61
C SER A 532 -10.37 -50.96 14.20
N THR A 533 -10.94 -51.77 15.08
CA THR A 533 -12.21 -51.46 15.73
C THR A 533 -11.99 -51.37 17.23
N VAL A 534 -12.48 -50.30 17.83
CA VAL A 534 -12.36 -50.11 19.27
C VAL A 534 -13.39 -51.01 19.96
N TRP A 535 -12.90 -51.94 20.79
CA TRP A 535 -13.79 -52.91 21.41
C TRP A 535 -14.76 -52.25 22.36
N GLU A 536 -14.29 -51.31 23.18
CA GLU A 536 -15.11 -50.72 24.22
C GLU A 536 -14.82 -49.23 24.31
N ASP A 537 -15.87 -48.43 24.44
CA ASP A 537 -15.72 -46.99 24.51
C ASP A 537 -14.88 -46.59 25.72
N GLY A 538 -13.72 -45.99 25.46
CA GLY A 538 -12.83 -45.53 26.52
C GLY A 538 -11.63 -46.39 26.79
N ASP A 539 -11.42 -47.45 26.01
CA ASP A 539 -10.29 -48.33 26.23
C ASP A 539 -8.96 -47.57 26.11
N TYR A 540 -7.90 -48.16 26.67
CA TYR A 540 -6.58 -47.55 26.64
C TYR A 540 -5.57 -48.53 26.08
N TYR A 541 -4.55 -47.97 25.43
CA TYR A 541 -3.46 -48.72 24.85
C TYR A 541 -2.16 -47.97 25.13
N ARG A 542 -1.09 -48.72 25.33
CA ARG A 542 0.20 -48.10 25.58
C ARG A 542 1.29 -49.01 25.06
N LYS A 543 2.38 -48.39 24.62
CA LYS A 543 3.56 -49.14 24.21
C LYS A 543 4.82 -48.36 24.60
N GLN A 544 5.89 -49.10 24.86
CA GLN A 544 7.17 -48.51 25.25
C GLN A 544 8.04 -48.31 24.02
N LEU A 545 8.51 -47.09 23.84
CA LEU A 545 9.32 -46.75 22.68
C LEU A 545 10.79 -47.02 22.96
N SER A 546 11.47 -47.59 21.97
CA SER A 546 12.88 -47.86 22.06
C SER A 546 13.66 -46.55 22.15
N PRO A 547 14.87 -46.57 22.71
CA PRO A 547 15.67 -45.33 22.77
C PRO A 547 15.93 -44.70 21.41
N LEU A 548 15.99 -45.51 20.34
CA LEU A 548 16.12 -44.94 19.00
C LEU A 548 14.95 -44.01 18.68
N GLU A 549 13.76 -44.33 19.16
CA GLU A 549 12.58 -43.51 18.96
C GLU A 549 12.43 -42.43 20.01
N GLY A 550 13.41 -42.27 20.89
CA GLY A 550 13.34 -41.29 21.94
C GLY A 550 12.84 -41.80 23.27
N GLY A 551 12.70 -43.10 23.44
CA GLY A 551 12.21 -43.65 24.69
C GLY A 551 10.78 -43.20 24.95
N GLY A 552 10.37 -43.36 26.20
CA GLY A 552 9.07 -42.91 26.64
C GLY A 552 7.98 -43.92 26.35
N TRP A 553 6.75 -43.40 26.37
CA TRP A 553 5.56 -44.22 26.19
C TRP A 553 4.61 -43.55 25.21
N LEU A 554 3.92 -44.36 24.44
CA LEU A 554 2.86 -43.92 23.53
C LEU A 554 1.55 -44.46 24.08
N VAL A 555 0.65 -43.55 24.44
CA VAL A 555 -0.62 -43.90 25.08
C VAL A 555 -1.76 -43.34 24.23
N ALA A 556 -2.74 -44.19 23.95
CA ALA A 556 -3.85 -43.83 23.08
C ALA A 556 -5.14 -44.41 23.63
N SER A 557 -6.26 -43.84 23.18
CA SER A 557 -7.58 -44.27 23.64
C SER A 557 -8.59 -44.06 22.53
N GLY A 558 -9.40 -45.08 22.27
CA GLY A 558 -10.40 -45.03 21.22
C GLY A 558 -11.80 -44.98 21.80
N SER A 559 -12.58 -44.01 21.31
CA SER A 559 -13.98 -43.89 21.64
C SER A 559 -14.82 -44.48 20.52
N THR A 560 -16.11 -44.68 20.80
CA THR A 560 -16.98 -45.36 19.85
C THR A 560 -18.33 -44.66 19.80
N VAL A 561 -18.87 -44.55 18.60
CA VAL A 561 -20.24 -44.10 18.34
C VAL A 561 -20.99 -45.23 17.66
N ALA A 562 -22.23 -45.46 18.10
CA ALA A 562 -22.99 -46.61 17.66
C ALA A 562 -23.26 -46.57 16.16
N MET A 563 -23.49 -47.73 15.58
CA MET A 563 -23.73 -47.89 14.16
C MET A 563 -24.94 -47.09 13.74
N THR A 564 -25.22 -47.12 12.44
CA THR A 564 -26.46 -46.60 11.87
C THR A 564 -27.15 -47.68 11.06
N GLU A 565 -28.38 -47.39 10.64
CA GLU A 565 -29.14 -48.35 9.82
C GLU A 565 -28.44 -48.61 8.50
N GLN A 566 -27.95 -47.55 7.85
CA GLN A 566 -27.10 -47.65 6.68
C GLN A 566 -25.75 -47.03 6.99
N LEU A 567 -24.70 -47.57 6.38
CA LEU A 567 -23.36 -47.09 6.65
C LEU A 567 -23.16 -45.69 6.08
N GLN A 568 -22.54 -44.83 6.89
CA GLN A 568 -22.19 -43.47 6.49
C GLN A 568 -20.68 -43.38 6.31
N MET A 569 -20.23 -42.84 5.18
CA MET A 569 -18.82 -42.73 4.88
C MET A 569 -18.41 -41.32 4.53
N GLY A 570 -17.12 -41.07 4.70
CA GLY A 570 -16.52 -39.79 4.37
C GLY A 570 -15.43 -39.95 3.33
N PHE A 571 -15.38 -39.00 2.41
CA PHE A 571 -14.39 -38.94 1.33
C PHE A 571 -13.65 -37.62 1.42
N GLY A 572 -12.34 -37.66 1.22
CA GLY A 572 -11.55 -36.47 1.08
C GLY A 572 -10.80 -36.51 -0.23
N ILE A 573 -10.85 -35.43 -1.01
CA ILE A 573 -10.21 -35.38 -2.31
C ILE A 573 -9.20 -34.25 -2.30
N THR A 574 -7.97 -34.55 -2.75
CA THR A 574 -6.92 -33.58 -2.90
C THR A 574 -6.39 -33.67 -4.33
N VAL A 575 -6.08 -32.54 -4.94
CA VAL A 575 -5.58 -32.51 -6.30
C VAL A 575 -4.27 -31.73 -6.34
N GLN A 576 -3.34 -32.22 -7.14
CA GLN A 576 -2.05 -31.57 -7.35
C GLN A 576 -1.92 -31.18 -8.82
N TYR A 577 -1.08 -30.18 -9.09
CA TYR A 577 -1.02 -29.60 -10.43
C TYR A 577 0.32 -29.80 -11.13
N GLY A 578 1.42 -29.33 -10.56
CA GLY A 578 2.71 -29.48 -11.22
C GLY A 578 3.57 -30.63 -10.74
N THR A 579 3.11 -31.87 -10.90
CA THR A 579 3.83 -33.00 -10.33
C THR A 579 4.19 -34.09 -11.32
N ASP A 580 3.38 -34.34 -12.33
CA ASP A 580 3.64 -35.38 -13.30
C ASP A 580 3.72 -34.77 -14.69
N THR A 581 4.28 -35.54 -15.62
CA THR A 581 4.23 -35.14 -17.02
C THR A 581 2.94 -35.56 -17.69
N ASN A 582 2.17 -36.41 -17.05
CA ASN A 582 0.85 -36.82 -17.50
C ASN A 582 -0.19 -36.09 -16.66
N SER A 583 -1.45 -36.48 -16.79
CA SER A 583 -2.50 -35.76 -16.10
C SER A 583 -3.70 -36.66 -15.85
N VAL A 584 -4.53 -36.23 -14.91
CA VAL A 584 -5.80 -36.87 -14.62
C VAL A 584 -6.89 -35.93 -15.13
N CYS A 585 -7.60 -36.36 -16.17
CA CYS A 585 -8.57 -35.53 -16.86
C CYS A 585 -9.91 -36.26 -16.93
N PRO A 586 -11.00 -35.53 -17.12
CA PRO A 586 -12.29 -36.20 -17.37
C PRO A 586 -12.30 -36.91 -18.71
N LYS A 587 -13.33 -37.71 -18.97
CA LYS A 587 -13.43 -38.42 -20.24
C LYS A 587 -14.18 -37.57 -21.26
N LEU A 588 -13.71 -37.58 -22.50
CA LEU A 588 -14.33 -36.82 -23.57
C LEU A 588 -14.88 -37.78 -24.63
N GLU A 589 -15.37 -37.22 -25.73
CA GLU A 589 -15.89 -37.97 -26.85
C GLU A 589 -14.83 -38.07 -27.93
N PHE A 590 -14.46 -39.29 -28.31
CA PHE A 590 -13.27 -39.54 -29.13
C PHE A 590 -13.63 -39.61 -30.62
N ALA A 591 -14.20 -38.52 -31.13
CA ALA A 591 -14.47 -38.42 -32.56
C ALA A 591 -14.23 -37.01 -33.09
N ASN A 592 -13.27 -36.29 -32.53
CA ASN A 592 -13.08 -34.88 -32.84
C ASN A 592 -11.83 -34.65 -33.68
N ASP A 593 -11.69 -33.41 -34.14
CA ASP A 593 -10.56 -32.97 -34.96
C ASP A 593 -9.57 -32.11 -34.19
N THR A 594 -9.35 -32.42 -32.91
CA THR A 594 -8.52 -31.60 -32.04
C THR A 594 -7.07 -32.08 -32.04
N LYS A 595 -6.44 -32.00 -33.21
CA LYS A 595 -5.09 -32.46 -33.40
C LYS A 595 -4.17 -31.27 -33.66
N ILE A 596 -2.98 -31.30 -33.07
CA ILE A 596 -2.02 -30.22 -33.30
C ILE A 596 -1.59 -30.19 -34.76
N ALA A 597 -1.33 -31.35 -35.35
CA ALA A 597 -0.74 -31.40 -36.68
C ALA A 597 -1.65 -30.83 -37.76
N SER A 598 -2.95 -30.71 -37.49
CA SER A 598 -3.85 -30.13 -38.48
C SER A 598 -3.93 -28.62 -38.37
N GLN A 599 -4.06 -28.09 -37.16
CA GLN A 599 -4.18 -26.64 -36.96
C GLN A 599 -2.82 -26.03 -36.64
N LEU A 600 -1.88 -26.20 -37.56
CA LEU A 600 -0.50 -25.81 -37.34
C LEU A 600 -0.28 -24.42 -37.92
N GLY A 601 -0.22 -23.42 -37.06
CA GLY A 601 0.13 -22.08 -37.51
C GLY A 601 -0.93 -21.05 -37.25
N ASN A 602 -2.04 -21.43 -36.64
CA ASN A 602 -3.14 -20.53 -36.39
C ASN A 602 -3.55 -20.58 -34.93
N CYS A 603 -4.14 -19.49 -34.47
CA CYS A 603 -4.46 -19.34 -33.05
C CYS A 603 -5.45 -20.41 -32.62
N VAL A 604 -5.14 -21.12 -31.54
CA VAL A 604 -5.99 -22.19 -31.05
C VAL A 604 -6.01 -22.17 -29.53
N GLU A 605 -7.13 -22.61 -28.97
CA GLU A 605 -7.20 -23.05 -27.60
C GLU A 605 -6.50 -24.39 -27.48
N TYR A 606 -5.80 -24.60 -26.37
CA TYR A 606 -5.17 -25.89 -26.15
C TYR A 606 -5.37 -26.32 -24.70
N SER A 607 -5.53 -27.63 -24.54
CA SER A 607 -5.64 -28.31 -23.26
C SER A 607 -4.74 -29.53 -23.26
N LEU A 608 -3.46 -29.31 -23.59
CA LEU A 608 -2.53 -30.40 -23.88
C LEU A 608 -2.54 -31.46 -22.80
N TYR A 609 -2.46 -31.04 -21.55
CA TYR A 609 -2.66 -31.91 -20.40
C TYR A 609 -3.24 -30.99 -19.35
N GLY A 610 -3.03 -31.26 -18.08
CA GLY A 610 -3.52 -30.34 -17.06
C GLY A 610 -3.31 -28.86 -17.35
N VAL A 611 -2.37 -28.54 -18.24
CA VAL A 611 -2.05 -27.16 -18.61
C VAL A 611 -2.84 -26.77 -19.85
N SER A 612 -3.36 -25.54 -19.86
CA SER A 612 -4.21 -25.07 -20.95
C SER A 612 -3.98 -23.59 -21.19
N GLY A 613 -4.39 -23.13 -22.37
CA GLY A 613 -4.22 -21.73 -22.73
C GLY A 613 -4.57 -21.48 -24.18
N ARG A 614 -4.03 -20.39 -24.72
CA ARG A 614 -4.16 -20.09 -26.14
C ARG A 614 -2.79 -19.88 -26.75
N GLY A 615 -2.64 -20.24 -28.01
CA GLY A 615 -1.35 -20.05 -28.64
C GLY A 615 -1.36 -20.52 -30.08
N VAL A 616 -0.16 -20.47 -30.67
CA VAL A 616 0.09 -20.89 -32.04
C VAL A 616 1.22 -21.90 -32.01
N PHE A 617 0.99 -23.06 -32.62
CA PHE A 617 1.96 -24.14 -32.63
C PHE A 617 2.75 -24.13 -33.93
N GLN A 618 3.96 -24.66 -33.89
CA GLN A 618 4.81 -24.77 -35.06
C GLN A 618 5.66 -26.03 -34.96
N ASN A 619 5.95 -26.62 -36.11
CA ASN A 619 6.96 -27.67 -36.14
C ASN A 619 8.33 -27.04 -35.91
N CYS A 620 9.15 -27.71 -35.12
CA CYS A 620 10.23 -27.00 -34.48
C CYS A 620 11.18 -28.04 -33.93
N THR A 621 12.46 -27.69 -33.81
CA THR A 621 13.48 -28.67 -33.48
C THR A 621 13.52 -28.94 -31.98
N ALA A 622 13.53 -30.22 -31.62
CA ALA A 622 13.41 -30.61 -30.22
C ALA A 622 14.56 -30.03 -29.40
N VAL A 623 14.22 -29.46 -28.24
CA VAL A 623 15.24 -28.72 -27.50
C VAL A 623 15.30 -29.05 -26.02
N GLY A 624 14.29 -29.63 -25.39
CA GLY A 624 14.40 -29.85 -23.95
C GLY A 624 14.80 -31.26 -23.58
N VAL A 625 14.31 -31.75 -22.45
CA VAL A 625 14.37 -33.18 -22.12
C VAL A 625 13.04 -33.79 -22.53
N ARG A 626 13.08 -34.80 -23.40
CA ARG A 626 11.87 -35.30 -24.02
C ARG A 626 10.90 -35.89 -22.99
N GLN A 627 11.42 -36.60 -21.99
CA GLN A 627 10.55 -37.24 -21.02
C GLN A 627 9.78 -36.24 -20.16
N GLN A 628 10.26 -35.01 -20.05
CA GLN A 628 9.56 -33.93 -19.35
C GLN A 628 8.86 -33.13 -20.44
N ARG A 629 7.62 -33.47 -20.73
CA ARG A 629 7.04 -33.10 -22.02
C ARG A 629 6.83 -31.61 -22.20
N PHE A 630 6.85 -30.82 -21.14
CA PHE A 630 6.60 -29.38 -21.24
C PHE A 630 7.91 -28.62 -21.12
N VAL A 631 8.14 -27.68 -22.02
CA VAL A 631 9.33 -26.85 -22.01
C VAL A 631 8.92 -25.43 -21.70
N TYR A 632 9.42 -24.90 -20.58
CA TYR A 632 9.11 -23.57 -20.09
C TYR A 632 10.28 -22.63 -20.33
N ASP A 633 10.03 -21.35 -20.07
CA ASP A 633 11.07 -20.34 -20.13
C ASP A 633 11.31 -19.79 -18.73
N ALA A 634 12.21 -18.81 -18.64
CA ALA A 634 12.58 -18.25 -17.34
C ALA A 634 11.40 -17.60 -16.64
N TYR A 635 10.40 -17.16 -17.38
CA TYR A 635 9.25 -16.46 -16.83
C TYR A 635 8.10 -17.41 -16.50
N GLN A 636 8.32 -18.71 -16.60
CA GLN A 636 7.34 -19.74 -16.24
C GLN A 636 6.09 -19.67 -17.11
N ASN A 637 6.28 -19.85 -18.41
CA ASN A 637 5.15 -20.14 -19.29
C ASN A 637 5.62 -21.02 -20.43
N LEU A 638 4.71 -21.84 -20.96
CA LEU A 638 5.08 -22.80 -21.99
C LEU A 638 5.67 -22.14 -23.22
N VAL A 639 6.76 -22.71 -23.70
CA VAL A 639 7.31 -22.38 -25.00
C VAL A 639 7.55 -23.60 -25.86
N GLY A 640 7.35 -24.80 -25.32
CA GLY A 640 7.56 -25.99 -26.13
C GLY A 640 6.78 -27.17 -25.60
N TYR A 641 6.47 -28.09 -26.51
CA TYR A 641 5.62 -29.22 -26.16
C TYR A 641 6.06 -30.44 -26.95
N TYR A 642 6.19 -31.57 -26.27
CA TYR A 642 6.46 -32.85 -26.92
C TYR A 642 5.14 -33.58 -27.08
N SER A 643 4.66 -33.69 -28.31
CA SER A 643 3.33 -34.20 -28.54
C SER A 643 3.31 -35.73 -28.55
N ASP A 644 2.11 -36.27 -28.39
CA ASP A 644 1.92 -37.72 -28.46
C ASP A 644 2.12 -38.27 -29.86
N ASP A 645 2.17 -37.42 -30.88
CA ASP A 645 2.46 -37.89 -32.23
C ASP A 645 3.94 -38.07 -32.48
N GLY A 646 4.81 -37.66 -31.56
CA GLY A 646 6.23 -37.80 -31.72
C GLY A 646 6.97 -36.57 -32.18
N ASN A 647 6.31 -35.43 -32.29
CA ASN A 647 6.94 -34.20 -32.73
C ASN A 647 7.17 -33.27 -31.55
N TYR A 648 8.00 -32.25 -31.79
CA TYR A 648 8.21 -31.18 -30.83
C TYR A 648 7.66 -29.89 -31.43
N TYR A 649 6.70 -29.29 -30.76
CA TYR A 649 6.09 -28.05 -31.21
C TYR A 649 6.43 -26.95 -30.23
N CYS A 650 6.80 -25.79 -30.74
CA CYS A 650 7.17 -24.66 -29.89
C CYS A 650 6.17 -23.52 -30.02
N LEU A 651 5.52 -23.20 -28.89
CA LEU A 651 4.36 -22.33 -28.79
C LEU A 651 4.73 -20.87 -29.01
N ARG A 652 3.72 -20.06 -29.36
CA ARG A 652 3.98 -18.74 -29.89
C ARG A 652 3.03 -17.63 -29.44
N ALA A 653 2.12 -17.86 -28.50
CA ALA A 653 1.42 -16.72 -27.89
C ALA A 653 0.59 -15.87 -28.87
N CYS A 654 -0.62 -16.32 -29.22
CA CYS A 654 -1.52 -15.64 -30.14
C CYS A 654 -1.45 -14.13 -30.06
N VAL A 655 -1.49 -13.48 -31.22
CA VAL A 655 -0.92 -12.15 -31.35
C VAL A 655 -2.00 -11.07 -31.30
N SER A 656 -1.58 -9.86 -30.93
CA SER A 656 -2.44 -8.69 -30.83
C SER A 656 -1.95 -7.66 -31.82
N VAL A 657 -2.88 -6.96 -32.45
CA VAL A 657 -2.56 -5.88 -33.39
C VAL A 657 -2.68 -4.55 -32.66
N PRO A 658 -1.61 -3.77 -32.54
CA PRO A 658 -1.72 -2.47 -31.89
C PRO A 658 -2.45 -1.46 -32.78
N VAL A 659 -3.26 -0.63 -32.14
CA VAL A 659 -4.09 0.32 -32.86
C VAL A 659 -3.82 1.71 -32.32
N SER A 660 -3.83 2.69 -33.21
CA SER A 660 -3.57 4.08 -32.86
C SER A 660 -4.43 4.96 -33.75
N VAL A 661 -4.90 6.08 -33.21
CA VAL A 661 -5.77 6.97 -33.96
C VAL A 661 -5.05 8.30 -34.18
N ILE A 662 -5.05 8.76 -35.41
CA ILE A 662 -4.47 10.03 -35.81
C ILE A 662 -5.62 11.02 -35.93
N TYR A 663 -5.64 12.05 -35.11
CA TYR A 663 -6.79 12.92 -35.00
C TYR A 663 -6.41 14.37 -35.26
N ASP A 664 -7.23 15.06 -36.05
CA ASP A 664 -7.05 16.49 -36.32
C ASP A 664 -8.29 17.23 -35.86
N LYS A 665 -8.18 18.03 -34.81
CA LYS A 665 -9.38 18.59 -34.19
C LYS A 665 -10.00 19.72 -35.01
N GLU A 666 -9.18 20.51 -35.71
CA GLU A 666 -9.72 21.62 -36.48
C GLU A 666 -10.54 21.12 -37.66
N THR A 667 -10.06 20.09 -38.33
CA THR A 667 -10.76 19.50 -39.46
C THR A 667 -11.73 18.43 -39.04
N LYS A 668 -11.58 17.88 -37.83
CA LYS A 668 -12.36 16.76 -37.32
C LYS A 668 -12.15 15.49 -38.13
N THR A 669 -11.00 15.36 -38.78
CA THR A 669 -10.69 14.16 -39.52
C THR A 669 -9.79 13.23 -38.72
N HIS A 670 -9.73 11.98 -39.14
CA HIS A 670 -9.03 10.96 -38.39
C HIS A 670 -8.51 9.89 -39.33
N ALA A 671 -7.57 9.10 -38.84
CA ALA A 671 -7.01 7.98 -39.56
C ALA A 671 -6.59 6.93 -38.54
N THR A 672 -6.31 5.74 -39.02
CA THR A 672 -5.96 4.61 -38.15
C THR A 672 -4.58 4.10 -38.52
N LEU A 673 -3.69 4.07 -37.54
CA LEU A 673 -2.38 3.48 -37.71
C LEU A 673 -2.37 2.16 -36.98
N PHE A 674 -2.03 1.09 -37.69
CA PHE A 674 -2.05 -0.25 -37.14
C PHE A 674 -0.63 -0.62 -36.76
N GLY A 675 -0.20 -0.14 -35.60
CA GLY A 675 1.04 -0.57 -34.98
C GLY A 675 2.16 -0.72 -35.98
N SER A 676 3.02 -1.71 -35.80
CA SER A 676 3.97 -2.12 -36.82
C SER A 676 3.51 -3.45 -37.44
N VAL A 677 2.48 -3.39 -38.29
CA VAL A 677 1.94 -4.61 -38.88
C VAL A 677 2.00 -4.46 -40.39
N ALA A 678 1.98 -5.59 -41.07
CA ALA A 678 1.92 -5.60 -42.53
C ALA A 678 0.47 -5.48 -42.99
N CYS A 679 0.28 -4.81 -44.11
CA CYS A 679 -1.07 -4.47 -44.55
C CYS A 679 -1.90 -5.68 -44.94
N GLU A 680 -1.29 -6.84 -45.06
CA GLU A 680 -2.02 -8.06 -45.42
C GLU A 680 -2.47 -8.87 -44.22
N HIS A 681 -2.22 -8.41 -43.01
CA HIS A 681 -2.81 -8.99 -41.81
C HIS A 681 -4.08 -8.28 -41.39
N ILE A 682 -4.49 -7.24 -42.11
CA ILE A 682 -5.65 -6.44 -41.72
C ILE A 682 -6.62 -6.39 -42.88
N SER A 683 -7.88 -6.12 -42.54
CA SER A 683 -8.96 -6.08 -43.51
C SER A 683 -9.87 -4.93 -43.14
N SER A 684 -10.84 -4.65 -44.02
CA SER A 684 -11.71 -3.51 -43.83
C SER A 684 -12.61 -3.68 -42.60
N THR A 685 -12.92 -4.92 -42.23
CA THR A 685 -13.79 -5.18 -41.11
C THR A 685 -13.06 -5.76 -39.90
N MET A 686 -11.86 -6.29 -40.11
CA MET A 686 -11.05 -6.83 -39.02
C MET A 686 -11.81 -7.93 -38.29
N SER A 687 -12.49 -8.78 -39.06
CA SER A 687 -13.48 -9.70 -38.51
C SER A 687 -12.88 -10.91 -37.83
N GLN A 688 -11.59 -11.18 -38.01
CA GLN A 688 -10.96 -12.32 -37.37
C GLN A 688 -10.32 -11.94 -36.04
N TYR A 689 -10.58 -10.73 -35.54
CA TYR A 689 -10.09 -10.27 -34.26
C TYR A 689 -11.26 -9.79 -33.43
N SER A 690 -11.01 -9.56 -32.14
CA SER A 690 -11.99 -9.02 -31.21
C SER A 690 -11.38 -7.87 -30.44
N ARG A 691 -12.18 -6.87 -30.12
CA ARG A 691 -11.60 -5.67 -29.51
C ARG A 691 -12.36 -5.16 -28.29
N SER A 692 -13.67 -5.44 -28.22
CA SER A 692 -14.56 -4.87 -27.21
C SER A 692 -14.80 -3.38 -27.42
N THR A 693 -14.41 -2.87 -28.59
CA THR A 693 -14.88 -1.59 -29.07
C THR A 693 -15.79 -1.92 -30.25
N ARG A 694 -17.07 -1.55 -30.13
CA ARG A 694 -18.08 -2.16 -30.98
C ARG A 694 -17.87 -1.84 -32.45
N SER A 695 -17.43 -0.63 -32.77
CA SER A 695 -17.32 -0.22 -34.15
C SER A 695 -15.88 0.21 -34.42
N MET A 696 -15.63 0.67 -35.63
CA MET A 696 -14.29 1.07 -36.02
C MET A 696 -14.45 2.25 -36.97
N LEU A 697 -13.47 3.16 -36.95
CA LEU A 697 -13.62 4.44 -37.63
C LEU A 697 -13.97 4.26 -39.09
N LYS A 698 -14.76 5.21 -39.62
CA LYS A 698 -15.42 5.09 -40.91
C LYS A 698 -14.79 5.98 -41.96
N ARG A 699 -14.71 5.46 -43.19
CA ARG A 699 -14.09 6.15 -44.32
C ARG A 699 -15.09 6.33 -45.46
N ARG A 700 -14.64 6.99 -46.53
CA ARG A 700 -15.45 7.30 -47.70
C ARG A 700 -16.71 8.08 -47.33
N GLY A 705 -8.02 2.26 -49.70
CA GLY A 705 -7.59 1.01 -49.10
C GLY A 705 -6.44 1.18 -48.12
N PRO A 706 -5.95 0.07 -47.59
CA PRO A 706 -4.81 0.16 -46.67
C PRO A 706 -3.56 0.66 -47.38
N LEU A 707 -2.70 1.34 -46.62
CA LEU A 707 -1.48 1.90 -47.16
C LEU A 707 -0.31 1.47 -46.28
N GLN A 708 0.73 0.91 -46.88
CA GLN A 708 1.88 0.42 -46.13
C GLN A 708 2.92 1.51 -46.00
N THR A 709 3.40 1.73 -44.78
CA THR A 709 4.35 2.76 -44.43
C THR A 709 5.44 2.15 -43.57
N PRO A 710 6.61 2.78 -43.50
CA PRO A 710 7.68 2.25 -42.64
C PRO A 710 7.28 2.06 -41.19
N VAL A 711 6.18 2.66 -40.74
CA VAL A 711 5.75 2.50 -39.36
C VAL A 711 4.60 1.50 -39.22
N GLY A 712 3.93 1.14 -40.29
CA GLY A 712 2.83 0.20 -40.21
C GLY A 712 1.83 0.44 -41.32
N CYS A 713 0.66 -0.15 -41.15
CA CYS A 713 -0.42 0.00 -42.12
C CYS A 713 -1.37 1.11 -41.66
N VAL A 714 -1.70 2.02 -42.56
CA VAL A 714 -2.61 3.10 -42.22
C VAL A 714 -3.88 2.95 -43.05
N LEU A 715 -4.99 3.33 -42.42
CA LEU A 715 -6.31 3.42 -43.06
C LEU A 715 -6.77 4.86 -42.96
N GLY A 716 -7.15 5.43 -44.10
CA GLY A 716 -7.62 6.79 -44.12
C GLY A 716 -6.58 7.83 -44.49
N LEU A 717 -5.42 7.41 -44.96
CA LEU A 717 -4.40 8.30 -45.49
C LEU A 717 -4.24 8.04 -46.97
N VAL A 718 -3.99 9.08 -47.74
CA VAL A 718 -3.71 8.95 -49.17
C VAL A 718 -2.25 9.31 -49.40
N ASN A 719 -1.55 8.45 -50.13
CA ASN A 719 -0.13 8.66 -50.38
C ASN A 719 0.08 9.91 -51.20
N SER A 720 1.03 10.74 -50.80
CA SER A 720 1.39 11.92 -51.55
C SER A 720 2.91 12.01 -51.61
N SER A 721 3.40 12.74 -52.62
CA SER A 721 4.83 13.00 -52.78
C SER A 721 5.23 14.35 -52.21
N LEU A 722 4.57 14.79 -51.15
CA LEU A 722 4.83 16.08 -50.56
C LEU A 722 5.92 15.99 -49.51
N PHE A 723 6.48 17.16 -49.17
CA PHE A 723 7.44 17.31 -48.10
C PHE A 723 7.04 18.52 -47.28
N VAL A 724 7.42 18.52 -46.01
CA VAL A 724 7.06 19.61 -45.10
C VAL A 724 8.24 19.89 -44.17
N GLU A 725 8.09 20.92 -43.35
CA GLU A 725 8.94 21.13 -42.21
C GLU A 725 8.31 20.65 -40.92
N ASP A 726 6.99 20.50 -40.91
CA ASP A 726 6.22 19.95 -39.80
C ASP A 726 4.76 19.86 -40.24
N CYS A 727 4.02 18.96 -39.61
CA CYS A 727 2.57 19.00 -39.80
C CYS A 727 1.83 18.70 -38.50
N LYS A 728 2.50 18.83 -37.36
CA LYS A 728 1.94 18.70 -36.02
C LYS A 728 1.48 17.29 -35.70
N LEU A 729 1.52 16.38 -36.66
CA LEU A 729 1.08 14.99 -36.47
C LEU A 729 2.18 14.06 -36.93
N PRO A 730 3.27 13.97 -36.17
CA PRO A 730 4.37 13.08 -36.56
C PRO A 730 3.98 11.63 -36.35
N LEU A 731 4.25 10.81 -37.35
CA LEU A 731 3.96 9.40 -37.25
C LEU A 731 5.17 8.57 -36.83
N GLY A 732 6.36 9.14 -36.83
CA GLY A 732 7.58 8.42 -36.59
C GLY A 732 8.29 8.08 -37.91
N GLN A 733 9.60 7.86 -37.81
CA GLN A 733 10.43 7.58 -38.97
C GLN A 733 10.29 8.66 -40.03
N SER A 734 10.21 9.91 -39.58
CA SER A 734 10.20 11.09 -40.44
C SER A 734 8.97 11.14 -41.34
N LEU A 735 7.87 10.56 -40.91
CA LEU A 735 6.60 10.61 -41.62
C LEU A 735 5.67 11.56 -40.90
N CYS A 736 4.66 12.06 -41.61
CA CYS A 736 3.86 13.09 -40.99
C CYS A 736 2.52 13.07 -41.71
N ALA A 737 1.44 13.39 -40.99
CA ALA A 737 0.09 13.28 -41.53
C ALA A 737 -0.48 14.67 -41.75
N LEU A 738 -0.61 15.06 -43.01
CA LEU A 738 -1.06 16.40 -43.38
C LEU A 738 -2.57 16.44 -43.47
N PRO A 739 -3.24 17.26 -42.69
CA PRO A 739 -4.67 17.46 -42.90
C PRO A 739 -4.95 18.39 -44.08
N ASP A 740 -6.20 18.76 -44.27
CA ASP A 740 -6.56 19.73 -45.28
C ASP A 740 -6.78 21.10 -44.63
N THR A 741 -7.25 22.05 -45.42
CA THR A 741 -7.44 23.41 -44.91
C THR A 741 -8.73 24.01 -45.46
N VAL A 753 -16.43 20.07 -46.97
CA VAL A 753 -16.14 18.75 -46.47
C VAL A 753 -14.73 18.34 -46.88
N PRO A 754 -13.80 18.41 -45.93
CA PRO A 754 -12.39 18.13 -46.24
C PRO A 754 -12.16 16.66 -46.53
N GLY A 755 -11.15 16.41 -47.36
CA GLY A 755 -10.83 15.06 -47.80
C GLY A 755 -9.97 14.32 -46.81
N GLU A 756 -9.51 13.16 -47.23
CA GLU A 756 -8.66 12.34 -46.38
C GLU A 756 -7.33 13.04 -46.12
N MET A 757 -6.82 12.86 -44.90
CA MET A 757 -5.48 13.32 -44.60
C MET A 757 -4.49 12.58 -45.48
N ARG A 758 -3.39 13.24 -45.82
CA ARG A 758 -2.43 12.68 -46.75
C ARG A 758 -1.10 12.45 -46.07
N LEU A 759 -0.36 11.46 -46.55
CA LEU A 759 0.86 11.01 -45.90
C LEU A 759 2.04 11.74 -46.53
N ALA A 760 2.59 12.71 -45.82
CA ALA A 760 3.77 13.41 -46.27
C ALA A 760 4.98 12.95 -45.47
N SER A 761 6.15 13.42 -45.88
CA SER A 761 7.39 13.12 -45.19
C SER A 761 8.06 14.41 -44.81
N ILE A 762 8.67 14.43 -43.63
CA ILE A 762 9.41 15.60 -43.17
C ILE A 762 10.71 15.69 -43.96
N ALA A 763 11.01 16.88 -44.46
CA ALA A 763 12.17 17.10 -45.30
C ALA A 763 13.30 17.76 -44.51
N PHE A 764 14.51 17.35 -44.81
CA PHE A 764 15.70 18.02 -44.27
C PHE A 764 15.97 19.26 -45.10
N ASN A 765 16.03 20.41 -44.44
CA ASN A 765 16.26 21.67 -45.12
C ASN A 765 17.76 21.90 -45.21
N HIS A 766 18.31 21.74 -46.40
CA HIS A 766 19.76 21.80 -46.56
C HIS A 766 20.28 23.20 -46.29
N PRO A 767 21.43 23.33 -45.64
CA PRO A 767 22.04 24.65 -45.47
C PRO A 767 22.62 25.15 -46.77
N ILE A 768 22.96 26.44 -46.78
CA ILE A 768 23.65 27.03 -47.91
C ILE A 768 24.96 26.30 -48.11
N GLN A 769 25.20 25.84 -49.34
CA GLN A 769 26.38 25.04 -49.65
C GLN A 769 27.45 25.97 -50.21
N VAL A 770 28.60 26.00 -49.54
CA VAL A 770 29.73 26.83 -49.94
C VAL A 770 30.87 25.89 -50.28
N ASP A 771 31.35 25.95 -51.52
CA ASP A 771 32.36 25.02 -51.98
C ASP A 771 33.75 25.49 -51.60
N GLN A 772 34.64 24.52 -51.46
CA GLN A 772 35.98 24.76 -50.94
C GLN A 772 36.96 24.80 -52.10
N LEU A 773 37.57 25.96 -52.32
CA LEU A 773 38.46 26.15 -53.45
C LEU A 773 39.75 25.36 -53.26
N ASN A 774 40.52 25.25 -54.34
CA ASN A 774 41.81 24.60 -54.30
C ASN A 774 42.98 25.56 -54.28
N SER A 775 42.74 26.83 -54.59
CA SER A 775 43.80 27.83 -54.67
C SER A 775 44.15 28.32 -53.28
N SER A 776 44.86 29.44 -53.21
CA SER A 776 45.13 30.11 -51.95
C SER A 776 44.07 31.15 -51.61
N TYR A 777 42.95 31.14 -52.30
CA TYR A 777 41.79 31.92 -51.93
C TYR A 777 40.82 31.07 -51.12
N PHE A 778 39.72 31.68 -50.69
CA PHE A 778 38.61 30.91 -50.16
C PHE A 778 37.32 31.66 -50.46
N LYS A 779 36.20 30.97 -50.30
CA LYS A 779 34.89 31.54 -50.58
C LYS A 779 34.20 31.95 -49.29
N LEU A 780 33.40 33.02 -49.36
CA LEU A 780 33.01 33.74 -48.15
C LEU A 780 31.57 33.51 -47.72
N SER A 781 30.59 33.72 -48.59
CA SER A 781 29.18 33.60 -48.19
C SER A 781 28.83 34.56 -47.06
N ILE A 782 28.83 35.84 -47.40
CA ILE A 782 28.58 36.93 -46.45
C ILE A 782 27.19 37.51 -46.68
N PRO A 783 26.50 38.01 -45.63
CA PRO A 783 25.08 38.37 -45.78
C PRO A 783 24.79 39.80 -46.19
N THR A 784 23.50 40.10 -46.40
CA THR A 784 23.05 41.45 -46.73
C THR A 784 21.70 41.80 -46.06
N ASN A 785 21.52 41.46 -44.78
CA ASN A 785 20.30 41.87 -44.08
C ASN A 785 20.48 41.74 -42.58
N PHE A 786 19.81 42.63 -41.85
CA PHE A 786 19.85 42.65 -40.39
C PHE A 786 18.74 41.79 -39.81
N SER A 787 17.48 42.15 -40.09
CA SER A 787 16.32 41.37 -39.68
C SER A 787 16.39 40.97 -38.21
N PHE A 788 16.26 41.96 -37.33
CA PHE A 788 16.19 41.68 -35.91
C PHE A 788 15.03 40.73 -35.60
N GLY A 789 15.26 39.81 -34.67
CA GLY A 789 14.23 38.89 -34.24
C GLY A 789 14.25 38.72 -32.73
N VAL A 790 13.12 38.22 -32.21
CA VAL A 790 12.94 38.05 -30.77
C VAL A 790 12.68 36.58 -30.49
N THR A 791 13.34 36.04 -29.45
CA THR A 791 13.28 34.62 -29.16
C THR A 791 12.32 34.26 -28.04
N GLN A 792 12.19 35.08 -27.00
CA GLN A 792 11.01 35.03 -26.13
C GLN A 792 10.89 33.71 -25.37
N GLU A 793 11.75 33.56 -24.37
CA GLU A 793 11.85 32.39 -23.50
C GLU A 793 11.17 32.64 -22.16
N TYR A 794 10.80 31.56 -21.45
CA TYR A 794 10.21 31.64 -20.13
C TYR A 794 10.89 30.68 -19.17
N ILE A 795 11.36 31.17 -18.02
CA ILE A 795 11.95 30.31 -17.00
C ILE A 795 11.10 30.40 -15.73
N GLN A 796 10.69 29.25 -15.22
CA GLN A 796 9.93 29.19 -13.98
C GLN A 796 10.86 29.23 -12.79
N THR A 797 10.55 30.06 -11.81
CA THR A 797 11.40 30.22 -10.65
C THR A 797 10.76 29.75 -9.35
N THR A 798 9.47 29.45 -9.34
CA THR A 798 8.81 29.08 -8.10
C THR A 798 7.52 28.35 -8.41
N ILE A 799 7.01 27.65 -7.40
CA ILE A 799 5.67 27.10 -7.40
C ILE A 799 4.90 27.82 -6.30
N GLN A 800 3.58 27.71 -6.32
CA GLN A 800 2.82 28.42 -5.30
C GLN A 800 2.85 27.65 -4.00
N LYS A 801 2.91 28.39 -2.90
CA LYS A 801 3.05 27.82 -1.57
C LYS A 801 1.71 27.40 -1.03
N VAL A 802 1.61 26.16 -0.57
CA VAL A 802 0.38 25.59 -0.06
C VAL A 802 0.66 24.97 1.30
N THR A 803 -0.21 25.24 2.26
CA THR A 803 -0.19 24.54 3.53
C THR A 803 -1.47 23.73 3.65
N VAL A 804 -1.39 22.62 4.37
CA VAL A 804 -2.54 21.76 4.59
C VAL A 804 -2.77 21.65 6.08
N ASP A 805 -4.00 21.90 6.51
CA ASP A 805 -4.42 21.63 7.89
C ASP A 805 -4.77 20.16 7.96
N CYS A 806 -3.82 19.34 8.39
CA CYS A 806 -3.95 17.89 8.27
C CYS A 806 -5.16 17.38 9.03
N LYS A 807 -5.34 17.83 10.27
CA LYS A 807 -6.45 17.34 11.09
C LYS A 807 -7.79 17.75 10.48
N GLN A 808 -7.91 18.99 10.02
CA GLN A 808 -9.15 19.43 9.39
C GLN A 808 -9.41 18.69 8.10
N TYR A 809 -8.37 18.45 7.31
CA TYR A 809 -8.54 17.74 6.06
C TYR A 809 -9.02 16.31 6.29
N VAL A 810 -8.45 15.64 7.28
CA VAL A 810 -8.79 14.22 7.48
C VAL A 810 -10.10 14.07 8.23
N CYS A 811 -10.23 14.70 9.38
CA CYS A 811 -11.39 14.53 10.26
C CYS A 811 -12.12 15.86 10.32
N ASN A 812 -13.14 16.00 9.48
CA ASN A 812 -13.67 17.33 9.18
C ASN A 812 -14.43 17.91 10.35
N GLY A 813 -13.73 18.17 11.45
CA GLY A 813 -14.35 18.73 12.62
C GLY A 813 -15.15 17.77 13.47
N PHE A 814 -15.08 16.47 13.20
CA PHE A 814 -15.84 15.46 13.93
C PHE A 814 -15.01 14.93 15.09
N GLN A 815 -15.49 15.16 16.32
CA GLN A 815 -14.73 14.78 17.52
C GLN A 815 -14.34 13.31 17.50
N LYS A 816 -15.25 12.46 17.07
CA LYS A 816 -14.97 11.04 17.07
C LYS A 816 -13.80 10.72 16.15
N CYS A 817 -13.78 11.31 14.96
CA CYS A 817 -12.68 11.07 14.03
C CYS A 817 -11.36 11.57 14.59
N GLU A 818 -11.36 12.76 15.21
CA GLU A 818 -10.12 13.29 15.76
C GLU A 818 -9.56 12.40 16.86
N GLN A 819 -10.42 11.90 17.72
CA GLN A 819 -9.95 11.06 18.80
C GLN A 819 -9.64 9.63 18.35
N LEU A 820 -10.12 9.21 17.19
CA LEU A 820 -9.53 8.04 16.55
C LEU A 820 -8.20 8.35 15.91
N LEU A 821 -8.01 9.58 15.42
CA LEU A 821 -6.78 9.98 14.76
C LEU A 821 -5.62 10.15 15.71
N ARG A 822 -5.90 10.42 16.99
CA ARG A 822 -4.83 10.54 17.98
C ARG A 822 -3.86 9.38 17.96
N GLU A 823 -4.26 8.23 17.41
CA GLU A 823 -3.34 7.11 17.23
C GLU A 823 -2.43 7.29 16.02
N TYR A 824 -2.69 8.30 15.20
CA TYR A 824 -1.87 8.65 14.05
C TYR A 824 -1.24 10.02 14.26
N GLY A 825 -0.69 10.25 15.45
CA GLY A 825 -0.31 11.61 15.82
C GLY A 825 0.77 12.20 14.93
N GLN A 826 1.80 11.41 14.63
CA GLN A 826 2.97 11.98 13.98
C GLN A 826 2.86 12.06 12.46
N PHE A 827 1.89 11.41 11.84
CA PHE A 827 1.73 11.55 10.39
C PHE A 827 1.41 12.99 10.02
N CYS A 828 0.48 13.60 10.75
CA CYS A 828 0.12 14.98 10.50
C CYS A 828 1.27 15.93 10.79
N SER A 829 2.03 15.68 11.84
CA SER A 829 3.19 16.51 12.12
C SER A 829 4.22 16.42 11.01
N LYS A 830 4.46 15.22 10.49
CA LYS A 830 5.41 15.07 9.39
C LYS A 830 4.94 15.83 8.16
N ILE A 831 3.65 15.72 7.83
CA ILE A 831 3.11 16.44 6.68
C ILE A 831 3.28 17.94 6.85
N ASN A 832 2.89 18.46 8.02
CA ASN A 832 2.97 19.89 8.25
C ASN A 832 4.41 20.38 8.16
N GLN A 833 5.34 19.64 8.74
CA GLN A 833 6.73 20.09 8.75
C GLN A 833 7.33 20.04 7.35
N ALA A 834 6.99 19.02 6.56
CA ALA A 834 7.50 18.96 5.20
C ALA A 834 7.03 20.14 4.38
N LEU A 835 5.73 20.48 4.48
CA LEU A 835 5.22 21.61 3.73
C LEU A 835 5.84 22.92 4.20
N HIS A 836 6.04 23.07 5.52
CA HIS A 836 6.68 24.28 6.03
C HIS A 836 8.08 24.44 5.46
N GLY A 837 8.86 23.35 5.42
CA GLY A 837 10.20 23.43 4.86
C GLY A 837 10.21 23.76 3.39
N ALA A 838 9.28 23.19 2.62
CA ALA A 838 9.22 23.50 1.20
C ALA A 838 8.90 24.97 0.96
N ASN A 839 7.98 25.53 1.74
CA ASN A 839 7.67 26.94 1.58
C ASN A 839 8.83 27.84 1.98
N LEU A 840 9.57 27.48 3.04
CA LEU A 840 10.75 28.25 3.38
C LEU A 840 11.77 28.22 2.25
N ARG A 841 11.94 27.07 1.60
CA ARG A 841 12.85 27.01 0.48
C ARG A 841 12.39 27.87 -0.68
N GLN A 842 11.10 27.91 -0.97
CA GLN A 842 10.60 28.81 -2.02
C GLN A 842 10.96 30.26 -1.73
N ASP A 843 10.76 30.68 -0.47
CA ASP A 843 11.08 32.05 -0.10
C ASP A 843 12.57 32.34 -0.25
N ASP A 844 13.42 31.40 0.15
CA ASP A 844 14.85 31.58 -0.05
C ASP A 844 15.21 31.70 -1.52
N SER A 845 14.59 30.90 -2.38
CA SER A 845 14.90 30.98 -3.82
C SER A 845 14.54 32.35 -4.38
N VAL A 846 13.37 32.87 -4.04
CA VAL A 846 13.04 34.18 -4.61
C VAL A 846 13.93 35.27 -4.03
N ARG A 847 14.23 35.19 -2.73
CA ARG A 847 15.09 36.21 -2.12
C ARG A 847 16.46 36.23 -2.75
N ASN A 848 17.03 35.07 -3.05
CA ASN A 848 18.36 35.04 -3.64
C ASN A 848 18.36 35.30 -5.13
N LEU A 849 17.28 35.01 -5.83
CA LEU A 849 17.21 35.40 -7.23
C LEU A 849 17.15 36.91 -7.36
N PHE A 850 16.41 37.59 -6.51
CA PHE A 850 16.28 39.03 -6.67
C PHE A 850 17.42 39.80 -6.05
N ALA A 851 18.47 39.14 -5.57
CA ALA A 851 19.66 39.82 -5.14
C ALA A 851 20.71 39.90 -6.24
N SER A 852 20.50 39.21 -7.36
CA SER A 852 21.34 39.32 -8.53
C SER A 852 20.65 40.12 -9.63
N VAL A 853 19.32 40.00 -9.73
CA VAL A 853 18.53 40.88 -10.57
C VAL A 853 18.78 42.33 -10.18
N LYS A 854 19.11 42.57 -8.91
CA LYS A 854 19.36 43.91 -8.44
C LYS A 854 20.56 44.52 -9.13
N SER A 855 20.42 45.76 -9.58
CA SER A 855 21.48 46.50 -10.24
C SER A 855 22.02 47.56 -9.31
N SER A 856 23.35 47.66 -9.22
CA SER A 856 23.97 48.61 -8.31
C SER A 856 23.67 50.05 -8.67
N GLN A 857 23.67 50.35 -9.97
CA GLN A 857 23.46 51.70 -10.49
C GLN A 857 22.49 51.61 -11.66
N SER A 858 21.76 52.69 -11.90
CA SER A 858 20.71 52.65 -12.90
C SER A 858 20.40 54.06 -13.35
N SER A 859 19.69 54.15 -14.46
CA SER A 859 19.28 55.40 -15.05
C SER A 859 17.76 55.50 -15.03
N PRO A 860 17.18 56.62 -14.64
CA PRO A 860 15.73 56.70 -14.47
C PRO A 860 14.99 56.46 -15.77
N ILE A 861 13.85 55.78 -15.67
CA ILE A 861 13.02 55.51 -16.84
C ILE A 861 12.10 56.70 -17.07
N ILE A 862 12.13 57.24 -18.28
CA ILE A 862 11.29 58.37 -18.65
C ILE A 862 10.48 57.98 -19.88
N PRO A 863 9.38 58.66 -20.14
CA PRO A 863 8.47 58.21 -21.22
C PRO A 863 9.15 58.02 -22.57
N GLY A 864 10.06 58.89 -22.96
CA GLY A 864 10.88 58.59 -24.12
C GLY A 864 12.24 58.08 -23.70
N PHE A 865 12.39 56.74 -23.68
CA PHE A 865 13.59 56.13 -23.09
C PHE A 865 14.58 55.71 -24.17
N GLY A 866 14.16 54.85 -25.09
CA GLY A 866 14.94 54.61 -26.29
C GLY A 866 14.53 55.63 -27.31
N GLY A 867 15.47 56.44 -27.77
CA GLY A 867 15.14 57.56 -28.63
C GLY A 867 14.32 57.19 -29.85
N ASP A 868 14.93 56.49 -30.80
CA ASP A 868 14.20 56.02 -31.98
C ASP A 868 13.76 54.58 -31.85
N PHE A 869 14.07 53.93 -30.75
CA PHE A 869 13.67 52.54 -30.51
C PHE A 869 12.47 52.55 -29.57
N ASN A 870 11.34 52.02 -30.05
CA ASN A 870 10.17 51.91 -29.19
C ASN A 870 10.42 50.89 -28.09
N LEU A 871 10.08 51.26 -26.86
CA LEU A 871 10.13 50.34 -25.74
C LEU A 871 8.77 50.42 -25.04
N THR A 872 7.94 49.39 -25.24
CA THR A 872 6.71 49.17 -24.48
C THR A 872 6.98 48.47 -23.16
N LEU A 873 8.23 48.45 -22.74
CA LEU A 873 8.63 47.89 -21.46
C LEU A 873 8.54 48.90 -20.33
N LEU A 874 8.22 50.15 -20.65
CA LEU A 874 7.97 51.17 -19.64
C LEU A 874 6.67 50.89 -18.91
N GLU A 875 6.53 51.51 -17.80
CA GLU A 875 5.38 51.34 -16.93
C GLU A 875 4.32 52.38 -17.24
N PRO A 876 3.07 51.98 -17.44
CA PRO A 876 2.00 52.98 -17.57
C PRO A 876 1.64 53.56 -16.20
N VAL A 877 2.39 54.58 -15.79
CA VAL A 877 2.22 55.23 -14.50
C VAL A 877 2.45 54.22 -13.38
N ALA A 886 4.48 50.64 -11.25
CA ALA A 886 3.57 49.54 -11.53
C ALA A 886 4.12 48.65 -12.64
N ARG A 887 3.27 47.77 -13.15
CA ARG A 887 3.67 46.85 -14.20
C ARG A 887 3.97 47.61 -15.48
N SER A 888 4.28 46.86 -16.53
CA SER A 888 4.48 47.40 -17.87
C SER A 888 3.43 46.82 -18.81
N ALA A 889 3.36 47.38 -20.02
CA ALA A 889 2.33 46.98 -20.95
C ALA A 889 2.45 45.51 -21.33
N ILE A 890 3.66 45.06 -21.64
CA ILE A 890 3.83 43.66 -22.04
C ILE A 890 3.61 42.74 -20.85
N GLU A 891 3.97 43.16 -19.65
CA GLU A 891 3.75 42.34 -18.47
C GLU A 891 2.29 42.30 -18.07
N ASP A 892 1.58 43.44 -18.18
CA ASP A 892 0.14 43.43 -18.02
C ASP A 892 -0.52 42.48 -19.00
N LEU A 893 -0.12 42.55 -20.27
CA LEU A 893 -0.69 41.66 -21.28
C LEU A 893 -0.39 40.20 -20.97
N LEU A 894 0.81 39.91 -20.50
CA LEU A 894 1.17 38.55 -20.14
C LEU A 894 0.31 38.02 -19.01
N PHE A 895 0.04 38.86 -18.00
CA PHE A 895 -0.78 38.40 -16.88
C PHE A 895 -2.26 38.33 -17.24
N ASP A 896 -2.72 39.17 -18.17
CA ASP A 896 -4.11 39.15 -18.57
C ASP A 896 -4.41 37.94 -19.45
N LYS A 897 -3.57 37.69 -20.44
CA LYS A 897 -3.85 36.61 -21.39
C LYS A 897 -3.81 35.24 -20.75
N VAL A 898 -3.25 35.12 -19.56
CA VAL A 898 -3.12 33.84 -18.90
C VAL A 898 -4.32 33.62 -17.99
N THR A 899 -4.83 32.39 -17.99
CA THR A 899 -5.99 32.04 -17.16
C THR A 899 -5.52 31.70 -15.76
N ILE A 900 -5.57 32.68 -14.86
CA ILE A 900 -5.19 32.51 -13.46
C ILE A 900 -6.39 32.81 -12.58
N ALA A 901 -6.65 31.94 -11.63
CA ALA A 901 -7.66 32.21 -10.61
C ALA A 901 -7.12 33.25 -9.63
N ASP A 902 -7.97 34.20 -9.25
CA ASP A 902 -7.56 35.20 -8.28
C ASP A 902 -7.40 34.56 -6.92
N PRO A 903 -6.25 34.72 -6.27
CA PRO A 903 -6.05 34.04 -4.97
C PRO A 903 -6.73 34.71 -3.80
N GLY A 904 -6.99 36.00 -3.86
CA GLY A 904 -7.69 36.68 -2.79
C GLY A 904 -6.94 36.70 -1.48
N TYR A 905 -5.83 37.43 -1.42
CA TYR A 905 -5.05 37.52 -0.20
C TYR A 905 -5.64 38.52 0.78
N MET A 906 -6.42 39.48 0.28
CA MET A 906 -6.96 40.52 1.14
C MET A 906 -8.18 40.02 1.91
N GLN A 907 -9.22 39.61 1.18
CA GLN A 907 -10.46 39.11 1.76
C GLN A 907 -11.03 37.99 0.91
N GLY A 908 -10.18 37.05 0.49
CA GLY A 908 -10.68 35.89 -0.23
C GLY A 908 -11.62 35.04 0.60
N TYR A 909 -11.60 35.23 1.92
CA TYR A 909 -12.55 34.59 2.82
C TYR A 909 -13.97 35.10 2.60
N ASP A 910 -14.12 36.42 2.45
CA ASP A 910 -15.44 37.02 2.35
C ASP A 910 -16.07 36.77 0.99
N ASP A 911 -15.25 36.77 -0.07
CA ASP A 911 -15.76 36.62 -1.43
C ASP A 911 -16.37 35.24 -1.65
N CYS A 912 -16.02 34.27 -0.81
CA CYS A 912 -16.48 32.90 -1.04
C CYS A 912 -17.83 32.53 -0.44
N MET A 913 -18.42 33.34 0.46
CA MET A 913 -19.87 33.28 0.57
C MET A 913 -20.62 34.51 0.08
N GLN A 914 -19.97 35.65 -0.07
CA GLN A 914 -20.74 36.69 -0.74
C GLN A 914 -20.97 36.37 -2.20
N GLN A 915 -20.17 35.49 -2.79
CA GLN A 915 -20.43 34.97 -4.12
C GLN A 915 -20.45 33.45 -4.18
N GLY A 916 -19.56 32.79 -3.45
CA GLY A 916 -19.40 31.36 -3.53
C GLY A 916 -18.46 30.92 -4.64
N PRO A 917 -18.60 29.67 -5.07
CA PRO A 917 -17.82 29.19 -6.21
C PRO A 917 -18.18 29.96 -7.46
N ALA A 918 -17.15 30.54 -8.10
CA ALA A 918 -17.37 31.34 -9.30
C ALA A 918 -17.87 30.48 -10.45
N SER A 919 -17.32 29.28 -10.61
CA SER A 919 -17.69 28.40 -11.70
C SER A 919 -17.36 26.97 -11.30
N ALA A 920 -17.33 26.06 -12.26
CA ALA A 920 -17.01 24.67 -11.99
C ALA A 920 -15.62 24.54 -11.39
N ARG A 921 -15.52 23.76 -10.32
CA ARG A 921 -14.24 23.39 -9.70
C ARG A 921 -13.44 24.64 -9.31
N ASP A 922 -14.03 25.41 -8.37
CA ASP A 922 -13.40 26.63 -7.86
C ASP A 922 -12.37 26.22 -6.81
N LEU A 923 -11.16 25.90 -7.29
CA LEU A 923 -10.11 25.41 -6.40
C LEU A 923 -9.62 26.47 -5.43
N ILE A 924 -9.54 27.72 -5.87
CA ILE A 924 -9.08 28.78 -4.99
C ILE A 924 -10.12 29.11 -3.93
N CYS A 925 -11.35 28.62 -4.10
CA CYS A 925 -12.39 28.76 -3.10
C CYS A 925 -12.70 27.46 -2.40
N ALA A 926 -12.22 26.32 -2.90
CA ALA A 926 -12.30 25.07 -2.16
C ALA A 926 -11.44 25.09 -0.91
N GLN A 927 -10.42 25.94 -0.87
CA GLN A 927 -9.82 26.26 0.42
C GLN A 927 -10.85 26.97 1.27
N TYR A 928 -10.63 26.97 2.58
CA TYR A 928 -11.62 27.28 3.61
C TYR A 928 -12.70 26.21 3.67
N VAL A 929 -12.63 25.18 2.84
CA VAL A 929 -13.57 24.06 2.89
C VAL A 929 -12.77 22.78 3.09
N ALA A 930 -11.89 22.48 2.13
CA ALA A 930 -11.12 21.24 2.19
C ALA A 930 -10.21 21.22 3.41
N GLY A 931 -9.48 22.31 3.64
CA GLY A 931 -8.54 22.34 4.73
C GLY A 931 -7.13 22.64 4.28
N TYR A 932 -6.97 23.18 3.09
CA TYR A 932 -5.69 23.66 2.62
C TYR A 932 -5.77 25.16 2.39
N LYS A 933 -4.62 25.77 2.17
CA LYS A 933 -4.51 27.21 2.12
C LYS A 933 -3.36 27.60 1.20
N VAL A 934 -3.60 28.63 0.39
CA VAL A 934 -2.60 29.14 -0.54
C VAL A 934 -1.95 30.35 0.10
N LEU A 935 -0.68 30.31 0.24
CA LEU A 935 0.00 31.39 0.93
C LEU A 935 0.36 32.51 -0.05
N PRO A 936 0.45 33.74 0.43
CA PRO A 936 0.82 34.85 -0.44
C PRO A 936 2.27 34.77 -0.83
N PRO A 937 2.64 35.35 -1.97
CA PRO A 937 4.06 35.43 -2.33
C PRO A 937 4.82 36.39 -1.43
N LEU A 938 6.13 36.23 -1.41
CA LEU A 938 6.99 37.03 -0.55
C LEU A 938 6.96 38.50 -0.93
N MET A 939 6.68 38.81 -2.18
CA MET A 939 6.83 40.15 -2.72
C MET A 939 5.51 40.66 -3.27
N ASP A 940 5.36 41.98 -3.31
CA ASP A 940 4.24 42.59 -4.02
C ASP A 940 4.38 42.37 -5.52
N VAL A 941 3.43 42.92 -6.26
CA VAL A 941 3.67 43.18 -7.66
C VAL A 941 4.49 44.46 -7.83
N ASN A 942 4.36 45.40 -6.89
CA ASN A 942 5.07 46.66 -7.00
C ASN A 942 6.56 46.51 -6.78
N MET A 943 7.00 45.69 -5.82
CA MET A 943 8.43 45.52 -5.66
C MET A 943 9.05 44.69 -6.78
N GLU A 944 8.33 43.70 -7.29
CA GLU A 944 8.82 42.98 -8.46
C GLU A 944 8.94 43.89 -9.67
N ALA A 945 7.94 44.74 -9.89
CA ALA A 945 8.03 45.70 -10.98
C ALA A 945 9.16 46.68 -10.78
N ALA A 946 9.40 47.08 -9.54
CA ALA A 946 10.53 47.96 -9.26
C ALA A 946 11.85 47.29 -9.60
N TYR A 947 11.98 46.01 -9.27
CA TYR A 947 13.20 45.29 -9.61
C TYR A 947 13.41 45.20 -11.11
N THR A 948 12.41 44.79 -11.86
CA THR A 948 12.60 44.69 -13.30
C THR A 948 12.74 46.04 -13.98
N SER A 949 12.16 47.11 -13.44
CA SER A 949 12.38 48.43 -14.00
C SER A 949 13.77 48.95 -13.72
N SER A 950 14.30 48.75 -12.53
CA SER A 950 15.69 49.11 -12.30
C SER A 950 16.62 48.27 -13.15
N LEU A 951 16.23 47.05 -13.51
CA LEU A 951 17.02 46.27 -14.44
C LEU A 951 16.97 46.82 -15.86
N LEU A 952 15.80 47.25 -16.32
CA LEU A 952 15.69 47.86 -17.63
C LEU A 952 16.46 49.17 -17.70
N GLY A 953 16.54 49.89 -16.59
CA GLY A 953 17.22 51.17 -16.61
C GLY A 953 18.72 51.11 -16.56
N SER A 954 19.30 49.92 -16.53
CA SER A 954 20.74 49.77 -16.51
C SER A 954 21.28 49.05 -17.73
N ILE A 955 20.41 48.65 -18.66
CA ILE A 955 20.83 47.80 -19.77
C ILE A 955 21.85 48.51 -20.64
N ALA A 956 21.59 49.77 -20.98
CA ALA A 956 22.54 50.49 -21.83
C ALA A 956 23.86 50.73 -21.10
N GLY A 957 23.82 51.07 -19.84
CA GLY A 957 25.02 51.52 -19.16
C GLY A 957 25.93 50.45 -18.63
N VAL A 958 25.38 49.37 -18.09
CA VAL A 958 26.25 48.29 -17.61
C VAL A 958 26.74 47.46 -18.78
N GLY A 959 26.00 47.45 -19.88
CA GLY A 959 26.33 46.61 -21.02
C GLY A 959 27.20 47.30 -22.03
N TRP A 960 27.88 48.37 -21.60
CA TRP A 960 28.85 49.03 -22.48
C TRP A 960 30.28 48.66 -22.15
N THR A 961 30.66 48.70 -20.87
CA THR A 961 32.06 48.58 -20.50
C THR A 961 32.32 47.37 -19.60
N ALA A 962 33.54 47.28 -19.09
CA ALA A 962 34.08 46.03 -18.57
C ALA A 962 33.37 45.42 -17.36
N GLY A 963 33.45 46.08 -16.21
CA GLY A 963 33.36 45.33 -14.97
C GLY A 963 32.18 45.55 -14.05
N LEU A 964 31.23 46.40 -14.43
CA LEU A 964 30.08 46.72 -13.58
C LEU A 964 30.47 47.32 -12.25
N SER A 965 31.56 48.09 -12.24
CA SER A 965 32.00 48.82 -11.07
C SER A 965 31.54 50.26 -11.26
N SER A 966 31.57 50.71 -12.51
CA SER A 966 31.17 52.03 -12.93
C SER A 966 29.99 51.91 -13.88
N PHE A 967 29.28 53.00 -14.09
CA PHE A 967 28.07 52.97 -14.89
C PHE A 967 28.02 54.18 -15.81
N ALA A 968 28.33 53.99 -17.07
CA ALA A 968 28.30 55.04 -18.06
C ALA A 968 26.86 55.22 -18.54
N ALA A 969 26.26 56.37 -18.23
CA ALA A 969 24.85 56.61 -18.53
C ALA A 969 24.71 57.15 -19.94
N ILE A 970 24.78 56.25 -20.91
CA ILE A 970 24.73 56.61 -22.32
C ILE A 970 23.33 56.33 -22.85
N PRO A 971 22.91 56.93 -23.96
CA PRO A 971 21.60 56.62 -24.52
C PRO A 971 21.50 55.18 -24.99
N PHE A 972 20.26 54.74 -25.18
CA PHE A 972 20.02 53.38 -25.64
C PHE A 972 20.49 53.18 -27.07
N ALA A 973 20.37 54.21 -27.91
CA ALA A 973 20.82 54.08 -29.30
C ALA A 973 22.32 53.88 -29.39
N GLN A 974 23.08 54.59 -28.57
CA GLN A 974 24.52 54.41 -28.55
C GLN A 974 24.87 52.99 -28.13
N SER A 975 24.18 52.46 -27.13
CA SER A 975 24.44 51.11 -26.70
C SER A 975 24.13 50.11 -27.82
N ILE A 976 23.03 50.32 -28.54
CA ILE A 976 22.71 49.41 -29.63
C ILE A 976 23.76 49.48 -30.72
N PHE A 977 24.25 50.67 -31.03
CA PHE A 977 25.25 50.80 -32.07
C PHE A 977 26.57 50.19 -31.66
N TYR A 978 26.93 50.25 -30.38
CA TYR A 978 28.14 49.58 -29.92
C TYR A 978 27.98 48.06 -29.91
N ARG A 979 26.78 47.58 -29.61
CA ARG A 979 26.56 46.13 -29.66
C ARG A 979 26.60 45.63 -31.10
N LEU A 980 26.08 46.42 -32.03
CA LEU A 980 26.13 46.02 -33.45
C LEU A 980 27.53 46.12 -34.00
N ASN A 981 28.24 47.20 -33.73
CA ASN A 981 29.62 47.34 -34.19
C ASN A 981 30.52 46.27 -33.61
N GLY A 982 30.12 45.65 -32.52
CA GLY A 982 30.96 44.71 -31.83
C GLY A 982 30.67 43.32 -32.33
N VAL A 983 29.89 42.55 -31.59
CA VAL A 983 29.60 41.17 -31.99
C VAL A 983 29.05 41.13 -33.40
N GLY A 984 27.89 41.71 -33.62
CA GLY A 984 27.31 41.58 -34.92
C GLY A 984 28.11 42.41 -35.91
N ILE A 985 29.35 42.02 -36.20
CA ILE A 985 30.38 42.94 -36.68
C ILE A 985 29.92 43.67 -37.93
N THR A 986 29.66 44.95 -37.75
CA THR A 986 29.13 45.83 -38.78
C THR A 986 29.85 47.15 -38.57
N GLN A 987 30.69 47.54 -39.52
CA GLN A 987 31.63 48.59 -39.21
C GLN A 987 30.94 49.94 -39.12
N GLN A 988 31.68 50.94 -38.67
CA GLN A 988 31.08 52.20 -38.27
C GLN A 988 30.36 52.88 -39.42
N VAL A 989 30.87 52.73 -40.64
CA VAL A 989 30.29 53.44 -41.78
C VAL A 989 28.82 53.09 -41.93
N LEU A 990 28.48 51.82 -41.80
CA LEU A 990 27.07 51.43 -41.91
C LEU A 990 26.26 51.92 -40.74
N SER A 991 26.70 51.59 -39.53
CA SER A 991 25.90 51.96 -38.36
C SER A 991 25.65 53.45 -38.31
N GLU A 992 26.52 54.25 -38.92
CA GLU A 992 26.25 55.67 -39.06
C GLU A 992 25.57 56.00 -40.38
N ASN A 993 25.41 55.03 -41.27
CA ASN A 993 24.73 55.24 -42.54
C ASN A 993 23.28 54.79 -42.54
N GLN A 994 22.78 54.25 -41.44
CA GLN A 994 21.42 53.75 -41.37
C GLN A 994 20.69 54.19 -40.10
N LYS A 995 19.44 54.60 -40.28
CA LYS A 995 18.44 54.67 -39.23
C LYS A 995 17.27 53.76 -39.53
N LEU A 996 17.34 52.99 -40.61
CA LEU A 996 16.43 51.86 -40.79
C LEU A 996 16.74 50.73 -39.82
N ILE A 997 17.88 50.81 -39.14
CA ILE A 997 18.16 49.86 -38.06
C ILE A 997 17.12 50.02 -36.96
N ALA A 998 16.81 51.26 -36.59
CA ALA A 998 15.74 51.48 -35.62
C ALA A 998 14.40 50.99 -36.15
N ASN A 999 14.16 51.15 -37.44
CA ASN A 999 12.89 50.67 -38.01
C ASN A 999 12.78 49.16 -37.90
N LYS A 1000 13.86 48.44 -38.20
CA LYS A 1000 13.82 46.99 -38.10
C LYS A 1000 13.70 46.53 -36.65
N PHE A 1001 14.36 47.22 -35.73
CA PHE A 1001 14.22 46.92 -34.32
C PHE A 1001 12.79 47.10 -33.86
N ASN A 1002 12.18 48.23 -34.24
CA ASN A 1002 10.79 48.49 -33.88
C ASN A 1002 9.85 47.50 -34.52
N GLN A 1003 10.14 47.05 -35.75
CA GLN A 1003 9.31 46.01 -36.34
C GLN A 1003 9.38 44.73 -35.54
N ALA A 1004 10.56 44.33 -35.10
CA ALA A 1004 10.67 43.11 -34.31
C ALA A 1004 9.91 43.24 -33.00
N LEU A 1005 10.13 44.33 -32.27
CA LEU A 1005 9.46 44.48 -30.98
C LEU A 1005 7.95 44.59 -31.15
N GLY A 1006 7.47 45.28 -32.18
CA GLY A 1006 6.05 45.36 -32.41
C GLY A 1006 5.45 44.02 -32.78
N ALA A 1007 6.08 43.29 -33.70
CA ALA A 1007 5.58 41.97 -34.06
C ALA A 1007 5.59 41.01 -32.89
N MET A 1008 6.38 41.30 -31.86
CA MET A 1008 6.27 40.53 -30.63
C MET A 1008 4.91 40.66 -29.97
N GLN A 1009 4.41 41.88 -29.80
CA GLN A 1009 3.30 42.10 -28.87
C GLN A 1009 1.95 41.79 -29.46
N THR A 1010 1.88 41.25 -30.67
CA THR A 1010 0.62 40.77 -31.20
C THR A 1010 0.39 39.30 -30.84
N GLY A 1011 1.42 38.48 -30.97
CA GLY A 1011 1.27 37.04 -30.83
C GLY A 1011 1.51 36.43 -29.47
N PHE A 1012 0.64 36.69 -28.51
CA PHE A 1012 0.58 35.88 -27.29
C PHE A 1012 -0.47 34.78 -27.46
N THR A 1013 -0.34 34.05 -28.56
CA THR A 1013 -1.33 33.08 -28.98
C THR A 1013 -0.82 31.67 -28.69
N THR A 1014 -1.64 30.68 -29.05
CA THR A 1014 -1.28 29.29 -28.78
C THR A 1014 -0.06 28.85 -29.58
N THR A 1015 0.22 29.51 -30.70
CA THR A 1015 1.42 29.16 -31.45
C THR A 1015 2.69 29.57 -30.72
N ASN A 1016 2.60 30.56 -29.84
CA ASN A 1016 3.74 30.99 -29.05
C ASN A 1016 4.03 29.94 -27.99
N GLU A 1017 5.24 29.38 -28.03
CA GLU A 1017 5.56 28.21 -27.24
C GLU A 1017 6.01 28.53 -25.82
N ALA A 1018 6.52 29.74 -25.57
CA ALA A 1018 6.84 30.14 -24.20
C ALA A 1018 5.59 30.51 -23.42
N PHE A 1019 4.63 31.15 -24.09
CA PHE A 1019 3.36 31.42 -23.46
C PHE A 1019 2.67 30.13 -23.05
N GLN A 1020 2.80 29.09 -23.87
CA GLN A 1020 2.26 27.80 -23.49
C GLN A 1020 2.93 27.25 -22.25
N LYS A 1021 4.22 27.50 -22.08
CA LYS A 1021 4.89 27.06 -20.86
C LYS A 1021 4.38 27.81 -19.64
N VAL A 1022 4.14 29.11 -19.78
CA VAL A 1022 3.55 29.86 -18.67
C VAL A 1022 2.21 29.25 -18.29
N GLN A 1023 1.37 28.97 -19.28
CA GLN A 1023 0.08 28.35 -19.00
C GLN A 1023 0.24 26.97 -18.39
N ASP A 1024 1.24 26.21 -18.81
CA ASP A 1024 1.49 24.90 -18.24
C ASP A 1024 1.83 24.98 -16.76
N ALA A 1025 2.66 25.95 -16.38
CA ALA A 1025 2.98 26.12 -14.96
C ALA A 1025 1.75 26.47 -14.14
N VAL A 1026 0.92 27.38 -14.66
CA VAL A 1026 -0.32 27.72 -13.98
C VAL A 1026 -1.20 26.49 -13.83
N ASN A 1027 -1.30 25.69 -14.89
CA ASN A 1027 -2.13 24.49 -14.83
C ASN A 1027 -1.58 23.48 -13.85
N ASN A 1028 -0.27 23.37 -13.71
CA ASN A 1028 0.28 22.45 -12.73
C ASN A 1028 -0.10 22.86 -11.32
N ASN A 1029 -0.03 24.15 -11.01
CA ASN A 1029 -0.52 24.61 -9.71
C ASN A 1029 -1.97 24.21 -9.51
N ALA A 1030 -2.82 24.48 -10.50
CA ALA A 1030 -4.23 24.15 -10.38
C ALA A 1030 -4.48 22.66 -10.19
N GLN A 1031 -3.75 21.80 -10.90
CA GLN A 1031 -3.97 20.38 -10.73
C GLN A 1031 -3.54 19.91 -9.36
N ALA A 1032 -2.42 20.43 -8.86
CA ALA A 1032 -2.00 20.09 -7.51
C ALA A 1032 -3.12 20.38 -6.52
N LEU A 1033 -3.76 21.54 -6.63
CA LEU A 1033 -4.85 21.81 -5.70
C LEU A 1033 -6.08 20.93 -5.95
N SER A 1034 -6.40 20.67 -7.22
CA SER A 1034 -7.63 19.96 -7.53
C SER A 1034 -7.59 18.52 -7.07
N LYS A 1035 -6.42 17.88 -7.05
CA LYS A 1035 -6.39 16.51 -6.54
C LYS A 1035 -6.75 16.45 -5.06
N LEU A 1036 -6.22 17.38 -4.26
CA LEU A 1036 -6.64 17.46 -2.86
C LEU A 1036 -8.14 17.66 -2.78
N ALA A 1037 -8.68 18.62 -3.54
CA ALA A 1037 -10.11 18.89 -3.44
C ALA A 1037 -10.93 17.69 -3.84
N SER A 1038 -10.46 16.90 -4.80
CA SER A 1038 -11.25 15.82 -5.36
C SER A 1038 -11.13 14.52 -4.58
N GLU A 1039 -10.08 14.36 -3.78
CA GLU A 1039 -9.96 13.12 -3.02
C GLU A 1039 -10.79 13.11 -1.75
N LEU A 1040 -11.49 14.19 -1.44
CA LEU A 1040 -12.37 14.19 -0.29
C LEU A 1040 -13.71 13.54 -0.57
N SER A 1041 -14.06 13.33 -1.84
CA SER A 1041 -15.27 12.62 -2.20
C SER A 1041 -15.04 11.14 -2.43
N ASN A 1042 -13.81 10.68 -2.26
CA ASN A 1042 -13.51 9.26 -2.36
C ASN A 1042 -13.92 8.54 -1.08
N THR A 1043 -14.46 7.34 -1.23
CA THR A 1043 -14.94 6.59 -0.08
C THR A 1043 -13.93 5.58 0.46
N PHE A 1044 -12.96 5.18 -0.35
CA PHE A 1044 -11.94 4.22 0.06
C PHE A 1044 -12.55 2.92 0.55
N GLY A 1045 -13.75 2.60 0.07
CA GLY A 1045 -14.42 1.37 0.44
C GLY A 1045 -15.37 1.49 1.61
N ALA A 1046 -15.56 2.68 2.17
CA ALA A 1046 -16.50 2.84 3.26
C ALA A 1046 -17.93 2.97 2.71
N ILE A 1047 -18.90 2.94 3.62
CA ILE A 1047 -20.28 3.08 3.21
C ILE A 1047 -20.58 4.49 2.70
N SER A 1048 -19.73 5.44 3.03
CA SER A 1048 -19.92 6.81 2.56
C SER A 1048 -18.60 7.55 2.69
N ALA A 1049 -18.48 8.63 1.95
CA ALA A 1049 -17.33 9.52 2.07
C ALA A 1049 -17.56 10.62 3.09
N SER A 1050 -18.71 10.65 3.74
CA SER A 1050 -19.00 11.64 4.77
C SER A 1050 -18.91 10.99 6.13
N ILE A 1051 -18.18 11.63 7.05
CA ILE A 1051 -18.04 11.09 8.39
C ILE A 1051 -19.36 11.20 9.14
N GLY A 1052 -20.08 12.30 8.95
CA GLY A 1052 -21.39 12.44 9.56
C GLY A 1052 -22.38 11.36 9.15
N ASP A 1053 -22.37 10.96 7.88
CA ASP A 1053 -23.22 9.87 7.43
C ASP A 1053 -22.87 8.57 8.14
N ILE A 1054 -21.58 8.25 8.24
CA ILE A 1054 -21.17 7.02 8.92
C ILE A 1054 -21.58 7.06 10.37
N ILE A 1055 -21.36 8.19 11.04
CA ILE A 1055 -21.75 8.31 12.43
C ILE A 1055 -23.26 8.14 12.59
N GLN A 1056 -24.03 8.65 11.63
CA GLN A 1056 -25.48 8.54 11.71
C GLN A 1056 -25.97 7.12 11.48
N ARG A 1057 -25.32 6.37 10.60
CA ARG A 1057 -25.87 5.09 10.17
C ARG A 1057 -25.40 3.90 11.00
N LEU A 1058 -24.26 3.96 11.65
CA LEU A 1058 -23.68 2.78 12.28
C LEU A 1058 -23.52 2.99 13.78
N ASP A 1059 -23.10 1.93 14.46
CA ASP A 1059 -22.82 1.88 15.87
C ASP A 1059 -21.32 1.79 16.11
N PRO A 1060 -20.84 2.26 17.25
CA PRO A 1060 -19.40 2.54 17.41
C PRO A 1060 -18.50 1.37 17.06
N PRO A 1061 -18.82 0.12 17.42
CA PRO A 1061 -17.87 -0.96 17.11
C PRO A 1061 -17.42 -1.01 15.65
N GLU A 1062 -18.35 -0.88 14.70
CA GLU A 1062 -17.99 -0.85 13.29
C GLU A 1062 -18.02 0.55 12.71
N GLN A 1063 -18.60 1.52 13.42
CA GLN A 1063 -18.38 2.92 13.10
C GLN A 1063 -16.90 3.24 13.05
N ASP A 1064 -16.14 2.75 14.04
CA ASP A 1064 -14.70 2.98 14.04
C ASP A 1064 -14.04 2.32 12.84
N ALA A 1065 -14.43 1.10 12.50
CA ALA A 1065 -13.83 0.40 11.39
C ALA A 1065 -14.10 1.09 10.07
N GLN A 1066 -15.26 1.74 9.92
CA GLN A 1066 -15.54 2.49 8.71
C GLN A 1066 -14.82 3.82 8.68
N ILE A 1067 -14.70 4.51 9.81
CA ILE A 1067 -14.00 5.79 9.83
C ILE A 1067 -12.51 5.59 9.58
N ASP A 1068 -11.97 4.46 10.02
CA ASP A 1068 -10.55 4.17 9.82
C ASP A 1068 -10.18 4.09 8.36
N ARG A 1069 -11.08 3.56 7.52
CA ARG A 1069 -10.80 3.51 6.10
C ARG A 1069 -10.60 4.90 5.51
N LEU A 1070 -11.49 5.83 5.85
CA LEU A 1070 -11.34 7.20 5.40
C LEU A 1070 -10.07 7.83 5.95
N ILE A 1071 -9.75 7.58 7.21
CA ILE A 1071 -8.54 8.16 7.80
C ILE A 1071 -7.31 7.71 7.01
N ASN A 1072 -7.19 6.41 6.78
CA ASN A 1072 -6.00 5.91 6.07
C ASN A 1072 -5.96 6.39 4.63
N GLY A 1073 -7.11 6.41 3.94
CA GLY A 1073 -7.12 6.87 2.57
C GLY A 1073 -6.69 8.32 2.46
N ARG A 1074 -7.24 9.18 3.30
CA ARG A 1074 -6.89 10.59 3.27
C ARG A 1074 -5.44 10.83 3.68
N LEU A 1075 -4.93 10.10 4.66
CA LEU A 1075 -3.52 10.25 5.00
C LEU A 1075 -2.61 9.85 3.84
N THR A 1076 -2.93 8.78 3.12
CA THR A 1076 -2.06 8.40 2.01
C THR A 1076 -2.15 9.40 0.86
N THR A 1077 -3.34 9.90 0.53
CA THR A 1077 -3.39 10.93 -0.51
C THR A 1077 -2.62 12.17 -0.11
N LEU A 1078 -2.68 12.54 1.15
CA LEU A 1078 -1.98 13.72 1.62
C LEU A 1078 -0.46 13.52 1.60
N ASN A 1079 0.02 12.32 1.94
CA ASN A 1079 1.44 12.01 1.79
C ASN A 1079 1.88 12.06 0.33
N ALA A 1080 1.06 11.55 -0.58
CA ALA A 1080 1.40 11.64 -2.00
C ALA A 1080 1.50 13.09 -2.45
N PHE A 1081 0.58 13.93 -1.99
CA PHE A 1081 0.64 15.36 -2.31
C PHE A 1081 1.94 15.97 -1.82
N VAL A 1082 2.34 15.64 -0.58
CA VAL A 1082 3.57 16.21 -0.05
C VAL A 1082 4.78 15.78 -0.85
N ALA A 1083 4.84 14.50 -1.24
CA ALA A 1083 5.98 14.02 -2.01
C ALA A 1083 6.07 14.71 -3.37
N GLN A 1084 4.95 14.83 -4.06
CA GLN A 1084 4.99 15.52 -5.34
C GLN A 1084 5.34 16.99 -5.19
N GLN A 1085 4.88 17.65 -4.14
CA GLN A 1085 5.26 19.02 -3.88
C GLN A 1085 6.75 19.19 -3.66
N LEU A 1086 7.37 18.26 -2.95
CA LEU A 1086 8.81 18.29 -2.79
C LEU A 1086 9.55 18.15 -4.12
N VAL A 1087 9.10 17.24 -4.98
CA VAL A 1087 9.74 17.12 -6.28
C VAL A 1087 9.61 18.41 -7.08
N ARG A 1088 8.41 18.99 -7.09
CA ARG A 1088 8.18 20.21 -7.86
C ARG A 1088 9.03 21.37 -7.35
N SER A 1089 9.10 21.56 -6.03
CA SER A 1089 9.93 22.63 -5.50
C SER A 1089 11.41 22.40 -5.76
N GLU A 1090 11.86 21.15 -5.71
CA GLU A 1090 13.25 20.86 -6.04
C GLU A 1090 13.59 21.24 -7.46
N SER A 1091 12.72 20.95 -8.42
CA SER A 1091 13.01 21.35 -9.80
C SER A 1091 12.91 22.86 -10.02
N ALA A 1092 11.95 23.52 -9.39
CA ALA A 1092 11.85 24.96 -9.53
C ALA A 1092 13.04 25.69 -8.94
N ALA A 1093 13.65 25.16 -7.88
CA ALA A 1093 14.85 25.76 -7.33
C ALA A 1093 16.05 25.69 -8.27
N LEU A 1094 16.12 24.67 -9.13
CA LEU A 1094 17.15 24.62 -10.15
C LEU A 1094 16.88 25.55 -11.31
N SER A 1095 15.63 25.64 -11.75
CA SER A 1095 15.35 26.58 -12.81
C SER A 1095 15.50 28.03 -12.37
N ALA A 1096 15.37 28.31 -11.06
CA ALA A 1096 15.68 29.65 -10.60
C ALA A 1096 17.15 30.00 -10.75
N GLN A 1097 18.05 29.04 -10.51
CA GLN A 1097 19.46 29.26 -10.81
C GLN A 1097 19.69 29.47 -12.30
N LEU A 1098 18.99 28.72 -13.15
CA LEU A 1098 19.12 28.97 -14.57
C LEU A 1098 18.68 30.38 -14.94
N ALA A 1099 17.59 30.87 -14.33
CA ALA A 1099 17.14 32.23 -14.59
C ALA A 1099 18.15 33.26 -14.10
N LYS A 1100 18.78 33.02 -12.96
CA LYS A 1100 19.84 33.91 -12.51
C LYS A 1100 21.00 33.96 -13.49
N ASP A 1101 21.40 32.80 -14.01
CA ASP A 1101 22.46 32.77 -15.01
C ASP A 1101 22.07 33.53 -16.27
N LYS A 1102 20.81 33.42 -16.70
CA LYS A 1102 20.37 34.14 -17.89
C LYS A 1102 20.28 35.63 -17.66
N VAL A 1103 19.91 36.08 -16.47
CA VAL A 1103 19.89 37.50 -16.21
C VAL A 1103 21.31 38.05 -16.23
N ASN A 1104 22.25 37.34 -15.62
CA ASN A 1104 23.62 37.85 -15.63
C ASN A 1104 24.29 37.75 -16.98
N GLU A 1105 23.95 36.74 -17.77
CA GLU A 1105 24.60 36.46 -19.04
C GLU A 1105 23.99 37.22 -20.20
N CYS A 1106 22.65 37.29 -20.25
CA CYS A 1106 21.96 37.80 -21.43
C CYS A 1106 21.43 39.21 -21.26
N VAL A 1107 21.01 39.61 -20.06
CA VAL A 1107 20.40 40.90 -19.86
C VAL A 1107 21.43 41.95 -19.46
N LYS A 1108 22.30 41.63 -18.52
CA LYS A 1108 23.29 42.59 -18.04
C LYS A 1108 24.55 42.62 -18.88
N ALA A 1109 24.59 41.84 -19.96
CA ALA A 1109 25.73 41.85 -20.86
C ALA A 1109 25.28 41.33 -22.21
N GLN A 1110 26.13 41.50 -23.21
CA GLN A 1110 25.91 40.89 -24.51
C GLN A 1110 26.69 39.58 -24.58
N SER A 1111 26.07 38.55 -25.09
CA SER A 1111 26.61 37.21 -25.01
C SER A 1111 27.32 36.80 -26.30
N LYS A 1112 28.49 36.18 -26.14
CA LYS A 1112 29.21 35.57 -27.25
C LYS A 1112 28.75 34.15 -27.53
N ARG A 1113 28.20 33.47 -26.53
CA ARG A 1113 27.72 32.11 -26.73
C ARG A 1113 26.56 32.10 -27.71
N SER A 1114 26.57 31.14 -28.61
CA SER A 1114 25.46 30.98 -29.53
C SER A 1114 24.43 30.06 -28.89
N GLY A 1115 23.17 30.33 -29.17
CA GLY A 1115 22.09 29.52 -28.67
C GLY A 1115 21.70 29.74 -27.22
N PHE A 1116 22.59 30.29 -26.40
CA PHE A 1116 22.24 30.43 -24.99
C PHE A 1116 21.15 31.47 -24.79
N CYS A 1117 21.30 32.65 -25.38
CA CYS A 1117 20.26 33.64 -25.25
C CYS A 1117 19.15 33.40 -26.25
N GLY A 1118 19.43 33.52 -27.53
CA GLY A 1118 18.43 33.15 -28.50
C GLY A 1118 19.06 32.56 -29.74
N GLN A 1119 18.44 32.79 -30.89
CA GLN A 1119 19.02 32.43 -32.15
C GLN A 1119 19.68 33.65 -32.78
N GLY A 1120 20.35 33.43 -33.90
CA GLY A 1120 21.09 34.53 -34.46
C GLY A 1120 22.27 34.85 -33.56
N THR A 1121 22.75 36.08 -33.64
CA THR A 1121 23.75 36.58 -32.73
C THR A 1121 23.08 37.54 -31.76
N HIS A 1122 23.27 37.29 -30.48
CA HIS A 1122 22.59 38.03 -29.44
C HIS A 1122 22.96 39.50 -29.51
N ILE A 1123 21.96 40.37 -29.46
CA ILE A 1123 22.17 41.82 -29.38
C ILE A 1123 21.80 42.35 -28.01
N VAL A 1124 20.54 42.15 -27.59
CA VAL A 1124 20.09 42.71 -26.32
C VAL A 1124 18.94 41.89 -25.80
N SER A 1125 18.80 41.79 -24.48
CA SER A 1125 17.73 41.03 -23.88
C SER A 1125 17.01 41.86 -22.83
N PHE A 1126 15.71 41.59 -22.69
CA PHE A 1126 14.86 42.20 -21.67
C PHE A 1126 14.20 41.10 -20.87
N VAL A 1127 13.78 41.41 -19.65
CA VAL A 1127 13.09 40.45 -18.81
C VAL A 1127 11.98 41.16 -18.05
N VAL A 1128 10.83 40.50 -17.94
CA VAL A 1128 9.72 40.94 -17.11
C VAL A 1128 9.26 39.79 -16.24
N ASN A 1129 8.35 40.07 -15.32
CA ASN A 1129 7.78 39.02 -14.49
C ASN A 1129 6.66 38.30 -15.21
N ALA A 1130 6.63 36.98 -15.06
CA ALA A 1130 5.56 36.15 -15.54
C ALA A 1130 5.01 35.37 -14.35
N PRO A 1131 3.77 34.89 -14.44
CA PRO A 1131 3.25 34.03 -13.38
C PRO A 1131 4.22 32.91 -13.05
N ASN A 1132 4.74 32.95 -11.82
CA ASN A 1132 5.64 31.95 -11.25
C ASN A 1132 7.03 31.97 -11.87
N GLY A 1133 7.48 33.09 -12.42
CA GLY A 1133 8.82 33.08 -12.97
C GLY A 1133 9.13 34.34 -13.76
N LEU A 1134 10.07 34.21 -14.68
CA LEU A 1134 10.57 35.32 -15.47
C LEU A 1134 10.35 35.05 -16.94
N TYR A 1135 10.13 36.11 -17.69
CA TYR A 1135 9.91 36.05 -19.13
C TYR A 1135 10.96 36.89 -19.83
N PHE A 1136 11.75 36.27 -20.68
CA PHE A 1136 12.85 36.90 -21.38
C PHE A 1136 12.49 37.16 -22.83
N MET A 1137 12.88 38.31 -23.35
CA MET A 1137 12.81 38.62 -24.77
C MET A 1137 14.23 38.84 -25.25
N HIS A 1138 14.73 37.96 -26.09
CA HIS A 1138 16.08 38.03 -26.61
C HIS A 1138 16.05 38.57 -28.03
N VAL A 1139 16.55 39.78 -28.23
CA VAL A 1139 16.66 40.39 -29.55
C VAL A 1139 18.02 40.02 -30.14
N GLY A 1140 17.98 39.33 -31.28
CA GLY A 1140 19.18 38.92 -31.97
C GLY A 1140 19.14 39.32 -33.43
N TYR A 1141 20.26 39.11 -34.09
CA TYR A 1141 20.55 39.60 -35.43
C TYR A 1141 20.48 38.44 -36.40
N TYR A 1142 19.64 38.56 -37.42
CA TYR A 1142 19.38 37.45 -38.35
C TYR A 1142 19.75 37.85 -39.78
N PRO A 1143 20.83 37.35 -40.33
CA PRO A 1143 21.21 37.70 -41.70
C PRO A 1143 20.49 36.85 -42.73
N SER A 1144 20.21 37.46 -43.89
CA SER A 1144 19.38 36.77 -44.88
C SER A 1144 20.06 36.49 -46.21
N ASN A 1145 20.52 37.50 -46.95
CA ASN A 1145 20.85 37.33 -48.36
C ASN A 1145 22.35 37.18 -48.52
N HIS A 1146 22.80 35.95 -48.78
CA HIS A 1146 24.22 35.64 -48.81
C HIS A 1146 24.70 35.54 -50.25
N ILE A 1147 25.53 36.50 -50.66
CA ILE A 1147 26.31 36.42 -51.90
C ILE A 1147 27.58 35.69 -51.54
N GLU A 1148 28.38 35.23 -52.52
CA GLU A 1148 29.45 34.39 -51.98
C GLU A 1148 30.65 35.18 -51.48
N VAL A 1149 31.76 35.22 -52.22
CA VAL A 1149 32.71 36.30 -52.49
C VAL A 1149 33.97 35.48 -52.70
N VAL A 1150 35.01 36.02 -53.31
CA VAL A 1150 36.35 35.41 -53.22
C VAL A 1150 37.19 36.25 -52.28
N SER A 1151 37.97 35.59 -51.41
CA SER A 1151 38.63 36.27 -50.32
C SER A 1151 40.03 35.71 -50.09
N ALA A 1152 40.89 36.56 -49.52
CA ALA A 1152 42.29 36.25 -49.27
C ALA A 1152 42.60 36.19 -47.79
N TYR A 1153 43.53 35.29 -47.43
CA TYR A 1153 43.90 35.15 -46.03
C TYR A 1153 44.62 36.39 -45.52
N GLY A 1154 45.54 36.93 -46.31
CA GLY A 1154 46.28 38.11 -45.93
C GLY A 1154 46.92 38.70 -47.16
N LEU A 1155 47.59 39.83 -46.98
CA LEU A 1155 48.24 40.53 -48.08
C LEU A 1155 49.66 40.87 -47.67
N CYS A 1156 50.62 40.53 -48.53
CA CYS A 1156 52.01 40.88 -48.31
C CYS A 1156 52.47 41.78 -49.45
N ASP A 1157 53.51 42.55 -49.17
CA ASP A 1157 54.13 43.39 -50.19
C ASP A 1157 55.11 42.56 -50.99
N ALA A 1158 54.94 42.53 -52.31
CA ALA A 1158 55.82 41.71 -53.13
C ALA A 1158 57.27 42.17 -53.03
N ALA A 1159 57.50 43.47 -53.03
CA ALA A 1159 58.86 43.99 -52.90
C ALA A 1159 59.47 43.61 -51.57
N ASN A 1160 58.71 43.71 -50.48
CA ASN A 1160 59.18 43.39 -49.13
C ASN A 1160 58.25 42.32 -48.58
N PRO A 1161 58.51 41.06 -48.85
CA PRO A 1161 57.55 40.01 -48.47
C PRO A 1161 57.49 39.76 -46.97
N THR A 1162 58.18 40.59 -46.19
CA THR A 1162 58.11 40.50 -44.75
C THR A 1162 57.00 41.38 -44.17
N ASN A 1163 56.61 42.43 -44.89
CA ASN A 1163 55.54 43.33 -44.45
C ASN A 1163 54.21 42.75 -44.90
N CYS A 1164 53.44 42.21 -43.95
CA CYS A 1164 52.18 41.56 -44.26
C CYS A 1164 51.10 41.99 -43.29
N ILE A 1165 49.85 42.04 -43.78
CA ILE A 1165 48.71 42.44 -42.97
C ILE A 1165 47.62 41.39 -43.05
N ALA A 1166 46.76 41.41 -42.05
CA ALA A 1166 45.57 40.57 -41.97
C ALA A 1166 44.43 41.43 -41.51
N PRO A 1167 43.19 41.06 -41.84
CA PRO A 1167 42.05 41.86 -41.40
C PRO A 1167 41.65 41.54 -39.97
N VAL A 1168 41.03 42.52 -39.31
CA VAL A 1168 40.51 42.35 -37.97
C VAL A 1168 39.00 42.47 -38.03
N ASN A 1169 38.31 41.46 -37.51
CA ASN A 1169 36.85 41.44 -37.48
C ASN A 1169 36.25 41.63 -38.87
N GLY A 1170 36.82 40.94 -39.85
CA GLY A 1170 36.36 41.13 -41.22
C GLY A 1170 37.24 40.37 -42.18
N TYR A 1171 37.00 40.63 -43.46
CA TYR A 1171 37.67 39.89 -44.51
C TYR A 1171 38.21 40.83 -45.57
N PHE A 1172 39.25 40.35 -46.24
CA PHE A 1172 39.75 40.97 -47.46
C PHE A 1172 39.02 40.37 -48.64
N ILE A 1173 38.31 41.20 -49.40
CA ILE A 1173 37.49 40.73 -50.51
C ILE A 1173 38.00 41.34 -51.80
N LYS A 1174 38.05 40.51 -52.84
CA LYS A 1174 38.36 40.95 -54.19
C LYS A 1174 37.15 41.70 -54.73
N THR A 1175 37.19 43.02 -54.68
CA THR A 1175 36.08 43.82 -55.17
C THR A 1175 36.08 43.84 -56.69
N ASN A 1176 34.91 43.71 -57.29
CA ASN A 1176 34.74 43.70 -58.73
C ASN A 1176 34.08 44.98 -59.25
N ASN A 1177 34.24 46.08 -58.53
CA ASN A 1177 33.63 47.35 -58.92
C ASN A 1177 34.67 48.42 -59.17
N ASP A 1182 40.74 49.67 -56.46
CA ASP A 1182 41.80 48.82 -55.96
C ASP A 1182 41.38 47.36 -56.02
N GLU A 1183 42.34 46.45 -56.21
CA GLU A 1183 42.00 45.04 -56.35
C GLU A 1183 41.36 44.49 -55.09
N TRP A 1184 41.85 44.90 -53.93
CA TRP A 1184 41.44 44.33 -52.65
C TRP A 1184 40.78 45.39 -51.78
N SER A 1185 39.66 45.05 -51.16
CA SER A 1185 39.03 45.94 -50.21
C SER A 1185 38.68 45.14 -48.96
N TYR A 1186 38.11 45.81 -47.97
CA TYR A 1186 37.81 45.20 -46.69
C TYR A 1186 36.32 45.22 -46.46
N THR A 1187 35.80 44.17 -45.83
CA THR A 1187 34.40 44.16 -45.45
C THR A 1187 34.26 43.65 -44.03
N GLY A 1188 33.27 44.18 -43.32
CA GLY A 1188 33.01 43.70 -41.98
C GLY A 1188 32.50 42.28 -41.99
N SER A 1189 32.59 41.64 -40.83
CA SER A 1189 32.37 40.20 -40.78
C SER A 1189 30.93 39.81 -41.02
N SER A 1190 29.98 40.64 -40.60
CA SER A 1190 28.58 40.25 -40.55
C SER A 1190 27.69 40.99 -41.53
N PHE A 1191 28.26 41.81 -42.42
CA PHE A 1191 27.46 42.53 -43.39
C PHE A 1191 28.37 42.91 -44.54
N TYR A 1192 27.90 42.68 -45.76
CA TYR A 1192 28.72 42.94 -46.94
C TYR A 1192 28.64 44.40 -47.31
N ALA A 1193 29.74 45.12 -47.14
CA ALA A 1193 29.84 46.52 -47.52
C ALA A 1193 31.31 46.89 -47.72
N PRO A 1194 31.85 46.73 -48.92
CA PRO A 1194 33.29 46.89 -49.12
C PRO A 1194 33.79 48.29 -48.82
N GLU A 1195 35.05 48.36 -48.39
CA GLU A 1195 35.66 49.59 -47.92
C GLU A 1195 37.14 49.59 -48.26
N PRO A 1196 37.76 50.76 -48.29
CA PRO A 1196 39.22 50.81 -48.46
C PRO A 1196 39.92 50.18 -47.27
N ILE A 1197 41.07 49.59 -47.54
CA ILE A 1197 41.90 48.98 -46.51
C ILE A 1197 42.75 50.06 -45.85
N THR A 1198 42.59 50.22 -44.55
CA THR A 1198 43.32 51.22 -43.79
C THR A 1198 44.03 50.54 -42.62
N SER A 1199 44.79 51.34 -41.87
CA SER A 1199 45.45 50.81 -40.69
C SER A 1199 44.47 50.58 -39.54
N LEU A 1200 43.22 50.99 -39.69
CA LEU A 1200 42.22 50.84 -38.65
C LEU A 1200 41.47 49.53 -38.72
N ASN A 1201 41.54 48.81 -39.84
CA ASN A 1201 40.86 47.52 -39.96
C ASN A 1201 41.84 46.40 -40.29
N THR A 1202 43.12 46.60 -40.06
CA THR A 1202 44.13 45.60 -40.34
C THR A 1202 45.10 45.52 -39.18
N LYS A 1203 45.87 44.43 -39.16
CA LYS A 1203 46.94 44.28 -38.20
C LYS A 1203 48.13 43.63 -38.89
N TYR A 1204 49.33 43.99 -38.45
CA TYR A 1204 50.54 43.46 -39.04
C TYR A 1204 50.80 42.06 -38.51
N VAL A 1205 51.11 41.13 -39.42
CA VAL A 1205 51.28 39.73 -39.06
C VAL A 1205 52.54 39.19 -39.71
N ALA A 1206 52.97 38.03 -39.22
CA ALA A 1206 54.08 37.33 -39.82
C ALA A 1206 53.66 36.72 -41.15
N PRO A 1207 54.55 36.68 -42.13
CA PRO A 1207 54.18 36.19 -43.46
C PRO A 1207 53.79 34.72 -43.43
N GLN A 1208 53.11 34.31 -44.49
CA GLN A 1208 52.57 32.96 -44.56
C GLN A 1208 52.44 32.58 -46.03
N VAL A 1209 52.46 31.27 -46.29
CA VAL A 1209 52.49 30.82 -47.67
C VAL A 1209 51.18 31.12 -48.39
N THR A 1210 50.07 31.22 -47.66
CA THR A 1210 48.77 31.47 -48.26
C THR A 1210 48.50 32.95 -48.48
N TYR A 1211 49.41 33.83 -48.10
CA TYR A 1211 49.17 35.26 -48.25
C TYR A 1211 49.48 35.71 -49.67
N GLN A 1212 48.72 36.68 -50.15
CA GLN A 1212 48.89 37.17 -51.50
C GLN A 1212 50.03 38.15 -51.59
N ASN A 1213 50.86 38.01 -52.62
CA ASN A 1213 52.01 38.88 -52.85
C ASN A 1213 51.63 39.92 -53.90
N ILE A 1214 51.00 40.99 -53.46
CA ILE A 1214 50.54 42.02 -54.38
C ILE A 1214 51.65 43.02 -54.61
N SER A 1215 51.71 43.57 -55.82
CA SER A 1215 52.78 44.48 -56.17
C SER A 1215 52.28 45.76 -56.85
N THR A 1216 51.16 45.67 -57.58
CA THR A 1216 50.81 46.77 -58.47
C THR A 1216 50.18 47.94 -57.71
N ASN A 1217 49.02 47.74 -57.10
CA ASN A 1217 48.33 48.79 -56.36
C ASN A 1217 48.28 48.37 -54.91
N LEU A 1218 48.80 49.22 -54.03
CA LEU A 1218 49.20 48.73 -52.73
C LEU A 1218 48.48 49.51 -51.64
N PRO A 1219 47.86 48.84 -50.68
CA PRO A 1219 47.06 49.55 -49.66
C PRO A 1219 47.96 50.39 -48.76
N PRO A 1220 47.41 51.43 -48.14
CA PRO A 1220 48.21 52.34 -47.33
C PRO A 1220 48.98 51.66 -46.22
N PRO A 1221 48.42 50.66 -45.52
CA PRO A 1221 49.22 50.01 -44.47
C PRO A 1221 50.47 49.33 -44.99
N LEU A 1222 50.53 48.97 -46.25
CA LEU A 1222 51.68 48.29 -46.80
C LEU A 1222 52.68 49.23 -47.46
N LEU A 1223 52.34 50.50 -47.61
CA LEU A 1223 53.25 51.44 -48.24
C LEU A 1223 54.41 51.79 -47.32
N GLY A 1224 55.59 51.99 -47.91
CA GLY A 1224 56.76 52.36 -47.16
C GLY A 1224 57.07 53.83 -47.25
N GLN B 1 -28.33 -43.23 -27.02
CA GLN B 1 -27.47 -43.46 -28.17
C GLN B 1 -26.95 -44.89 -28.19
N VAL B 2 -26.79 -45.47 -27.01
CA VAL B 2 -26.23 -46.81 -26.87
C VAL B 2 -27.35 -47.84 -26.93
N GLN B 3 -27.19 -48.85 -27.77
CA GLN B 3 -28.18 -49.88 -27.96
C GLN B 3 -27.55 -51.23 -27.68
N LEU B 4 -28.21 -52.03 -26.83
CA LEU B 4 -27.78 -53.38 -26.50
C LEU B 4 -28.89 -54.35 -26.90
N GLN B 5 -28.53 -55.38 -27.65
CA GLN B 5 -29.53 -56.34 -28.15
C GLN B 5 -29.05 -57.76 -27.91
N GLU B 6 -29.83 -58.53 -27.17
CA GLU B 6 -29.55 -59.94 -26.96
C GLU B 6 -30.22 -60.78 -28.04
N SER B 7 -29.60 -61.91 -28.35
CA SER B 7 -30.12 -62.82 -29.37
C SER B 7 -29.53 -64.21 -29.15
N GLY B 8 -30.06 -65.18 -29.89
CA GLY B 8 -29.62 -66.56 -29.81
C GLY B 8 -30.37 -67.42 -28.83
N GLY B 9 -31.37 -66.88 -28.13
CA GLY B 9 -32.07 -67.65 -27.13
C GLY B 9 -32.95 -68.73 -27.73
N GLY B 10 -33.11 -69.80 -26.97
CA GLY B 10 -33.91 -70.92 -27.40
C GLY B 10 -33.94 -71.98 -26.32
N SER B 11 -34.68 -73.06 -26.58
CA SER B 11 -34.84 -74.13 -25.61
C SER B 11 -34.00 -75.32 -26.02
N VAL B 12 -33.20 -75.83 -25.09
CA VAL B 12 -32.37 -77.01 -25.30
C VAL B 12 -32.59 -77.97 -24.14
N GLN B 13 -32.28 -79.25 -24.40
CA GLN B 13 -32.38 -80.26 -23.36
C GLN B 13 -31.45 -79.92 -22.21
N ALA B 14 -31.92 -80.17 -20.98
CA ALA B 14 -31.10 -79.93 -19.80
C ALA B 14 -29.80 -80.72 -19.91
N GLY B 15 -28.70 -80.06 -19.55
CA GLY B 15 -27.39 -80.63 -19.77
C GLY B 15 -26.80 -80.37 -21.13
N GLY B 16 -27.41 -79.49 -21.92
CA GLY B 16 -26.90 -79.13 -23.22
C GLY B 16 -25.96 -77.94 -23.17
N SER B 17 -25.86 -77.23 -24.28
CA SER B 17 -24.95 -76.10 -24.40
C SER B 17 -25.55 -75.09 -25.36
N LEU B 18 -25.42 -73.80 -25.02
CA LEU B 18 -26.04 -72.72 -25.78
C LEU B 18 -25.15 -71.49 -25.72
N LYS B 19 -25.40 -70.55 -26.63
CA LYS B 19 -24.59 -69.34 -26.73
C LYS B 19 -25.45 -68.17 -27.20
N LEU B 20 -25.43 -67.08 -26.43
CA LEU B 20 -26.16 -65.87 -26.79
C LEU B 20 -25.25 -64.92 -27.56
N SER B 21 -25.80 -63.76 -27.91
CA SER B 21 -25.03 -62.66 -28.46
C SER B 21 -25.64 -61.37 -27.97
N CYS B 22 -24.79 -60.36 -27.75
CA CYS B 22 -25.27 -59.07 -27.25
C CYS B 22 -24.60 -57.99 -28.09
N SER B 23 -25.27 -57.60 -29.17
CA SER B 23 -24.75 -56.51 -29.99
C SER B 23 -24.78 -55.21 -29.21
N VAL B 24 -23.68 -54.47 -29.29
CA VAL B 24 -23.47 -53.25 -28.53
C VAL B 24 -23.18 -52.12 -29.50
N SER B 25 -23.84 -50.99 -29.32
CA SER B 25 -23.59 -49.84 -30.19
C SER B 25 -23.73 -48.55 -29.38
N GLY B 26 -23.10 -47.50 -29.88
CA GLY B 26 -23.19 -46.19 -29.27
C GLY B 26 -22.06 -45.79 -28.35
N TYR B 27 -20.99 -46.58 -28.27
CA TYR B 27 -19.80 -46.23 -27.51
C TYR B 27 -18.80 -45.48 -28.37
N THR B 28 -18.49 -44.25 -27.94
CA THR B 28 -17.47 -43.43 -28.55
C THR B 28 -16.11 -43.61 -27.89
N TYR B 29 -16.06 -44.24 -26.72
CA TYR B 29 -14.83 -44.47 -25.99
C TYR B 29 -14.76 -45.93 -25.54
N SER B 30 -13.55 -46.48 -25.61
CA SER B 30 -13.35 -47.91 -25.45
C SER B 30 -13.30 -48.36 -24.00
N THR B 31 -13.56 -47.48 -23.04
CA THR B 31 -13.35 -47.80 -21.63
C THR B 31 -14.70 -48.03 -20.96
N TYR B 32 -15.18 -49.28 -21.02
CA TYR B 32 -16.47 -49.65 -20.47
C TYR B 32 -16.46 -51.13 -20.14
N CYS B 33 -17.46 -51.57 -19.39
CA CYS B 33 -17.60 -52.97 -19.02
C CYS B 33 -19.03 -53.43 -19.27
N ILE B 34 -19.17 -54.66 -19.75
CA ILE B 34 -20.46 -55.22 -20.17
C ILE B 34 -20.74 -56.47 -19.35
N ALA B 35 -21.92 -56.55 -18.77
CA ALA B 35 -22.29 -57.64 -17.88
C ALA B 35 -23.52 -58.39 -18.40
N TRP B 36 -23.65 -59.62 -17.92
CA TRP B 36 -24.81 -60.48 -18.19
C TRP B 36 -25.57 -60.74 -16.90
N PHE B 37 -26.89 -60.66 -16.98
CA PHE B 37 -27.78 -60.94 -15.87
C PHE B 37 -28.79 -62.00 -16.31
N ARG B 38 -29.56 -62.50 -15.36
CA ARG B 38 -30.79 -63.21 -15.70
C ARG B 38 -31.85 -62.87 -14.66
N GLN B 39 -33.10 -62.93 -15.11
CA GLN B 39 -34.26 -62.64 -14.28
C GLN B 39 -35.18 -63.85 -14.33
N VAL B 40 -35.29 -64.56 -13.20
CA VAL B 40 -36.33 -65.59 -13.09
C VAL B 40 -37.66 -64.92 -12.78
N PRO B 41 -38.75 -65.32 -13.43
CA PRO B 41 -40.02 -64.60 -13.24
C PRO B 41 -40.48 -64.66 -11.81
N GLY B 42 -41.07 -63.56 -11.36
CA GLY B 42 -41.59 -63.49 -10.00
C GLY B 42 -40.54 -63.35 -8.93
N LYS B 43 -39.33 -62.92 -9.28
CA LYS B 43 -38.27 -62.74 -8.30
C LYS B 43 -37.43 -61.54 -8.72
N GLU B 44 -36.29 -61.36 -8.08
CA GLU B 44 -35.42 -60.22 -8.31
C GLU B 44 -34.26 -60.60 -9.22
N ARG B 45 -33.72 -59.59 -9.91
CA ARG B 45 -32.62 -59.81 -10.83
C ARG B 45 -31.35 -60.18 -10.09
N GLU B 46 -30.44 -60.85 -10.79
CA GLU B 46 -29.16 -61.23 -10.21
C GLU B 46 -28.16 -61.49 -11.34
N GLY B 47 -26.90 -61.06 -11.12
CA GLY B 47 -25.92 -61.04 -12.17
C GLY B 47 -25.09 -62.31 -12.28
N LEU B 48 -24.48 -62.49 -13.44
CA LEU B 48 -23.76 -63.72 -13.74
C LEU B 48 -22.28 -63.50 -14.06
N ALA B 49 -21.94 -62.56 -14.94
CA ALA B 49 -20.56 -62.38 -15.36
C ALA B 49 -20.42 -60.99 -15.97
N PHE B 50 -19.17 -60.60 -16.24
CA PHE B 50 -18.90 -59.34 -16.91
C PHE B 50 -17.52 -59.38 -17.56
N ILE B 51 -17.36 -58.53 -18.55
CA ILE B 51 -16.11 -58.34 -19.28
C ILE B 51 -15.72 -56.87 -19.23
N LYS B 52 -14.47 -56.59 -18.90
CA LYS B 52 -13.92 -55.24 -18.86
C LYS B 52 -13.15 -55.01 -20.16
N ASN B 53 -13.56 -53.99 -20.92
CA ASN B 53 -13.23 -53.99 -22.36
C ASN B 53 -11.76 -53.69 -22.64
N PRO B 54 -11.20 -52.54 -22.26
CA PRO B 54 -9.81 -52.27 -22.66
C PRO B 54 -8.84 -53.31 -22.13
N GLU B 55 -8.93 -53.61 -20.84
CA GLU B 55 -8.07 -54.64 -20.26
C GLU B 55 -8.35 -55.99 -20.88
N GLY B 56 -9.63 -56.31 -21.10
CA GLY B 56 -10.03 -57.58 -21.61
C GLY B 56 -10.33 -58.62 -20.56
N ASN B 57 -9.98 -58.36 -19.30
CA ASN B 57 -10.20 -59.35 -18.26
C ASN B 57 -11.68 -59.51 -17.95
N THR B 58 -12.05 -60.72 -17.55
CA THR B 58 -13.43 -61.09 -17.32
C THR B 58 -13.58 -61.70 -15.94
N ASP B 59 -14.80 -61.65 -15.41
CA ASP B 59 -15.09 -62.28 -14.14
C ASP B 59 -16.49 -62.88 -14.18
N TYR B 60 -16.72 -63.88 -13.35
CA TYR B 60 -18.01 -64.55 -13.29
C TYR B 60 -18.49 -64.62 -11.84
N ALA B 61 -19.80 -64.79 -11.69
CA ALA B 61 -20.38 -64.95 -10.36
C ALA B 61 -20.08 -66.34 -9.81
N ASP B 62 -20.37 -66.51 -8.52
CA ASP B 62 -20.07 -67.78 -7.86
C ASP B 62 -20.92 -68.92 -8.43
N SER B 63 -22.22 -68.68 -8.63
CA SER B 63 -23.14 -69.77 -8.93
C SER B 63 -22.80 -70.44 -10.26
N VAL B 64 -22.50 -69.65 -11.28
CA VAL B 64 -22.33 -70.19 -12.62
C VAL B 64 -20.87 -70.18 -13.05
N GLN B 65 -19.95 -70.03 -12.09
CA GLN B 65 -18.53 -69.95 -12.42
C GLN B 65 -18.05 -71.28 -13.00
N GLY B 66 -17.28 -71.19 -14.07
CA GLY B 66 -16.80 -72.38 -14.74
C GLY B 66 -17.81 -72.95 -15.72
N ARG B 67 -19.07 -73.03 -15.30
CA ARG B 67 -20.11 -73.51 -16.20
C ARG B 67 -20.30 -72.57 -17.39
N PHE B 68 -20.22 -71.26 -17.15
CA PHE B 68 -20.43 -70.28 -18.19
C PHE B 68 -19.10 -69.75 -18.70
N PHE B 69 -19.12 -69.19 -19.90
CA PHE B 69 -17.94 -68.57 -20.49
C PHE B 69 -18.35 -67.32 -21.25
N ILE B 70 -17.62 -66.24 -21.03
CA ILE B 70 -17.90 -64.94 -21.64
C ILE B 70 -16.73 -64.54 -22.51
N SER B 71 -17.02 -63.85 -23.60
CA SER B 71 -16.00 -63.46 -24.57
C SER B 71 -16.54 -62.29 -25.38
N GLN B 72 -15.74 -61.83 -26.33
CA GLN B 72 -16.13 -60.67 -27.15
C GLN B 72 -15.35 -60.70 -28.45
N ASP B 73 -16.06 -60.46 -29.56
CA ASP B 73 -15.42 -60.46 -30.86
C ASP B 73 -14.62 -59.18 -31.07
N THR B 74 -13.37 -59.34 -31.52
CA THR B 74 -12.46 -58.22 -31.65
C THR B 74 -12.89 -57.23 -32.72
N VAL B 75 -13.75 -57.63 -33.65
CA VAL B 75 -14.19 -56.75 -34.73
C VAL B 75 -15.65 -56.33 -34.59
N ASP B 76 -16.47 -57.08 -33.87
CA ASP B 76 -17.87 -56.74 -33.68
C ASP B 76 -18.18 -56.10 -32.33
N ASN B 77 -17.22 -56.08 -31.41
CA ASN B 77 -17.40 -55.60 -30.04
C ASN B 77 -18.67 -56.12 -29.39
N THR B 78 -19.10 -57.31 -29.78
CA THR B 78 -20.28 -57.94 -29.20
C THR B 78 -19.84 -59.00 -28.19
N VAL B 79 -20.53 -59.05 -27.06
CA VAL B 79 -20.21 -60.00 -26.02
C VAL B 79 -21.14 -61.20 -26.15
N TYR B 80 -20.72 -62.32 -25.59
CA TYR B 80 -21.40 -63.60 -25.67
C TYR B 80 -21.69 -64.10 -24.26
N LEU B 81 -22.35 -65.26 -24.18
CA LEU B 81 -22.48 -65.96 -22.91
C LEU B 81 -22.73 -67.43 -23.23
N SER B 82 -21.68 -68.23 -23.08
CA SER B 82 -21.74 -69.64 -23.38
C SER B 82 -22.18 -70.40 -22.13
N MET B 83 -23.36 -71.02 -22.19
CA MET B 83 -23.79 -71.93 -21.14
C MET B 83 -23.45 -73.36 -21.55
N ASN B 84 -22.99 -74.14 -20.59
CA ASN B 84 -22.75 -75.55 -20.80
C ASN B 84 -23.40 -76.33 -19.68
N SER B 85 -23.93 -77.52 -20.00
CA SER B 85 -24.53 -78.41 -19.03
C SER B 85 -25.61 -77.71 -18.21
N LEU B 86 -26.65 -77.26 -18.93
CA LEU B 86 -27.69 -76.48 -18.31
C LEU B 86 -28.54 -77.32 -17.38
N LYS B 87 -29.25 -76.66 -16.49
CA LYS B 87 -30.08 -77.30 -15.47
C LYS B 87 -31.44 -76.64 -15.42
N PRO B 88 -32.45 -77.32 -14.85
CA PRO B 88 -33.80 -76.73 -14.81
C PRO B 88 -33.86 -75.40 -14.10
N GLU B 89 -32.96 -75.15 -13.15
CA GLU B 89 -32.95 -73.90 -12.42
C GLU B 89 -32.49 -72.73 -13.28
N ASP B 90 -32.04 -72.98 -14.51
CA ASP B 90 -31.52 -71.96 -15.40
C ASP B 90 -32.56 -71.43 -16.38
N THR B 91 -33.84 -71.49 -16.03
CA THR B 91 -34.90 -70.97 -16.89
C THR B 91 -35.24 -69.55 -16.44
N ALA B 92 -34.99 -68.58 -17.30
CA ALA B 92 -35.11 -67.17 -16.94
C ALA B 92 -34.93 -66.35 -18.21
N THR B 93 -35.07 -65.03 -18.08
CA THR B 93 -34.79 -64.11 -19.17
C THR B 93 -33.39 -63.54 -18.97
N TYR B 94 -32.50 -63.82 -19.91
CA TYR B 94 -31.14 -63.32 -19.85
C TYR B 94 -31.11 -61.87 -20.30
N TYR B 95 -30.50 -61.02 -19.47
CA TYR B 95 -30.34 -59.61 -19.76
C TYR B 95 -28.89 -59.29 -20.08
N CYS B 96 -28.69 -58.32 -20.97
CA CYS B 96 -27.40 -57.70 -21.19
C CYS B 96 -27.41 -56.33 -20.52
N ALA B 97 -26.24 -55.88 -20.09
CA ALA B 97 -26.16 -54.58 -19.43
C ALA B 97 -24.78 -53.98 -19.66
N GLY B 98 -24.72 -52.66 -19.52
CA GLY B 98 -23.47 -51.93 -19.67
C GLY B 98 -23.49 -50.71 -18.78
N ALA B 99 -22.35 -50.03 -18.74
CA ALA B 99 -22.21 -48.85 -17.90
C ALA B 99 -21.29 -47.86 -18.58
N VAL B 100 -21.41 -46.60 -18.15
CA VAL B 100 -20.54 -45.54 -18.65
C VAL B 100 -19.11 -45.77 -18.21
N SER B 101 -18.92 -46.19 -16.97
CA SER B 101 -17.60 -46.38 -16.38
C SER B 101 -17.07 -47.76 -16.76
N ASN B 102 -16.00 -48.17 -16.10
CA ASN B 102 -15.31 -49.39 -16.43
C ASN B 102 -15.13 -50.27 -15.21
N TRP B 103 -15.33 -49.73 -14.01
CA TRP B 103 -14.98 -50.37 -12.76
C TRP B 103 -16.19 -50.72 -11.91
N VAL B 104 -17.39 -50.56 -12.46
CA VAL B 104 -18.60 -50.76 -11.66
C VAL B 104 -19.18 -52.16 -11.82
N CYS B 105 -18.80 -52.89 -12.87
CA CYS B 105 -19.43 -54.18 -13.15
C CYS B 105 -19.17 -55.20 -12.04
N GLY B 106 -18.01 -55.14 -11.39
CA GLY B 106 -17.72 -56.09 -10.33
C GLY B 106 -18.65 -55.92 -9.15
N MET B 107 -18.87 -54.68 -8.71
CA MET B 107 -19.89 -54.41 -7.72
C MET B 107 -21.29 -54.68 -8.27
N SER B 108 -21.46 -54.47 -9.57
CA SER B 108 -22.79 -54.56 -10.17
C SER B 108 -23.33 -55.98 -10.14
N ILE B 109 -22.54 -56.95 -10.62
CA ILE B 109 -23.06 -58.31 -10.72
C ILE B 109 -23.26 -58.93 -9.35
N LYS B 110 -22.67 -58.34 -8.32
CA LYS B 110 -22.82 -58.80 -6.94
C LYS B 110 -23.80 -57.92 -6.16
N SER B 111 -24.40 -56.94 -6.82
CA SER B 111 -25.48 -56.13 -6.29
C SER B 111 -26.59 -56.00 -7.32
N GLN B 112 -26.82 -57.09 -8.06
CA GLN B 112 -27.93 -57.24 -9.02
C GLN B 112 -28.05 -56.07 -9.99
N GLY B 113 -26.95 -55.39 -10.26
CA GLY B 113 -26.96 -54.33 -11.25
C GLY B 113 -27.32 -52.95 -10.74
N TYR B 114 -26.96 -52.65 -9.50
CA TYR B 114 -27.28 -51.33 -8.95
C TYR B 114 -26.55 -50.22 -9.70
N GLY B 115 -25.40 -50.51 -10.27
CA GLY B 115 -24.67 -49.43 -10.89
C GLY B 115 -24.89 -49.23 -12.37
N MET B 116 -25.58 -50.14 -13.05
CA MET B 116 -25.66 -50.07 -14.49
C MET B 116 -26.49 -48.88 -14.94
N ASP B 117 -26.32 -48.55 -16.22
CA ASP B 117 -26.99 -47.40 -16.83
C ASP B 117 -27.68 -47.84 -18.10
N TYR B 118 -27.20 -48.92 -18.71
CA TYR B 118 -27.66 -49.39 -20.01
C TYR B 118 -28.19 -50.80 -19.85
N TRP B 119 -29.36 -51.06 -20.41
CA TRP B 119 -30.03 -52.35 -20.30
C TRP B 119 -30.46 -52.84 -21.67
N GLY B 120 -30.40 -54.14 -21.87
CA GLY B 120 -30.93 -54.75 -23.07
C GLY B 120 -32.39 -55.14 -22.91
N LYS B 121 -33.00 -55.52 -24.03
CA LYS B 121 -34.40 -55.94 -24.00
C LYS B 121 -34.57 -57.27 -23.29
N GLY B 122 -33.59 -58.15 -23.39
CA GLY B 122 -33.66 -59.45 -22.76
C GLY B 122 -33.92 -60.56 -23.77
N THR B 123 -33.82 -61.79 -23.29
CA THR B 123 -34.10 -62.96 -24.12
C THR B 123 -34.47 -64.12 -23.21
N GLN B 124 -35.70 -64.58 -23.30
CA GLN B 124 -36.16 -65.66 -22.44
C GLN B 124 -35.56 -66.98 -22.89
N VAL B 125 -35.15 -67.80 -21.91
CA VAL B 125 -34.66 -69.16 -22.15
C VAL B 125 -35.37 -70.07 -21.16
N THR B 126 -35.84 -71.22 -21.65
CA THR B 126 -36.45 -72.25 -20.83
C THR B 126 -35.87 -73.59 -21.25
N VAL B 127 -35.45 -74.39 -20.28
CA VAL B 127 -34.81 -75.67 -20.53
C VAL B 127 -35.82 -76.78 -20.27
N SER B 128 -35.87 -77.75 -21.19
CA SER B 128 -36.81 -78.85 -21.10
C SER B 128 -36.26 -79.96 -20.20
N TYR C 18 -3.11 -58.73 -0.64
CA TYR C 18 -1.96 -59.42 -0.07
C TYR C 18 -1.35 -60.34 -1.10
N VAL C 19 -0.24 -59.93 -1.69
CA VAL C 19 0.35 -60.73 -2.76
C VAL C 19 0.99 -61.99 -2.19
N ASP C 20 1.21 -62.95 -3.07
CA ASP C 20 1.85 -64.22 -2.71
C ASP C 20 3.31 -64.11 -3.12
N VAL C 21 4.17 -63.80 -2.15
CA VAL C 21 5.57 -63.52 -2.45
C VAL C 21 6.36 -64.76 -2.82
N GLY C 22 5.81 -65.96 -2.60
CA GLY C 22 6.47 -67.16 -2.99
C GLY C 22 6.50 -68.19 -1.88
N PRO C 23 7.26 -69.27 -2.08
CA PRO C 23 7.32 -70.34 -1.08
C PRO C 23 8.17 -69.92 0.11
N ASP C 24 7.61 -70.08 1.31
CA ASP C 24 8.36 -69.79 2.52
C ASP C 24 9.60 -70.66 2.59
N SER C 25 10.70 -70.08 3.06
CA SER C 25 11.95 -70.82 3.15
C SER C 25 11.82 -71.97 4.14
N VAL C 26 12.46 -73.10 3.82
CA VAL C 26 12.33 -74.32 4.59
C VAL C 26 13.60 -74.71 5.29
N LYS C 27 14.67 -73.94 5.18
CA LYS C 27 15.90 -74.27 5.89
C LYS C 27 15.69 -74.15 7.39
N SER C 28 16.52 -74.88 8.13
CA SER C 28 16.40 -74.93 9.58
C SER C 28 17.19 -73.82 10.28
N ALA C 29 18.40 -73.55 9.82
CA ALA C 29 19.27 -72.58 10.47
C ALA C 29 19.83 -71.59 9.46
N CYS C 30 20.00 -70.36 9.91
CA CYS C 30 20.62 -69.32 9.10
C CYS C 30 22.13 -69.50 9.07
N ILE C 31 22.76 -68.92 8.04
CA ILE C 31 24.21 -68.94 7.96
C ILE C 31 24.80 -68.07 9.06
N GLU C 32 25.99 -68.43 9.52
CA GLU C 32 26.68 -67.68 10.56
C GLU C 32 27.29 -66.40 9.99
N VAL C 33 27.00 -65.28 10.64
CA VAL C 33 27.42 -63.96 10.17
C VAL C 33 28.48 -63.41 11.12
N ASP C 34 29.58 -62.93 10.55
CA ASP C 34 30.74 -62.45 11.30
C ASP C 34 30.86 -60.93 11.15
N ILE C 35 30.53 -60.21 12.23
CA ILE C 35 30.63 -58.75 12.23
C ILE C 35 32.04 -58.36 12.63
N GLN C 36 32.75 -57.68 11.73
CA GLN C 36 34.08 -57.13 12.00
C GLN C 36 34.11 -55.71 11.47
N GLN C 37 33.67 -54.75 12.28
CA GLN C 37 33.57 -53.37 11.82
C GLN C 37 34.92 -52.80 11.43
N THR C 38 35.98 -53.18 12.16
CA THR C 38 37.28 -52.56 11.95
C THR C 38 37.89 -52.90 10.59
N PHE C 39 37.39 -53.94 9.91
CA PHE C 39 37.86 -54.22 8.57
C PHE C 39 37.22 -53.32 7.53
N PHE C 40 36.14 -52.63 7.88
CA PHE C 40 35.36 -51.82 6.95
C PHE C 40 35.49 -50.33 7.24
N ASP C 41 36.47 -49.92 8.03
CA ASP C 41 36.58 -48.54 8.47
C ASP C 41 37.47 -47.70 7.58
N LYS C 42 37.73 -48.15 6.36
CA LYS C 42 38.57 -47.38 5.44
C LYS C 42 37.89 -46.06 5.09
N THR C 43 38.70 -45.08 4.69
CA THR C 43 38.22 -43.73 4.43
C THR C 43 38.57 -43.32 2.99
N TRP C 44 37.59 -43.39 2.11
CA TRP C 44 37.70 -42.84 0.76
C TRP C 44 36.64 -41.76 0.60
N PRO C 45 37.01 -40.48 0.61
CA PRO C 45 35.99 -39.42 0.59
C PRO C 45 35.50 -39.14 -0.82
N ARG C 46 34.18 -39.09 -0.97
CA ARG C 46 33.52 -38.64 -2.19
C ARG C 46 32.50 -37.60 -1.80
N PRO C 47 32.92 -36.38 -1.52
CA PRO C 47 31.98 -35.34 -1.10
C PRO C 47 31.13 -34.86 -2.27
N ILE C 48 30.02 -34.21 -1.92
CA ILE C 48 29.10 -33.67 -2.93
C ILE C 48 29.76 -32.47 -3.59
N ASP C 49 29.76 -32.44 -4.91
CA ASP C 49 30.29 -31.35 -5.70
C ASP C 49 29.20 -30.87 -6.65
N VAL C 50 28.51 -29.78 -6.29
CA VAL C 50 27.41 -29.33 -7.12
C VAL C 50 27.88 -28.63 -8.38
N SER C 51 29.17 -28.36 -8.50
CA SER C 51 29.70 -27.88 -9.76
C SER C 51 29.61 -28.93 -10.84
N LYS C 52 29.57 -30.20 -10.46
CA LYS C 52 29.28 -31.29 -11.37
C LYS C 52 27.82 -31.71 -11.31
N ALA C 53 27.01 -31.02 -10.52
CA ALA C 53 25.61 -31.38 -10.27
C ALA C 53 25.50 -32.81 -9.74
N ASP C 54 26.05 -33.02 -8.56
CA ASP C 54 25.98 -34.31 -7.88
C ASP C 54 24.71 -34.36 -7.04
N GLY C 55 23.91 -35.40 -7.23
CA GLY C 55 22.75 -35.61 -6.40
C GLY C 55 21.57 -34.71 -6.70
N ILE C 56 21.44 -34.24 -7.93
CA ILE C 56 20.35 -33.34 -8.28
C ILE C 56 19.14 -34.15 -8.73
N ILE C 57 18.00 -33.93 -8.07
CA ILE C 57 16.70 -34.36 -8.57
C ILE C 57 16.25 -33.36 -9.61
N TYR C 58 15.92 -33.83 -10.80
CA TYR C 58 15.43 -32.93 -11.82
C TYR C 58 14.05 -32.40 -11.44
N PRO C 59 13.74 -31.14 -11.77
CA PRO C 59 12.40 -30.61 -11.48
C PRO C 59 11.30 -31.48 -12.08
N GLN C 60 10.21 -31.62 -11.33
CA GLN C 60 9.35 -32.80 -11.49
C GLN C 60 8.51 -32.76 -12.75
N GLY C 61 7.92 -31.63 -13.08
CA GLY C 61 6.96 -31.66 -14.17
C GLY C 61 7.30 -30.89 -15.42
N ARG C 62 8.55 -30.48 -15.59
CA ARG C 62 8.88 -29.53 -16.64
C ARG C 62 10.33 -29.72 -17.04
N THR C 63 10.73 -28.99 -18.07
CA THR C 63 12.12 -28.92 -18.47
C THR C 63 12.38 -27.54 -19.05
N TYR C 64 13.64 -27.17 -19.10
CA TYR C 64 14.07 -25.88 -19.61
C TYR C 64 15.17 -26.10 -20.63
N SER C 65 15.61 -25.01 -21.26
CA SER C 65 16.66 -25.11 -22.26
C SER C 65 17.50 -23.85 -22.27
N ASN C 66 18.80 -23.99 -21.98
CA ASN C 66 19.77 -22.90 -22.08
C ASN C 66 19.40 -21.75 -21.14
N ILE C 67 19.16 -22.08 -19.88
CA ILE C 67 18.61 -21.12 -18.93
C ILE C 67 19.32 -21.30 -17.58
N THR C 68 19.28 -20.25 -16.76
CA THR C 68 19.72 -20.33 -15.38
C THR C 68 18.56 -19.93 -14.47
N ILE C 69 18.23 -20.79 -13.52
CA ILE C 69 17.01 -20.68 -12.72
C ILE C 69 17.38 -20.86 -11.26
N THR C 70 16.68 -20.17 -10.37
CA THR C 70 16.70 -20.55 -8.96
C THR C 70 15.54 -21.49 -8.69
N TYR C 71 15.84 -22.59 -8.03
CA TYR C 71 14.87 -23.62 -7.73
C TYR C 71 14.88 -23.95 -6.25
N GLN C 72 13.70 -24.09 -5.67
CA GLN C 72 13.56 -24.61 -4.32
C GLN C 72 13.23 -26.08 -4.40
N GLY C 73 14.02 -26.91 -3.74
CA GLY C 73 13.81 -28.33 -3.85
C GLY C 73 14.46 -29.06 -2.71
N LEU C 74 14.57 -30.38 -2.85
CA LEU C 74 15.25 -31.22 -1.88
C LEU C 74 16.62 -31.57 -2.46
N PHE C 75 17.66 -31.05 -1.84
CA PHE C 75 19.02 -31.12 -2.34
C PHE C 75 19.96 -31.52 -1.22
N PRO C 76 21.12 -32.06 -1.55
CA PRO C 76 22.16 -32.26 -0.54
C PRO C 76 23.04 -31.03 -0.38
N TYR C 77 23.83 -31.05 0.68
CA TYR C 77 24.71 -29.93 0.98
C TYR C 77 25.97 -29.98 0.13
N GLN C 78 26.40 -28.82 -0.36
CA GLN C 78 27.72 -28.73 -0.98
C GLN C 78 28.80 -29.21 -0.03
N GLY C 79 29.67 -30.07 -0.53
CA GLY C 79 30.76 -30.57 0.26
C GLY C 79 30.38 -31.60 1.30
N ASP C 80 29.13 -32.03 1.32
CA ASP C 80 28.71 -33.07 2.25
C ASP C 80 29.42 -34.38 1.94
N HIS C 81 29.86 -35.07 2.98
CA HIS C 81 30.60 -36.30 2.81
C HIS C 81 29.70 -37.54 2.84
N GLY C 82 28.52 -37.43 3.42
CA GLY C 82 27.62 -38.55 3.47
C GLY C 82 28.15 -39.64 4.37
N ASP C 83 27.64 -40.85 4.14
CA ASP C 83 28.07 -42.03 4.86
C ASP C 83 28.51 -43.05 3.83
N MET C 84 29.68 -43.63 4.01
CA MET C 84 30.20 -44.61 3.05
C MET C 84 29.92 -46.01 3.57
N TYR C 85 29.42 -46.87 2.68
CA TYR C 85 29.16 -48.26 3.01
C TYR C 85 29.85 -49.13 1.98
N VAL C 86 30.26 -50.31 2.40
CA VAL C 86 31.01 -51.23 1.56
C VAL C 86 30.57 -52.65 1.86
N TYR C 87 30.56 -53.48 0.82
CA TYR C 87 30.21 -54.89 0.89
C TYR C 87 31.43 -55.72 0.58
N SER C 88 31.55 -56.88 1.24
CA SER C 88 32.74 -57.70 1.12
C SER C 88 32.37 -59.16 0.88
N ALA C 89 33.37 -59.93 0.46
CA ALA C 89 33.20 -61.37 0.33
C ALA C 89 33.22 -62.03 1.71
N GLY C 90 32.73 -63.27 1.76
CA GLY C 90 32.66 -64.01 2.99
C GLY C 90 33.84 -64.96 3.17
N HIS C 91 33.79 -65.70 4.28
CA HIS C 91 34.87 -66.62 4.61
C HIS C 91 34.83 -67.84 3.68
N ALA C 92 35.90 -68.02 2.92
CA ALA C 92 36.02 -69.14 1.98
C ALA C 92 37.24 -69.95 2.38
N THR C 93 37.00 -71.15 2.91
CA THR C 93 38.08 -72.03 3.34
C THR C 93 38.39 -73.03 2.24
N GLY C 94 38.98 -72.51 1.15
CA GLY C 94 39.48 -73.38 0.09
C GLY C 94 38.40 -74.05 -0.72
N THR C 95 37.70 -73.28 -1.55
CA THR C 95 36.61 -73.73 -2.41
C THR C 95 35.39 -74.21 -1.64
N THR C 96 35.14 -73.64 -0.46
CA THR C 96 33.88 -73.84 0.26
C THR C 96 33.61 -72.66 1.18
N PRO C 97 32.74 -71.73 0.76
CA PRO C 97 32.39 -70.60 1.62
C PRO C 97 31.54 -71.08 2.78
N GLN C 98 31.87 -70.62 3.99
CA GLN C 98 31.20 -71.12 5.17
C GLN C 98 30.80 -70.07 6.19
N LYS C 99 31.17 -68.81 6.02
CA LYS C 99 30.76 -67.80 6.99
C LYS C 99 30.75 -66.43 6.35
N LEU C 100 29.67 -65.67 6.58
CA LEU C 100 29.54 -64.34 6.03
C LEU C 100 30.46 -63.37 6.77
N PHE C 101 30.76 -62.26 6.11
CA PHE C 101 31.71 -61.29 6.64
C PHE C 101 31.17 -59.89 6.36
N VAL C 102 30.47 -59.31 7.33
CA VAL C 102 29.77 -58.04 7.14
C VAL C 102 30.27 -57.04 8.16
N ALA C 103 29.86 -55.79 7.97
CA ALA C 103 30.10 -54.73 8.94
C ALA C 103 28.87 -54.59 9.83
N ASN C 104 28.83 -53.53 10.64
CA ASN C 104 27.85 -53.38 11.70
C ASN C 104 26.66 -52.53 11.28
N TYR C 105 26.23 -52.65 10.03
CA TYR C 105 25.22 -51.73 9.51
C TYR C 105 23.84 -51.97 10.11
N SER C 106 23.54 -53.20 10.50
CA SER C 106 22.18 -53.53 10.92
C SER C 106 21.78 -52.77 12.17
N GLN C 107 22.71 -52.62 13.12
CA GLN C 107 22.40 -51.89 14.35
C GLN C 107 22.29 -50.40 14.12
N ASP C 108 22.92 -49.88 13.07
CA ASP C 108 23.05 -48.44 12.86
C ASP C 108 21.81 -47.91 12.15
N VAL C 109 20.75 -47.73 12.92
CA VAL C 109 19.51 -47.20 12.39
C VAL C 109 19.62 -45.69 12.29
N LYS C 110 19.30 -45.15 11.12
CA LYS C 110 19.43 -43.73 10.84
C LYS C 110 18.05 -43.08 10.78
N GLN C 111 18.05 -41.77 10.61
CA GLN C 111 16.81 -41.02 10.48
C GLN C 111 16.52 -40.76 9.00
N PHE C 112 15.31 -41.09 8.58
CA PHE C 112 14.84 -40.77 7.24
C PHE C 112 14.09 -39.44 7.34
N ALA C 113 14.84 -38.34 7.26
CA ALA C 113 14.23 -37.04 7.50
C ALA C 113 13.43 -36.58 6.29
N ASN C 114 14.11 -36.32 5.17
CA ASN C 114 13.45 -35.88 3.95
C ASN C 114 13.77 -36.78 2.78
N GLY C 115 14.34 -37.94 3.00
CA GLY C 115 14.80 -38.80 1.94
C GLY C 115 16.31 -38.73 1.81
N PHE C 116 16.82 -39.41 0.80
CA PHE C 116 18.27 -39.35 0.61
C PHE C 116 18.63 -39.74 -0.81
N VAL C 117 19.86 -39.43 -1.19
CA VAL C 117 20.41 -39.82 -2.47
C VAL C 117 21.64 -40.68 -2.23
N VAL C 118 21.93 -41.52 -3.20
CA VAL C 118 22.98 -42.53 -3.10
C VAL C 118 23.82 -42.49 -4.37
N ARG C 119 25.14 -42.49 -4.18
CA ARG C 119 26.11 -42.59 -5.26
C ARG C 119 26.59 -44.02 -5.29
N ILE C 120 26.37 -44.71 -6.42
CA ILE C 120 26.63 -46.13 -6.59
C ILE C 120 27.73 -46.33 -7.62
N GLY C 121 28.73 -47.12 -7.28
CA GLY C 121 29.75 -47.54 -8.21
C GLY C 121 30.69 -46.47 -8.70
N ALA C 122 31.10 -45.57 -7.80
CA ALA C 122 31.99 -44.49 -8.21
C ALA C 122 33.41 -44.98 -8.41
N ALA C 123 33.83 -46.00 -7.67
CA ALA C 123 35.20 -46.48 -7.70
C ALA C 123 35.41 -47.61 -8.68
N ALA C 124 34.40 -47.97 -9.47
CA ALA C 124 34.55 -49.08 -10.39
C ALA C 124 35.55 -48.74 -11.48
N ASN C 125 35.87 -49.76 -12.30
CA ASN C 125 36.86 -49.65 -13.38
C ASN C 125 38.25 -49.34 -12.84
N SER C 126 38.56 -49.73 -11.61
CA SER C 126 39.86 -49.45 -11.03
C SER C 126 40.21 -50.53 -10.02
N THR C 127 41.43 -50.48 -9.52
CA THR C 127 41.98 -51.49 -8.64
C THR C 127 41.88 -51.06 -7.18
N GLY C 128 41.51 -51.99 -6.32
CA GLY C 128 41.34 -51.74 -4.91
C GLY C 128 41.54 -53.03 -4.14
N THR C 129 41.26 -52.97 -2.85
CA THR C 129 41.53 -54.12 -2.00
C THR C 129 40.25 -54.91 -1.74
N VAL C 130 40.43 -56.19 -1.45
CA VAL C 130 39.36 -57.03 -0.95
C VAL C 130 39.29 -56.82 0.56
N ILE C 131 38.08 -56.57 1.07
CA ILE C 131 37.95 -56.18 2.46
C ILE C 131 38.38 -57.31 3.39
N ILE C 132 37.98 -58.55 3.09
CA ILE C 132 38.19 -59.64 4.02
C ILE C 132 39.67 -59.96 4.15
N SER C 133 40.42 -59.89 3.05
CA SER C 133 41.87 -60.10 3.06
C SER C 133 42.53 -58.83 2.59
N PRO C 134 42.98 -57.97 3.49
CA PRO C 134 43.47 -56.64 3.07
C PRO C 134 44.62 -56.69 2.10
N SER C 135 45.48 -57.71 2.16
CA SER C 135 46.62 -57.76 1.27
C SER C 135 46.18 -57.91 -0.18
N THR C 136 45.14 -58.70 -0.43
CA THR C 136 44.73 -58.98 -1.80
C THR C 136 44.14 -57.74 -2.46
N SER C 137 44.41 -57.59 -3.76
CA SER C 137 43.91 -56.46 -4.53
C SER C 137 43.35 -56.97 -5.84
N ALA C 138 42.17 -56.50 -6.21
CA ALA C 138 41.52 -56.85 -7.47
C ALA C 138 40.84 -55.63 -8.05
N THR C 139 40.33 -55.76 -9.27
CA THR C 139 39.59 -54.69 -9.90
C THR C 139 38.26 -54.46 -9.19
N ILE C 140 37.90 -53.20 -9.01
CA ILE C 140 36.68 -52.83 -8.29
C ILE C 140 35.49 -52.97 -9.21
N ARG C 141 34.39 -53.51 -8.67
CA ARG C 141 33.17 -53.74 -9.44
C ARG C 141 31.98 -53.11 -8.73
N LYS C 142 30.97 -52.76 -9.51
CA LYS C 142 29.81 -52.06 -8.98
C LYS C 142 28.84 -53.03 -8.32
N ILE C 143 28.39 -52.68 -7.12
CA ILE C 143 27.37 -53.43 -6.41
C ILE C 143 26.24 -52.48 -6.05
N TYR C 144 25.11 -53.05 -5.69
CA TYR C 144 23.97 -52.20 -5.44
C TYR C 144 23.53 -52.26 -3.99
N PRO C 145 23.13 -51.14 -3.41
CA PRO C 145 22.71 -51.13 -2.00
C PRO C 145 21.37 -51.78 -1.79
N ALA C 146 21.10 -52.12 -0.54
CA ALA C 146 19.81 -52.64 -0.11
C ALA C 146 19.37 -51.90 1.12
N PHE C 147 18.07 -51.66 1.26
CA PHE C 147 17.62 -50.80 2.34
C PHE C 147 16.40 -51.39 3.02
N MET C 148 16.30 -51.14 4.33
CA MET C 148 15.08 -51.38 5.10
C MET C 148 14.61 -50.04 5.63
N LEU C 149 13.34 -49.74 5.43
CA LEU C 149 12.76 -48.46 5.81
C LEU C 149 11.48 -48.72 6.59
N GLY C 150 11.22 -47.88 7.58
CA GLY C 150 10.05 -48.15 8.40
C GLY C 150 9.68 -46.97 9.27
N SER C 151 8.56 -47.14 9.96
CA SER C 151 8.00 -46.13 10.82
C SER C 151 8.20 -46.40 12.30
N SER C 152 8.57 -47.61 12.69
CA SER C 152 8.81 -47.93 14.09
C SER C 152 9.93 -48.96 14.18
N VAL C 153 10.85 -48.73 15.12
CA VAL C 153 12.03 -49.57 15.25
C VAL C 153 12.30 -49.85 16.72
N GLY C 154 12.90 -51.01 16.97
CA GLY C 154 13.21 -51.45 18.33
C GLY C 154 14.31 -52.48 18.27
N ASN C 155 14.30 -53.40 19.24
CA ASN C 155 15.36 -54.38 19.39
C ASN C 155 14.82 -55.80 19.27
N PHE C 156 15.74 -56.71 18.95
CA PHE C 156 15.42 -58.12 18.77
C PHE C 156 15.35 -58.80 20.14
N SER C 157 15.32 -60.14 20.14
CA SER C 157 15.11 -60.90 21.36
C SER C 157 16.25 -60.70 22.35
N ASP C 158 17.49 -60.78 21.87
CA ASP C 158 18.67 -60.68 22.72
C ASP C 158 19.15 -59.24 22.89
N GLY C 159 18.28 -58.25 22.66
CA GLY C 159 18.60 -56.87 22.93
C GLY C 159 19.31 -56.12 21.83
N LYS C 160 19.68 -56.79 20.74
CA LYS C 160 20.33 -56.10 19.63
C LYS C 160 19.37 -55.12 18.97
N MET C 161 19.83 -53.90 18.75
CA MET C 161 19.00 -52.88 18.11
C MET C 161 18.77 -53.23 16.64
N GLY C 162 17.72 -52.67 16.08
CA GLY C 162 17.54 -52.73 14.64
C GLY C 162 16.49 -53.67 14.11
N ARG C 163 15.33 -53.73 14.76
CA ARG C 163 14.20 -54.53 14.28
C ARG C 163 13.05 -53.60 13.93
N PHE C 164 12.57 -53.68 12.69
CA PHE C 164 11.43 -52.89 12.25
C PHE C 164 10.16 -53.70 12.48
N PHE C 165 9.13 -53.03 12.99
CA PHE C 165 8.03 -53.73 13.63
C PHE C 165 6.84 -53.99 12.71
N ASN C 166 6.19 -52.92 12.24
CA ASN C 166 5.01 -53.06 11.41
C ASN C 166 5.42 -53.33 9.97
N HIS C 167 4.52 -53.07 9.02
CA HIS C 167 4.90 -53.13 7.62
C HIS C 167 6.19 -52.36 7.37
N THR C 168 7.13 -53.01 6.69
CA THR C 168 8.45 -52.47 6.45
C THR C 168 8.71 -52.46 4.95
N LEU C 169 9.23 -51.34 4.45
CA LEU C 169 9.62 -51.26 3.05
C LEU C 169 11.03 -51.82 2.89
N VAL C 170 11.22 -52.71 1.92
CA VAL C 170 12.51 -53.32 1.69
C VAL C 170 12.85 -53.19 0.22
N LEU C 171 14.05 -52.73 -0.06
CA LEU C 171 14.58 -52.62 -1.42
C LEU C 171 15.78 -53.54 -1.52
N LEU C 172 15.65 -54.61 -2.31
CA LEU C 172 16.72 -55.57 -2.52
C LEU C 172 17.09 -55.67 -3.99
N PRO C 173 18.34 -55.52 -4.36
CA PRO C 173 18.78 -55.97 -5.68
C PRO C 173 18.79 -57.49 -5.74
N ASP C 174 18.70 -58.00 -6.97
CA ASP C 174 18.73 -59.43 -7.21
C ASP C 174 19.31 -59.66 -8.60
N GLY C 175 19.53 -60.93 -8.91
CA GLY C 175 20.00 -61.32 -10.22
C GLY C 175 21.40 -60.85 -10.52
N CYS C 176 22.30 -60.94 -9.54
CA CYS C 176 23.67 -60.46 -9.67
C CYS C 176 23.67 -59.00 -10.12
N GLY C 177 22.75 -58.22 -9.56
CA GLY C 177 22.63 -56.83 -9.94
C GLY C 177 21.95 -56.57 -11.27
N THR C 178 20.91 -57.33 -11.59
CA THR C 178 20.15 -57.13 -12.82
C THR C 178 18.69 -56.82 -12.60
N LEU C 179 18.17 -56.97 -11.38
CA LEU C 179 16.84 -56.45 -11.08
C LEU C 179 16.81 -55.84 -9.70
N LEU C 180 15.84 -54.95 -9.49
CA LEU C 180 15.58 -54.34 -8.20
C LEU C 180 14.17 -54.70 -7.77
N ARG C 181 14.04 -55.21 -6.55
CA ARG C 181 12.80 -55.76 -6.05
C ARG C 181 12.39 -54.98 -4.82
N ALA C 182 11.20 -54.41 -4.84
CA ALA C 182 10.71 -53.57 -3.76
C ALA C 182 9.45 -54.17 -3.18
N PHE C 183 9.44 -54.42 -1.87
CA PHE C 183 8.22 -54.93 -1.25
C PHE C 183 7.98 -54.24 0.08
N TYR C 184 6.82 -54.48 0.67
CA TYR C 184 6.38 -53.70 1.82
C TYR C 184 5.53 -54.59 2.72
N CYS C 185 6.18 -55.21 3.71
CA CYS C 185 5.43 -56.09 4.60
C CYS C 185 6.16 -56.47 5.88
N ILE C 186 5.52 -57.38 6.61
CA ILE C 186 5.91 -57.65 7.99
C ILE C 186 6.96 -58.73 8.01
N LEU C 187 8.09 -58.43 8.63
CA LEU C 187 9.19 -59.35 8.77
C LEU C 187 9.11 -59.96 10.17
N GLU C 188 8.77 -61.24 10.24
CA GLU C 188 8.75 -61.93 11.52
C GLU C 188 10.01 -62.75 11.65
N PRO C 189 10.82 -62.53 12.68
CA PRO C 189 12.12 -63.22 12.76
C PRO C 189 11.93 -64.72 12.91
N ARG C 190 12.72 -65.48 12.16
CA ARG C 190 12.68 -66.92 12.23
C ARG C 190 13.57 -67.41 13.36
N SER C 191 13.22 -68.56 13.92
CA SER C 191 14.05 -69.18 14.94
C SER C 191 15.09 -70.07 14.27
N GLY C 192 15.93 -70.70 15.08
CA GLY C 192 17.03 -71.50 14.58
C GLY C 192 18.37 -70.83 14.81
N ASN C 193 19.43 -71.59 14.51
CA ASN C 193 20.77 -71.09 14.73
C ASN C 193 21.03 -69.86 13.90
N HIS C 194 21.60 -68.83 14.53
CA HIS C 194 22.01 -67.59 13.89
C HIS C 194 20.86 -66.88 13.20
N CYS C 195 19.64 -67.04 13.71
CA CYS C 195 18.51 -66.31 13.18
C CYS C 195 17.94 -65.40 14.25
N PRO C 196 17.39 -64.24 13.88
CA PRO C 196 17.12 -63.20 14.88
C PRO C 196 16.24 -63.64 16.03
N ALA C 197 15.32 -64.58 15.83
CA ALA C 197 14.55 -65.12 16.93
C ALA C 197 15.22 -66.33 17.57
N GLY C 198 16.33 -66.79 17.02
CA GLY C 198 17.05 -67.93 17.56
C GLY C 198 18.13 -67.51 18.54
N ASN C 199 19.21 -68.27 18.54
CA ASN C 199 20.34 -68.02 19.42
C ASN C 199 21.59 -67.75 18.60
N SER C 200 22.59 -67.16 19.26
CA SER C 200 23.85 -66.77 18.61
C SER C 200 23.59 -65.82 17.46
N TYR C 201 22.63 -64.92 17.64
CA TYR C 201 22.25 -63.98 16.59
C TYR C 201 23.19 -62.78 16.61
N THR C 202 23.98 -62.64 15.55
CA THR C 202 24.87 -61.49 15.39
C THR C 202 24.21 -60.38 14.59
N SER C 203 23.81 -60.67 13.36
CA SER C 203 23.05 -59.74 12.52
C SER C 203 22.56 -60.50 11.30
N PHE C 204 21.44 -60.04 10.75
CA PHE C 204 20.98 -60.62 9.50
C PHE C 204 21.78 -60.07 8.33
N ALA C 205 21.76 -60.80 7.22
CA ALA C 205 22.48 -60.38 6.03
C ALA C 205 21.89 -61.11 4.84
N THR C 206 22.20 -60.61 3.65
CA THR C 206 21.86 -61.29 2.42
C THR C 206 23.13 -61.76 1.74
N TYR C 207 22.99 -62.78 0.91
CA TYR C 207 24.14 -63.34 0.21
C TYR C 207 23.70 -63.94 -1.11
N HIS C 208 24.66 -64.06 -2.02
CA HIS C 208 24.44 -64.78 -3.26
C HIS C 208 25.74 -65.48 -3.64
N THR C 209 25.61 -66.63 -4.29
CA THR C 209 26.76 -67.46 -4.61
C THR C 209 27.14 -67.30 -6.08
N PRO C 210 28.28 -66.69 -6.38
CA PRO C 210 28.66 -66.52 -7.80
C PRO C 210 28.82 -67.82 -8.55
N ALA C 211 29.15 -68.92 -7.87
CA ALA C 211 29.37 -70.18 -8.55
C ALA C 211 28.10 -70.69 -9.21
N THR C 212 26.97 -70.56 -8.53
CA THR C 212 25.70 -71.09 -9.02
C THR C 212 24.71 -70.02 -9.42
N ASP C 213 24.60 -68.93 -8.66
CA ASP C 213 23.56 -67.94 -8.91
C ASP C 213 23.92 -66.96 -10.01
N CYS C 214 25.19 -66.92 -10.43
CA CYS C 214 25.63 -65.94 -11.42
C CYS C 214 26.16 -66.60 -12.67
N SER C 215 25.65 -67.78 -13.02
CA SER C 215 26.07 -68.46 -14.23
C SER C 215 25.67 -67.66 -15.46
N ASP C 216 26.59 -67.54 -16.41
CA ASP C 216 26.37 -66.70 -17.58
C ASP C 216 25.13 -67.15 -18.34
N GLY C 217 24.26 -66.19 -18.65
CA GLY C 217 23.04 -66.49 -19.37
C GLY C 217 21.91 -66.91 -18.46
N ASN C 218 22.25 -67.47 -17.30
CA ASN C 218 21.25 -67.98 -16.35
C ASN C 218 21.58 -67.41 -14.98
N TYR C 219 21.07 -66.21 -14.70
CA TYR C 219 21.22 -65.60 -13.39
C TYR C 219 20.01 -65.91 -12.53
N ASN C 220 20.25 -66.40 -11.33
CA ASN C 220 19.16 -66.70 -10.40
C ASN C 220 18.54 -65.39 -9.96
N ARG C 221 17.28 -65.17 -10.31
CA ARG C 221 16.60 -63.92 -10.03
C ARG C 221 15.89 -63.92 -8.69
N ASN C 222 15.97 -64.99 -7.92
CA ASN C 222 15.43 -65.00 -6.57
C ASN C 222 16.51 -65.25 -5.52
N ALA C 223 17.75 -65.45 -5.92
CA ALA C 223 18.85 -65.46 -4.97
C ALA C 223 18.95 -64.09 -4.30
N SER C 224 19.32 -64.09 -3.02
CA SER C 224 19.38 -62.90 -2.18
C SER C 224 17.99 -62.40 -1.80
N LEU C 225 16.96 -63.05 -2.33
CA LEU C 225 15.64 -62.97 -1.72
C LEU C 225 15.33 -64.21 -0.90
N ASN C 226 15.82 -65.37 -1.34
CA ASN C 226 15.82 -66.54 -0.47
C ASN C 226 16.67 -66.28 0.76
N SER C 227 17.82 -65.62 0.58
CA SER C 227 18.66 -65.24 1.72
C SER C 227 17.88 -64.42 2.72
N PHE C 228 17.15 -63.42 2.25
CA PHE C 228 16.35 -62.61 3.15
C PHE C 228 15.25 -63.44 3.80
N LYS C 229 14.73 -64.43 3.09
CA LYS C 229 13.70 -65.29 3.63
C LYS C 229 14.24 -66.28 4.66
N GLU C 230 15.54 -66.49 4.70
CA GLU C 230 16.11 -67.38 5.71
C GLU C 230 16.07 -66.75 7.10
N TYR C 231 16.30 -65.45 7.20
CA TYR C 231 16.29 -64.77 8.49
C TYR C 231 14.92 -64.26 8.88
N PHE C 232 14.02 -64.09 7.91
CA PHE C 232 12.74 -63.48 8.18
C PHE C 232 11.65 -64.24 7.45
N ASN C 233 10.43 -64.12 7.95
CA ASN C 233 9.24 -64.61 7.29
C ASN C 233 8.41 -63.41 6.88
N LEU C 234 8.05 -63.34 5.60
CA LEU C 234 7.35 -62.21 5.02
C LEU C 234 5.84 -62.46 5.13
N ARG C 235 5.14 -61.59 5.83
CA ARG C 235 3.73 -61.78 6.09
C ARG C 235 2.95 -60.53 5.72
N ASN C 236 1.80 -60.73 5.09
CA ASN C 236 0.75 -59.72 4.93
C ASN C 236 1.24 -58.49 4.16
N CYS C 237 1.55 -58.70 2.88
CA CYS C 237 2.08 -57.59 2.11
C CYS C 237 1.49 -57.32 0.74
N THR C 238 1.60 -56.05 0.41
CA THR C 238 0.74 -55.25 -0.44
C THR C 238 1.23 -55.18 -1.87
N PHE C 239 2.54 -55.18 -2.07
CA PHE C 239 3.09 -55.20 -3.41
C PHE C 239 4.45 -55.86 -3.39
N MET C 240 4.92 -56.22 -4.57
CA MET C 240 6.25 -56.79 -4.77
C MET C 240 6.63 -56.41 -6.19
N TYR C 241 7.24 -55.24 -6.34
CA TYR C 241 7.52 -54.68 -7.65
C TYR C 241 8.93 -55.05 -8.10
N THR C 242 9.11 -55.09 -9.41
CA THR C 242 10.38 -55.53 -9.96
C THR C 242 10.75 -54.60 -11.11
N TYR C 243 12.02 -54.25 -11.19
CA TYR C 243 12.51 -53.36 -12.22
C TYR C 243 13.80 -53.95 -12.79
N ASN C 244 13.83 -54.19 -14.09
CA ASN C 244 15.01 -54.78 -14.70
C ASN C 244 16.10 -53.74 -14.87
N ILE C 245 17.34 -54.15 -14.61
CA ILE C 245 18.50 -53.27 -14.69
C ILE C 245 19.46 -53.83 -15.72
N THR C 246 19.84 -52.99 -16.68
CA THR C 246 20.89 -53.35 -17.61
C THR C 246 22.22 -53.47 -16.87
N GLU C 247 23.03 -54.43 -17.26
CA GLU C 247 24.30 -54.69 -16.58
C GLU C 247 25.41 -53.86 -17.23
N ASP C 248 26.05 -53.01 -16.44
CA ASP C 248 27.20 -52.25 -16.89
C ASP C 248 28.02 -51.84 -15.67
N GLU C 249 29.01 -50.99 -15.87
CA GLU C 249 29.94 -50.59 -14.83
C GLU C 249 30.13 -49.09 -14.81
N ILE C 250 29.04 -48.34 -14.86
CA ILE C 250 29.14 -46.90 -14.88
C ILE C 250 28.54 -46.31 -13.62
N LEU C 251 29.01 -45.13 -13.26
CA LEU C 251 28.54 -44.43 -12.07
C LEU C 251 27.04 -44.19 -12.14
N GLU C 252 26.35 -44.44 -11.04
CA GLU C 252 24.90 -44.34 -11.02
C GLU C 252 24.46 -43.58 -9.78
N TRP C 253 23.29 -42.96 -9.87
CA TRP C 253 22.71 -42.23 -8.77
C TRP C 253 21.31 -42.74 -8.49
N PHE C 254 20.95 -42.81 -7.20
CA PHE C 254 19.64 -43.28 -6.78
C PHE C 254 19.10 -42.31 -5.74
N GLY C 255 17.79 -42.27 -5.58
CA GLY C 255 17.22 -41.35 -4.60
C GLY C 255 15.84 -41.77 -4.18
N ILE C 256 15.45 -41.34 -2.98
CA ILE C 256 14.15 -41.72 -2.44
C ILE C 256 13.59 -40.59 -1.60
N THR C 257 12.30 -40.31 -1.79
CA THR C 257 11.59 -39.31 -1.01
C THR C 257 10.19 -39.81 -0.66
N GLN C 258 9.52 -39.09 0.23
CA GLN C 258 8.20 -39.42 0.76
C GLN C 258 7.29 -38.21 0.62
N THR C 259 6.19 -38.36 -0.08
CA THR C 259 5.15 -37.33 -0.15
C THR C 259 3.80 -37.95 0.14
N ALA C 260 2.77 -37.11 0.18
CA ALA C 260 1.41 -37.60 0.39
C ALA C 260 0.94 -38.49 -0.74
N GLN C 261 1.65 -38.46 -1.87
CA GLN C 261 1.37 -39.30 -3.01
C GLN C 261 2.03 -40.67 -2.90
N GLY C 262 2.88 -40.88 -1.90
CA GLY C 262 3.55 -42.16 -1.74
C GLY C 262 5.04 -42.05 -1.50
N VAL C 263 5.77 -43.07 -1.90
CA VAL C 263 7.23 -43.10 -1.82
C VAL C 263 7.78 -43.04 -3.24
N HIS C 264 8.54 -42.01 -3.53
CA HIS C 264 9.05 -41.78 -4.88
C HIS C 264 10.49 -42.28 -4.96
N LEU C 265 10.76 -43.04 -6.02
CA LEU C 265 12.09 -43.56 -6.30
C LEU C 265 12.62 -42.88 -7.56
N PHE C 266 13.84 -42.36 -7.47
CA PHE C 266 14.50 -41.68 -8.57
C PHE C 266 15.78 -42.42 -8.92
N SER C 267 16.15 -42.40 -10.19
CA SER C 267 17.44 -42.95 -10.56
C SER C 267 17.98 -42.20 -11.77
N SER C 268 19.29 -42.34 -11.96
CA SER C 268 19.95 -41.73 -13.10
C SER C 268 19.69 -42.51 -14.38
N ARG C 269 19.45 -43.81 -14.27
CA ARG C 269 19.22 -44.62 -15.45
C ARG C 269 17.88 -44.29 -16.10
N TYR C 270 17.74 -44.71 -17.34
CA TYR C 270 16.59 -44.62 -18.22
C TYR C 270 16.36 -43.22 -18.76
N VAL C 271 17.01 -42.19 -18.25
CA VAL C 271 16.86 -40.86 -18.85
C VAL C 271 18.23 -40.24 -19.08
N ASP C 272 19.03 -40.14 -18.02
CA ASP C 272 20.34 -39.52 -18.09
C ASP C 272 21.36 -40.52 -17.56
N LEU C 273 21.79 -41.42 -18.45
CA LEU C 273 22.68 -42.49 -18.02
C LEU C 273 24.12 -42.01 -17.90
N TYR C 274 24.58 -41.19 -18.82
CA TYR C 274 25.95 -40.71 -18.85
C TYR C 274 26.13 -39.38 -18.17
N GLY C 275 25.04 -38.75 -17.74
CA GLY C 275 25.12 -37.66 -16.79
C GLY C 275 24.81 -38.24 -15.44
N GLY C 276 24.16 -37.50 -14.57
CA GLY C 276 23.79 -38.07 -13.29
C GLY C 276 22.44 -37.62 -12.80
N ASN C 277 21.74 -36.85 -13.63
CA ASN C 277 20.45 -36.31 -13.24
C ASN C 277 19.49 -37.44 -12.90
N MET C 278 18.69 -37.23 -11.87
CA MET C 278 17.81 -38.26 -11.36
C MET C 278 16.37 -37.92 -11.67
N PHE C 279 15.67 -38.86 -12.28
CA PHE C 279 14.28 -38.71 -12.67
C PHE C 279 13.47 -39.81 -12.02
N GLN C 280 12.24 -39.48 -11.62
CA GLN C 280 11.41 -40.44 -10.92
C GLN C 280 11.04 -41.60 -11.84
N PHE C 281 11.07 -42.81 -11.28
CA PHE C 281 10.70 -44.00 -12.04
C PHE C 281 9.71 -44.89 -11.32
N ALA C 282 9.29 -44.56 -10.10
CA ALA C 282 8.35 -45.39 -9.38
C ALA C 282 7.74 -44.61 -8.23
N THR C 283 6.47 -44.90 -7.95
CA THR C 283 5.80 -44.38 -6.77
C THR C 283 5.14 -45.55 -6.06
N LEU C 284 5.54 -45.80 -4.89
CA LEU C 284 5.09 -46.91 -4.08
C LEU C 284 4.00 -46.47 -3.11
N PRO C 285 2.97 -47.29 -2.96
CA PRO C 285 1.83 -46.97 -2.06
C PRO C 285 2.16 -47.18 -0.59
N VAL C 286 3.01 -46.32 -0.06
CA VAL C 286 3.36 -46.32 1.36
C VAL C 286 2.94 -44.99 1.92
N TYR C 287 1.97 -45.01 2.83
CA TYR C 287 1.38 -43.77 3.32
C TYR C 287 1.61 -43.53 4.80
N ASP C 288 2.13 -44.49 5.54
CA ASP C 288 2.63 -44.22 6.88
C ASP C 288 4.05 -43.66 6.80
N THR C 289 4.28 -42.55 7.52
CA THR C 289 5.49 -41.79 7.32
C THR C 289 6.72 -42.58 7.72
N ILE C 290 7.60 -42.81 6.75
CA ILE C 290 8.88 -43.45 7.04
C ILE C 290 9.69 -42.52 7.93
N LYS C 291 10.23 -43.08 9.01
CA LYS C 291 11.01 -42.29 9.94
C LYS C 291 12.38 -42.87 10.23
N TYR C 292 12.62 -44.14 9.98
CA TYR C 292 13.92 -44.73 10.21
C TYR C 292 14.28 -45.60 9.02
N TYR C 293 15.59 -45.75 8.80
CA TYR C 293 16.06 -46.63 7.75
C TYR C 293 17.40 -47.22 8.19
N SER C 294 17.77 -48.31 7.53
CA SER C 294 19.04 -48.94 7.78
C SER C 294 19.49 -49.66 6.52
N ILE C 295 20.79 -49.89 6.42
CA ILE C 295 21.40 -50.57 5.29
C ILE C 295 21.42 -52.06 5.61
N ILE C 296 21.06 -52.88 4.64
CA ILE C 296 21.12 -54.33 4.78
C ILE C 296 22.52 -54.77 4.41
N PRO C 297 23.25 -55.46 5.28
CA PRO C 297 24.55 -56.00 4.89
C PRO C 297 24.37 -57.08 3.83
N HIS C 298 25.35 -57.16 2.94
CA HIS C 298 25.34 -58.15 1.88
C HIS C 298 26.74 -58.68 1.69
N SER C 299 26.88 -60.00 1.66
CA SER C 299 28.17 -60.64 1.48
C SER C 299 28.08 -61.67 0.37
N ILE C 300 29.10 -61.76 -0.45
CA ILE C 300 29.09 -62.74 -1.53
C ILE C 300 29.76 -64.00 -1.02
N ARG C 301 29.29 -65.16 -1.49
CA ARG C 301 29.87 -66.44 -1.14
C ARG C 301 30.73 -66.89 -2.31
N SER C 302 31.94 -66.35 -2.38
CA SER C 302 32.84 -66.62 -3.49
C SER C 302 33.99 -67.50 -3.03
N ILE C 303 34.97 -67.69 -3.91
CA ILE C 303 36.10 -68.58 -3.69
C ILE C 303 37.38 -67.76 -3.88
N GLN C 304 38.47 -68.21 -3.25
CA GLN C 304 39.71 -67.44 -3.30
C GLN C 304 40.16 -67.15 -4.72
N SER C 305 39.83 -68.02 -5.68
CA SER C 305 40.09 -67.71 -7.07
C SER C 305 39.10 -66.68 -7.60
N ASP C 306 37.85 -66.74 -7.14
CA ASP C 306 36.79 -65.85 -7.59
C ASP C 306 36.47 -64.75 -6.57
N ARG C 307 37.46 -64.30 -5.83
CA ARG C 307 37.26 -63.25 -4.85
C ARG C 307 37.59 -61.90 -5.48
N LYS C 308 36.66 -60.96 -5.41
CA LYS C 308 36.79 -59.68 -6.11
C LYS C 308 36.42 -58.53 -5.19
N ALA C 309 36.63 -57.31 -5.67
CA ALA C 309 36.42 -56.10 -4.90
C ALA C 309 35.17 -55.37 -5.37
N TRP C 310 34.32 -54.99 -4.43
CA TRP C 310 33.08 -54.29 -4.72
C TRP C 310 33.19 -52.83 -4.31
N ALA C 311 32.72 -51.94 -5.17
CA ALA C 311 32.79 -50.52 -4.91
C ALA C 311 31.92 -50.17 -3.70
N ALA C 312 32.30 -49.08 -3.04
CA ALA C 312 31.54 -48.54 -1.93
C ALA C 312 30.54 -47.52 -2.44
N PHE C 313 29.41 -47.42 -1.74
CA PHE C 313 28.39 -46.47 -2.13
C PHE C 313 28.17 -45.48 -0.99
N TYR C 314 27.75 -44.27 -1.36
CA TYR C 314 27.67 -43.18 -0.41
C TYR C 314 26.25 -42.67 -0.31
N VAL C 315 25.79 -42.42 0.91
CA VAL C 315 24.43 -41.96 1.17
C VAL C 315 24.50 -40.55 1.71
N TYR C 316 23.76 -39.63 1.09
CA TYR C 316 23.70 -38.23 1.48
C TYR C 316 22.26 -37.82 1.73
N LYS C 317 22.04 -36.96 2.70
CA LYS C 317 20.69 -36.57 3.05
C LYS C 317 20.20 -35.40 2.20
N LEU C 318 18.88 -35.21 2.19
CA LEU C 318 18.24 -34.15 1.43
C LEU C 318 17.59 -33.16 2.37
N GLN C 319 17.71 -31.89 2.04
CA GLN C 319 17.12 -30.78 2.79
C GLN C 319 16.43 -29.85 1.83
N PRO C 320 15.47 -29.07 2.30
CA PRO C 320 14.84 -28.05 1.46
C PRO C 320 15.76 -26.85 1.29
N LEU C 321 16.32 -26.72 0.09
CA LEU C 321 17.31 -25.70 -0.21
C LEU C 321 16.94 -24.98 -1.50
N THR C 322 17.48 -23.77 -1.65
CA THR C 322 17.43 -23.04 -2.89
C THR C 322 18.74 -23.23 -3.63
N PHE C 323 18.66 -23.53 -4.91
CA PHE C 323 19.81 -23.82 -5.74
C PHE C 323 19.74 -22.94 -6.98
N LEU C 324 20.90 -22.66 -7.55
CA LEU C 324 20.98 -22.07 -8.87
C LEU C 324 21.34 -23.16 -9.86
N LEU C 325 20.44 -23.46 -10.78
CA LEU C 325 20.58 -24.56 -11.71
C LEU C 325 20.84 -24.01 -13.10
N ASP C 326 21.72 -24.68 -13.85
CA ASP C 326 22.08 -24.29 -15.20
C ASP C 326 21.60 -25.37 -16.16
N PHE C 327 20.52 -25.10 -16.88
CA PHE C 327 19.97 -26.05 -17.84
C PHE C 327 20.64 -25.83 -19.19
N SER C 328 21.26 -26.88 -19.71
CA SER C 328 21.93 -26.86 -21.00
C SER C 328 20.91 -26.70 -22.11
N VAL C 329 21.40 -26.66 -23.34
CA VAL C 329 20.48 -26.59 -24.47
C VAL C 329 19.59 -27.81 -24.49
N ASP C 330 20.16 -29.00 -24.30
CA ASP C 330 19.36 -30.21 -24.27
C ASP C 330 18.70 -30.47 -22.93
N GLY C 331 18.62 -29.47 -22.05
CA GLY C 331 17.78 -29.53 -20.89
C GLY C 331 18.34 -30.23 -19.68
N TYR C 332 19.56 -30.71 -19.72
CA TYR C 332 20.15 -31.36 -18.55
C TYR C 332 20.87 -30.35 -17.67
N ILE C 333 20.91 -30.64 -16.38
CA ILE C 333 21.61 -29.81 -15.42
C ILE C 333 23.03 -30.34 -15.29
N ARG C 334 24.00 -29.56 -15.76
CA ARG C 334 25.40 -29.91 -15.63
C ARG C 334 26.12 -29.04 -14.63
N ARG C 335 25.43 -28.13 -13.97
CA ARG C 335 26.07 -27.15 -13.11
C ARG C 335 25.06 -26.53 -12.15
N ALA C 336 25.44 -26.43 -10.87
CA ALA C 336 24.56 -25.87 -9.86
C ALA C 336 25.37 -25.10 -8.83
N ILE C 337 24.67 -24.30 -8.05
CA ILE C 337 25.25 -23.55 -6.95
C ILE C 337 24.34 -23.69 -5.74
N ASP C 338 24.91 -24.08 -4.61
CA ASP C 338 24.20 -24.16 -3.33
C ASP C 338 24.16 -22.76 -2.74
N CYS C 339 22.98 -22.16 -2.68
CA CYS C 339 22.87 -20.74 -2.37
C CYS C 339 23.41 -20.42 -0.99
N GLY C 340 23.11 -21.24 0.00
CA GLY C 340 23.47 -20.94 1.36
C GLY C 340 24.79 -21.52 1.81
N PHE C 341 25.62 -21.99 0.90
CA PHE C 341 26.85 -22.65 1.30
C PHE C 341 27.90 -21.67 1.78
N ASN C 342 27.93 -20.47 1.24
CA ASN C 342 29.15 -19.70 1.23
C ASN C 342 28.79 -18.24 1.00
N ASP C 343 29.76 -17.35 1.12
CA ASP C 343 29.53 -15.95 0.80
C ASP C 343 29.45 -15.74 -0.71
N LEU C 344 30.37 -16.35 -1.46
CA LEU C 344 30.30 -16.32 -2.91
C LEU C 344 29.05 -16.98 -3.44
N SER C 345 28.54 -17.98 -2.74
CA SER C 345 27.32 -18.65 -3.18
C SER C 345 26.14 -17.71 -3.16
N GLN C 346 25.94 -16.98 -2.06
CA GLN C 346 24.86 -16.01 -2.05
C GLN C 346 25.18 -14.81 -2.91
N LEU C 347 26.47 -14.58 -3.21
CA LEU C 347 26.81 -13.62 -4.24
C LEU C 347 26.24 -14.04 -5.58
N HIS C 348 26.35 -15.32 -5.92
CA HIS C 348 25.90 -15.85 -7.19
C HIS C 348 24.40 -16.01 -7.30
N CYS C 349 23.74 -16.38 -6.20
CA CYS C 349 22.31 -16.65 -6.27
C CYS C 349 21.50 -15.38 -6.45
N SER C 350 21.88 -14.29 -5.81
CA SER C 350 21.49 -12.98 -6.30
C SER C 350 22.38 -12.63 -7.48
N TYR C 351 21.88 -11.77 -8.36
CA TYR C 351 22.45 -11.55 -9.68
C TYR C 351 22.17 -12.74 -10.58
N GLU C 352 21.61 -13.80 -10.00
CA GLU C 352 20.96 -14.87 -10.76
C GLU C 352 21.90 -15.53 -11.75
N SER C 353 23.20 -15.49 -11.48
CA SER C 353 24.19 -15.76 -12.51
C SER C 353 25.34 -16.59 -11.97
N PHE C 354 26.01 -17.30 -12.88
CA PHE C 354 27.20 -18.08 -12.56
C PHE C 354 28.49 -17.32 -12.70
N ASP C 355 28.45 -16.10 -13.22
CA ASP C 355 29.66 -15.31 -13.45
C ASP C 355 29.44 -13.90 -12.96
N VAL C 356 29.02 -13.78 -11.71
CA VAL C 356 28.92 -12.49 -11.03
C VAL C 356 30.16 -11.66 -11.30
N GLU C 357 29.94 -10.39 -11.59
CA GLU C 357 31.02 -9.46 -11.88
C GLU C 357 31.82 -9.22 -10.61
N SER C 358 32.76 -8.29 -10.64
CA SER C 358 33.45 -8.00 -9.39
C SER C 358 32.52 -7.28 -8.42
N GLY C 359 31.46 -7.98 -7.97
CA GLY C 359 30.43 -7.43 -7.11
C GLY C 359 30.80 -7.51 -5.64
N VAL C 360 31.35 -6.41 -5.14
CA VAL C 360 32.06 -6.41 -3.84
C VAL C 360 30.99 -6.15 -2.77
N TYR C 361 30.24 -7.20 -2.45
CA TYR C 361 29.18 -7.04 -1.48
C TYR C 361 29.65 -6.75 -0.08
N SER C 362 28.74 -6.14 0.66
CA SER C 362 28.48 -6.54 2.03
C SER C 362 27.61 -7.78 1.99
N VAL C 363 27.92 -8.74 2.87
CA VAL C 363 27.14 -9.97 2.94
C VAL C 363 26.59 -10.09 4.35
N SER C 364 25.93 -11.21 4.65
CA SER C 364 25.28 -11.34 5.94
C SER C 364 26.31 -11.33 7.07
N SER C 365 25.90 -10.78 8.20
CA SER C 365 26.81 -10.49 9.31
C SER C 365 26.83 -11.65 10.30
N PHE C 366 27.89 -11.67 11.11
CA PHE C 366 28.01 -12.61 12.22
C PHE C 366 27.37 -12.00 13.44
N GLU C 367 26.45 -12.70 14.06
CA GLU C 367 25.84 -12.25 15.30
C GLU C 367 26.31 -13.12 16.45
N ALA C 368 26.48 -12.50 17.62
CA ALA C 368 27.07 -13.19 18.75
C ALA C 368 26.12 -14.23 19.32
N LYS C 369 26.69 -15.26 19.94
CA LYS C 369 25.93 -16.29 20.60
C LYS C 369 25.87 -16.05 22.10
N PRO C 370 24.71 -16.27 22.72
CA PRO C 370 24.56 -15.99 24.15
C PRO C 370 25.38 -16.96 24.99
N SER C 371 26.35 -16.44 25.72
CA SER C 371 27.16 -17.24 26.62
C SER C 371 26.64 -17.12 28.04
N GLY C 372 25.43 -17.60 28.25
CA GLY C 372 24.80 -17.58 29.55
C GLY C 372 23.36 -17.09 29.49
N SER C 373 22.76 -17.05 30.67
CA SER C 373 21.38 -16.60 30.83
C SER C 373 21.21 -16.01 32.22
N VAL C 374 20.46 -14.92 32.31
CA VAL C 374 20.24 -14.20 33.55
C VAL C 374 18.74 -14.13 33.81
N VAL C 375 18.32 -14.39 35.04
CA VAL C 375 16.92 -14.32 35.43
C VAL C 375 16.82 -13.67 36.80
N GLU C 376 15.93 -12.69 36.92
CA GLU C 376 15.55 -12.11 38.20
C GLU C 376 14.04 -12.12 38.29
N GLN C 377 13.52 -12.23 39.51
CA GLN C 377 12.08 -12.15 39.72
C GLN C 377 11.82 -12.13 41.22
N ALA C 378 10.55 -12.17 41.59
CA ALA C 378 10.18 -12.21 43.00
C ALA C 378 10.60 -13.53 43.63
N GLU C 379 11.04 -13.46 44.88
CA GLU C 379 11.51 -14.64 45.59
C GLU C 379 10.71 -14.85 46.87
N GLY C 380 10.27 -16.08 47.09
CA GLY C 380 9.65 -16.44 48.34
C GLY C 380 8.21 -16.02 48.48
N VAL C 381 7.55 -15.61 47.41
CA VAL C 381 6.15 -15.20 47.45
C VAL C 381 5.43 -15.90 46.31
N GLU C 382 4.25 -16.43 46.60
CA GLU C 382 3.47 -17.12 45.59
C GLU C 382 2.10 -16.49 45.48
N CYS C 383 1.60 -16.38 44.25
CA CYS C 383 0.24 -15.92 44.05
C CYS C 383 -0.72 -16.89 44.72
N ASP C 384 -1.68 -16.34 45.45
CA ASP C 384 -2.48 -17.08 46.41
C ASP C 384 -3.89 -17.26 45.85
N PHE C 385 -4.17 -18.46 45.35
CA PHE C 385 -5.48 -18.79 44.81
C PHE C 385 -6.41 -19.40 45.85
N SER C 386 -6.02 -19.41 47.12
CA SER C 386 -6.84 -20.05 48.15
C SER C 386 -8.27 -19.52 48.23
N PRO C 387 -8.55 -18.22 48.14
CA PRO C 387 -9.95 -17.79 48.23
C PRO C 387 -10.85 -18.43 47.19
N LEU C 388 -10.28 -18.80 46.04
CA LEU C 388 -11.05 -19.50 45.03
C LEU C 388 -11.51 -20.88 45.49
N LEU C 389 -10.88 -21.44 46.52
CA LEU C 389 -11.15 -22.81 46.92
C LEU C 389 -12.26 -22.94 47.95
N SER C 390 -12.43 -21.96 48.84
CA SER C 390 -13.39 -22.06 49.93
C SER C 390 -14.54 -21.08 49.74
N GLY C 391 -15.75 -21.54 49.95
CA GLY C 391 -16.93 -20.70 49.95
C GLY C 391 -17.77 -20.89 48.71
N THR C 392 -18.90 -20.19 48.70
CA THR C 392 -19.82 -20.25 47.58
C THR C 392 -19.38 -19.31 46.47
N PRO C 393 -19.20 -19.81 45.25
CA PRO C 393 -18.82 -18.94 44.14
C PRO C 393 -20.00 -18.11 43.67
N PRO C 394 -19.80 -16.82 43.48
CA PRO C 394 -20.94 -15.94 43.13
C PRO C 394 -21.41 -16.13 41.70
N GLN C 395 -22.47 -15.44 41.33
CA GLN C 395 -23.02 -15.57 39.98
C GLN C 395 -22.13 -14.82 38.98
N VAL C 396 -22.52 -14.85 37.72
CA VAL C 396 -21.74 -14.19 36.69
C VAL C 396 -21.74 -12.68 36.89
N TYR C 397 -22.84 -12.13 37.37
CA TYR C 397 -22.98 -10.69 37.48
C TYR C 397 -22.45 -10.13 38.80
N ASN C 398 -22.06 -10.99 39.74
CA ASN C 398 -21.25 -10.59 40.91
C ASN C 398 -19.93 -11.33 40.96
N PHE C 399 -19.31 -11.56 39.79
CA PHE C 399 -18.06 -12.32 39.75
C PHE C 399 -17.05 -11.74 40.70
N LYS C 400 -16.29 -12.60 41.38
CA LYS C 400 -15.27 -12.08 42.28
C LYS C 400 -13.94 -12.01 41.55
N ARG C 401 -13.20 -10.94 41.81
CA ARG C 401 -11.97 -10.62 41.11
C ARG C 401 -10.79 -10.74 42.05
N LEU C 402 -9.73 -11.39 41.59
CA LEU C 402 -8.46 -11.46 42.28
C LEU C 402 -7.40 -10.81 41.42
N VAL C 403 -6.56 -9.98 42.03
CA VAL C 403 -5.50 -9.28 41.32
C VAL C 403 -4.17 -9.64 41.95
N PHE C 404 -3.25 -10.11 41.13
CA PHE C 404 -1.95 -10.58 41.59
C PHE C 404 -0.85 -9.74 40.96
N THR C 405 0.03 -9.20 41.80
CA THR C 405 1.25 -8.55 41.39
C THR C 405 2.35 -8.97 42.34
N ASN C 406 3.58 -9.04 41.81
CA ASN C 406 4.78 -9.30 42.60
C ASN C 406 4.75 -10.68 43.27
N CYS C 407 4.36 -11.70 42.51
CA CYS C 407 4.28 -13.05 43.05
C CYS C 407 4.66 -14.05 41.96
N ASN C 408 4.93 -15.27 42.40
CA ASN C 408 5.13 -16.40 41.50
C ASN C 408 3.85 -17.23 41.44
N TYR C 409 3.48 -17.67 40.26
CA TYR C 409 2.23 -18.37 40.08
C TYR C 409 2.44 -19.73 39.44
N ASN C 410 1.51 -20.64 39.72
CA ASN C 410 1.44 -21.94 39.08
C ASN C 410 -0.02 -22.17 38.68
N LEU C 411 -0.34 -21.86 37.43
CA LEU C 411 -1.72 -22.03 36.97
C LEU C 411 -2.03 -23.50 36.71
N THR C 412 -1.02 -24.30 36.37
CA THR C 412 -1.26 -25.72 36.13
C THR C 412 -1.77 -26.41 37.38
N LYS C 413 -1.23 -26.04 38.54
CA LYS C 413 -1.70 -26.63 39.79
C LYS C 413 -3.17 -26.29 40.03
N LEU C 414 -3.56 -25.05 39.78
CA LEU C 414 -4.95 -24.66 39.97
C LEU C 414 -5.86 -25.40 38.99
N LEU C 415 -5.44 -25.52 37.74
CA LEU C 415 -6.28 -26.19 36.75
C LEU C 415 -6.31 -27.70 36.94
N SER C 416 -5.32 -28.26 37.64
CA SER C 416 -5.35 -29.69 37.91
C SER C 416 -6.48 -30.04 38.88
N LEU C 417 -6.69 -29.20 39.89
CA LEU C 417 -7.74 -29.43 40.87
C LEU C 417 -9.13 -29.32 40.29
N PHE C 418 -9.28 -29.06 39.00
CA PHE C 418 -10.58 -28.87 38.38
C PHE C 418 -10.66 -29.73 37.14
N SER C 419 -11.89 -30.04 36.74
CA SER C 419 -12.14 -30.81 35.52
C SER C 419 -12.43 -29.80 34.42
N VAL C 420 -11.44 -29.55 33.57
CA VAL C 420 -11.48 -28.45 32.63
C VAL C 420 -12.35 -28.85 31.44
N ASN C 421 -13.43 -28.10 31.22
CA ASN C 421 -14.33 -28.35 30.10
C ASN C 421 -13.89 -27.59 28.86
N ASP C 422 -13.69 -26.29 29.01
CA ASP C 422 -13.33 -25.42 27.88
C ASP C 422 -12.19 -24.50 28.31
N PHE C 423 -11.28 -24.20 27.38
CA PHE C 423 -10.10 -23.41 27.72
C PHE C 423 -9.63 -22.72 26.44
N THR C 424 -10.04 -21.46 26.26
CA THR C 424 -9.78 -20.73 25.03
C THR C 424 -9.19 -19.36 25.31
N CYS C 425 -8.14 -18.98 24.59
CA CYS C 425 -7.41 -17.76 24.85
C CYS C 425 -7.31 -16.91 23.59
N SER C 426 -7.26 -15.60 23.81
CA SER C 426 -7.13 -14.60 22.76
C SER C 426 -5.88 -13.77 22.99
N GLN C 427 -5.09 -13.61 21.92
CA GLN C 427 -3.81 -12.91 21.90
C GLN C 427 -2.77 -13.56 22.79
N ILE C 428 -3.00 -14.80 23.21
CA ILE C 428 -2.05 -15.54 24.01
C ILE C 428 -2.34 -17.02 23.78
N SER C 429 -1.35 -17.83 23.94
CA SER C 429 -1.74 -19.21 23.66
C SER C 429 -2.03 -19.95 24.95
N PRO C 430 -2.89 -20.98 24.89
CA PRO C 430 -3.24 -21.72 26.11
C PRO C 430 -2.03 -22.32 26.81
N ALA C 431 -0.98 -22.68 26.08
CA ALA C 431 0.24 -23.12 26.72
C ALA C 431 1.06 -21.97 27.25
N ALA C 432 0.96 -20.79 26.62
CA ALA C 432 1.76 -19.65 27.04
C ALA C 432 1.25 -19.01 28.31
N ILE C 433 -0.08 -18.99 28.51
CA ILE C 433 -0.66 -18.31 29.65
C ILE C 433 -0.17 -18.90 30.96
N ALA C 434 0.33 -20.12 30.95
CA ALA C 434 0.86 -20.75 32.16
C ALA C 434 2.37 -20.63 32.27
N SER C 435 3.03 -19.93 31.36
CA SER C 435 4.48 -19.91 31.36
C SER C 435 5.10 -18.55 31.12
N ASN C 436 4.33 -17.51 30.88
CA ASN C 436 4.87 -16.19 30.60
C ASN C 436 4.90 -15.32 31.85
N CYS C 437 5.68 -14.25 31.78
CA CYS C 437 5.81 -13.27 32.86
C CYS C 437 4.98 -12.04 32.53
N TYR C 438 4.26 -11.53 33.53
CA TYR C 438 3.37 -10.39 33.35
C TYR C 438 3.65 -9.39 34.44
N SER C 439 3.01 -8.23 34.35
CA SER C 439 3.08 -7.26 35.44
C SER C 439 1.91 -7.39 36.40
N SER C 440 0.74 -7.75 35.89
CA SER C 440 -0.43 -7.98 36.73
C SER C 440 -1.28 -9.07 36.10
N LEU C 441 -1.80 -9.96 36.95
CA LEU C 441 -2.73 -10.99 36.51
C LEU C 441 -4.05 -10.80 37.23
N ILE C 442 -5.15 -10.87 36.49
CA ILE C 442 -6.49 -10.67 37.03
C ILE C 442 -7.29 -11.93 36.74
N LEU C 443 -7.83 -12.54 37.79
CA LEU C 443 -8.61 -13.76 37.68
C LEU C 443 -10.00 -13.50 38.24
N ASP C 444 -11.00 -13.50 37.37
CA ASP C 444 -12.39 -13.32 37.76
C ASP C 444 -13.11 -14.65 37.70
N TYR C 445 -13.74 -15.03 38.79
CA TYR C 445 -14.40 -16.33 38.84
C TYR C 445 -15.85 -16.16 39.26
N PHE C 446 -16.69 -17.07 38.76
CA PHE C 446 -18.11 -17.03 39.07
C PHE C 446 -18.68 -18.44 38.99
N SER C 447 -20.00 -18.54 39.19
CA SER C 447 -20.75 -19.78 39.01
C SER C 447 -21.46 -19.69 37.67
N TYR C 448 -21.14 -20.61 36.76
CA TYR C 448 -21.68 -20.54 35.41
C TYR C 448 -22.04 -21.93 34.92
N PRO C 449 -23.26 -22.13 34.42
CA PRO C 449 -23.63 -23.43 33.86
C PRO C 449 -23.21 -23.53 32.40
N LEU C 450 -22.63 -24.68 32.05
CA LEU C 450 -22.00 -24.86 30.76
C LEU C 450 -22.96 -24.70 29.58
N SER C 451 -24.26 -24.82 29.83
CA SER C 451 -25.23 -24.81 28.74
C SER C 451 -25.13 -23.56 27.87
N MET C 452 -24.86 -22.40 28.47
CA MET C 452 -24.70 -21.16 27.72
C MET C 452 -23.24 -20.82 27.45
N LYS C 453 -22.43 -21.84 27.13
CA LYS C 453 -21.05 -21.58 26.73
C LYS C 453 -20.98 -20.57 25.60
N SER C 454 -21.93 -20.62 24.67
CA SER C 454 -21.91 -19.69 23.54
C SER C 454 -22.25 -18.26 23.93
N ASP C 455 -22.66 -18.01 25.16
CA ASP C 455 -22.96 -16.65 25.59
C ASP C 455 -21.78 -15.94 26.23
N LEU C 456 -20.61 -16.57 26.28
CA LEU C 456 -19.46 -15.96 26.93
C LEU C 456 -18.55 -15.21 25.97
N SER C 457 -18.55 -15.58 24.68
CA SER C 457 -17.82 -14.79 23.71
C SER C 457 -18.53 -13.48 23.42
N VAL C 458 -17.75 -12.44 23.10
CA VAL C 458 -18.35 -11.15 22.74
C VAL C 458 -19.19 -11.30 21.49
N SER C 459 -18.70 -12.04 20.51
CA SER C 459 -19.55 -12.52 19.43
C SER C 459 -20.62 -13.43 20.02
N SER C 460 -21.81 -13.41 19.41
CA SER C 460 -23.02 -14.02 19.97
C SER C 460 -23.35 -13.38 21.32
N ALA C 461 -23.72 -12.10 21.24
CA ALA C 461 -23.95 -11.24 22.39
C ALA C 461 -24.74 -11.91 23.51
N GLY C 462 -25.99 -12.27 23.24
CA GLY C 462 -26.82 -12.89 24.25
C GLY C 462 -27.04 -11.96 25.42
N PRO C 463 -27.48 -12.51 26.55
CA PRO C 463 -27.64 -11.70 27.76
C PRO C 463 -26.40 -11.62 28.63
N ILE C 464 -25.52 -12.62 28.54
CA ILE C 464 -24.35 -12.67 29.42
C ILE C 464 -23.34 -11.60 29.02
N SER C 465 -22.83 -11.68 27.79
CA SER C 465 -21.82 -10.73 27.35
C SER C 465 -22.38 -9.33 27.15
N GLN C 466 -23.69 -9.16 27.20
CA GLN C 466 -24.30 -7.88 26.95
C GLN C 466 -24.82 -7.20 28.21
N PHE C 467 -25.04 -7.94 29.29
CA PHE C 467 -25.48 -7.34 30.53
C PHE C 467 -24.74 -7.82 31.76
N ASN C 468 -23.95 -8.88 31.69
CA ASN C 468 -23.42 -9.52 32.88
C ASN C 468 -21.90 -9.41 32.99
N TYR C 469 -21.16 -9.85 31.97
CA TYR C 469 -19.71 -9.96 32.06
C TYR C 469 -19.11 -9.81 30.68
N LYS C 470 -18.13 -8.91 30.57
CA LYS C 470 -17.49 -8.61 29.29
C LYS C 470 -16.00 -8.42 29.50
N GLN C 471 -15.19 -9.07 28.67
CA GLN C 471 -13.76 -9.00 28.79
C GLN C 471 -13.19 -7.93 27.85
N SER C 472 -12.06 -7.36 28.25
CA SER C 472 -11.46 -6.29 27.48
C SER C 472 -10.88 -6.82 26.18
N PHE C 473 -11.03 -6.02 25.13
CA PHE C 473 -10.55 -6.41 23.80
C PHE C 473 -9.07 -6.14 23.60
N SER C 474 -8.44 -5.40 24.52
CA SER C 474 -7.05 -4.97 24.32
C SER C 474 -6.05 -5.98 24.87
N ASN C 475 -6.11 -6.23 26.17
CA ASN C 475 -5.14 -7.11 26.78
C ASN C 475 -5.42 -8.57 26.41
N PRO C 476 -4.39 -9.42 26.43
CA PRO C 476 -4.63 -10.84 26.19
C PRO C 476 -5.55 -11.42 27.24
N THR C 477 -6.42 -12.34 26.82
CA THR C 477 -7.39 -12.90 27.74
C THR C 477 -7.45 -14.42 27.59
N CYS C 478 -7.93 -15.07 28.64
CA CYS C 478 -8.25 -16.50 28.59
C CYS C 478 -9.58 -16.72 29.28
N LEU C 479 -10.32 -17.72 28.80
CA LEU C 479 -11.61 -18.08 29.35
C LEU C 479 -11.63 -19.57 29.63
N ILE C 480 -12.08 -19.94 30.82
CA ILE C 480 -12.02 -21.30 31.33
C ILE C 480 -13.41 -21.70 31.80
N LEU C 481 -13.88 -22.86 31.38
CA LEU C 481 -15.07 -23.50 31.94
C LEU C 481 -14.66 -24.81 32.57
N ALA C 482 -14.98 -24.98 33.85
CA ALA C 482 -14.56 -26.17 34.59
C ALA C 482 -15.69 -26.64 35.50
N THR C 483 -15.55 -27.86 36.00
CA THR C 483 -16.47 -28.45 36.96
C THR C 483 -15.70 -28.89 38.19
N VAL C 484 -16.20 -28.52 39.37
CA VAL C 484 -15.56 -28.94 40.61
C VAL C 484 -15.84 -30.43 40.83
N PRO C 485 -14.86 -31.22 41.26
CA PRO C 485 -15.09 -32.66 41.47
C PRO C 485 -15.76 -32.93 42.81
N HIS C 486 -16.21 -34.18 42.97
CA HIS C 486 -16.78 -34.59 44.24
C HIS C 486 -15.76 -34.50 45.36
N ASN C 487 -14.51 -34.90 45.08
CA ASN C 487 -13.50 -35.00 46.13
C ASN C 487 -13.16 -33.64 46.75
N LEU C 488 -13.47 -32.54 46.06
CA LEU C 488 -13.21 -31.20 46.59
C LEU C 488 -14.45 -30.76 47.35
N THR C 489 -14.34 -30.69 48.67
CA THR C 489 -15.52 -30.55 49.52
C THR C 489 -15.90 -29.12 49.82
N THR C 490 -14.92 -28.23 49.93
CA THR C 490 -15.16 -26.94 50.58
C THR C 490 -15.81 -25.90 49.69
N ILE C 491 -15.97 -26.15 48.39
CA ILE C 491 -16.78 -25.25 47.55
C ILE C 491 -18.25 -25.59 47.82
N THR C 492 -18.92 -24.72 48.56
CA THR C 492 -20.33 -24.94 48.90
C THR C 492 -21.20 -24.61 47.70
N LYS C 493 -21.88 -25.62 47.18
CA LYS C 493 -22.68 -25.45 45.97
C LYS C 493 -23.82 -24.46 46.24
N PRO C 494 -24.10 -23.55 45.31
CA PRO C 494 -25.23 -22.64 45.50
C PRO C 494 -26.54 -23.33 45.17
N LEU C 495 -27.60 -22.53 45.14
CA LEU C 495 -28.93 -23.11 45.09
C LEU C 495 -29.53 -23.08 43.69
N LYS C 496 -29.11 -22.14 42.85
CA LYS C 496 -29.53 -22.09 41.46
C LYS C 496 -28.56 -21.19 40.70
N TYR C 497 -28.68 -21.21 39.38
CA TYR C 497 -27.82 -20.39 38.51
C TYR C 497 -28.56 -19.12 38.14
N SER C 498 -28.28 -18.03 38.85
CA SER C 498 -28.94 -16.75 38.61
C SER C 498 -28.14 -15.90 37.64
N TYR C 499 -28.84 -15.18 36.76
CA TYR C 499 -28.14 -14.26 35.86
C TYR C 499 -29.10 -13.22 35.27
N ILE C 500 -28.58 -12.02 35.04
CA ILE C 500 -29.35 -10.88 34.57
C ILE C 500 -29.82 -11.10 33.14
N ASN C 501 -31.03 -10.62 32.83
CA ASN C 501 -31.52 -10.57 31.45
C ASN C 501 -31.92 -9.17 30.99
N LYS C 502 -32.32 -8.29 31.91
CA LYS C 502 -32.60 -6.89 31.63
C LYS C 502 -31.89 -6.04 32.66
N CYS C 503 -31.09 -5.09 32.22
CA CYS C 503 -30.64 -3.98 33.06
C CYS C 503 -30.80 -2.73 32.23
N SER C 504 -31.80 -1.91 32.55
CA SER C 504 -32.14 -0.80 31.71
C SER C 504 -32.60 0.37 32.57
N ARG C 505 -32.56 1.55 31.98
CA ARG C 505 -32.82 2.80 32.68
C ARG C 505 -34.08 3.43 32.13
N LEU C 506 -34.97 3.85 33.03
CA LEU C 506 -36.23 4.46 32.67
C LEU C 506 -36.10 5.97 32.76
N LEU C 507 -36.06 6.63 31.61
CA LEU C 507 -35.88 8.07 31.57
C LEU C 507 -37.12 8.75 32.16
N SER C 508 -36.97 10.04 32.49
CA SER C 508 -38.03 10.76 33.19
C SER C 508 -39.32 10.81 32.38
N ASP C 509 -39.23 10.69 31.05
CA ASP C 509 -40.44 10.67 30.23
C ASP C 509 -41.30 9.46 30.51
N ASP C 510 -40.75 8.45 31.20
CA ASP C 510 -41.36 7.15 31.48
C ASP C 510 -41.73 6.42 30.19
N ARG C 511 -41.28 6.91 29.04
CA ARG C 511 -41.59 6.34 27.74
C ARG C 511 -40.39 5.63 27.13
N THR C 512 -39.22 6.27 27.18
CA THR C 512 -38.03 5.71 26.56
C THR C 512 -37.34 4.75 27.51
N GLU C 513 -36.89 3.63 26.95
CA GLU C 513 -36.10 2.64 27.65
C GLU C 513 -34.67 2.75 27.15
N VAL C 514 -33.72 2.93 28.07
CA VAL C 514 -32.32 3.11 27.71
C VAL C 514 -31.54 1.91 28.23
N PRO C 515 -31.15 0.99 27.35
CA PRO C 515 -30.39 -0.19 27.81
C PRO C 515 -29.06 0.22 28.42
N GLN C 516 -28.64 -0.56 29.41
CA GLN C 516 -27.39 -0.33 30.12
C GLN C 516 -26.43 -1.46 29.75
N LEU C 517 -25.69 -1.25 28.67
CA LEU C 517 -24.65 -2.19 28.28
C LEU C 517 -23.55 -2.21 29.33
N VAL C 518 -22.92 -3.38 29.48
CA VAL C 518 -21.83 -3.52 30.43
C VAL C 518 -20.52 -3.16 29.73
N ASN C 519 -19.64 -2.48 30.45
CA ASN C 519 -18.33 -2.12 29.94
C ASN C 519 -17.29 -3.13 30.41
N ALA C 520 -16.25 -3.31 29.61
CA ALA C 520 -15.28 -4.36 29.84
C ALA C 520 -14.66 -4.24 31.23
N ASN C 521 -14.56 -5.37 31.92
CA ASN C 521 -13.92 -5.47 33.23
C ASN C 521 -14.64 -4.62 34.29
N GLN C 522 -15.94 -4.40 34.10
CA GLN C 522 -16.74 -3.61 35.03
C GLN C 522 -17.98 -4.38 35.43
N TYR C 523 -18.50 -4.08 36.62
CA TYR C 523 -19.77 -4.63 37.05
C TYR C 523 -20.92 -3.93 36.32
N SER C 524 -22.00 -4.67 36.14
CA SER C 524 -23.19 -4.09 35.54
C SER C 524 -23.78 -3.03 36.49
N PRO C 525 -24.40 -1.99 35.95
CA PRO C 525 -24.95 -0.93 36.83
C PRO C 525 -26.05 -1.43 37.74
N CYS C 526 -26.65 -2.57 37.44
CA CYS C 526 -27.83 -3.05 38.14
C CYS C 526 -27.50 -3.94 39.33
N VAL C 527 -26.23 -4.21 39.59
CA VAL C 527 -25.87 -5.12 40.66
C VAL C 527 -26.24 -4.59 42.04
N SER C 528 -26.55 -3.30 42.15
CA SER C 528 -26.89 -2.72 43.43
C SER C 528 -28.27 -3.12 43.92
N ILE C 529 -29.15 -3.52 43.01
CA ILE C 529 -30.53 -3.85 43.33
C ILE C 529 -30.79 -5.36 43.28
N VAL C 530 -30.27 -6.03 42.27
CA VAL C 530 -30.52 -7.47 42.12
C VAL C 530 -29.80 -8.22 43.23
N PRO C 531 -30.46 -9.15 43.93
CA PRO C 531 -29.79 -9.88 45.01
C PRO C 531 -28.83 -10.92 44.44
N SER C 532 -28.09 -11.54 45.35
CA SER C 532 -27.06 -12.50 44.94
C SER C 532 -27.68 -13.67 44.19
N THR C 533 -28.80 -14.19 44.69
CA THR C 533 -29.50 -15.30 44.05
C THR C 533 -30.88 -14.86 43.65
N VAL C 534 -31.25 -15.12 42.40
CA VAL C 534 -32.57 -14.76 41.90
C VAL C 534 -33.59 -15.76 42.46
N TRP C 535 -34.55 -15.27 43.24
CA TRP C 535 -35.50 -16.15 43.90
C TRP C 535 -36.38 -16.88 42.90
N GLU C 536 -36.87 -16.19 41.87
CA GLU C 536 -37.82 -16.77 40.94
C GLU C 536 -37.49 -16.31 39.53
N ASP C 537 -37.55 -17.23 38.58
CA ASP C 537 -37.23 -16.90 37.20
C ASP C 537 -38.20 -15.86 36.65
N GLY C 538 -37.66 -14.69 36.30
CA GLY C 538 -38.44 -13.62 35.75
C GLY C 538 -38.77 -12.48 36.68
N ASP C 539 -38.27 -12.51 37.92
CA ASP C 539 -38.56 -11.46 38.88
C ASP C 539 -38.09 -10.10 38.36
N TYR C 540 -38.66 -9.04 38.95
CA TYR C 540 -38.31 -7.68 38.57
C TYR C 540 -37.90 -6.88 39.79
N TYR C 541 -37.01 -5.91 39.55
CA TYR C 541 -36.50 -5.02 40.56
C TYR C 541 -36.43 -3.61 39.97
N ARG C 542 -36.69 -2.61 40.79
CA ARG C 542 -36.62 -1.24 40.32
C ARG C 542 -36.21 -0.35 41.48
N LYS C 543 -35.49 0.72 41.15
CA LYS C 543 -35.14 1.73 42.13
C LYS C 543 -35.18 3.11 41.48
N GLN C 544 -35.48 4.12 42.28
CA GLN C 544 -35.55 5.51 41.82
C GLN C 544 -34.21 6.19 42.03
N LEU C 545 -33.67 6.77 40.97
CA LEU C 545 -32.39 7.43 41.02
C LEU C 545 -32.54 8.88 41.45
N SER C 546 -31.65 9.33 42.32
CA SER C 546 -31.64 10.70 42.76
C SER C 546 -31.30 11.62 41.58
N PRO C 547 -31.70 12.90 41.66
CA PRO C 547 -31.35 13.83 40.57
C PRO C 547 -29.85 13.94 40.31
N LEU C 548 -29.01 13.75 41.35
CA LEU C 548 -27.57 13.73 41.13
C LEU C 548 -27.17 12.65 40.14
N GLU C 549 -27.86 11.51 40.17
CA GLU C 549 -27.60 10.41 39.26
C GLU C 549 -28.35 10.54 37.95
N GLY C 550 -29.05 11.66 37.74
CA GLY C 550 -29.82 11.87 36.53
C GLY C 550 -31.29 11.52 36.64
N GLY C 551 -31.79 11.27 37.84
CA GLY C 551 -33.18 10.91 37.99
C GLY C 551 -33.50 9.59 37.30
N GLY C 552 -34.79 9.37 37.10
CA GLY C 552 -35.25 8.21 36.38
C GLY C 552 -35.36 6.98 37.25
N TRP C 553 -35.40 5.84 36.58
CA TRP C 553 -35.57 4.55 37.24
C TRP C 553 -34.58 3.54 36.68
N LEU C 554 -34.13 2.65 37.55
CA LEU C 554 -33.28 1.53 37.17
C LEU C 554 -34.09 0.26 37.37
N VAL C 555 -34.31 -0.47 36.28
CA VAL C 555 -35.17 -1.66 36.28
C VAL C 555 -34.36 -2.84 35.78
N ALA C 556 -34.42 -3.95 36.52
CA ALA C 556 -33.63 -5.12 36.21
C ALA C 556 -34.47 -6.37 36.45
N SER C 557 -34.02 -7.48 35.85
CA SER C 557 -34.73 -8.74 35.97
C SER C 557 -33.74 -9.89 35.87
N GLY C 558 -33.84 -10.83 36.80
CA GLY C 558 -32.94 -11.97 36.85
C GLY C 558 -33.65 -13.25 36.46
N SER C 559 -33.04 -13.98 35.53
CA SER C 559 -33.49 -15.30 35.13
C SER C 559 -32.66 -16.36 35.85
N THR C 560 -33.13 -17.61 35.78
CA THR C 560 -32.51 -18.69 36.52
C THR C 560 -32.44 -19.94 35.67
N VAL C 561 -31.32 -20.65 35.77
CA VAL C 561 -31.13 -21.97 35.20
C VAL C 561 -30.86 -22.93 36.34
N ALA C 562 -31.48 -24.11 36.27
CA ALA C 562 -31.44 -25.06 37.37
C ALA C 562 -30.03 -25.54 37.63
N MET C 563 -29.79 -25.99 38.86
CA MET C 563 -28.49 -26.46 39.30
C MET C 563 -28.03 -27.63 38.45
N THR C 564 -26.82 -28.10 38.74
CA THR C 564 -26.31 -29.35 38.19
C THR C 564 -25.87 -30.27 39.33
N GLU C 565 -25.54 -31.51 38.97
CA GLU C 565 -25.09 -32.48 39.97
C GLU C 565 -23.80 -32.03 40.63
N GLN C 566 -22.85 -31.54 39.84
CA GLN C 566 -21.65 -30.89 40.33
C GLN C 566 -21.63 -29.45 39.85
N LEU C 567 -21.05 -28.57 40.67
CA LEU C 567 -21.03 -27.15 40.34
C LEU C 567 -20.11 -26.89 39.14
N GLN C 568 -20.59 -26.06 38.23
CA GLN C 568 -19.83 -25.62 37.06
C GLN C 568 -19.46 -24.16 37.24
N MET C 569 -18.18 -23.84 37.04
CA MET C 569 -17.68 -22.48 37.23
C MET C 569 -16.95 -21.98 36.00
N GLY C 570 -16.89 -20.66 35.91
CA GLY C 570 -16.18 -19.98 34.84
C GLY C 570 -15.10 -19.08 35.39
N PHE C 571 -13.96 -19.07 34.71
CA PHE C 571 -12.79 -18.25 35.04
C PHE C 571 -12.46 -17.37 33.85
N GLY C 572 -12.12 -16.12 34.13
CA GLY C 572 -11.58 -15.22 33.13
C GLY C 572 -10.25 -14.70 33.59
N ILE C 573 -9.24 -14.74 32.72
CA ILE C 573 -7.90 -14.31 33.07
C ILE C 573 -7.50 -13.18 32.14
N THR C 574 -7.00 -12.09 32.70
CA THR C 574 -6.48 -10.97 31.95
C THR C 574 -5.07 -10.68 32.45
N VAL C 575 -4.17 -10.34 31.54
CA VAL C 575 -2.79 -10.05 31.90
C VAL C 575 -2.39 -8.69 31.36
N GLN C 576 -1.64 -7.94 32.16
CA GLN C 576 -1.12 -6.64 31.76
C GLN C 576 0.41 -6.70 31.75
N TYR C 577 1.02 -5.80 30.97
CA TYR C 577 2.46 -5.88 30.73
C TYR C 577 3.24 -4.70 31.28
N GLY C 578 2.95 -3.48 30.86
CA GLY C 578 3.70 -2.33 31.35
C GLY C 578 3.06 -1.54 32.46
N THR C 579 2.85 -2.15 33.63
CA THR C 579 2.10 -1.48 34.68
C THR C 579 2.82 -1.41 36.01
N ASP C 580 3.64 -2.39 36.37
CA ASP C 580 4.33 -2.39 37.64
C ASP C 580 5.84 -2.46 37.39
N THR C 581 6.60 -2.14 38.43
CA THR C 581 8.04 -2.35 38.36
C THR C 581 8.42 -3.77 38.73
N ASN C 582 7.50 -4.52 39.29
CA ASN C 582 7.67 -5.94 39.59
C ASN C 582 6.92 -6.74 38.55
N SER C 583 6.80 -8.05 38.77
CA SER C 583 6.18 -8.89 37.76
C SER C 583 5.58 -10.12 38.40
N VAL C 584 4.68 -10.76 37.65
CA VAL C 584 4.09 -12.03 38.01
C VAL C 584 4.68 -13.07 37.06
N CYS C 585 5.49 -13.97 37.61
CA CYS C 585 6.24 -14.94 36.84
C CYS C 585 5.97 -16.35 37.36
N PRO C 586 6.20 -17.37 36.54
CA PRO C 586 6.11 -18.74 37.05
C PRO C 586 7.22 -19.04 38.05
N LYS C 587 7.15 -20.18 38.73
CA LYS C 587 8.17 -20.55 39.69
C LYS C 587 9.27 -21.35 39.00
N LEU C 588 10.52 -21.07 39.37
CA LEU C 588 11.67 -21.77 38.79
C LEU C 588 12.38 -22.57 39.88
N GLU C 589 13.51 -23.16 39.53
CA GLU C 589 14.34 -23.94 40.44
C GLU C 589 15.47 -23.06 40.94
N PHE C 590 15.57 -22.89 42.26
CA PHE C 590 16.45 -21.89 42.85
C PHE C 590 17.81 -22.47 43.22
N ALA C 591 18.52 -22.98 42.21
CA ALA C 591 19.88 -23.45 42.41
C ALA C 591 20.77 -23.14 41.22
N ASN C 592 20.53 -22.04 40.52
CA ASN C 592 21.21 -21.75 39.27
C ASN C 592 22.22 -20.61 39.43
N ASP C 593 22.99 -20.41 38.36
CA ASP C 593 24.03 -19.38 38.29
C ASP C 593 23.62 -18.19 37.43
N THR C 594 22.34 -17.82 37.47
CA THR C 594 21.81 -16.78 36.60
C THR C 594 21.87 -15.41 37.27
N LYS C 595 23.09 -14.97 37.55
CA LYS C 595 23.32 -13.71 38.24
C LYS C 595 23.98 -12.72 37.28
N ILE C 596 23.55 -11.45 37.36
CA ILE C 596 24.15 -10.43 36.50
C ILE C 596 25.61 -10.23 36.87
N ALA C 597 25.92 -10.20 38.16
CA ALA C 597 27.26 -9.82 38.61
C ALA C 597 28.32 -10.82 38.17
N SER C 598 27.95 -12.04 37.82
CA SER C 598 28.92 -13.02 37.35
C SER C 598 29.19 -12.92 35.86
N GLN C 599 28.15 -12.79 35.06
CA GLN C 599 28.30 -12.71 33.60
C GLN C 599 28.31 -11.26 33.13
N LEU C 600 29.27 -10.50 33.65
CA LEU C 600 29.31 -9.06 33.42
C LEU C 600 30.25 -8.78 32.26
N GLY C 601 29.69 -8.48 31.09
CA GLY C 601 30.50 -8.06 29.97
C GLY C 601 30.39 -8.95 28.75
N ASN C 602 29.56 -9.98 28.83
CA ASN C 602 29.42 -10.93 27.74
C ASN C 602 27.95 -11.10 27.39
N CYS C 603 27.71 -11.50 26.14
CA CYS C 603 26.34 -11.58 25.63
C CYS C 603 25.55 -12.61 26.41
N VAL C 604 24.37 -12.22 26.89
CA VAL C 604 23.52 -13.09 27.68
C VAL C 604 22.07 -12.88 27.31
N GLU C 605 21.28 -13.94 27.44
CA GLU C 605 19.85 -13.84 27.54
C GLU C 605 19.48 -13.29 28.90
N TYR C 606 18.45 -12.45 28.94
CA TYR C 606 17.98 -11.94 30.22
C TYR C 606 16.46 -11.97 30.27
N SER C 607 15.96 -12.24 31.47
CA SER C 607 14.55 -12.24 31.80
C SER C 607 14.35 -11.49 33.11
N LEU C 608 14.88 -10.26 33.17
CA LEU C 608 15.00 -9.52 34.41
C LEU C 608 13.69 -9.47 35.18
N TYR C 609 12.61 -9.16 34.49
CA TYR C 609 11.26 -9.28 35.04
C TYR C 609 10.41 -9.59 33.82
N GLY C 610 9.15 -9.21 33.81
CA GLY C 610 8.34 -9.44 32.62
C GLY C 610 9.01 -9.10 31.30
N VAL C 611 10.06 -8.28 31.33
CA VAL C 611 10.80 -7.87 30.14
C VAL C 611 12.00 -8.79 29.94
N SER C 612 12.26 -9.17 28.68
CA SER C 612 13.31 -10.12 28.37
C SER C 612 13.95 -9.77 27.03
N GLY C 613 15.15 -10.30 26.80
CA GLY C 613 15.86 -10.04 25.55
C GLY C 613 17.28 -10.57 25.61
N ARG C 614 18.14 -10.00 24.77
CA ARG C 614 19.56 -10.32 24.78
C ARG C 614 20.35 -9.03 24.92
N GLY C 615 21.50 -9.12 25.59
CA GLY C 615 22.31 -7.93 25.73
C GLY C 615 23.57 -8.21 26.52
N VAL C 616 24.30 -7.13 26.78
CA VAL C 616 25.54 -7.13 27.55
C VAL C 616 25.39 -6.13 28.67
N PHE C 617 25.66 -6.57 29.90
CA PHE C 617 25.52 -5.74 31.09
C PHE C 617 26.87 -5.17 31.49
N GLN C 618 26.83 -4.02 32.16
CA GLN C 618 28.04 -3.39 32.67
C GLN C 618 27.73 -2.68 33.97
N ASN C 619 28.72 -2.64 34.86
CA ASN C 619 28.61 -1.76 36.02
C ASN C 619 28.71 -0.32 35.55
N CYS C 620 27.88 0.53 36.13
CA CYS C 620 27.57 1.78 35.45
C CYS C 620 26.90 2.68 36.48
N THR C 621 27.03 3.99 36.29
CA THR C 621 26.59 4.94 37.31
C THR C 621 25.09 5.17 37.22
N ALA C 622 24.42 5.10 38.37
CA ALA C 622 22.97 5.15 38.41
C ALA C 622 22.46 6.46 37.82
N VAL C 623 21.45 6.38 36.96
CA VAL C 623 21.05 7.57 36.21
C VAL C 623 19.55 7.82 36.19
N GLY C 624 18.68 6.85 36.46
CA GLY C 624 17.26 7.17 36.35
C GLY C 624 16.59 7.45 37.69
N VAL C 625 15.32 7.10 37.83
CA VAL C 625 14.66 7.04 39.13
C VAL C 625 14.74 5.60 39.62
N ARG C 626 15.32 5.40 40.80
CA ARG C 626 15.64 4.05 41.24
C ARG C 626 14.39 3.20 41.43
N GLN C 627 13.32 3.78 41.95
CA GLN C 627 12.12 3.00 42.22
C GLN C 627 11.46 2.49 40.96
N GLN C 628 11.72 3.12 39.81
CA GLN C 628 11.23 2.66 38.51
C GLN C 628 12.39 1.90 37.89
N ARG C 629 12.43 0.59 38.10
CA ARG C 629 13.69 -0.12 37.97
C ARG C 629 14.22 -0.20 36.55
N PHE C 630 13.40 0.07 35.53
CA PHE C 630 13.82 -0.03 34.14
C PHE C 630 14.06 1.36 33.57
N VAL C 631 15.19 1.55 32.91
CA VAL C 631 15.53 2.82 32.29
C VAL C 631 15.54 2.62 30.79
N TYR C 632 14.66 3.34 30.09
CA TYR C 632 14.48 3.25 28.65
C TYR C 632 15.09 4.47 27.98
N ASP C 633 15.12 4.42 26.65
CA ASP C 633 15.57 5.53 25.84
C ASP C 633 14.39 6.05 25.01
N ALA C 634 14.65 7.05 24.19
CA ALA C 634 13.59 7.68 23.41
C ALA C 634 12.94 6.70 22.44
N TYR C 635 13.64 5.65 22.04
CA TYR C 635 13.15 4.68 21.08
C TYR C 635 12.45 3.51 21.74
N GLN C 636 12.24 3.57 23.06
CA GLN C 636 11.52 2.54 23.82
C GLN C 636 12.22 1.19 23.77
N ASN C 637 13.45 1.15 24.28
CA ASN C 637 14.09 -0.12 24.59
C ASN C 637 15.03 0.07 25.77
N LEU C 638 15.21 -1.00 26.55
CA LEU C 638 16.01 -0.91 27.76
C LEU C 638 17.43 -0.44 27.51
N VAL C 639 17.88 0.49 28.33
CA VAL C 639 19.28 0.88 28.38
C VAL C 639 19.82 0.84 29.80
N GLY C 640 18.99 0.59 30.80
CA GLY C 640 19.49 0.54 32.15
C GLY C 640 18.59 -0.27 33.06
N TYR C 641 19.20 -0.82 34.11
CA TYR C 641 18.47 -1.72 34.99
C TYR C 641 18.98 -1.56 36.41
N TYR C 642 18.06 -1.45 37.36
CA TYR C 642 18.39 -1.42 38.78
C TYR C 642 18.20 -2.83 39.33
N SER C 643 19.30 -3.49 39.65
CA SER C 643 19.23 -4.89 40.01
C SER C 643 18.86 -5.08 41.47
N ASP C 644 18.43 -6.30 41.79
CA ASP C 644 18.10 -6.67 43.16
C ASP C 644 19.33 -6.74 44.05
N ASP C 645 20.54 -6.75 43.48
CA ASP C 645 21.75 -6.72 44.27
C ASP C 645 22.12 -5.32 44.73
N GLY C 646 21.45 -4.29 44.24
CA GLY C 646 21.74 -2.93 44.63
C GLY C 646 22.58 -2.14 43.66
N ASN C 647 22.89 -2.67 42.49
CA ASN C 647 23.69 -1.99 41.50
C ASN C 647 22.82 -1.47 40.37
N TYR C 648 23.40 -0.59 39.56
CA TYR C 648 22.78 -0.11 38.34
C TYR C 648 23.62 -0.60 37.17
N TYR C 649 23.00 -1.38 36.29
CA TYR C 649 23.67 -1.92 35.10
C TYR C 649 23.04 -1.29 33.88
N CYS C 650 23.87 -0.89 32.93
CA CYS C 650 23.39 -0.26 31.70
C CYS C 650 23.68 -1.14 30.49
N LEU C 651 22.59 -1.57 29.83
CA LEU C 651 22.57 -2.60 28.79
C LEU C 651 23.18 -2.11 27.48
N ARG C 652 23.61 -3.06 26.65
CA ARG C 652 24.48 -2.75 25.54
C ARG C 652 24.22 -3.48 24.23
N ALA C 653 23.14 -4.25 24.10
CA ALA C 653 22.76 -4.72 22.76
C ALA C 653 23.80 -5.59 22.05
N CYS C 654 23.89 -6.88 22.40
CA CYS C 654 24.83 -7.84 21.82
C CYS C 654 25.14 -7.59 20.36
N VAL C 655 26.41 -7.73 20.00
CA VAL C 655 26.94 -7.04 18.83
C VAL C 655 27.04 -7.97 17.63
N SER C 656 27.03 -7.37 16.44
CA SER C 656 27.12 -8.07 15.16
C SER C 656 28.39 -7.63 14.47
N VAL C 657 29.06 -8.56 13.80
CA VAL C 657 30.28 -8.26 13.04
C VAL C 657 29.89 -8.12 11.58
N PRO C 658 30.10 -6.97 10.95
CA PRO C 658 29.79 -6.83 9.53
C PRO C 658 30.80 -7.57 8.67
N VAL C 659 30.31 -8.17 7.60
CA VAL C 659 31.14 -9.00 6.73
C VAL C 659 30.99 -8.50 5.30
N SER C 660 32.09 -8.53 4.57
CA SER C 660 32.13 -8.07 3.20
C SER C 660 33.10 -8.94 2.42
N VAL C 661 32.81 -9.20 1.16
CA VAL C 661 33.65 -10.08 0.34
C VAL C 661 34.28 -9.25 -0.77
N ILE C 662 35.59 -9.40 -0.94
CA ILE C 662 36.35 -8.74 -1.98
C ILE C 662 36.58 -9.78 -3.06
N TYR C 663 36.04 -9.55 -4.25
CA TYR C 663 36.02 -10.58 -5.28
C TYR C 663 36.68 -10.08 -6.56
N ASP C 664 37.51 -10.92 -7.16
CA ASP C 664 38.15 -10.63 -8.44
C ASP C 664 37.75 -11.71 -9.44
N LYS C 665 36.94 -11.33 -10.45
CA LYS C 665 36.35 -12.36 -11.29
C LYS C 665 37.34 -12.96 -12.27
N GLU C 666 38.31 -12.18 -12.76
CA GLU C 666 39.27 -12.72 -13.73
C GLU C 666 40.17 -13.75 -13.10
N THR C 667 40.61 -13.49 -11.88
CA THR C 667 41.47 -14.42 -11.15
C THR C 667 40.68 -15.43 -10.35
N LYS C 668 39.40 -15.16 -10.10
CA LYS C 668 38.53 -15.96 -9.25
C LYS C 668 39.01 -16.03 -7.81
N THR C 669 39.75 -15.01 -7.36
CA THR C 669 40.20 -14.96 -5.98
C THR C 669 39.30 -14.05 -5.16
N HIS C 670 39.41 -14.20 -3.84
CA HIS C 670 38.51 -13.50 -2.93
C HIS C 670 39.22 -13.26 -1.61
N ALA C 671 38.65 -12.35 -0.83
CA ALA C 671 39.13 -12.03 0.50
C ALA C 671 37.94 -11.58 1.33
N THR C 672 38.14 -11.52 2.64
CA THR C 672 37.07 -11.17 3.56
C THR C 672 37.46 -9.93 4.33
N LEU C 673 36.62 -8.91 4.27
CA LEU C 673 36.79 -7.70 5.06
C LEU C 673 35.76 -7.73 6.17
N PHE C 674 36.21 -7.63 7.42
CA PHE C 674 35.34 -7.71 8.57
C PHE C 674 35.06 -6.30 9.05
N GLY C 675 34.11 -5.65 8.38
CA GLY C 675 33.57 -4.38 8.83
C GLY C 675 34.62 -3.46 9.36
N SER C 676 34.30 -2.69 10.40
CA SER C 676 35.30 -1.96 11.17
C SER C 676 35.50 -2.65 12.52
N VAL C 677 36.21 -3.79 12.51
CA VAL C 677 36.41 -4.54 13.75
C VAL C 677 37.91 -4.70 13.96
N ALA C 678 38.28 -4.95 15.21
CA ALA C 678 39.66 -5.23 15.55
C ALA C 678 39.96 -6.71 15.33
N CYS C 679 41.19 -7.00 14.91
CA CYS C 679 41.53 -8.35 14.49
C CYS C 679 41.49 -9.36 15.62
N GLU C 680 41.40 -8.91 16.87
CA GLU C 680 41.35 -9.82 18.01
C GLU C 680 39.94 -10.17 18.45
N HIS C 681 38.92 -9.68 17.76
CA HIS C 681 37.55 -10.15 17.95
C HIS C 681 37.18 -11.25 16.98
N ILE C 682 38.08 -11.65 16.10
CA ILE C 682 37.76 -12.63 15.07
C ILE C 682 38.77 -13.76 15.15
N SER C 683 38.36 -14.91 14.63
CA SER C 683 39.17 -16.11 14.65
C SER C 683 39.00 -16.84 13.32
N SER C 684 39.80 -17.89 13.13
CA SER C 684 39.78 -18.59 11.85
C SER C 684 38.46 -19.29 11.60
N THR C 685 37.75 -19.69 12.66
CA THR C 685 36.50 -20.39 12.53
C THR C 685 35.29 -19.56 12.91
N MET C 686 35.50 -18.47 13.64
CA MET C 686 34.42 -17.57 14.03
C MET C 686 33.34 -18.32 14.81
N SER C 687 33.78 -19.20 15.70
CA SER C 687 32.92 -20.20 16.31
C SER C 687 32.02 -19.64 17.41
N GLN C 688 32.29 -18.44 17.90
CA GLN C 688 31.47 -17.84 18.93
C GLN C 688 30.36 -16.97 18.36
N TYR C 689 30.16 -17.01 17.04
CA TYR C 689 29.10 -16.29 16.37
C TYR C 689 28.28 -17.26 15.54
N SER C 690 27.13 -16.78 15.06
CA SER C 690 26.26 -17.54 14.19
C SER C 690 25.88 -16.70 12.99
N ARG C 691 25.72 -17.32 11.83
CA ARG C 691 25.51 -16.53 10.62
C ARG C 691 24.37 -17.03 9.74
N SER C 692 24.08 -18.33 9.81
CA SER C 692 23.14 -19.00 8.89
C SER C 692 23.69 -19.09 7.48
N THR C 693 24.98 -18.83 7.30
CA THR C 693 25.71 -19.23 6.11
C THR C 693 26.64 -20.33 6.57
N ARG C 694 26.47 -21.53 6.01
CA ARG C 694 27.01 -22.72 6.65
C ARG C 694 28.53 -22.71 6.71
N SER C 695 29.19 -22.18 5.69
CA SER C 695 30.63 -22.24 5.63
C SER C 695 31.17 -20.83 5.48
N MET C 696 32.48 -20.72 5.37
CA MET C 696 33.12 -19.42 5.26
C MET C 696 34.31 -19.59 4.32
N LEU C 697 34.63 -18.52 3.59
CA LEU C 697 35.59 -18.62 2.49
C LEU C 697 36.91 -19.22 2.95
N LYS C 698 37.56 -19.96 2.05
CA LYS C 698 38.68 -20.82 2.37
C LYS C 698 40.00 -20.26 1.86
N ARG C 699 41.06 -20.43 2.65
CA ARG C 699 42.39 -19.91 2.34
C ARG C 699 43.41 -21.05 2.28
N ARG C 700 44.65 -20.69 1.97
CA ARG C 700 45.76 -21.65 1.82
C ARG C 700 45.44 -22.73 0.80
N GLY C 705 47.32 -15.22 8.22
CA GLY C 705 46.48 -14.85 9.33
C GLY C 705 45.72 -13.55 9.11
N PRO C 706 44.99 -13.09 10.12
CA PRO C 706 44.27 -11.83 9.99
C PRO C 706 45.23 -10.66 9.85
N LEU C 707 44.78 -9.62 9.15
CA LEU C 707 45.58 -8.43 8.92
C LEU C 707 44.77 -7.21 9.30
N GLN C 708 45.33 -6.34 10.13
CA GLN C 708 44.63 -5.15 10.59
C GLN C 708 44.90 -3.99 9.66
N THR C 709 43.84 -3.31 9.24
CA THR C 709 43.89 -2.20 8.30
C THR C 709 43.03 -1.07 8.84
N PRO C 710 43.26 0.16 8.39
CA PRO C 710 42.43 1.27 8.86
C PRO C 710 40.95 1.08 8.64
N VAL C 711 40.53 0.14 7.81
CA VAL C 711 39.12 -0.08 7.58
C VAL C 711 38.59 -1.30 8.33
N GLY C 712 39.45 -2.17 8.84
CA GLY C 712 39.00 -3.34 9.56
C GLY C 712 40.00 -4.46 9.44
N CYS C 713 39.55 -5.65 9.80
CA CYS C 713 40.39 -6.84 9.73
C CYS C 713 40.11 -7.58 8.42
N VAL C 714 41.16 -7.94 7.70
CA VAL C 714 41.01 -8.67 6.45
C VAL C 714 41.60 -10.06 6.59
N LEU C 715 40.96 -11.01 5.92
CA LEU C 715 41.43 -12.38 5.79
C LEU C 715 41.65 -12.67 4.32
N GLY C 716 42.84 -13.15 3.98
CA GLY C 716 43.15 -13.46 2.61
C GLY C 716 43.89 -12.39 1.85
N LEU C 717 44.37 -11.36 2.54
CA LEU C 717 45.23 -10.35 1.94
C LEU C 717 46.61 -10.44 2.58
N VAL C 718 47.63 -10.20 1.79
CA VAL C 718 49.00 -10.15 2.28
C VAL C 718 49.49 -8.71 2.20
N ASN C 719 50.07 -8.23 3.30
CA ASN C 719 50.53 -6.86 3.35
C ASN C 719 51.66 -6.65 2.38
N SER C 720 51.59 -5.55 1.62
CA SER C 720 52.66 -5.18 0.72
C SER C 720 52.92 -3.69 0.87
N SER C 721 54.13 -3.28 0.47
CA SER C 721 54.51 -1.87 0.47
C SER C 721 54.36 -1.24 -0.91
N LEU C 722 53.37 -1.68 -1.67
CA LEU C 722 53.16 -1.18 -3.02
C LEU C 722 52.26 0.04 -3.01
N PHE C 723 52.30 0.76 -4.13
CA PHE C 723 51.42 1.89 -4.39
C PHE C 723 50.89 1.76 -5.80
N VAL C 724 49.71 2.32 -6.05
CA VAL C 724 49.07 2.24 -7.35
C VAL C 724 48.39 3.56 -7.66
N GLU C 725 47.85 3.65 -8.87
CA GLU C 725 46.90 4.69 -9.23
C GLU C 725 45.47 4.21 -9.15
N ASP C 726 45.26 2.90 -9.20
CA ASP C 726 43.96 2.25 -9.05
C ASP C 726 44.19 0.75 -9.06
N CYS C 727 43.28 0.01 -8.44
CA CYS C 727 43.28 -1.44 -8.65
C CYS C 727 41.88 -2.00 -8.77
N LYS C 728 40.89 -1.15 -9.07
CA LYS C 728 39.51 -1.52 -9.34
C LYS C 728 38.79 -2.08 -8.12
N LEU C 729 39.50 -2.28 -7.01
CA LEU C 729 38.90 -2.84 -5.79
C LEU C 729 39.25 -1.93 -4.63
N PRO C 730 38.63 -0.76 -4.56
CA PRO C 730 38.91 0.16 -3.45
C PRO C 730 38.30 -0.35 -2.17
N LEU C 731 39.08 -0.32 -1.10
CA LEU C 731 38.60 -0.75 0.20
C LEU C 731 38.14 0.40 1.07
N GLY C 732 38.42 1.64 0.68
CA GLY C 732 38.17 2.79 1.51
C GLY C 732 39.42 3.25 2.24
N GLN C 733 39.43 4.52 2.62
CA GLN C 733 40.58 5.14 3.28
C GLN C 733 41.86 4.95 2.46
N SER C 734 41.72 5.09 1.15
CA SER C 734 42.84 5.08 0.22
C SER C 734 43.57 3.74 0.20
N LEU C 735 42.87 2.65 0.48
CA LEU C 735 43.42 1.31 0.42
C LEU C 735 42.86 0.61 -0.79
N CYS C 736 43.53 -0.43 -1.25
CA CYS C 736 43.10 -1.01 -2.51
C CYS C 736 43.63 -2.44 -2.52
N ALA C 737 42.89 -3.35 -3.15
CA ALA C 737 43.21 -4.78 -3.11
C ALA C 737 43.71 -5.22 -4.48
N LEU C 738 45.00 -5.49 -4.58
CA LEU C 738 45.63 -5.83 -5.84
C LEU C 738 45.55 -7.33 -6.08
N PRO C 739 44.92 -7.78 -7.15
CA PRO C 739 45.00 -9.20 -7.51
C PRO C 739 46.33 -9.54 -8.16
N ASP C 740 46.46 -10.76 -8.65
CA ASP C 740 47.63 -11.16 -9.41
C ASP C 740 47.32 -11.13 -10.90
N THR C 741 48.25 -11.60 -11.71
CA THR C 741 48.09 -11.56 -13.16
C THR C 741 48.61 -12.85 -13.81
N VAL C 753 48.14 -21.07 -10.78
CA VAL C 753 47.36 -20.85 -9.57
C VAL C 753 47.82 -19.58 -8.89
N PRO C 754 47.04 -18.51 -9.04
CA PRO C 754 47.45 -17.21 -8.49
C PRO C 754 47.38 -17.19 -6.97
N GLY C 755 48.23 -16.35 -6.39
CA GLY C 755 48.36 -16.26 -4.95
C GLY C 755 47.32 -15.34 -4.34
N GLU C 756 47.50 -15.09 -3.06
CA GLU C 756 46.58 -14.21 -2.34
C GLU C 756 46.66 -12.79 -2.88
N MET C 757 45.52 -12.13 -2.93
CA MET C 757 45.50 -10.71 -3.24
C MET C 757 46.28 -9.95 -2.18
N ARG C 758 46.89 -8.85 -2.58
CA ARG C 758 47.78 -8.12 -1.69
C ARG C 758 47.22 -6.72 -1.43
N LEU C 759 47.52 -6.19 -0.25
CA LEU C 759 46.94 -4.94 0.20
C LEU C 759 47.87 -3.79 -0.18
N ALA C 760 47.49 -3.04 -1.20
CA ALA C 760 48.24 -1.87 -1.60
C ALA C 760 47.51 -0.61 -1.17
N SER C 761 48.16 0.53 -1.34
CA SER C 761 47.57 1.82 -1.04
C SER C 761 47.61 2.68 -2.28
N ILE C 762 46.56 3.46 -2.48
CA ILE C 762 46.51 4.39 -3.60
C ILE C 762 47.44 5.55 -3.32
N ALA C 763 48.25 5.90 -4.32
CA ALA C 763 49.26 6.94 -4.15
C ALA C 763 48.79 8.24 -4.81
N PHE C 764 49.13 9.34 -4.17
CA PHE C 764 48.92 10.66 -4.76
C PHE C 764 50.06 10.95 -5.72
N ASN C 765 49.73 11.23 -6.97
CA ASN C 765 50.73 11.49 -8.00
C ASN C 765 51.04 12.98 -7.98
N HIS C 766 52.22 13.32 -7.47
CA HIS C 766 52.56 14.72 -7.27
C HIS C 766 52.71 15.43 -8.61
N PRO C 767 52.27 16.67 -8.71
CA PRO C 767 52.50 17.44 -9.94
C PRO C 767 53.96 17.88 -10.03
N ILE C 768 54.32 18.34 -11.23
CA ILE C 768 55.65 18.92 -11.42
C ILE C 768 55.81 20.09 -10.48
N GLN C 769 56.90 20.09 -9.73
CA GLN C 769 57.14 21.11 -8.72
C GLN C 769 58.05 22.18 -9.31
N VAL C 770 57.55 23.42 -9.34
CA VAL C 770 58.28 24.55 -9.88
C VAL C 770 58.50 25.53 -8.73
N ASP C 771 59.76 25.81 -8.44
CA ASP C 771 60.10 26.62 -7.29
C ASP C 771 60.02 28.10 -7.62
N GLN C 772 59.75 28.89 -6.60
CA GLN C 772 59.47 30.31 -6.75
C GLN C 772 60.72 31.10 -6.37
N LEU C 773 61.29 31.80 -7.36
CA LEU C 773 62.54 32.52 -7.14
C LEU C 773 62.31 33.72 -6.23
N ASN C 774 63.41 34.30 -5.77
CA ASN C 774 63.37 35.51 -4.96
C ASN C 774 63.73 36.76 -5.72
N SER C 775 64.32 36.62 -6.91
CA SER C 775 64.78 37.76 -7.70
C SER C 775 63.60 38.37 -8.44
N SER C 776 63.90 39.20 -9.43
CA SER C 776 62.90 39.74 -10.33
C SER C 776 62.70 38.86 -11.56
N TYR C 777 63.22 37.66 -11.55
CA TYR C 777 62.92 36.65 -12.56
C TYR C 777 61.81 35.74 -12.07
N PHE C 778 61.42 34.79 -12.92
CA PHE C 778 60.59 33.69 -12.46
C PHE C 778 60.91 32.47 -13.29
N LYS C 779 60.44 31.31 -12.84
CA LYS C 779 60.69 30.05 -13.51
C LYS C 779 59.48 29.61 -14.30
N LEU C 780 59.72 28.94 -15.43
CA LEU C 780 58.70 28.82 -16.46
C LEU C 780 58.04 27.44 -16.55
N SER C 781 58.81 26.37 -16.70
CA SER C 781 58.23 25.03 -16.87
C SER C 781 57.34 24.97 -18.11
N ILE C 782 57.99 25.05 -19.27
CA ILE C 782 57.32 25.09 -20.56
C ILE C 782 57.51 23.75 -21.28
N PRO C 783 56.55 23.29 -22.10
CA PRO C 783 56.61 21.91 -22.62
C PRO C 783 57.33 21.72 -23.94
N THR C 784 57.45 20.45 -24.37
CA THR C 784 58.05 20.11 -25.66
C THR C 784 57.33 18.93 -26.33
N ASN C 785 56.00 18.91 -26.34
CA ASN C 785 55.28 17.87 -27.07
C ASN C 785 53.82 18.26 -27.28
N PHE C 786 53.26 17.81 -28.40
CA PHE C 786 51.87 18.08 -28.75
C PHE C 786 50.96 16.98 -28.23
N SER C 787 51.17 15.74 -28.68
CA SER C 787 50.44 14.57 -28.19
C SER C 787 48.93 14.83 -28.14
N PHE C 788 48.33 14.94 -29.31
CA PHE C 788 46.88 15.05 -29.39
C PHE C 788 46.20 13.86 -28.72
N GLY C 789 45.11 14.14 -28.00
CA GLY C 789 44.34 13.08 -27.38
C GLY C 789 42.86 13.30 -27.56
N VAL C 790 42.09 12.23 -27.37
CA VAL C 790 40.64 12.25 -27.56
C VAL C 790 39.97 11.87 -26.26
N THR C 791 38.92 12.61 -25.88
CA THR C 791 38.28 12.44 -24.59
C THR C 791 36.99 11.64 -24.64
N GLN C 792 36.18 11.75 -25.70
CA GLN C 792 35.20 10.72 -26.03
C GLN C 792 34.12 10.57 -24.94
N GLU C 793 33.23 11.56 -24.90
CA GLU C 793 32.11 11.66 -23.98
C GLU C 793 30.79 11.22 -24.63
N TYR C 794 29.81 10.85 -23.80
CA TYR C 794 28.48 10.48 -24.27
C TYR C 794 27.40 11.19 -23.47
N ILE C 795 26.48 11.87 -24.15
CA ILE C 795 25.36 12.51 -23.48
C ILE C 795 24.06 11.90 -23.97
N GLN C 796 23.23 11.43 -23.04
CA GLN C 796 21.94 10.87 -23.39
C GLN C 796 20.91 11.98 -23.56
N THR C 797 20.14 11.91 -24.64
CA THR C 797 19.17 12.94 -24.94
C THR C 797 17.72 12.46 -24.88
N THR C 798 17.48 11.16 -24.78
CA THR C 798 16.12 10.66 -24.82
C THR C 798 16.08 9.27 -24.22
N ILE C 799 14.87 8.84 -23.86
CA ILE C 799 14.56 7.46 -23.52
C ILE C 799 13.60 6.95 -24.58
N GLN C 800 13.43 5.64 -24.67
CA GLN C 800 12.54 5.13 -25.70
C GLN C 800 11.10 5.28 -25.26
N LYS C 801 10.24 5.58 -26.21
CA LYS C 801 8.84 5.86 -25.95
C LYS C 801 8.05 4.58 -25.87
N VAL C 802 7.27 4.42 -24.81
CA VAL C 802 6.50 3.22 -24.55
C VAL C 802 5.08 3.64 -24.23
N THR C 803 4.11 2.96 -24.84
CA THR C 803 2.71 3.09 -24.46
C THR C 803 2.24 1.77 -23.89
N VAL C 804 1.28 1.83 -22.98
CA VAL C 804 0.72 0.63 -22.37
C VAL C 804 -0.77 0.63 -22.64
N ASP C 805 -1.26 -0.49 -23.16
CA ASP C 805 -2.70 -0.71 -23.28
C ASP C 805 -3.18 -1.22 -21.94
N CYS C 806 -3.69 -0.30 -21.12
CA CYS C 806 -3.95 -0.62 -19.71
C CYS C 806 -4.96 -1.74 -19.57
N LYS C 807 -6.06 -1.68 -20.32
CA LYS C 807 -7.09 -2.70 -20.20
C LYS C 807 -6.58 -4.07 -20.65
N GLN C 808 -5.84 -4.11 -21.75
CA GLN C 808 -5.28 -5.38 -22.21
C GLN C 808 -4.25 -5.91 -21.24
N TYR C 809 -3.42 -5.04 -20.67
CA TYR C 809 -2.42 -5.49 -19.72
C TYR C 809 -3.07 -6.08 -18.47
N VAL C 810 -4.11 -5.44 -17.97
CA VAL C 810 -4.70 -5.89 -16.71
C VAL C 810 -5.61 -7.09 -16.92
N CYS C 811 -6.59 -6.96 -17.82
CA CYS C 811 -7.61 -7.98 -18.02
C CYS C 811 -7.41 -8.55 -19.42
N ASN C 812 -6.70 -9.67 -19.51
CA ASN C 812 -6.14 -10.08 -20.78
C ASN C 812 -7.21 -10.58 -21.73
N GLY C 813 -8.12 -9.70 -22.13
CA GLY C 813 -9.18 -10.06 -23.04
C GLY C 813 -10.33 -10.83 -22.43
N PHE C 814 -10.38 -10.95 -21.10
CA PHE C 814 -11.43 -11.70 -20.41
C PHE C 814 -12.58 -10.76 -20.05
N GLN C 815 -13.77 -11.02 -20.63
CA GLN C 815 -14.92 -10.13 -20.44
C GLN C 815 -15.23 -9.92 -18.97
N LYS C 816 -15.14 -10.98 -18.18
CA LYS C 816 -15.45 -10.85 -16.76
C LYS C 816 -14.51 -9.88 -16.08
N CYS C 817 -13.21 -9.98 -16.37
CA CYS C 817 -12.26 -9.06 -15.75
C CYS C 817 -12.51 -7.62 -16.19
N GLU C 818 -12.81 -7.40 -17.47
CA GLU C 818 -13.05 -6.04 -17.92
C GLU C 818 -14.25 -5.43 -17.25
N GLN C 819 -15.31 -6.20 -17.09
CA GLN C 819 -16.50 -5.66 -16.46
C GLN C 819 -16.40 -5.57 -14.95
N LEU C 820 -15.45 -6.27 -14.33
CA LEU C 820 -15.05 -5.93 -12.98
C LEU C 820 -14.19 -4.68 -12.92
N LEU C 821 -13.40 -4.43 -13.97
CA LEU C 821 -12.51 -3.28 -14.03
C LEU C 821 -13.25 -1.97 -14.24
N ARG C 822 -14.44 -2.03 -14.84
CA ARG C 822 -15.23 -0.82 -15.03
C ARG C 822 -15.38 0.01 -13.77
N GLU C 823 -15.20 -0.59 -12.59
CA GLU C 823 -15.19 0.15 -11.34
C GLU C 823 -13.88 0.88 -11.09
N TYR C 824 -12.87 0.62 -11.92
CA TYR C 824 -11.57 1.29 -11.87
C TYR C 824 -11.35 2.09 -13.14
N GLY C 825 -12.37 2.83 -13.57
CA GLY C 825 -12.34 3.41 -14.90
C GLY C 825 -11.21 4.41 -15.10
N GLN C 826 -10.99 5.28 -14.13
CA GLN C 826 -10.08 6.40 -14.35
C GLN C 826 -8.62 6.07 -14.08
N PHE C 827 -8.29 4.94 -13.45
CA PHE C 827 -6.89 4.58 -13.28
C PHE C 827 -6.22 4.37 -14.63
N CYS C 828 -6.88 3.63 -15.52
CA CYS C 828 -6.33 3.40 -16.85
C CYS C 828 -6.23 4.68 -17.65
N SER C 829 -7.21 5.56 -17.54
CA SER C 829 -7.13 6.84 -18.24
C SER C 829 -5.96 7.66 -17.75
N LYS C 830 -5.73 7.69 -16.44
CA LYS C 830 -4.60 8.44 -15.90
C LYS C 830 -3.29 7.87 -16.41
N ILE C 831 -3.15 6.54 -16.42
CA ILE C 831 -1.93 5.92 -16.92
C ILE C 831 -1.70 6.28 -18.37
N ASN C 832 -2.74 6.13 -19.21
CA ASN C 832 -2.60 6.41 -20.63
C ASN C 832 -2.21 7.85 -20.87
N GLN C 833 -2.85 8.79 -20.15
CA GLN C 833 -2.57 10.19 -20.38
C GLN C 833 -1.17 10.56 -19.93
N ALA C 834 -0.71 10.00 -18.81
CA ALA C 834 0.64 10.29 -18.37
C ALA C 834 1.68 9.82 -19.38
N LEU C 835 1.50 8.61 -19.91
CA LEU C 835 2.45 8.11 -20.90
C LEU C 835 2.40 8.94 -22.18
N HIS C 836 1.20 9.35 -22.60
CA HIS C 836 1.09 10.20 -23.79
C HIS C 836 1.84 11.51 -23.61
N GLY C 837 1.70 12.13 -22.44
CA GLY C 837 2.42 13.37 -22.19
C GLY C 837 3.92 13.20 -22.16
N ALA C 838 4.40 12.11 -21.56
CA ALA C 838 5.84 11.86 -21.55
C ALA C 838 6.39 11.67 -22.95
N ASN C 839 5.67 10.96 -23.81
CA ASN C 839 6.15 10.78 -25.17
C ASN C 839 6.13 12.08 -25.96
N LEU C 840 5.11 12.92 -25.76
CA LEU C 840 5.12 14.23 -26.40
C LEU C 840 6.32 15.05 -25.96
N ARG C 841 6.67 14.99 -24.69
CA ARG C 841 7.85 15.70 -24.23
C ARG C 841 9.13 15.17 -24.86
N GLN C 842 9.26 13.86 -25.02
CA GLN C 842 10.43 13.32 -25.70
C GLN C 842 10.55 13.88 -27.11
N ASP C 843 9.43 13.92 -27.84
CA ASP C 843 9.46 14.45 -29.19
C ASP C 843 9.85 15.91 -29.23
N ASP C 844 9.34 16.70 -28.29
CA ASP C 844 9.75 18.10 -28.20
C ASP C 844 11.23 18.24 -27.93
N SER C 845 11.78 17.41 -27.05
CA SER C 845 13.22 17.51 -26.75
C SER C 845 14.06 17.22 -27.98
N VAL C 846 13.72 16.18 -28.74
CA VAL C 846 14.55 15.92 -29.91
C VAL C 846 14.37 17.00 -30.96
N ARG C 847 13.15 17.49 -31.15
CA ARG C 847 12.92 18.53 -32.14
C ARG C 847 13.70 19.79 -31.82
N ASN C 848 13.76 20.17 -30.56
CA ASN C 848 14.48 21.39 -30.18
C ASN C 848 15.98 21.18 -30.09
N LEU C 849 16.45 19.98 -29.80
CA LEU C 849 17.88 19.75 -29.88
C LEU C 849 18.38 19.83 -31.30
N PHE C 850 17.64 19.32 -32.26
CA PHE C 850 18.14 19.32 -33.62
C PHE C 850 17.88 20.63 -34.35
N ALA C 851 17.38 21.65 -33.67
CA ALA C 851 17.28 22.96 -34.26
C ALA C 851 18.49 23.83 -33.92
N SER C 852 19.36 23.37 -33.03
CA SER C 852 20.62 24.03 -32.74
C SER C 852 21.79 23.28 -33.36
N VAL C 853 21.70 21.95 -33.40
CA VAL C 853 22.63 21.14 -34.17
C VAL C 853 22.64 21.61 -35.63
N LYS C 854 21.53 22.15 -36.10
CA LYS C 854 21.44 22.62 -37.47
C LYS C 854 22.40 23.76 -37.71
N SER C 855 23.13 23.68 -38.82
CA SER C 855 24.08 24.71 -39.23
C SER C 855 23.51 25.51 -40.39
N SER C 856 23.62 26.83 -40.31
CA SER C 856 23.04 27.69 -41.35
C SER C 856 23.73 27.50 -42.69
N GLN C 857 25.05 27.33 -42.67
CA GLN C 857 25.86 27.19 -43.88
C GLN C 857 26.84 26.06 -43.66
N SER C 858 27.25 25.43 -44.75
CA SER C 858 28.08 24.24 -44.63
C SER C 858 28.83 24.01 -45.94
N SER C 859 29.83 23.16 -45.86
CA SER C 859 30.65 22.81 -46.99
C SER C 859 30.48 21.34 -47.30
N PRO C 860 30.31 20.95 -48.57
CA PRO C 860 29.99 19.55 -48.89
C PRO C 860 31.09 18.60 -48.46
N ILE C 861 30.69 17.42 -47.99
CA ILE C 861 31.65 16.40 -47.58
C ILE C 861 32.05 15.60 -48.82
N ILE C 862 33.35 15.50 -49.04
CA ILE C 862 33.89 14.75 -50.17
C ILE C 862 34.87 13.73 -49.62
N PRO C 863 35.17 12.66 -50.38
CA PRO C 863 35.98 11.57 -49.82
C PRO C 863 37.31 12.00 -49.22
N GLY C 864 38.02 12.94 -49.84
CA GLY C 864 39.15 13.52 -49.16
C GLY C 864 38.78 14.87 -48.56
N PHE C 865 38.44 14.87 -47.28
CA PHE C 865 37.88 16.06 -46.64
C PHE C 865 38.93 16.83 -45.85
N GLY C 866 39.55 16.18 -44.87
CA GLY C 866 40.72 16.74 -44.24
C GLY C 866 41.92 16.30 -45.04
N GLY C 867 42.68 17.24 -45.59
CA GLY C 867 43.75 16.90 -46.51
C GLY C 867 44.72 15.87 -45.98
N ASP C 868 45.53 16.24 -45.01
CA ASP C 868 46.45 15.31 -44.38
C ASP C 868 45.92 14.73 -43.09
N PHE C 869 44.74 15.13 -42.67
CA PHE C 869 44.11 14.62 -41.46
C PHE C 869 43.07 13.58 -41.86
N ASN C 870 43.25 12.35 -41.40
CA ASN C 870 42.26 11.31 -41.66
C ASN C 870 40.98 11.61 -40.91
N LEU C 871 39.85 11.51 -41.59
CA LEU C 871 38.55 11.63 -40.97
C LEU C 871 37.73 10.40 -41.40
N THR C 872 37.57 9.44 -40.48
CA THR C 872 36.63 8.34 -40.63
C THR C 872 35.22 8.72 -40.22
N LEU C 873 34.95 10.01 -40.12
CA LEU C 873 33.64 10.54 -39.82
C LEU C 873 32.80 10.73 -41.07
N LEU C 874 33.37 10.52 -42.24
CA LEU C 874 32.63 10.54 -43.48
C LEU C 874 31.71 9.34 -43.58
N GLU C 875 30.78 9.44 -44.45
CA GLU C 875 29.76 8.42 -44.66
C GLU C 875 30.19 7.45 -45.75
N PRO C 876 30.13 6.14 -45.50
CA PRO C 876 30.38 5.19 -46.58
C PRO C 876 29.17 5.11 -47.50
N VAL C 877 29.12 6.02 -48.47
CA VAL C 877 28.01 6.13 -49.42
C VAL C 877 26.72 6.40 -48.68
N ALA C 886 24.03 8.33 -45.45
CA ALA C 886 23.91 7.27 -44.45
C ALA C 886 24.82 7.54 -43.26
N ARG C 887 24.99 6.53 -42.41
CA ARG C 887 25.81 6.66 -41.22
C ARG C 887 27.27 6.84 -41.61
N SER C 888 28.12 6.90 -40.60
CA SER C 888 29.57 6.95 -40.79
C SER C 888 30.20 5.71 -40.16
N ALA C 889 31.49 5.53 -40.43
CA ALA C 889 32.16 4.32 -39.98
C ALA C 889 32.17 4.22 -38.46
N ILE C 890 32.51 5.31 -37.78
CA ILE C 890 32.56 5.26 -36.32
C ILE C 890 31.16 5.12 -35.73
N GLU C 891 30.15 5.71 -36.37
CA GLU C 891 28.79 5.59 -35.88
C GLU C 891 28.22 4.20 -36.16
N ASP C 892 28.52 3.63 -37.32
CA ASP C 892 28.20 2.22 -37.56
C ASP C 892 28.82 1.33 -36.51
N LEU C 893 30.10 1.53 -36.23
CA LEU C 893 30.77 0.72 -35.23
C LEU C 893 30.15 0.89 -33.85
N LEU C 894 29.78 2.11 -33.51
CA LEU C 894 29.14 2.37 -32.22
C LEU C 894 27.81 1.63 -32.11
N PHE C 895 27.02 1.63 -33.18
CA PHE C 895 25.72 0.93 -33.12
C PHE C 895 25.88 -0.58 -33.19
N ASP C 896 26.92 -1.08 -33.86
CA ASP C 896 27.14 -2.51 -33.93
C ASP C 896 27.64 -3.07 -32.62
N LYS C 897 28.64 -2.43 -32.02
CA LYS C 897 29.24 -2.97 -30.81
C LYS C 897 28.29 -2.99 -29.63
N VAL C 898 27.18 -2.27 -29.71
CA VAL C 898 26.23 -2.16 -28.61
C VAL C 898 25.16 -3.24 -28.78
N THR C 899 24.79 -3.87 -27.68
CA THR C 899 23.78 -4.93 -27.70
C THR C 899 22.39 -4.29 -27.63
N ILE C 900 21.78 -4.10 -28.80
CA ILE C 900 20.44 -3.53 -28.89
C ILE C 900 19.51 -4.54 -29.58
N ALA C 901 18.34 -4.74 -28.99
CA ALA C 901 17.31 -5.54 -29.63
C ALA C 901 16.70 -4.76 -30.78
N ASP C 902 16.47 -5.43 -31.90
CA ASP C 902 15.85 -4.76 -33.03
C ASP C 902 14.39 -4.47 -32.71
N PRO C 903 13.94 -3.22 -32.85
CA PRO C 903 12.56 -2.89 -32.46
C PRO C 903 11.51 -3.31 -33.47
N GLY C 904 11.87 -3.43 -34.75
CA GLY C 904 10.93 -3.89 -35.75
C GLY C 904 9.76 -2.95 -35.98
N TYR C 905 10.03 -1.76 -36.52
CA TYR C 905 8.96 -0.80 -36.77
C TYR C 905 8.20 -1.12 -38.06
N MET C 906 8.83 -1.85 -38.98
CA MET C 906 8.20 -2.14 -40.26
C MET C 906 7.18 -3.27 -40.12
N GLN C 907 7.66 -4.45 -39.71
CA GLN C 907 6.83 -5.64 -39.55
C GLN C 907 7.29 -6.45 -38.35
N GLY C 908 7.57 -5.79 -37.23
CA GLY C 908 7.90 -6.52 -36.03
C GLY C 908 6.78 -7.41 -35.53
N TYR C 909 5.56 -7.16 -36.02
CA TYR C 909 4.42 -8.03 -35.75
C TYR C 909 4.59 -9.40 -36.39
N ASP C 910 5.04 -9.42 -37.64
CA ASP C 910 5.13 -10.66 -38.40
C ASP C 910 6.30 -11.52 -37.93
N ASP C 911 7.41 -10.88 -37.57
CA ASP C 911 8.62 -11.61 -37.19
C ASP C 911 8.41 -12.40 -35.89
N CYS C 912 7.41 -12.03 -35.09
CA CYS C 912 7.23 -12.67 -33.80
C CYS C 912 6.40 -13.95 -33.79
N MET C 913 5.67 -14.30 -34.86
CA MET C 913 5.37 -15.71 -35.03
C MET C 913 6.05 -16.39 -36.21
N GLN C 914 6.57 -15.65 -37.18
CA GLN C 914 7.37 -16.38 -38.14
C GLN C 914 8.68 -16.87 -37.52
N GLN C 915 9.11 -16.27 -36.42
CA GLN C 915 10.24 -16.79 -35.64
C GLN C 915 9.90 -16.99 -34.18
N GLY C 916 9.14 -16.06 -33.58
CA GLY C 916 8.88 -16.09 -32.16
C GLY C 916 9.94 -15.38 -31.35
N PRO C 917 10.02 -15.72 -30.07
CA PRO C 917 11.11 -15.19 -29.22
C PRO C 917 12.46 -15.65 -29.71
N ALA C 918 13.33 -14.67 -29.99
CA ALA C 918 14.66 -14.97 -30.51
C ALA C 918 15.49 -15.75 -29.49
N SER C 919 15.41 -15.36 -28.22
CA SER C 919 16.20 -16.00 -27.17
C SER C 919 15.49 -15.76 -25.85
N ALA C 920 16.20 -15.98 -24.74
CA ALA C 920 15.63 -15.79 -23.42
C ALA C 920 15.18 -14.33 -23.23
N ARG C 921 13.97 -14.16 -22.71
CA ARG C 921 13.44 -12.85 -22.32
C ARG C 921 13.46 -11.87 -23.49
N ASP C 922 12.69 -12.22 -24.53
CA ASP C 922 12.59 -11.38 -25.73
C ASP C 922 11.60 -10.26 -25.44
N LEU C 923 12.11 -9.18 -24.85
CA LEU C 923 11.28 -8.07 -24.43
C LEU C 923 10.67 -7.32 -25.60
N ILE C 924 11.42 -7.17 -26.69
CA ILE C 924 10.89 -6.46 -27.84
C ILE C 924 9.83 -7.29 -28.56
N CYS C 925 9.71 -8.57 -28.23
CA CYS C 925 8.67 -9.43 -28.75
C CYS C 925 7.63 -9.77 -27.70
N ALA C 926 7.89 -9.50 -26.42
CA ALA C 926 6.85 -9.61 -25.40
C ALA C 926 5.76 -8.57 -25.59
N GLN C 927 6.05 -7.46 -26.26
CA GLN C 927 4.97 -6.65 -26.79
C GLN C 927 4.21 -7.45 -27.83
N TYR C 928 2.97 -7.03 -28.08
CA TYR C 928 1.95 -7.82 -28.76
C TYR C 928 1.49 -8.99 -27.91
N VAL C 929 2.04 -9.16 -26.71
CA VAL C 929 1.59 -10.19 -25.79
C VAL C 929 1.18 -9.52 -24.49
N ALA C 930 2.13 -8.84 -23.85
CA ALA C 930 1.85 -8.21 -22.56
C ALA C 930 0.79 -7.13 -22.69
N GLY C 931 0.94 -6.26 -23.68
CA GLY C 931 0.00 -5.16 -23.84
C GLY C 931 0.68 -3.81 -23.81
N TYR C 932 1.99 -3.79 -24.04
CA TYR C 932 2.70 -2.54 -24.20
C TYR C 932 3.30 -2.50 -25.59
N LYS C 933 3.79 -1.33 -25.97
CA LYS C 933 4.21 -1.06 -27.33
C LYS C 933 5.34 -0.04 -27.31
N VAL C 934 6.35 -0.27 -28.15
CA VAL C 934 7.49 0.62 -28.28
C VAL C 934 7.25 1.49 -29.50
N LEU C 935 7.27 2.75 -29.31
CA LEU C 935 6.96 3.65 -30.41
C LEU C 935 8.22 3.97 -31.20
N PRO C 936 8.08 4.27 -32.49
CA PRO C 936 9.23 4.63 -33.30
C PRO C 936 9.77 5.99 -32.91
N PRO C 937 11.05 6.24 -33.17
CA PRO C 937 11.59 7.58 -32.96
C PRO C 937 11.06 8.57 -33.98
N LEU C 938 11.16 9.85 -33.62
CA LEU C 938 10.64 10.91 -34.48
C LEU C 938 11.37 10.99 -35.80
N MET C 939 12.62 10.56 -35.85
CA MET C 939 13.48 10.78 -36.99
C MET C 939 13.98 9.45 -37.55
N ASP C 940 14.33 9.44 -38.83
CA ASP C 940 15.02 8.31 -39.42
C ASP C 940 16.43 8.18 -38.84
N VAL C 941 17.16 7.20 -39.33
CA VAL C 941 18.61 7.25 -39.23
C VAL C 941 19.19 8.17 -40.30
N ASN C 942 18.50 8.29 -41.44
CA ASN C 942 19.01 9.11 -42.52
C ASN C 942 18.94 10.60 -42.20
N MET C 943 17.88 11.07 -41.57
CA MET C 943 17.85 12.49 -41.24
C MET C 943 18.79 12.84 -40.09
N GLU C 944 18.95 11.94 -39.13
CA GLU C 944 19.95 12.17 -38.09
C GLU C 944 21.36 12.19 -38.67
N ALA C 945 21.65 11.28 -39.58
CA ALA C 945 22.95 11.30 -40.24
C ALA C 945 23.14 12.56 -41.05
N ALA C 946 22.08 13.03 -41.71
CA ALA C 946 22.18 14.27 -42.44
C ALA C 946 22.49 15.44 -41.52
N TYR C 947 21.87 15.48 -40.35
CA TYR C 947 22.16 16.55 -39.41
C TYR C 947 23.61 16.51 -38.94
N THR C 948 24.10 15.36 -38.53
CA THR C 948 25.48 15.33 -38.06
C THR C 948 26.49 15.52 -39.19
N SER C 949 26.18 15.14 -40.42
CA SER C 949 27.06 15.42 -41.53
C SER C 949 27.10 16.89 -41.88
N SER C 950 25.96 17.56 -41.90
CA SER C 950 26.00 19.00 -42.09
C SER C 950 26.73 19.69 -40.95
N LEU C 951 26.72 19.12 -39.76
CA LEU C 951 27.51 19.67 -38.67
C LEU C 951 29.00 19.46 -38.89
N LEU C 952 29.41 18.28 -39.36
CA LEU C 952 30.81 18.06 -39.66
C LEU C 952 31.30 18.94 -40.79
N GLY C 953 30.42 19.27 -41.73
CA GLY C 953 30.84 20.07 -42.85
C GLY C 953 30.97 21.55 -42.59
N SER C 954 30.70 21.99 -41.37
CA SER C 954 30.83 23.40 -41.02
C SER C 954 31.89 23.65 -39.96
N ILE C 955 32.57 22.62 -39.49
CA ILE C 955 33.47 22.76 -38.36
C ILE C 955 34.61 23.71 -38.70
N ALA C 956 35.22 23.54 -39.86
CA ALA C 956 36.33 24.43 -40.21
C ALA C 956 35.85 25.86 -40.42
N GLY C 957 34.71 26.06 -41.05
CA GLY C 957 34.33 27.38 -41.47
C GLY C 957 33.65 28.25 -40.42
N VAL C 958 32.80 27.67 -39.59
CA VAL C 958 32.19 28.46 -38.54
C VAL C 958 33.16 28.68 -37.40
N GLY C 959 34.12 27.78 -37.24
CA GLY C 959 35.05 27.84 -36.12
C GLY C 959 36.29 28.62 -36.43
N TRP C 960 36.24 29.47 -37.45
CA TRP C 960 37.36 30.36 -37.74
C TRP C 960 37.12 31.78 -37.25
N THR C 961 35.95 32.35 -37.54
CA THR C 961 35.73 33.77 -37.30
C THR C 961 34.60 34.02 -36.31
N ALA C 962 34.23 35.29 -36.17
CA ALA C 962 33.49 35.76 -35.00
C ALA C 962 32.09 35.18 -34.81
N GLY C 963 31.15 35.51 -35.70
CA GLY C 963 29.76 35.53 -35.28
C GLY C 963 28.79 34.53 -35.87
N LEU C 964 29.25 33.63 -36.74
CA LEU C 964 28.38 32.67 -37.41
C LEU C 964 27.29 33.33 -38.24
N SER C 965 27.61 34.48 -38.83
CA SER C 965 26.71 35.17 -39.74
C SER C 965 27.20 34.86 -41.15
N SER C 966 28.53 34.74 -41.28
CA SER C 966 29.22 34.43 -42.52
C SER C 966 29.96 33.12 -42.34
N PHE C 967 30.35 32.51 -43.44
CA PHE C 967 30.96 31.19 -43.41
C PHE C 967 32.14 31.14 -44.37
N ALA C 968 33.34 31.23 -43.84
CA ALA C 968 34.55 31.16 -44.64
C ALA C 968 34.88 29.70 -44.90
N ALA C 969 34.81 29.29 -46.16
CA ALA C 969 34.98 27.88 -46.53
C ALA C 969 36.45 27.59 -46.74
N ILE C 970 37.16 27.41 -45.64
CA ILE C 970 38.61 27.18 -45.66
C ILE C 970 38.87 25.69 -45.48
N PRO C 971 40.04 25.19 -45.86
CA PRO C 971 40.34 23.77 -45.63
C PRO C 971 40.42 23.45 -44.14
N PHE C 972 40.34 22.15 -43.86
CA PHE C 972 40.42 21.68 -42.48
C PHE C 972 41.80 21.91 -41.88
N ALA C 973 42.85 21.77 -42.68
CA ALA C 973 44.20 21.99 -42.18
C ALA C 973 44.42 23.43 -41.74
N GLN C 974 43.90 24.38 -42.51
CA GLN C 974 44.01 25.78 -42.13
C GLN C 974 43.29 26.04 -40.82
N SER C 975 42.12 25.45 -40.64
CA SER C 975 41.40 25.62 -39.40
C SER C 975 42.19 25.03 -38.22
N ILE C 976 42.80 23.87 -38.41
CA ILE C 976 43.58 23.28 -37.33
C ILE C 976 44.77 24.15 -36.99
N PHE C 977 45.42 24.72 -38.00
CA PHE C 977 46.57 25.56 -37.73
C PHE C 977 46.18 26.86 -37.05
N TYR C 978 45.01 27.40 -37.36
CA TYR C 978 44.55 28.59 -36.64
C TYR C 978 44.15 28.25 -35.22
N ARG C 979 43.58 27.08 -34.99
CA ARG C 979 43.25 26.69 -33.62
C ARG C 979 44.50 26.45 -32.80
N LEU C 980 45.55 25.89 -33.41
CA LEU C 980 46.80 25.68 -32.70
C LEU C 980 47.53 26.98 -32.45
N ASN C 981 47.63 27.84 -33.46
CA ASN C 981 48.27 29.14 -33.28
C ASN C 981 47.56 29.99 -32.26
N GLY C 982 46.31 29.69 -31.97
CA GLY C 982 45.51 30.52 -31.11
C GLY C 982 45.61 30.01 -29.69
N VAL C 983 44.61 29.27 -29.24
CA VAL C 983 44.61 28.77 -27.86
C VAL C 983 45.89 28.01 -27.58
N GLY C 984 46.11 26.90 -28.25
CA GLY C 984 47.26 26.11 -27.91
C GLY C 984 48.51 26.84 -28.37
N ILE C 985 48.84 27.98 -27.73
CA ILE C 985 49.65 29.01 -28.36
C ILE C 985 50.98 28.45 -28.84
N THR C 986 51.10 28.37 -30.16
CA THR C 986 52.24 27.79 -30.83
C THR C 986 52.46 28.67 -32.04
N GLN C 987 53.57 29.40 -32.08
CA GLN C 987 53.64 30.49 -33.02
C GLN C 987 53.82 29.96 -34.44
N GLN C 988 53.72 30.88 -35.40
CA GLN C 988 53.59 30.49 -36.79
C GLN C 988 54.77 29.68 -37.28
N VAL C 989 55.97 29.98 -36.78
CA VAL C 989 57.17 29.32 -37.28
C VAL C 989 57.06 27.81 -37.12
N LEU C 990 56.57 27.35 -35.98
CA LEU C 990 56.41 25.91 -35.79
C LEU C 990 55.31 25.35 -36.65
N SER C 991 54.11 25.92 -36.56
CA SER C 991 52.99 25.37 -37.28
C SER C 991 53.28 25.29 -38.78
N GLU C 992 54.18 26.14 -39.28
CA GLU C 992 54.63 26.01 -40.65
C GLU C 992 55.90 25.18 -40.76
N ASN C 993 56.49 24.77 -39.65
CA ASN C 993 57.68 23.94 -39.65
C ASN C 993 57.39 22.47 -39.43
N GLN C 994 56.14 22.08 -39.23
CA GLN C 994 55.78 20.70 -38.97
C GLN C 994 54.59 20.23 -39.79
N LYS C 995 54.71 19.02 -40.33
CA LYS C 995 53.59 18.21 -40.79
C LYS C 995 53.51 16.91 -40.02
N LEU C 996 54.37 16.73 -39.00
CA LEU C 996 54.14 15.69 -38.01
C LEU C 996 52.97 16.01 -37.10
N ILE C 997 52.47 17.25 -37.17
CA ILE C 997 51.23 17.57 -36.47
C ILE C 997 50.09 16.75 -37.03
N ALA C 998 50.00 16.63 -38.35
CA ALA C 998 49.00 15.75 -38.95
C ALA C 998 49.23 14.30 -38.55
N ASN C 999 50.49 13.88 -38.43
CA ASN C 999 50.75 12.50 -38.03
C ASN C 999 50.26 12.24 -36.61
N LYS C 1000 50.49 13.18 -35.70
CA LYS C 1000 50.03 12.98 -34.33
C LYS C 1000 48.51 13.03 -34.24
N PHE C 1001 47.88 13.91 -35.02
CA PHE C 1001 46.43 13.95 -35.09
C PHE C 1001 45.85 12.64 -35.58
N ASN C 1002 46.43 12.11 -36.66
CA ASN C 1002 45.98 10.83 -37.20
C ASN C 1002 46.24 9.69 -36.23
N GLN C 1003 47.34 9.74 -35.47
CA GLN C 1003 47.55 8.71 -34.45
C GLN C 1003 46.47 8.76 -33.40
N ALA C 1004 46.08 9.95 -32.94
CA ALA C 1004 45.03 10.04 -31.94
C ALA C 1004 43.72 9.51 -32.48
N LEU C 1005 43.32 9.96 -33.66
CA LEU C 1005 42.04 9.51 -34.20
C LEU C 1005 42.04 8.02 -34.49
N GLY C 1006 43.14 7.47 -34.99
CA GLY C 1006 43.22 6.05 -35.21
C GLY C 1006 43.15 5.25 -33.93
N ALA C 1007 43.93 5.65 -32.92
CA ALA C 1007 43.89 4.95 -31.64
C ALA C 1007 42.52 5.04 -30.99
N MET C 1008 41.71 6.00 -31.39
CA MET C 1008 40.32 6.00 -30.96
C MET C 1008 39.56 4.78 -31.43
N GLN C 1009 39.64 4.44 -32.71
CA GLN C 1009 38.66 3.53 -33.31
C GLN C 1009 38.98 2.07 -33.06
N THR C 1010 40.00 1.77 -32.27
CA THR C 1010 40.24 0.39 -31.87
C THR C 1010 39.50 0.06 -30.58
N GLY C 1011 39.54 0.96 -29.60
CA GLY C 1011 39.03 0.67 -28.27
C GLY C 1011 37.61 1.05 -27.97
N PHE C 1012 36.64 0.37 -28.57
CA PHE C 1012 35.26 0.40 -28.08
C PHE C 1012 35.02 -0.78 -27.14
N THR C 1013 35.91 -0.90 -26.17
CA THR C 1013 35.95 -2.05 -25.27
C THR C 1013 35.38 -1.66 -23.91
N THR C 1014 35.38 -2.63 -22.99
CA THR C 1014 34.82 -2.39 -21.67
C THR C 1014 35.62 -1.36 -20.88
N THR C 1015 36.90 -1.18 -21.21
CA THR C 1015 37.68 -0.16 -20.54
C THR C 1015 37.23 1.24 -20.91
N ASN C 1016 36.62 1.41 -22.08
CA ASN C 1016 36.10 2.69 -22.51
C ASN C 1016 34.86 3.03 -21.70
N GLU C 1017 34.90 4.15 -20.98
CA GLU C 1017 33.89 4.45 -20.00
C GLU C 1017 32.66 5.14 -20.58
N ALA C 1018 32.78 5.82 -21.72
CA ALA C 1018 31.61 6.38 -22.37
C ALA C 1018 30.80 5.32 -23.09
N PHE C 1019 31.49 4.34 -23.68
CA PHE C 1019 30.80 3.22 -24.28
C PHE C 1019 30.00 2.46 -23.24
N GLN C 1020 30.53 2.35 -22.02
CA GLN C 1020 29.78 1.73 -20.96
C GLN C 1020 28.54 2.52 -20.61
N LYS C 1021 28.59 3.85 -20.70
CA LYS C 1021 27.39 4.63 -20.47
C LYS C 1021 26.34 4.42 -21.54
N VAL C 1022 26.78 4.29 -22.80
CA VAL C 1022 25.83 3.96 -23.87
C VAL C 1022 25.14 2.64 -23.57
N GLN C 1023 25.93 1.63 -23.19
CA GLN C 1023 25.36 0.34 -22.84
C GLN C 1023 24.43 0.44 -21.63
N ASP C 1024 24.77 1.27 -20.66
CA ASP C 1024 23.92 1.46 -19.50
C ASP C 1024 22.56 2.03 -19.87
N ALA C 1025 22.54 3.01 -20.76
CA ALA C 1025 21.26 3.55 -21.21
C ALA C 1025 20.42 2.51 -21.92
N VAL C 1026 21.04 1.72 -22.80
CA VAL C 1026 20.32 0.65 -23.46
C VAL C 1026 19.75 -0.33 -22.45
N ASN C 1027 20.56 -0.69 -21.45
CA ASN C 1027 20.11 -1.62 -20.42
C ASN C 1027 18.97 -1.04 -19.60
N ASN C 1028 18.98 0.25 -19.33
CA ASN C 1028 17.87 0.84 -18.60
C ASN C 1028 16.57 0.73 -19.37
N ASN C 1029 16.61 0.98 -20.68
CA ASN C 1029 15.42 0.75 -21.50
C ASN C 1029 14.94 -0.69 -21.36
N ALA C 1030 15.86 -1.63 -21.51
CA ALA C 1030 15.49 -3.04 -21.44
C ALA C 1030 14.90 -3.42 -20.09
N GLN C 1031 15.46 -2.92 -18.99
CA GLN C 1031 14.93 -3.27 -17.69
C GLN C 1031 13.55 -2.68 -17.49
N ALA C 1032 13.33 -1.45 -17.95
CA ALA C 1032 11.99 -0.87 -17.88
C ALA C 1032 10.97 -1.77 -18.54
N LEU C 1033 11.29 -2.30 -19.73
CA LEU C 1033 10.34 -3.20 -20.37
C LEU C 1033 10.21 -4.54 -19.63
N SER C 1034 11.32 -5.07 -19.14
CA SER C 1034 11.29 -6.41 -18.56
C SER C 1034 10.50 -6.46 -17.27
N LYS C 1035 10.45 -5.38 -16.50
CA LYS C 1035 9.63 -5.42 -15.29
C LYS C 1035 8.15 -5.56 -15.63
N LEU C 1036 7.68 -4.81 -16.63
CA LEU C 1036 6.30 -5.01 -17.10
C LEU C 1036 6.09 -6.45 -17.54
N ALA C 1037 7.00 -6.98 -18.35
CA ALA C 1037 6.80 -8.34 -18.85
C ALA C 1037 6.78 -9.34 -17.71
N SER C 1038 7.56 -9.11 -16.66
CA SER C 1038 7.74 -10.09 -15.61
C SER C 1038 6.67 -10.00 -14.53
N GLU C 1039 6.00 -8.87 -14.40
CA GLU C 1039 4.97 -8.77 -13.38
C GLU C 1039 3.64 -9.39 -13.78
N LEU C 1040 3.53 -9.91 -14.99
CA LEU C 1040 2.32 -10.60 -15.38
C LEU C 1040 2.26 -12.04 -14.89
N SER C 1041 3.38 -12.59 -14.44
CA SER C 1041 3.41 -13.92 -13.86
C SER C 1041 3.29 -13.89 -12.35
N ASN C 1042 3.16 -12.70 -11.75
CA ASN C 1042 2.93 -12.58 -10.33
C ASN C 1042 1.48 -12.88 -9.99
N THR C 1043 1.25 -13.56 -8.88
CA THR C 1043 -0.09 -13.94 -8.50
C THR C 1043 -0.74 -12.98 -7.52
N PHE C 1044 0.06 -12.20 -6.79
CA PHE C 1044 -0.46 -11.24 -5.82
C PHE C 1044 -1.33 -11.90 -4.76
N GLY C 1045 -1.10 -13.20 -4.52
CA GLY C 1045 -1.84 -13.93 -3.53
C GLY C 1045 -3.05 -14.67 -4.04
N ALA C 1046 -3.31 -14.64 -5.35
CA ALA C 1046 -4.43 -15.39 -5.90
C ALA C 1046 -4.04 -16.85 -6.10
N ILE C 1047 -5.04 -17.67 -6.43
CA ILE C 1047 -4.78 -19.08 -6.66
C ILE C 1047 -3.98 -19.28 -7.93
N SER C 1048 -3.95 -18.30 -8.82
CA SER C 1048 -3.18 -18.40 -10.05
C SER C 1048 -2.96 -16.99 -10.59
N ALA C 1049 -1.96 -16.87 -11.45
CA ALA C 1049 -1.72 -15.63 -12.16
C ALA C 1049 -2.45 -15.58 -13.49
N SER C 1050 -3.21 -16.60 -13.83
CA SER C 1050 -3.97 -16.63 -15.07
C SER C 1050 -5.44 -16.40 -14.75
N ILE C 1051 -6.07 -15.47 -15.47
CA ILE C 1051 -7.48 -15.19 -15.25
C ILE C 1051 -8.33 -16.36 -15.71
N GLY C 1052 -7.96 -16.98 -16.83
CA GLY C 1052 -8.67 -18.15 -17.30
C GLY C 1052 -8.66 -19.30 -16.31
N ASP C 1053 -7.55 -19.52 -15.63
CA ASP C 1053 -7.50 -20.55 -14.60
C ASP C 1053 -8.45 -20.25 -13.46
N ILE C 1054 -8.48 -19.00 -13.00
CA ILE C 1054 -9.38 -18.63 -11.91
C ILE C 1054 -10.82 -18.81 -12.35
N ILE C 1055 -11.15 -18.37 -13.56
CA ILE C 1055 -12.51 -18.53 -14.06
C ILE C 1055 -12.88 -20.01 -14.14
N GLN C 1056 -11.93 -20.84 -14.52
CA GLN C 1056 -12.21 -22.27 -14.65
C GLN C 1056 -12.40 -22.94 -13.29
N ARG C 1057 -11.67 -22.52 -12.27
CA ARG C 1057 -11.64 -23.27 -11.02
C ARG C 1057 -12.68 -22.82 -10.00
N LEU C 1058 -13.15 -21.59 -10.05
CA LEU C 1058 -13.98 -21.06 -8.98
C LEU C 1058 -15.36 -20.64 -9.51
N ASP C 1059 -16.22 -20.25 -8.58
CA ASP C 1059 -17.56 -19.76 -8.82
C ASP C 1059 -17.62 -18.26 -8.57
N PRO C 1060 -18.55 -17.56 -9.23
CA PRO C 1060 -18.46 -16.10 -9.32
C PRO C 1060 -18.30 -15.39 -7.99
N PRO C 1061 -18.99 -15.80 -6.91
CA PRO C 1061 -18.85 -15.03 -5.65
C PRO C 1061 -17.41 -14.81 -5.21
N GLU C 1062 -16.58 -15.86 -5.24
CA GLU C 1062 -15.18 -15.72 -4.90
C GLU C 1062 -14.27 -15.69 -6.12
N GLN C 1063 -14.78 -16.04 -7.29
CA GLN C 1063 -14.10 -15.71 -8.53
C GLN C 1063 -13.79 -14.23 -8.61
N ASP C 1064 -14.77 -13.39 -8.26
CA ASP C 1064 -14.54 -11.95 -8.27
C ASP C 1064 -13.46 -11.56 -7.27
N ALA C 1065 -13.50 -12.13 -6.07
CA ALA C 1065 -12.53 -11.78 -5.05
C ALA C 1065 -11.12 -12.18 -5.44
N GLN C 1066 -10.96 -13.26 -6.19
CA GLN C 1066 -9.64 -13.64 -6.68
C GLN C 1066 -9.19 -12.79 -7.86
N ILE C 1067 -10.09 -12.43 -8.77
CA ILE C 1067 -9.69 -11.60 -9.90
C ILE C 1067 -9.34 -10.18 -9.43
N ASP C 1068 -9.98 -9.72 -8.36
CA ASP C 1068 -9.68 -8.38 -7.84
C ASP C 1068 -8.25 -8.25 -7.36
N ARG C 1069 -7.69 -9.32 -6.79
CA ARG C 1069 -6.30 -9.27 -6.37
C ARG C 1069 -5.36 -9.01 -7.54
N LEU C 1070 -5.56 -9.73 -8.64
CA LEU C 1070 -4.77 -9.50 -9.83
C LEU C 1070 -4.98 -8.10 -10.39
N ILE C 1071 -6.22 -7.62 -10.39
CA ILE C 1071 -6.49 -6.28 -10.90
C ILE C 1071 -5.70 -5.24 -10.12
N ASN C 1072 -5.78 -5.30 -8.79
CA ASN C 1072 -5.09 -4.30 -7.98
C ASN C 1072 -3.58 -4.43 -8.10
N GLY C 1073 -3.06 -5.66 -8.11
CA GLY C 1073 -1.63 -5.82 -8.25
C GLY C 1073 -1.10 -5.26 -9.55
N ARG C 1074 -1.76 -5.58 -10.66
CA ARG C 1074 -1.34 -5.07 -11.94
C ARG C 1074 -1.50 -3.57 -12.08
N LEU C 1075 -2.56 -3.00 -11.52
CA LEU C 1075 -2.67 -1.55 -11.54
C LEU C 1075 -1.55 -0.87 -10.75
N THR C 1076 -1.17 -1.42 -9.60
CA THR C 1076 -0.08 -0.78 -8.86
C THR C 1076 1.26 -0.92 -9.56
N THR C 1077 1.55 -2.08 -10.14
CA THR C 1077 2.80 -2.18 -10.89
C THR C 1077 2.82 -1.23 -12.07
N LEU C 1078 1.69 -1.04 -12.73
CA LEU C 1078 1.62 -0.15 -13.86
C LEU C 1078 1.78 1.31 -13.46
N ASN C 1079 1.21 1.70 -12.31
CA ASN C 1079 1.46 3.03 -11.76
C ASN C 1079 2.91 3.25 -11.41
N ALA C 1080 3.57 2.24 -10.82
CA ALA C 1080 4.99 2.38 -10.54
C ALA C 1080 5.80 2.57 -11.81
N PHE C 1081 5.46 1.82 -12.86
CA PHE C 1081 6.13 2.00 -14.14
C PHE C 1081 5.96 3.41 -14.66
N VAL C 1082 4.75 3.96 -14.57
CA VAL C 1082 4.52 5.32 -15.07
C VAL C 1082 5.34 6.33 -14.28
N ALA C 1083 5.40 6.19 -12.96
CA ALA C 1083 6.15 7.14 -12.15
C ALA C 1083 7.63 7.10 -12.49
N GLN C 1084 8.20 5.90 -12.61
CA GLN C 1084 9.61 5.82 -12.96
C GLN C 1084 9.88 6.35 -14.36
N GLN C 1085 8.98 6.14 -15.31
CA GLN C 1085 9.12 6.69 -16.64
C GLN C 1085 9.13 8.21 -16.63
N LEU C 1086 8.29 8.83 -15.82
CA LEU C 1086 8.32 10.27 -15.67
C LEU C 1086 9.64 10.78 -15.12
N VAL C 1087 10.19 10.10 -14.11
CA VAL C 1087 11.49 10.52 -13.59
C VAL C 1087 12.57 10.41 -14.67
N ARG C 1088 12.57 9.30 -15.40
CA ARG C 1088 13.59 9.10 -16.43
C ARG C 1088 13.49 10.13 -17.54
N SER C 1089 12.28 10.43 -18.01
CA SER C 1089 12.15 11.44 -19.04
C SER C 1089 12.52 12.82 -18.56
N GLU C 1090 12.21 13.14 -17.30
CA GLU C 1090 12.62 14.41 -16.74
C GLU C 1090 14.12 14.58 -16.73
N SER C 1091 14.87 13.54 -16.35
CA SER C 1091 16.32 13.66 -16.38
C SER C 1091 16.90 13.71 -17.79
N ALA C 1092 16.35 12.92 -18.71
CA ALA C 1092 16.83 12.97 -20.08
C ALA C 1092 16.59 14.32 -20.73
N ALA C 1093 15.51 15.00 -20.38
CA ALA C 1093 15.28 16.34 -20.92
C ALA C 1093 16.31 17.36 -20.46
N LEU C 1094 16.88 17.19 -19.27
CA LEU C 1094 17.98 18.04 -18.82
C LEU C 1094 19.30 17.70 -19.50
N SER C 1095 19.59 16.41 -19.67
CA SER C 1095 20.81 16.08 -20.37
C SER C 1095 20.76 16.45 -21.84
N ALA C 1096 19.57 16.56 -22.44
CA ALA C 1096 19.49 17.09 -23.79
C ALA C 1096 19.90 18.55 -23.86
N GLN C 1097 19.55 19.36 -22.87
CA GLN C 1097 20.06 20.72 -22.81
C GLN C 1097 21.57 20.75 -22.62
N LEU C 1098 22.11 19.85 -21.81
CA LEU C 1098 23.56 19.77 -21.70
C LEU C 1098 24.21 19.45 -23.05
N ALA C 1099 23.62 18.53 -23.80
CA ALA C 1099 24.15 18.20 -25.13
C ALA C 1099 24.06 19.38 -26.08
N LYS C 1100 22.98 20.15 -26.02
CA LYS C 1100 22.90 21.36 -26.83
C LYS C 1100 24.00 22.35 -26.48
N ASP C 1101 24.26 22.53 -25.19
CA ASP C 1101 25.33 23.41 -24.77
C ASP C 1101 26.68 22.93 -25.27
N LYS C 1102 26.92 21.61 -25.24
CA LYS C 1102 28.19 21.08 -25.72
C LYS C 1102 28.33 21.19 -27.22
N VAL C 1103 27.26 21.05 -27.99
CA VAL C 1103 27.36 21.23 -29.42
C VAL C 1103 27.69 22.68 -29.74
N ASN C 1104 27.04 23.63 -29.06
CA ASN C 1104 27.33 25.03 -29.34
C ASN C 1104 28.69 25.46 -28.84
N GLU C 1105 29.16 24.90 -27.73
CA GLU C 1105 30.39 25.32 -27.07
C GLU C 1105 31.62 24.62 -27.62
N CYS C 1106 31.52 23.31 -27.87
CA CYS C 1106 32.69 22.51 -28.18
C CYS C 1106 32.83 22.16 -29.66
N VAL C 1107 31.73 21.98 -30.38
CA VAL C 1107 31.78 21.56 -31.77
C VAL C 1107 31.78 22.75 -32.72
N LYS C 1108 30.90 23.71 -32.50
CA LYS C 1108 30.81 24.87 -33.39
C LYS C 1108 31.77 25.97 -33.04
N ALA C 1109 32.62 25.77 -32.04
CA ALA C 1109 33.63 26.75 -31.67
C ALA C 1109 34.73 26.03 -30.92
N GLN C 1110 35.84 26.74 -30.72
CA GLN C 1110 36.91 26.26 -29.86
C GLN C 1110 36.75 26.87 -28.48
N SER C 1111 36.90 26.06 -27.45
CA SER C 1111 36.55 26.46 -26.11
C SER C 1111 37.77 26.91 -25.32
N LYS C 1112 37.61 28.02 -24.58
CA LYS C 1112 38.60 28.48 -23.64
C LYS C 1112 38.46 27.83 -22.28
N ARG C 1113 37.27 27.37 -21.93
CA ARG C 1113 37.07 26.72 -20.65
C ARG C 1113 37.86 25.42 -20.59
N SER C 1114 38.49 25.19 -19.44
CA SER C 1114 39.19 23.94 -19.23
C SER C 1114 38.23 22.93 -18.64
N GLY C 1115 38.41 21.67 -19.03
CA GLY C 1115 37.59 20.60 -18.53
C GLY C 1115 36.21 20.47 -19.13
N PHE C 1116 35.66 21.53 -19.72
CA PHE C 1116 34.30 21.41 -20.23
C PHE C 1116 34.25 20.49 -21.43
N CYS C 1117 35.12 20.69 -22.41
CA CYS C 1117 35.12 19.79 -23.55
C CYS C 1117 35.88 18.52 -23.23
N GLY C 1118 37.18 18.62 -23.02
CA GLY C 1118 37.90 17.44 -22.58
C GLY C 1118 39.02 17.80 -21.64
N GLN C 1119 40.11 17.04 -21.69
CA GLN C 1119 41.30 17.38 -20.95
C GLN C 1119 42.29 18.06 -21.88
N GLY C 1120 43.39 18.53 -21.32
CA GLY C 1120 44.29 19.30 -22.14
C GLY C 1120 43.64 20.63 -22.48
N THR C 1121 44.10 21.21 -23.58
CA THR C 1121 43.47 22.39 -24.13
C THR C 1121 42.69 22.00 -25.37
N HIS C 1122 41.42 22.35 -25.39
CA HIS C 1122 40.53 21.92 -26.45
C HIS C 1122 41.01 22.45 -27.80
N ILE C 1123 41.06 21.56 -28.79
CA ILE C 1123 41.37 21.94 -30.16
C ILE C 1123 40.14 21.85 -31.05
N VAL C 1124 39.54 20.65 -31.14
CA VAL C 1124 38.40 20.47 -32.04
C VAL C 1124 37.55 19.32 -31.54
N SER C 1125 36.25 19.38 -31.77
CA SER C 1125 35.36 18.33 -31.34
C SER C 1125 34.46 17.88 -32.48
N PHE C 1126 34.10 16.60 -32.45
CA PHE C 1126 33.17 15.99 -33.39
C PHE C 1126 32.05 15.34 -32.61
N VAL C 1127 30.91 15.15 -33.27
CA VAL C 1127 29.77 14.49 -32.64
C VAL C 1127 29.08 13.60 -33.65
N VAL C 1128 28.67 12.41 -33.21
CA VAL C 1128 27.86 11.49 -33.99
C VAL C 1128 26.67 11.06 -33.15
N ASN C 1129 25.75 10.32 -33.77
CA ASN C 1129 24.62 9.78 -33.04
C ASN C 1129 25.00 8.49 -32.34
N ALA C 1130 24.53 8.33 -31.11
CA ALA C 1130 24.64 7.12 -30.35
C ALA C 1130 23.24 6.67 -29.96
N PRO C 1131 23.05 5.39 -29.65
CA PRO C 1131 21.75 4.95 -29.16
C PRO C 1131 21.26 5.82 -28.01
N ASN C 1132 20.16 6.53 -28.26
CA ASN C 1132 19.48 7.38 -27.30
C ASN C 1132 20.25 8.66 -26.97
N GLY C 1133 21.11 9.14 -27.85
CA GLY C 1133 21.80 10.37 -27.53
C GLY C 1133 22.91 10.69 -28.51
N LEU C 1134 23.87 11.46 -28.03
CA LEU C 1134 24.97 11.96 -28.85
C LEU C 1134 26.29 11.48 -28.27
N TYR C 1135 27.26 11.27 -29.15
CA TYR C 1135 28.60 10.82 -28.79
C TYR C 1135 29.60 11.85 -29.29
N PHE C 1136 30.36 12.42 -28.38
CA PHE C 1136 31.32 13.47 -28.65
C PHE C 1136 32.74 12.92 -28.62
N MET C 1137 33.56 13.36 -29.55
CA MET C 1137 35.00 13.10 -29.54
C MET C 1137 35.69 14.45 -29.43
N HIS C 1138 36.34 14.70 -28.31
CA HIS C 1138 37.03 15.97 -28.06
C HIS C 1138 38.52 15.78 -28.25
N VAL C 1139 39.08 16.37 -29.30
CA VAL C 1139 40.51 16.36 -29.55
C VAL C 1139 41.14 17.55 -28.87
N GLY C 1140 42.06 17.26 -27.95
CA GLY C 1140 42.77 18.29 -27.22
C GLY C 1140 44.26 18.07 -27.27
N TYR C 1141 44.97 19.06 -26.74
CA TYR C 1141 46.43 19.18 -26.87
C TYR C 1141 47.07 18.83 -25.53
N TYR C 1142 47.97 17.87 -25.53
CA TYR C 1142 48.55 17.35 -24.30
C TYR C 1142 50.07 17.53 -24.29
N PRO C 1143 50.60 18.46 -23.52
CA PRO C 1143 52.06 18.66 -23.48
C PRO C 1143 52.75 17.70 -22.53
N SER C 1144 53.98 17.32 -22.89
CA SER C 1144 54.65 16.28 -22.12
C SER C 1144 55.94 16.71 -21.44
N ASN C 1145 56.95 17.16 -22.18
CA ASN C 1145 58.31 17.25 -21.63
C ASN C 1145 58.62 18.68 -21.22
N HIS C 1146 58.61 18.94 -19.93
CA HIS C 1146 58.73 20.30 -19.41
C HIS C 1146 60.15 20.54 -18.91
N ILE C 1147 60.89 21.39 -19.62
CA ILE C 1147 62.15 21.96 -19.14
C ILE C 1147 61.77 23.19 -18.33
N GLU C 1148 62.69 23.78 -17.54
CA GLU C 1148 62.10 24.81 -16.71
C GLU C 1148 61.96 26.15 -17.41
N VAL C 1149 62.81 27.13 -17.12
CA VAL C 1149 63.46 28.14 -17.96
C VAL C 1149 63.61 29.27 -16.93
N VAL C 1150 64.46 30.25 -17.16
CA VAL C 1150 64.38 31.50 -16.41
C VAL C 1150 63.79 32.58 -17.31
N SER C 1151 62.89 33.39 -16.77
CA SER C 1151 62.08 34.29 -17.58
C SER C 1151 61.89 35.63 -16.90
N ALA C 1152 61.67 36.66 -17.71
CA ALA C 1152 61.52 38.04 -17.27
C ALA C 1152 60.12 38.56 -17.51
N TYR C 1153 59.66 39.43 -16.60
CA TYR C 1153 58.32 39.99 -16.74
C TYR C 1153 58.23 40.92 -17.94
N GLY C 1154 59.24 41.75 -18.14
CA GLY C 1154 59.26 42.68 -19.25
C GLY C 1154 60.67 43.18 -19.44
N LEU C 1155 60.85 44.00 -20.47
CA LEU C 1155 62.16 44.54 -20.80
C LEU C 1155 62.03 46.03 -21.01
N CYS C 1156 62.88 46.81 -20.35
CA CYS C 1156 62.93 48.25 -20.53
C CYS C 1156 64.30 48.63 -21.06
N ASP C 1157 64.36 49.78 -21.72
CA ASP C 1157 65.62 50.31 -22.21
C ASP C 1157 66.30 51.07 -21.07
N ALA C 1158 67.54 50.70 -20.76
CA ALA C 1158 68.24 51.35 -19.65
C ALA C 1158 68.43 52.83 -19.90
N ALA C 1159 68.78 53.20 -21.14
CA ALA C 1159 68.95 54.61 -21.46
C ALA C 1159 67.65 55.38 -21.31
N ASN C 1160 66.54 54.81 -21.78
CA ASN C 1160 65.22 55.43 -21.71
C ASN C 1160 64.31 54.49 -20.95
N PRO C 1161 64.28 54.56 -19.63
CA PRO C 1161 63.54 53.57 -18.85
C PRO C 1161 62.03 53.71 -18.97
N THR C 1162 61.58 54.59 -19.84
CA THR C 1162 60.15 54.74 -20.12
C THR C 1162 59.68 53.84 -21.25
N ASN C 1163 60.59 53.46 -22.14
CA ASN C 1163 60.26 52.58 -23.27
C ASN C 1163 60.39 51.14 -22.81
N CYS C 1164 59.26 50.46 -22.62
CA CYS C 1164 59.24 49.10 -22.10
C CYS C 1164 58.28 48.24 -22.90
N ILE C 1165 58.61 46.95 -23.02
CA ILE C 1165 57.79 46.00 -23.76
C ILE C 1165 57.47 44.80 -22.89
N ALA C 1166 56.41 44.10 -23.26
CA ALA C 1166 55.98 42.86 -22.64
C ALA C 1166 55.61 41.90 -23.75
N PRO C 1167 55.70 40.60 -23.49
CA PRO C 1167 55.33 39.63 -24.53
C PRO C 1167 53.83 39.42 -24.61
N VAL C 1168 53.37 39.02 -25.79
CA VAL C 1168 51.97 38.70 -26.02
C VAL C 1168 51.87 37.22 -26.35
N ASN C 1169 51.04 36.50 -25.59
CA ASN C 1169 50.83 35.07 -25.80
C ASN C 1169 52.15 34.29 -25.73
N GLY C 1170 52.98 34.63 -24.76
CA GLY C 1170 54.28 33.99 -24.69
C GLY C 1170 55.12 34.62 -23.62
N TYR C 1171 56.39 34.22 -23.60
CA TYR C 1171 57.30 34.63 -22.55
C TYR C 1171 58.62 35.11 -23.12
N PHE C 1172 59.27 35.97 -22.36
CA PHE C 1172 60.65 36.35 -22.60
C PHE C 1172 61.54 35.38 -21.85
N ILE C 1173 62.40 34.66 -22.58
CA ILE C 1173 63.25 33.63 -21.99
C ILE C 1173 64.70 34.00 -22.20
N LYS C 1174 65.50 33.80 -21.15
CA LYS C 1174 66.94 33.94 -21.22
C LYS C 1174 67.51 32.76 -21.98
N THR C 1175 67.79 32.96 -23.26
CA THR C 1175 68.32 31.88 -24.08
C THR C 1175 69.80 31.65 -23.74
N ASN C 1176 70.20 30.39 -23.65
CA ASN C 1176 71.56 30.01 -23.33
C ASN C 1176 72.29 29.42 -24.54
N ASN C 1177 71.90 29.81 -25.74
CA ASN C 1177 72.52 29.29 -26.95
C ASN C 1177 73.14 30.40 -27.78
N ASP C 1182 71.60 36.91 -28.72
CA ASP C 1182 71.02 37.94 -27.88
C ASP C 1182 70.67 37.35 -26.51
N GLU C 1183 70.74 38.16 -25.46
CA GLU C 1183 70.48 37.65 -24.12
C GLU C 1183 69.05 37.16 -23.97
N TRP C 1184 68.10 37.86 -24.58
CA TRP C 1184 66.69 37.58 -24.38
C TRP C 1184 66.04 37.19 -25.69
N SER C 1185 65.22 36.15 -25.68
CA SER C 1185 64.45 35.77 -26.85
C SER C 1185 63.00 35.54 -26.42
N TYR C 1186 62.16 35.19 -27.37
CA TYR C 1186 60.73 35.04 -27.13
C TYR C 1186 60.34 33.60 -27.41
N THR C 1187 59.42 33.07 -26.62
CA THR C 1187 58.88 31.75 -26.91
C THR C 1187 57.36 31.78 -26.77
N GLY C 1188 56.69 30.98 -27.59
CA GLY C 1188 55.26 30.86 -27.48
C GLY C 1188 54.84 30.22 -26.18
N SER C 1189 53.59 30.40 -25.82
CA SER C 1189 53.14 30.04 -24.49
C SER C 1189 53.10 28.54 -24.26
N SER C 1190 52.80 27.76 -25.29
CA SER C 1190 52.48 26.35 -25.14
C SER C 1190 53.50 25.42 -25.75
N PHE C 1191 54.62 25.93 -26.25
CA PHE C 1191 55.65 25.08 -26.83
C PHE C 1191 56.96 25.83 -26.79
N TYR C 1192 58.01 25.16 -26.36
CA TYR C 1192 59.31 25.82 -26.21
C TYR C 1192 60.02 25.85 -27.55
N ALA C 1193 60.17 27.03 -28.12
CA ALA C 1193 60.90 27.23 -29.36
C ALA C 1193 61.35 28.68 -29.46
N PRO C 1194 62.54 29.01 -28.95
CA PRO C 1194 62.94 30.41 -28.84
C PRO C 1194 63.07 31.10 -30.19
N GLU C 1195 62.82 32.41 -30.18
CA GLU C 1195 62.76 33.22 -31.37
C GLU C 1195 63.26 34.63 -31.08
N PRO C 1196 63.66 35.36 -32.11
CA PRO C 1196 64.01 36.77 -31.90
C PRO C 1196 62.80 37.57 -31.47
N ILE C 1197 63.05 38.60 -30.68
CA ILE C 1197 62.01 39.49 -30.21
C ILE C 1197 61.75 40.54 -31.27
N THR C 1198 60.52 40.61 -31.75
CA THR C 1198 60.13 41.56 -32.78
C THR C 1198 58.93 42.35 -32.30
N SER C 1199 58.50 43.31 -33.13
CA SER C 1199 57.30 44.07 -32.81
C SER C 1199 56.02 43.27 -32.99
N LEU C 1200 56.12 42.06 -33.54
CA LEU C 1200 54.96 41.22 -33.78
C LEU C 1200 54.61 40.33 -32.61
N ASN C 1201 55.52 40.14 -31.65
CA ASN C 1201 55.22 39.32 -30.48
C ASN C 1201 55.38 40.10 -29.19
N THR C 1202 55.37 41.42 -29.25
CA THR C 1202 55.51 42.25 -28.07
C THR C 1202 54.49 43.38 -28.11
N LYS C 1203 54.29 44.01 -26.97
CA LYS C 1203 53.45 45.20 -26.89
C LYS C 1203 54.10 46.18 -25.93
N TYR C 1204 53.92 47.47 -26.21
CA TYR C 1204 54.50 48.51 -25.38
C TYR C 1204 53.67 48.69 -24.12
N VAL C 1205 54.35 48.75 -22.98
CA VAL C 1205 53.67 48.82 -21.68
C VAL C 1205 54.30 49.90 -20.83
N ALA C 1206 53.60 50.26 -19.77
CA ALA C 1206 54.14 51.18 -18.79
C ALA C 1206 55.21 50.49 -17.96
N PRO C 1207 56.25 51.22 -17.56
CA PRO C 1207 57.36 50.59 -16.84
C PRO C 1207 56.91 50.06 -15.48
N GLN C 1208 57.75 49.18 -14.95
CA GLN C 1208 57.41 48.48 -13.72
C GLN C 1208 58.70 48.09 -13.02
N VAL C 1209 58.64 47.92 -11.70
CA VAL C 1209 59.86 47.69 -10.93
C VAL C 1209 60.46 46.33 -11.25
N THR C 1210 59.64 45.37 -11.68
CA THR C 1210 60.13 44.03 -11.97
C THR C 1210 60.68 43.89 -13.38
N TYR C 1211 60.65 44.94 -14.18
CA TYR C 1211 61.12 44.85 -15.55
C TYR C 1211 62.63 44.98 -15.61
N GLN C 1212 63.24 44.27 -16.55
CA GLN C 1212 64.69 44.28 -16.67
C GLN C 1212 65.15 45.51 -17.44
N ASN C 1213 66.22 46.14 -16.94
CA ASN C 1213 66.78 47.33 -17.57
C ASN C 1213 68.01 46.91 -18.36
N ILE C 1214 67.78 46.48 -19.58
CA ILE C 1214 68.86 46.00 -20.43
C ILE C 1214 69.47 47.17 -21.18
N SER C 1215 70.78 47.10 -21.41
CA SER C 1215 71.48 48.19 -22.06
C SER C 1215 72.39 47.74 -23.19
N THR C 1216 72.93 46.53 -23.11
CA THR C 1216 74.02 46.17 -24.01
C THR C 1216 73.50 45.80 -25.40
N ASN C 1217 72.73 44.74 -25.53
CA ASN C 1217 72.20 44.28 -26.80
C ASN C 1217 70.69 44.41 -26.74
N LEU C 1218 70.12 45.15 -27.68
CA LEU C 1218 68.81 45.68 -27.46
C LEU C 1218 67.86 45.23 -28.57
N PRO C 1219 66.69 44.69 -28.25
CA PRO C 1219 65.79 44.15 -29.27
C PRO C 1219 65.25 45.26 -30.16
N PRO C 1220 64.85 44.93 -31.38
CA PRO C 1220 64.41 45.94 -32.33
C PRO C 1220 63.26 46.79 -31.82
N PRO C 1221 62.27 46.24 -31.11
CA PRO C 1221 61.20 47.10 -30.61
C PRO C 1221 61.66 48.18 -29.66
N LEU C 1222 62.81 48.00 -29.00
CA LEU C 1222 63.30 48.98 -28.05
C LEU C 1222 64.28 49.96 -28.66
N LEU C 1223 64.71 49.75 -29.90
CA LEU C 1223 65.66 50.66 -30.52
C LEU C 1223 65.00 51.97 -30.90
N GLY C 1224 65.76 53.05 -30.79
CA GLY C 1224 65.28 54.37 -31.14
C GLY C 1224 65.78 54.82 -32.50
N GLN D 1 12.04 -36.70 43.78
CA GLN D 1 13.18 -36.03 44.39
C GLN D 1 12.91 -35.69 45.84
N VAL D 2 11.64 -35.42 46.15
CA VAL D 2 11.25 -35.00 47.49
C VAL D 2 10.94 -36.22 48.34
N GLN D 3 11.54 -36.28 49.52
CA GLN D 3 11.36 -37.39 50.44
C GLN D 3 10.83 -36.89 51.77
N LEU D 4 9.75 -37.51 52.24
CA LEU D 4 9.15 -37.17 53.54
C LEU D 4 9.18 -38.42 54.40
N GLN D 5 9.70 -38.28 55.62
CA GLN D 5 9.85 -39.43 56.52
C GLN D 5 9.33 -39.08 57.91
N GLU D 6 8.34 -39.83 58.37
CA GLU D 6 7.82 -39.68 59.73
C GLU D 6 8.60 -40.57 60.70
N SER D 7 8.69 -40.11 61.94
CA SER D 7 9.40 -40.87 62.97
C SER D 7 8.91 -40.41 64.34
N GLY D 8 9.35 -41.12 65.37
CA GLY D 8 8.98 -40.83 66.75
C GLY D 8 7.74 -41.53 67.25
N GLY D 9 7.09 -42.36 66.43
CA GLY D 9 5.86 -43.00 66.86
C GLY D 9 6.09 -44.06 67.92
N GLY D 10 5.09 -44.23 68.76
CA GLY D 10 5.15 -45.21 69.84
C GLY D 10 3.85 -45.19 70.61
N SER D 11 3.77 -46.07 71.60
CA SER D 11 2.56 -46.22 72.40
C SER D 11 2.76 -45.57 73.76
N VAL D 12 1.81 -44.71 74.14
CA VAL D 12 1.83 -44.05 75.44
C VAL D 12 0.46 -44.20 76.08
N GLN D 13 0.42 -44.08 77.40
CA GLN D 13 -0.84 -44.14 78.14
C GLN D 13 -1.77 -43.04 77.67
N ALA D 14 -3.05 -43.35 77.57
CA ALA D 14 -4.05 -42.37 77.19
C ALA D 14 -4.00 -41.18 78.14
N GLY D 15 -4.07 -39.98 77.58
CA GLY D 15 -3.86 -38.78 78.35
C GLY D 15 -2.42 -38.35 78.48
N GLY D 16 -1.50 -38.97 77.74
CA GLY D 16 -0.11 -38.61 77.75
C GLY D 16 0.22 -37.54 76.72
N SER D 17 1.48 -37.52 76.31
CA SER D 17 1.97 -36.52 75.36
C SER D 17 3.06 -37.13 74.51
N LEU D 18 3.06 -36.81 73.22
CA LEU D 18 3.98 -37.42 72.26
C LEU D 18 4.32 -36.40 71.18
N LYS D 19 5.40 -36.67 70.44
CA LYS D 19 5.87 -35.75 69.41
C LYS D 19 6.51 -36.53 68.27
N LEU D 20 6.03 -36.30 67.05
CA LEU D 20 6.60 -36.94 65.87
C LEU D 20 7.66 -36.04 65.25
N SER D 21 8.22 -36.51 64.14
CA SER D 21 9.11 -35.71 63.31
C SER D 21 8.87 -36.11 61.87
N CYS D 22 8.99 -35.14 60.95
CA CYS D 22 8.77 -35.41 59.53
C CYS D 22 9.91 -34.74 58.77
N SER D 23 10.98 -35.50 58.54
CA SER D 23 12.08 -34.99 57.75
C SER D 23 11.65 -34.78 56.32
N VAL D 24 12.02 -33.62 55.77
CA VAL D 24 11.60 -33.18 54.44
C VAL D 24 12.83 -32.91 53.62
N SER D 25 12.87 -33.41 52.39
CA SER D 25 14.00 -33.17 51.52
C SER D 25 13.52 -33.06 50.08
N GLY D 26 14.32 -32.39 49.25
CA GLY D 26 14.03 -32.27 47.84
C GLY D 26 13.36 -30.98 47.41
N TYR D 27 13.22 -30.00 48.29
CA TYR D 27 12.68 -28.69 47.93
C TYR D 27 13.80 -27.74 47.54
N THR D 28 13.72 -27.25 46.30
CA THR D 28 14.61 -26.23 45.78
C THR D 28 14.07 -24.82 46.00
N TYR D 29 12.81 -24.69 46.35
CA TYR D 29 12.17 -23.40 46.57
C TYR D 29 11.40 -23.42 47.87
N SER D 30 11.45 -22.29 48.59
CA SER D 30 10.98 -22.24 49.97
C SER D 30 9.48 -22.04 50.08
N THR D 31 8.73 -22.08 48.99
CA THR D 31 7.32 -21.71 48.99
C THR D 31 6.47 -22.97 48.88
N TYR D 32 6.19 -23.58 50.04
CA TYR D 32 5.43 -24.83 50.10
C TYR D 32 4.76 -24.93 51.46
N CYS D 33 3.81 -25.86 51.57
CA CYS D 33 3.11 -26.09 52.82
C CYS D 33 3.09 -27.59 53.13
N ILE D 34 3.25 -27.92 54.41
CA ILE D 34 3.37 -29.30 54.86
C ILE D 34 2.26 -29.60 55.84
N ALA D 35 1.55 -30.70 55.63
CA ALA D 35 0.39 -31.05 56.44
C ALA D 35 0.58 -32.42 57.11
N TRP D 36 -0.19 -32.62 58.17
CA TRP D 36 -0.26 -33.88 58.90
C TRP D 36 -1.65 -34.48 58.77
N PHE D 37 -1.69 -35.79 58.53
CA PHE D 37 -2.93 -36.55 58.43
C PHE D 37 -2.86 -37.72 59.40
N ARG D 38 -3.99 -38.40 59.58
CA ARG D 38 -3.96 -39.72 60.16
C ARG D 38 -4.99 -40.60 59.47
N GLN D 39 -4.69 -41.89 59.45
CA GLN D 39 -5.56 -42.89 58.83
C GLN D 39 -5.90 -43.93 59.89
N VAL D 40 -7.16 -43.97 60.30
CA VAL D 40 -7.64 -45.09 61.13
C VAL D 40 -7.91 -46.28 60.24
N PRO D 41 -7.49 -47.49 60.62
CA PRO D 41 -7.63 -48.63 59.72
C PRO D 41 -9.09 -48.91 59.38
N GLY D 42 -9.32 -49.31 58.14
CA GLY D 42 -10.66 -49.63 57.70
C GLY D 42 -11.56 -48.44 57.46
N LYS D 43 -10.99 -47.25 57.29
CA LYS D 43 -11.77 -46.05 57.04
C LYS D 43 -10.99 -45.15 56.09
N GLU D 44 -11.44 -43.92 55.93
CA GLU D 44 -10.85 -42.98 55.00
C GLU D 44 -9.94 -42.00 55.72
N ARG D 45 -8.98 -41.46 54.98
CA ARG D 45 -8.01 -40.52 55.55
C ARG D 45 -8.70 -39.20 55.90
N GLU D 46 -8.09 -38.48 56.84
CA GLU D 46 -8.61 -37.17 57.24
C GLU D 46 -7.48 -36.37 57.88
N GLY D 47 -7.45 -35.05 57.59
CA GLY D 47 -6.32 -34.24 57.95
C GLY D 47 -6.44 -33.56 59.30
N LEU D 48 -5.29 -33.14 59.82
CA LEU D 48 -5.22 -32.59 61.16
C LEU D 48 -4.70 -31.15 61.23
N ALA D 49 -3.59 -30.84 60.57
CA ALA D 49 -3.00 -29.51 60.67
C ALA D 49 -2.06 -29.31 59.50
N PHE D 50 -1.58 -28.08 59.34
CA PHE D 50 -0.60 -27.76 58.31
C PHE D 50 0.16 -26.50 58.70
N ILE D 51 1.35 -26.38 58.12
CA ILE D 51 2.23 -25.22 58.26
C ILE D 51 2.57 -24.70 56.88
N LYS D 52 2.45 -23.38 56.71
CA LYS D 52 2.80 -22.69 55.48
C LYS D 52 4.18 -22.08 55.65
N ASN D 53 5.13 -22.48 54.79
CA ASN D 53 6.54 -22.34 55.15
C ASN D 53 7.05 -20.90 55.13
N PRO D 54 7.02 -20.18 54.00
CA PRO D 54 7.62 -18.84 54.02
C PRO D 54 6.96 -17.92 55.03
N GLU D 55 5.63 -17.85 55.02
CA GLU D 55 4.92 -17.04 56.00
C GLU D 55 5.16 -17.56 57.41
N GLY D 56 5.16 -18.87 57.58
CA GLY D 56 5.30 -19.48 58.88
C GLY D 56 4.00 -19.73 59.60
N ASN D 57 2.89 -19.21 59.11
CA ASN D 57 1.63 -19.37 59.80
C ASN D 57 1.13 -20.81 59.68
N THR D 58 0.41 -21.25 60.72
CA THR D 58 -0.04 -22.63 60.83
C THR D 58 -1.54 -22.64 61.09
N ASP D 59 -2.16 -23.77 60.76
CA ASP D 59 -3.58 -23.95 61.04
C ASP D 59 -3.81 -25.40 61.44
N TYR D 60 -4.89 -25.63 62.19
CA TYR D 60 -5.26 -26.96 62.65
C TYR D 60 -6.71 -27.24 62.32
N ALA D 61 -7.05 -28.52 62.27
CA ALA D 61 -8.42 -28.94 62.04
C ALA D 61 -9.25 -28.72 63.30
N ASP D 62 -10.58 -28.84 63.14
CA ASP D 62 -11.49 -28.60 64.26
C ASP D 62 -11.30 -29.64 65.37
N SER D 63 -11.18 -30.91 65.01
CA SER D 63 -11.25 -31.98 66.01
C SER D 63 -10.10 -31.89 67.00
N VAL D 64 -8.89 -31.66 66.51
CA VAL D 64 -7.71 -31.72 67.35
C VAL D 64 -7.14 -30.34 67.63
N GLN D 65 -7.93 -29.29 67.39
CA GLN D 65 -7.45 -27.94 67.59
C GLN D 65 -7.15 -27.67 69.06
N GLY D 66 -6.02 -27.05 69.32
CA GLY D 66 -5.59 -26.79 70.69
C GLY D 66 -4.90 -27.97 71.32
N ARG D 67 -5.46 -29.17 71.13
CA ARG D 67 -4.82 -30.38 71.65
C ARG D 67 -3.47 -30.60 71.00
N PHE D 68 -3.37 -30.36 69.70
CA PHE D 68 -2.15 -30.61 68.95
C PHE D 68 -1.40 -29.31 68.73
N PHE D 69 -0.10 -29.43 68.46
CA PHE D 69 0.74 -28.28 68.15
C PHE D 69 1.73 -28.65 67.08
N ILE D 70 1.85 -27.78 66.07
CA ILE D 70 2.73 -28.02 64.93
C ILE D 70 3.79 -26.93 64.89
N SER D 71 4.98 -27.30 64.43
CA SER D 71 6.11 -26.38 64.41
C SER D 71 7.11 -26.90 63.39
N GLN D 72 8.24 -26.19 63.27
CA GLN D 72 9.25 -26.55 62.29
C GLN D 72 10.58 -25.97 62.71
N ASP D 73 11.64 -26.79 62.64
CA ASP D 73 12.97 -26.34 63.02
C ASP D 73 13.56 -25.44 61.94
N THR D 74 14.09 -24.29 62.37
CA THR D 74 14.57 -23.30 61.42
C THR D 74 15.80 -23.74 60.66
N VAL D 75 16.51 -24.77 61.13
CA VAL D 75 17.72 -25.25 60.47
C VAL D 75 17.53 -26.62 59.83
N ASP D 76 16.57 -27.42 60.29
CA ASP D 76 16.32 -28.73 59.73
C ASP D 76 15.14 -28.79 58.78
N ASN D 77 14.35 -27.71 58.68
CA ASN D 77 13.13 -27.65 57.87
C ASN D 77 12.25 -28.88 58.05
N THR D 78 12.28 -29.48 59.23
CA THR D 78 11.46 -30.63 59.55
C THR D 78 10.27 -30.18 60.40
N VAL D 79 9.09 -30.70 60.10
CA VAL D 79 7.90 -30.36 60.83
C VAL D 79 7.63 -31.41 61.90
N TYR D 80 6.87 -31.04 62.91
CA TYR D 80 6.57 -31.85 64.07
C TYR D 80 5.06 -32.01 64.20
N LEU D 81 4.64 -32.77 65.21
CA LEU D 81 3.22 -32.81 65.57
C LEU D 81 3.15 -33.24 67.03
N SER D 82 2.92 -32.28 67.91
CA SER D 82 2.86 -32.54 69.34
C SER D 82 1.43 -32.87 69.73
N MET D 83 1.22 -34.10 70.18
CA MET D 83 -0.06 -34.48 70.76
C MET D 83 0.03 -34.37 72.28
N ASN D 84 -1.04 -33.87 72.87
CA ASN D 84 -1.14 -33.81 74.32
C ASN D 84 -2.50 -34.38 74.73
N SER D 85 -2.51 -35.06 75.87
CA SER D 85 -3.74 -35.63 76.44
C SER D 85 -4.46 -36.51 75.42
N LEU D 86 -3.78 -37.57 75.02
CA LEU D 86 -4.30 -38.43 73.98
C LEU D 86 -5.49 -39.25 74.48
N LYS D 87 -6.27 -39.74 73.54
CA LYS D 87 -7.49 -40.49 73.82
C LYS D 87 -7.52 -41.75 72.98
N PRO D 88 -8.34 -42.75 73.38
CA PRO D 88 -8.37 -44.01 72.62
C PRO D 88 -8.75 -43.84 71.15
N GLU D 89 -9.52 -42.80 70.83
CA GLU D 89 -9.92 -42.55 69.45
C GLU D 89 -8.76 -42.09 68.57
N ASP D 90 -7.59 -41.84 69.17
CA ASP D 90 -6.42 -41.34 68.45
C ASP D 90 -5.46 -42.44 68.02
N THR D 91 -5.95 -43.66 67.83
CA THR D 91 -5.11 -44.76 67.37
C THR D 91 -5.23 -44.88 65.86
N ALA D 92 -4.14 -44.65 65.15
CA ALA D 92 -4.16 -44.57 63.69
C ALA D 92 -2.73 -44.48 63.21
N THR D 93 -2.55 -44.46 61.89
CA THR D 93 -1.24 -44.24 61.29
C THR D 93 -1.15 -42.77 60.88
N TYR D 94 -0.21 -42.04 61.48
CA TYR D 94 -0.01 -40.64 61.17
C TYR D 94 0.77 -40.52 59.86
N TYR D 95 0.25 -39.72 58.95
CA TYR D 95 0.88 -39.45 57.67
C TYR D 95 1.42 -38.03 57.64
N CYS D 96 2.52 -37.85 56.93
CA CYS D 96 3.03 -36.54 56.55
C CYS D 96 2.71 -36.31 55.07
N ALA D 97 2.54 -35.05 54.70
CA ALA D 97 2.21 -34.75 53.32
C ALA D 97 2.72 -33.36 52.96
N GLY D 98 2.91 -33.14 51.67
CA GLY D 98 3.37 -31.86 51.17
C GLY D 98 2.79 -31.63 49.79
N ALA D 99 3.03 -30.42 49.28
CA ALA D 99 2.53 -30.04 47.97
C ALA D 99 3.52 -29.12 47.29
N VAL D 100 3.40 -29.05 45.97
CA VAL D 100 4.23 -28.16 45.18
C VAL D 100 3.90 -26.71 45.49
N SER D 101 2.62 -26.40 45.64
CA SER D 101 2.15 -25.04 45.87
C SER D 101 2.24 -24.72 47.35
N ASN D 102 1.61 -23.62 47.74
CA ASN D 102 1.72 -23.11 49.09
C ASN D 102 0.34 -22.86 49.69
N TRP D 103 -0.70 -22.84 48.87
CA TRP D 103 -2.03 -22.39 49.26
C TRP D 103 -3.06 -23.51 49.24
N VAL D 104 -2.62 -24.75 49.04
CA VAL D 104 -3.57 -25.86 48.89
C VAL D 104 -3.82 -26.59 50.20
N CYS D 105 -2.93 -26.45 51.20
CA CYS D 105 -3.05 -27.23 52.42
C CYS D 105 -4.33 -26.94 53.18
N GLY D 106 -4.81 -25.70 53.14
CA GLY D 106 -6.04 -25.37 53.85
C GLY D 106 -7.24 -26.12 53.30
N MET D 107 -7.38 -26.14 51.98
CA MET D 107 -8.39 -26.98 51.36
C MET D 107 -8.06 -28.46 51.55
N SER D 108 -6.77 -28.78 51.62
CA SER D 108 -6.36 -30.19 51.66
C SER D 108 -6.79 -30.86 52.95
N ILE D 109 -6.47 -30.26 54.10
CA ILE D 109 -6.77 -30.93 55.36
C ILE D 109 -8.26 -30.99 55.63
N LYS D 110 -9.04 -30.21 54.90
CA LYS D 110 -10.50 -30.23 55.01
C LYS D 110 -11.14 -31.00 53.86
N SER D 111 -10.33 -31.57 52.97
CA SER D 111 -10.76 -32.48 51.93
C SER D 111 -9.86 -33.70 51.89
N GLN D 112 -9.43 -34.14 53.08
CA GLN D 112 -8.67 -35.38 53.29
C GLN D 112 -7.46 -35.51 52.36
N GLY D 113 -6.92 -34.38 51.91
CA GLY D 113 -5.70 -34.41 51.12
C GLY D 113 -5.91 -34.56 49.63
N TYR D 114 -7.00 -34.00 49.10
CA TYR D 114 -7.23 -34.10 47.67
C TYR D 114 -6.17 -33.38 46.85
N GLY D 115 -5.56 -32.34 47.42
CA GLY D 115 -4.63 -31.59 46.62
C GLY D 115 -3.18 -31.99 46.73
N MET D 116 -2.83 -32.85 47.67
CA MET D 116 -1.42 -33.12 47.92
C MET D 116 -0.77 -33.86 46.76
N ASP D 117 0.55 -33.83 46.74
CA ASP D 117 1.35 -34.45 45.69
C ASP D 117 2.39 -35.37 46.31
N TYR D 118 2.78 -35.07 47.54
CA TYR D 118 3.86 -35.75 48.23
C TYR D 118 3.31 -36.41 49.49
N TRP D 119 3.66 -37.67 49.70
CA TRP D 119 3.18 -38.44 50.83
C TRP D 119 4.34 -39.10 51.55
N GLY D 120 4.22 -39.21 52.87
CA GLY D 120 5.18 -39.96 53.65
C GLY D 120 4.77 -41.42 53.81
N LYS D 121 5.71 -42.21 54.34
CA LYS D 121 5.43 -43.62 54.55
C LYS D 121 4.40 -43.85 55.64
N GLY D 122 4.39 -42.99 56.65
CA GLY D 122 3.46 -43.11 57.75
C GLY D 122 4.14 -43.61 59.02
N THR D 123 3.39 -43.58 60.10
CA THR D 123 3.88 -44.09 61.38
C THR D 123 2.68 -44.45 62.25
N GLN D 124 2.53 -45.74 62.54
CA GLN D 124 1.39 -46.18 63.33
C GLN D 124 1.57 -45.80 64.80
N VAL D 125 0.48 -45.34 65.42
CA VAL D 125 0.43 -45.06 66.84
C VAL D 125 -0.82 -45.70 67.41
N THR D 126 -0.68 -46.36 68.56
CA THR D 126 -1.78 -46.95 69.29
C THR D 126 -1.64 -46.58 70.76
N VAL D 127 -2.72 -46.13 71.35
CA VAL D 127 -2.72 -45.66 72.74
C VAL D 127 -3.34 -46.74 73.63
N SER D 128 -2.70 -47.01 74.75
CA SER D 128 -3.14 -48.05 75.67
C SER D 128 -4.21 -47.51 76.61
N TYR E 18 -14.50 -9.68 56.16
CA TYR E 18 -15.08 -8.54 56.85
C TYR E 18 -14.25 -8.20 58.08
N VAL E 19 -13.44 -7.16 57.98
CA VAL E 19 -12.54 -6.83 59.08
C VAL E 19 -13.32 -6.26 60.25
N ASP E 20 -12.70 -6.28 61.41
CA ASP E 20 -13.28 -5.74 62.64
C ASP E 20 -12.68 -4.36 62.85
N VAL E 21 -13.44 -3.33 62.44
CA VAL E 21 -12.91 -1.97 62.45
C VAL E 21 -12.76 -1.39 63.85
N GLY E 22 -13.34 -2.04 64.86
CA GLY E 22 -13.19 -1.57 66.21
C GLY E 22 -14.51 -1.50 66.95
N PRO E 23 -14.49 -0.90 68.14
CA PRO E 23 -15.72 -0.81 68.94
C PRO E 23 -16.65 0.26 68.39
N ASP E 24 -17.90 -0.13 68.18
CA ASP E 24 -18.91 0.83 67.72
C ASP E 24 -19.04 1.96 68.73
N SER E 25 -19.22 3.18 68.22
CA SER E 25 -19.34 4.34 69.09
C SER E 25 -20.60 4.23 69.95
N VAL E 26 -20.49 4.69 71.20
CA VAL E 26 -21.55 4.54 72.19
C VAL E 26 -22.18 5.86 72.58
N LYS E 27 -21.74 6.97 72.01
CA LYS E 27 -22.36 8.25 72.35
C LYS E 27 -23.80 8.29 71.85
N SER E 28 -24.58 9.14 72.50
CA SER E 28 -26.01 9.23 72.19
C SER E 28 -26.31 10.24 71.08
N ALA E 29 -25.65 11.38 71.10
CA ALA E 29 -25.92 12.44 70.15
C ALA E 29 -24.64 12.95 69.52
N CYS E 30 -24.74 13.33 68.25
CA CYS E 30 -23.63 13.93 67.53
C CYS E 30 -23.46 15.38 67.93
N ILE E 31 -22.25 15.91 67.70
CA ILE E 31 -22.00 17.33 67.95
C ILE E 31 -22.77 18.17 66.95
N GLU E 32 -23.16 19.37 67.36
CA GLU E 32 -23.89 20.29 66.49
C GLU E 32 -22.95 20.94 65.49
N VAL E 33 -23.32 20.89 64.22
CA VAL E 33 -22.49 21.36 63.11
C VAL E 33 -23.13 22.61 62.53
N ASP E 34 -22.33 23.66 62.35
CA ASP E 34 -22.79 24.96 61.88
C ASP E 34 -22.25 25.23 60.47
N ILE E 35 -23.14 25.16 59.49
CA ILE E 35 -22.78 25.41 58.08
C ILE E 35 -22.89 26.90 57.82
N GLN E 36 -21.77 27.54 57.48
CA GLN E 36 -21.74 28.95 57.08
C GLN E 36 -20.86 29.05 55.86
N GLN E 37 -21.46 28.86 54.67
CA GLN E 37 -20.67 28.83 53.44
C GLN E 37 -20.00 30.17 53.18
N THR E 38 -20.66 31.27 53.52
CA THR E 38 -20.15 32.59 53.17
C THR E 38 -18.85 32.94 53.89
N PHE E 39 -18.53 32.22 54.97
CA PHE E 39 -17.25 32.46 55.64
C PHE E 39 -16.10 31.77 54.92
N PHE E 40 -16.40 30.84 54.01
CA PHE E 40 -15.40 30.03 53.34
C PHE E 40 -15.28 30.36 51.86
N ASP E 41 -15.83 31.50 51.42
CA ASP E 41 -15.89 31.82 50.01
C ASP E 41 -14.71 32.64 49.53
N LYS E 42 -13.62 32.67 50.29
CA LYS E 42 -12.44 33.43 49.89
C LYS E 42 -11.86 32.86 48.60
N THR E 43 -11.13 33.70 47.86
CA THR E 43 -10.59 33.34 46.56
C THR E 43 -9.08 33.52 46.55
N TRP E 44 -8.36 32.41 46.67
CA TRP E 44 -6.92 32.37 46.48
C TRP E 44 -6.61 31.43 45.33
N PRO E 45 -6.26 31.94 44.15
CA PRO E 45 -6.11 31.05 42.99
C PRO E 45 -4.74 30.38 42.97
N ARG E 46 -4.74 29.06 42.77
CA ARG E 46 -3.53 28.29 42.53
C ARG E 46 -3.77 27.45 41.28
N PRO E 47 -3.69 28.05 40.11
CA PRO E 47 -3.94 27.30 38.87
C PRO E 47 -2.80 26.35 38.55
N ILE E 48 -3.10 25.38 37.70
CA ILE E 48 -2.12 24.40 37.28
C ILE E 48 -1.10 25.07 36.37
N ASP E 49 0.18 24.86 36.65
CA ASP E 49 1.27 25.39 35.86
C ASP E 49 2.17 24.22 35.45
N VAL E 50 2.02 23.72 34.23
CA VAL E 50 2.79 22.56 33.82
C VAL E 50 4.23 22.92 33.51
N SER E 51 4.57 24.20 33.47
CA SER E 51 5.97 24.58 33.37
C SER E 51 6.73 24.21 34.62
N LYS E 52 6.05 24.09 35.76
CA LYS E 52 6.61 23.54 36.98
C LYS E 52 6.28 22.06 37.15
N ALA E 53 5.58 21.47 36.19
CA ALA E 53 5.09 20.10 36.27
C ALA E 53 4.21 19.90 37.50
N ASP E 54 3.09 20.61 37.52
CA ASP E 54 2.10 20.49 38.58
C ASP E 54 1.13 19.37 38.25
N GLY E 55 0.95 18.44 39.18
CA GLY E 55 -0.04 17.40 39.01
C GLY E 55 0.33 16.30 38.05
N ILE E 56 1.62 16.04 37.86
CA ILE E 56 2.05 15.01 36.92
C ILE E 56 2.13 13.66 37.63
N ILE E 57 1.41 12.67 37.11
CA ILE E 57 1.62 11.28 37.46
C ILE E 57 2.82 10.78 36.66
N TYR E 58 3.81 10.22 37.34
CA TYR E 58 4.95 9.69 36.64
C TYR E 58 4.55 8.45 35.84
N PRO E 59 5.14 8.24 34.66
CA PRO E 59 4.83 7.03 33.89
C PRO E 59 5.07 5.75 34.70
N GLN E 60 4.18 4.77 34.51
CA GLN E 60 3.92 3.79 35.55
C GLN E 60 5.06 2.77 35.69
N GLY E 61 5.59 2.26 34.60
CA GLY E 61 6.50 1.15 34.74
C GLY E 61 7.95 1.37 34.34
N ARG E 62 8.36 2.62 34.17
CA ARG E 62 9.64 2.90 33.55
C ARG E 62 10.15 4.24 34.03
N THR E 63 11.37 4.56 33.62
CA THR E 63 11.95 5.87 33.85
C THR E 63 12.88 6.18 32.70
N TYR E 64 13.17 7.46 32.54
CA TYR E 64 14.03 7.94 31.47
C TYR E 64 15.09 8.85 32.08
N SER E 65 16.02 9.31 31.24
CA SER E 65 17.08 10.17 31.73
C SER E 65 17.51 11.13 30.63
N ASN E 66 17.36 12.43 30.90
CA ASN E 66 17.84 13.49 30.01
C ASN E 66 17.19 13.41 28.64
N ILE E 67 15.86 13.33 28.62
CA ILE E 67 15.13 13.04 27.40
C ILE E 67 13.87 13.91 27.35
N THR E 68 13.34 14.13 26.16
CA THR E 68 12.04 14.76 25.97
C THR E 68 11.14 13.80 25.21
N ILE E 69 9.97 13.53 25.78
CA ILE E 69 9.08 12.47 25.30
C ILE E 69 7.68 13.03 25.19
N THR E 70 6.90 12.56 24.21
CA THR E 70 5.46 12.75 24.26
C THR E 70 4.82 11.55 24.93
N TYR E 71 3.95 11.82 25.88
CA TYR E 71 3.29 10.80 26.66
C TYR E 71 1.79 11.00 26.63
N GLN E 72 1.06 9.91 26.47
CA GLN E 72 -0.39 9.92 26.62
C GLN E 72 -0.72 9.42 28.01
N GLY E 73 -1.48 10.21 28.77
CA GLY E 73 -1.75 9.83 30.13
C GLY E 73 -2.95 10.56 30.66
N LEU E 74 -3.12 10.49 31.97
CA LEU E 74 -4.18 11.22 32.66
C LEU E 74 -3.56 12.43 33.32
N PHE E 75 -3.90 13.61 32.83
CA PHE E 75 -3.26 14.86 33.22
C PHE E 75 -4.32 15.91 33.47
N PRO E 76 -4.00 16.94 34.25
CA PRO E 76 -4.90 18.09 34.36
C PRO E 76 -4.64 19.12 33.26
N TYR E 77 -5.57 20.06 33.14
CA TYR E 77 -5.47 21.09 32.13
C TYR E 77 -4.50 22.19 32.56
N GLN E 78 -3.69 22.66 31.62
CA GLN E 78 -2.92 23.87 31.86
C GLN E 78 -3.82 25.03 32.27
N GLY E 79 -3.45 25.71 33.34
CA GLY E 79 -4.20 26.85 33.79
C GLY E 79 -5.50 26.51 34.48
N ASP E 80 -5.78 25.24 34.71
CA ASP E 80 -6.99 24.86 35.44
C ASP E 80 -6.93 25.37 36.87
N HIS E 81 -8.05 25.88 37.35
CA HIS E 81 -8.10 26.44 38.69
C HIS E 81 -8.56 25.43 39.73
N GLY E 82 -9.23 24.36 39.33
CA GLY E 82 -9.65 23.37 40.27
C GLY E 82 -10.74 23.90 41.18
N ASP E 83 -10.88 23.23 42.33
CA ASP E 83 -11.82 23.64 43.36
C ASP E 83 -11.02 23.79 44.64
N MET E 84 -11.20 24.90 45.33
CA MET E 84 -10.47 25.16 46.56
C MET E 84 -11.34 24.82 47.75
N TYR E 85 -10.77 24.09 48.71
CA TYR E 85 -11.46 23.73 49.93
C TYR E 85 -10.60 24.14 51.11
N VAL E 86 -11.27 24.49 52.21
CA VAL E 86 -10.59 24.99 53.39
C VAL E 86 -11.29 24.46 54.63
N TYR E 87 -10.50 24.19 55.66
CA TYR E 87 -10.97 23.70 56.95
C TYR E 87 -10.72 24.75 58.00
N SER E 88 -11.63 24.84 58.98
CA SER E 88 -11.58 25.90 59.98
C SER E 88 -11.76 25.34 61.38
N ALA E 89 -11.43 26.17 62.36
CA ALA E 89 -11.69 25.83 63.75
C ALA E 89 -13.18 25.98 64.05
N GLY E 90 -13.60 25.37 65.17
CA GLY E 90 -14.97 25.41 65.59
C GLY E 90 -15.24 26.49 66.63
N HIS E 91 -16.49 26.52 67.08
CA HIS E 91 -16.90 27.53 68.06
C HIS E 91 -16.33 27.21 69.43
N ALA E 92 -15.52 28.14 69.93
CA ALA E 92 -14.87 27.98 71.25
C ALA E 92 -15.32 29.15 72.11
N THR E 93 -16.16 28.87 73.11
CA THR E 93 -16.66 29.89 74.01
C THR E 93 -15.81 29.91 75.27
N GLY E 94 -14.57 30.39 75.11
CA GLY E 94 -13.72 30.62 76.26
C GLY E 94 -13.23 29.36 76.94
N THR E 95 -12.32 28.62 76.29
CA THR E 95 -11.74 27.38 76.77
C THR E 95 -12.75 26.24 76.87
N THR E 96 -13.77 26.25 76.01
CA THR E 96 -14.66 25.09 75.87
C THR E 96 -15.28 25.10 74.47
N PRO E 97 -14.75 24.29 73.55
CA PRO E 97 -15.34 24.20 72.21
C PRO E 97 -16.68 23.49 72.27
N GLN E 98 -17.69 24.06 71.61
CA GLN E 98 -19.02 23.52 71.72
C GLN E 98 -19.79 23.39 70.40
N LYS E 99 -19.26 23.87 69.28
CA LYS E 99 -20.00 23.74 68.03
C LYS E 99 -19.03 23.77 66.85
N LEU E 100 -19.19 22.84 65.93
CA LEU E 100 -18.35 22.78 64.75
C LEU E 100 -18.70 23.90 63.78
N PHE E 101 -17.76 24.21 62.91
CA PHE E 101 -17.91 25.34 61.98
C PHE E 101 -17.35 24.92 60.63
N VAL E 102 -18.23 24.45 59.74
CA VAL E 102 -17.81 23.87 58.47
C VAL E 102 -18.48 24.63 57.34
N ALA E 103 -18.04 24.33 56.12
CA ALA E 103 -18.66 24.84 54.91
C ALA E 103 -19.64 23.78 54.38
N ASN E 104 -20.15 23.99 53.18
CA ASN E 104 -21.26 23.20 52.65
C ASN E 104 -20.79 22.07 51.75
N TYR E 105 -19.67 21.43 52.09
CA TYR E 105 -19.05 20.47 51.19
C TYR E 105 -19.86 19.18 51.08
N SER E 106 -20.58 18.81 52.13
CA SER E 106 -21.23 17.50 52.15
C SER E 106 -22.30 17.38 51.06
N GLN E 107 -23.06 18.45 50.83
CA GLN E 107 -24.08 18.42 49.81
C GLN E 107 -23.51 18.44 48.40
N ASP E 108 -22.29 18.96 48.24
CA ASP E 108 -21.72 19.22 46.92
C ASP E 108 -21.06 17.95 46.40
N VAL E 109 -21.88 17.04 45.90
CA VAL E 109 -21.38 15.80 45.32
C VAL E 109 -20.89 16.07 43.91
N LYS E 110 -19.68 15.63 43.62
CA LYS E 110 -19.03 15.87 42.34
C LYS E 110 -18.98 14.58 41.54
N GLN E 111 -18.49 14.70 40.30
CA GLN E 111 -18.33 13.55 39.43
C GLN E 111 -16.88 13.08 39.49
N PHE E 112 -16.70 11.78 39.73
CA PHE E 112 -15.39 11.15 39.66
C PHE E 112 -15.24 10.58 38.26
N ALA E 113 -14.80 11.43 37.33
CA ALA E 113 -14.78 11.00 35.94
C ALA E 113 -13.59 10.09 35.65
N ASN E 114 -12.38 10.62 35.76
CA ASN E 114 -11.18 9.83 35.53
C ASN E 114 -10.23 9.85 36.71
N GLY E 115 -10.67 10.33 37.86
CA GLY E 115 -9.81 10.52 38.99
C GLY E 115 -9.48 11.99 39.17
N PHE E 116 -8.62 12.26 40.15
CA PHE E 116 -8.25 13.66 40.33
C PHE E 116 -6.94 13.75 41.09
N VAL E 117 -6.35 14.94 41.06
CA VAL E 117 -5.15 15.24 41.82
C VAL E 117 -5.45 16.39 42.77
N VAL E 118 -4.69 16.44 43.86
CA VAL E 118 -4.91 17.37 44.94
C VAL E 118 -3.58 18.00 45.32
N ARG E 119 -3.60 19.32 45.46
CA ARG E 119 -2.47 20.10 45.95
C ARG E 119 -2.74 20.41 47.42
N ILE E 120 -1.85 19.93 48.30
CA ILE E 120 -2.02 20.02 49.75
C ILE E 120 -0.94 20.91 50.33
N GLY E 121 -1.35 21.85 51.17
CA GLY E 121 -0.44 22.67 51.94
C GLY E 121 0.41 23.64 51.15
N ALA E 122 -0.17 24.28 50.13
CA ALA E 122 0.59 25.21 49.33
C ALA E 122 0.85 26.52 50.05
N ALA E 123 -0.08 26.92 50.92
CA ALA E 123 0.00 28.22 51.59
C ALA E 123 0.68 28.15 52.93
N ALA E 124 1.22 27.00 53.32
CA ALA E 124 1.86 26.87 54.62
C ALA E 124 3.10 27.74 54.69
N ASN E 125 3.67 27.81 55.90
CA ASN E 125 4.85 28.63 56.20
C ASN E 125 4.59 30.11 55.99
N SER E 126 3.34 30.56 56.11
CA SER E 126 3.01 31.95 55.89
C SER E 126 1.82 32.33 56.75
N THR E 127 1.50 33.61 56.75
CA THR E 127 0.46 34.18 57.61
C THR E 127 -0.84 34.35 56.84
N GLY E 128 -1.94 34.01 57.49
CA GLY E 128 -3.25 34.09 56.88
C GLY E 128 -4.29 34.26 57.98
N THR E 129 -5.55 34.20 57.59
CA THR E 129 -6.63 34.46 58.53
C THR E 129 -7.23 33.15 59.04
N VAL E 130 -7.80 33.23 60.23
CA VAL E 130 -8.63 32.16 60.76
C VAL E 130 -10.03 32.34 60.21
N ILE E 131 -10.60 31.26 59.67
CA ILE E 131 -11.86 31.40 58.95
C ILE E 131 -12.99 31.83 59.88
N ILE E 132 -13.05 31.25 61.08
CA ILE E 132 -14.19 31.49 61.95
C ILE E 132 -14.22 32.93 62.45
N SER E 133 -13.05 33.50 62.74
CA SER E 133 -12.94 34.89 63.15
C SER E 133 -12.09 35.62 62.14
N PRO E 134 -12.69 36.29 61.15
CA PRO E 134 -11.89 36.85 60.05
C PRO E 134 -10.83 37.83 60.49
N SER E 135 -11.04 38.56 61.58
CA SER E 135 -10.06 39.55 62.01
C SER E 135 -8.75 38.88 62.42
N THR E 136 -8.84 37.73 63.09
CA THR E 136 -7.65 37.08 63.62
C THR E 136 -6.78 36.55 62.50
N SER E 137 -5.46 36.63 62.70
CA SER E 137 -4.50 36.14 61.71
C SER E 137 -3.42 35.34 62.44
N ALA E 138 -3.09 34.17 61.89
CA ALA E 138 -2.06 33.31 62.42
C ALA E 138 -1.27 32.69 61.28
N THR E 139 -0.20 31.99 61.63
CA THR E 139 0.59 31.28 60.63
C THR E 139 -0.20 30.10 60.05
N ILE E 140 -0.10 29.92 58.75
CA ILE E 140 -0.85 28.88 58.05
C ILE E 140 -0.14 27.54 58.22
N ARG E 141 -0.92 26.48 58.46
CA ARG E 141 -0.39 25.15 58.68
C ARG E 141 -1.06 24.17 57.75
N LYS E 142 -0.35 23.08 57.44
CA LYS E 142 -0.83 22.11 56.47
C LYS E 142 -1.82 21.15 57.10
N ILE E 143 -2.93 20.93 56.42
CA ILE E 143 -3.94 19.96 56.84
C ILE E 143 -4.18 19.01 55.67
N TYR E 144 -4.81 17.88 55.97
CA TYR E 144 -4.96 16.89 54.93
C TYR E 144 -6.43 16.67 54.58
N PRO E 145 -6.76 16.50 53.31
CA PRO E 145 -8.15 16.31 52.92
C PRO E 145 -8.67 14.94 53.31
N ALA E 146 -10.00 14.84 53.31
CA ALA E 146 -10.70 13.59 53.52
C ALA E 146 -11.76 13.42 52.44
N PHE E 147 -11.99 12.20 51.99
CA PHE E 147 -12.86 12.01 50.85
C PHE E 147 -13.82 10.85 51.08
N MET E 148 -15.02 10.97 50.52
CA MET E 148 -15.97 9.87 50.39
C MET E 148 -16.19 9.64 48.91
N LEU E 149 -16.08 8.40 48.49
CA LEU E 149 -16.20 8.04 47.09
C LEU E 149 -17.17 6.87 46.98
N GLY E 150 -17.94 6.85 45.90
CA GLY E 150 -18.92 5.80 45.79
C GLY E 150 -19.51 5.70 44.41
N SER E 151 -20.36 4.69 44.25
CA SER E 151 -21.00 4.38 42.99
C SER E 151 -22.46 4.77 42.94
N SER E 152 -23.10 5.06 44.07
CA SER E 152 -24.49 5.47 44.08
C SER E 152 -24.70 6.47 45.20
N VAL E 153 -25.43 7.54 44.91
CA VAL E 153 -25.62 8.64 45.86
C VAL E 153 -27.08 9.09 45.83
N GLY E 154 -27.54 9.59 46.96
CA GLY E 154 -28.91 10.06 47.12
C GLY E 154 -28.99 11.01 48.28
N ASN E 155 -30.14 11.04 48.93
CA ASN E 155 -30.41 12.00 50.00
C ASN E 155 -30.71 11.30 51.32
N PHE E 156 -30.52 12.04 52.40
CA PHE E 156 -30.75 11.55 53.75
C PHE E 156 -32.24 11.61 54.08
N SER E 157 -32.57 11.43 55.37
CA SER E 157 -33.96 11.33 55.77
C SER E 157 -34.72 12.63 55.53
N ASP E 158 -34.13 13.76 55.90
CA ASP E 158 -34.78 15.05 55.77
C ASP E 158 -34.52 15.71 54.41
N GLY E 159 -34.16 14.94 53.39
CA GLY E 159 -34.04 15.45 52.05
C GLY E 159 -32.71 16.06 51.68
N LYS E 160 -31.79 16.18 52.63
CA LYS E 160 -30.47 16.73 52.33
C LYS E 160 -29.71 15.79 51.40
N MET E 161 -29.14 16.34 50.33
CA MET E 161 -28.36 15.55 49.39
C MET E 161 -27.07 15.06 50.04
N GLY E 162 -26.51 14.00 49.47
CA GLY E 162 -25.17 13.60 49.83
C GLY E 162 -25.02 12.38 50.71
N ARG E 163 -25.80 11.33 50.45
CA ARG E 163 -25.68 10.07 51.16
C ARG E 163 -25.25 8.99 50.18
N PHE E 164 -24.14 8.32 50.48
CA PHE E 164 -23.65 7.22 49.67
C PHE E 164 -24.23 5.92 50.19
N PHE E 165 -24.67 5.05 49.28
CA PHE E 165 -25.60 3.99 49.65
C PHE E 165 -24.92 2.66 49.94
N ASN E 166 -24.28 2.07 48.94
CA ASN E 166 -23.66 0.75 49.08
C ASN E 166 -22.31 0.91 49.73
N HIS E 167 -21.43 -0.08 49.58
CA HIS E 167 -20.05 0.07 50.01
C HIS E 167 -19.47 1.38 49.52
N THR E 168 -18.86 2.12 50.44
CA THR E 168 -18.33 3.45 50.16
C THR E 168 -16.86 3.48 50.54
N LEU E 169 -16.04 4.03 49.67
CA LEU E 169 -14.62 4.21 49.97
C LEU E 169 -14.45 5.51 50.75
N VAL E 170 -13.72 5.45 51.85
CA VAL E 170 -13.48 6.61 52.69
C VAL E 170 -11.99 6.73 52.95
N LEU E 171 -11.47 7.93 52.74
CA LEU E 171 -10.07 8.24 53.04
C LEU E 171 -10.05 9.31 54.12
N LEU E 172 -9.59 8.94 55.31
CA LEU E 172 -9.50 9.86 56.44
C LEU E 172 -8.06 9.97 56.93
N PRO E 173 -7.52 11.17 57.06
CA PRO E 173 -6.31 11.34 57.85
C PRO E 173 -6.63 11.18 59.33
N ASP E 174 -5.59 10.84 60.10
CA ASP E 174 -5.71 10.68 61.53
C ASP E 174 -4.37 11.01 62.17
N GLY E 175 -4.36 11.04 63.49
CA GLY E 175 -3.15 11.26 64.23
C GLY E 175 -2.57 12.64 64.06
N CYS E 176 -3.43 13.66 64.05
CA CYS E 176 -3.01 15.04 63.80
C CYS E 176 -2.21 15.13 62.51
N GLY E 177 -2.66 14.40 61.50
CA GLY E 177 -1.97 14.37 60.23
C GLY E 177 -0.70 13.54 60.21
N THR E 178 -0.72 12.39 60.85
CA THR E 178 0.42 11.48 60.83
C THR E 178 0.11 10.11 60.28
N LEU E 179 -1.16 9.77 60.05
CA LEU E 179 -1.47 8.56 59.30
C LEU E 179 -2.65 8.81 58.37
N LEU E 180 -2.75 7.99 57.34
CA LEU E 180 -3.86 8.00 56.41
C LEU E 180 -4.54 6.65 56.46
N ARG E 181 -5.86 6.64 56.63
CA ARG E 181 -6.63 5.44 56.88
C ARG E 181 -7.67 5.31 55.77
N ALA E 182 -7.65 4.20 55.06
CA ALA E 182 -8.54 3.99 53.93
C ALA E 182 -9.40 2.77 54.19
N PHE E 183 -10.71 2.93 54.13
CA PHE E 183 -11.58 1.77 54.29
C PHE E 183 -12.71 1.82 53.28
N TYR E 184 -13.48 0.74 53.21
CA TYR E 184 -14.45 0.58 52.13
C TYR E 184 -15.64 -0.22 52.65
N CYS E 185 -16.67 0.50 53.11
CA CYS E 185 -17.83 -0.21 53.65
C CYS E 185 -19.06 0.66 53.82
N ILE E 186 -20.07 0.05 54.43
CA ILE E 186 -21.42 0.61 54.42
C ILE E 186 -21.59 1.53 55.62
N LEU E 187 -21.97 2.76 55.34
CA LEU E 187 -22.21 3.77 56.36
C LEU E 187 -23.71 3.83 56.61
N GLU E 188 -24.14 3.36 57.78
CA GLU E 188 -25.54 3.47 58.14
C GLU E 188 -25.72 4.64 59.09
N PRO E 189 -26.55 5.61 58.74
CA PRO E 189 -26.64 6.82 59.58
C PRO E 189 -27.19 6.49 60.96
N ARG E 190 -26.56 7.07 61.97
CA ARG E 190 -26.99 6.87 63.34
C ARG E 190 -28.10 7.87 63.67
N SER E 191 -28.96 7.48 64.60
CA SER E 191 -29.99 8.38 65.08
C SER E 191 -29.45 9.21 66.25
N GLY E 192 -30.29 10.08 66.78
CA GLY E 192 -29.88 10.99 67.83
C GLY E 192 -29.77 12.43 67.33
N ASN E 193 -29.54 13.33 68.27
CA ASN E 193 -29.46 14.74 67.95
C ASN E 193 -28.32 15.00 66.98
N HIS E 194 -28.61 15.78 65.94
CA HIS E 194 -27.63 16.22 64.95
C HIS E 194 -26.93 15.05 64.26
N CYS E 195 -27.60 13.92 64.12
CA CYS E 195 -27.05 12.81 63.38
C CYS E 195 -27.92 12.53 62.16
N PRO E 196 -27.33 12.05 61.07
CA PRO E 196 -28.07 12.06 59.79
C PRO E 196 -29.40 11.32 59.82
N ALA E 197 -29.54 10.28 60.64
CA ALA E 197 -30.82 9.63 60.79
C ALA E 197 -31.66 10.25 61.89
N GLY E 198 -31.12 11.20 62.63
CA GLY E 198 -31.84 11.87 63.70
C GLY E 198 -32.54 13.12 63.23
N ASN E 199 -32.60 14.11 64.12
CA ASN E 199 -33.25 15.38 63.84
C ASN E 199 -32.24 16.51 63.95
N SER E 200 -32.61 17.66 63.37
CA SER E 200 -31.74 18.83 63.33
C SER E 200 -30.42 18.51 62.64
N TYR E 201 -30.49 17.69 61.59
CA TYR E 201 -29.29 17.27 60.88
C TYR E 201 -28.89 18.33 59.87
N THR E 202 -27.74 18.97 60.10
CA THR E 202 -27.19 19.94 59.16
C THR E 202 -26.23 19.29 58.18
N SER E 203 -25.16 18.67 58.68
CA SER E 203 -24.22 17.91 57.88
C SER E 203 -23.30 17.15 58.82
N PHE E 204 -22.79 16.03 58.35
CA PHE E 204 -21.78 15.30 59.12
C PHE E 204 -20.43 15.98 58.98
N ALA E 205 -19.55 15.71 59.94
CA ALA E 205 -18.22 16.28 59.91
C ALA E 205 -17.33 15.43 60.80
N THR E 206 -16.03 15.62 60.65
CA THR E 206 -15.04 15.01 61.53
C THR E 206 -14.36 16.11 62.34
N TYR E 207 -13.83 15.72 63.49
CA TYR E 207 -13.17 16.69 64.35
C TYR E 207 -12.10 15.99 65.17
N HIS E 208 -11.15 16.78 65.64
CA HIS E 208 -10.16 16.30 66.59
C HIS E 208 -9.81 17.43 67.53
N THR E 209 -9.48 17.08 68.78
CA THR E 209 -9.25 18.07 69.82
C THR E 209 -7.75 18.23 70.05
N PRO E 210 -7.17 19.38 69.72
CA PRO E 210 -5.73 19.56 69.94
C PRO E 210 -5.31 19.45 71.38
N ALA E 211 -6.20 19.75 72.32
CA ALA E 211 -5.83 19.72 73.73
C ALA E 211 -5.48 18.32 74.18
N THR E 212 -6.24 17.33 73.74
CA THR E 212 -6.06 15.95 74.18
C THR E 212 -5.52 15.03 73.10
N ASP E 213 -6.00 15.17 71.87
CA ASP E 213 -5.63 14.22 70.81
C ASP E 213 -4.29 14.51 70.18
N CYS E 214 -3.71 15.69 70.42
CA CYS E 214 -2.46 16.08 69.77
C CYS E 214 -1.36 16.35 70.79
N SER E 215 -1.39 15.66 71.92
CA SER E 215 -0.35 15.81 72.92
C SER E 215 0.99 15.31 72.38
N ASP E 216 2.04 16.09 72.62
CA ASP E 216 3.35 15.78 72.04
C ASP E 216 3.82 14.40 72.47
N GLY E 217 4.26 13.60 71.51
CA GLY E 217 4.72 12.26 71.78
C GLY E 217 3.61 11.25 71.81
N ASN E 218 2.39 11.69 72.12
CA ASN E 218 1.23 10.81 72.25
C ASN E 218 0.09 11.40 71.43
N TYR E 219 0.07 11.08 70.14
CA TYR E 219 -1.03 11.50 69.26
C TYR E 219 -2.07 10.40 69.19
N ASN E 220 -3.32 10.76 69.43
CA ASN E 220 -4.42 9.81 69.34
C ASN E 220 -4.59 9.41 67.87
N ARG E 221 -4.34 8.14 67.57
CA ARG E 221 -4.38 7.65 66.21
C ARG E 221 -5.76 7.16 65.78
N ASN E 222 -6.76 7.24 66.65
CA ASN E 222 -8.12 6.92 66.26
C ASN E 222 -9.07 8.11 66.41
N ALA E 223 -8.58 9.25 66.89
CA ALA E 223 -9.37 10.47 66.82
C ALA E 223 -9.65 10.81 65.37
N SER E 224 -10.83 11.37 65.12
CA SER E 224 -11.33 11.70 63.80
C SER E 224 -11.74 10.45 63.03
N LEU E 225 -11.52 9.28 63.62
CA LEU E 225 -12.25 8.09 63.21
C LEU E 225 -13.38 7.77 64.18
N ASN E 226 -13.20 8.06 65.46
CA ASN E 226 -14.32 8.06 66.38
C ASN E 226 -15.35 9.12 65.97
N SER E 227 -14.86 10.29 65.54
CA SER E 227 -15.75 11.32 65.04
C SER E 227 -16.61 10.81 63.91
N PHE E 228 -15.99 10.13 62.94
CA PHE E 228 -16.76 9.57 61.84
C PHE E 228 -17.71 8.50 62.32
N LYS E 229 -17.35 7.77 63.37
CA LYS E 229 -18.21 6.75 63.92
C LYS E 229 -19.38 7.32 64.71
N GLU E 230 -19.31 8.59 65.09
CA GLU E 230 -20.43 9.20 65.79
C GLU E 230 -21.62 9.45 64.87
N TYR E 231 -21.36 9.83 63.62
CA TYR E 231 -22.42 10.09 62.67
C TYR E 231 -22.84 8.86 61.89
N PHE E 232 -21.98 7.85 61.81
CA PHE E 232 -22.23 6.70 60.98
C PHE E 232 -21.85 5.43 61.73
N ASN E 233 -22.45 4.32 61.31
CA ASN E 233 -22.09 3.00 61.77
C ASN E 233 -21.49 2.26 60.59
N LEU E 234 -20.29 1.72 60.77
CA LEU E 234 -19.54 1.06 59.71
C LEU E 234 -19.89 -0.42 59.71
N ARG E 235 -20.43 -0.91 58.60
CA ARG E 235 -20.90 -2.28 58.52
C ARG E 235 -20.32 -2.96 57.29
N ASN E 236 -19.90 -4.21 57.46
CA ASN E 236 -19.63 -5.15 56.39
C ASN E 236 -18.52 -4.66 55.45
N CYS E 237 -17.30 -4.57 55.99
CA CYS E 237 -16.23 -4.04 55.17
C CYS E 237 -14.92 -4.79 55.16
N THR E 238 -14.26 -4.59 54.02
CA THR E 238 -13.34 -5.48 53.34
C THR E 238 -11.90 -5.22 53.67
N PHE E 239 -11.55 -3.96 53.90
CA PHE E 239 -10.20 -3.63 54.31
C PHE E 239 -10.22 -2.36 55.14
N MET E 240 -9.12 -2.12 55.83
CA MET E 240 -8.91 -0.91 56.62
C MET E 240 -7.40 -0.71 56.64
N TYR E 241 -6.89 -0.01 55.63
CA TYR E 241 -5.45 0.13 55.45
C TYR E 241 -4.95 1.41 56.10
N THR E 242 -3.68 1.38 56.46
CA THR E 242 -3.10 2.49 57.20
C THR E 242 -1.73 2.78 56.64
N TYR E 243 -1.41 4.06 56.50
CA TYR E 243 -0.13 4.48 55.96
C TYR E 243 0.42 5.59 56.84
N ASN E 244 1.62 5.40 57.38
CA ASN E 244 2.19 6.40 58.27
C ASN E 244 2.74 7.57 57.46
N ILE E 245 2.55 8.77 57.98
CA ILE E 245 2.99 9.99 57.31
C ILE E 245 3.95 10.72 58.23
N THR E 246 5.13 11.04 57.71
CA THR E 246 6.06 11.89 58.43
C THR E 246 5.48 13.29 58.55
N GLU E 247 5.71 13.93 59.69
CA GLU E 247 5.15 15.25 59.97
C GLU E 247 6.12 16.32 59.48
N ASP E 248 5.64 17.17 58.57
CA ASP E 248 6.41 18.32 58.12
C ASP E 248 5.44 19.35 57.55
N GLU E 249 5.97 20.39 56.92
CA GLU E 249 5.18 21.51 56.44
C GLU E 249 5.56 21.86 55.01
N ILE E 250 5.66 20.87 54.14
CA ILE E 250 6.06 21.12 52.77
C ILE E 250 4.91 20.79 51.83
N LEU E 251 4.92 21.45 50.68
CA LEU E 251 3.90 21.24 49.66
C LEU E 251 3.85 19.79 49.24
N GLU E 252 2.64 19.25 49.12
CA GLU E 252 2.47 17.83 48.81
C GLU E 252 1.42 17.67 47.72
N TRP E 253 1.52 16.59 46.98
CA TRP E 253 0.57 16.26 45.92
C TRP E 253 0.00 14.88 46.16
N PHE E 254 -1.29 14.71 45.88
CA PHE E 254 -1.97 13.43 46.04
C PHE E 254 -2.80 13.17 44.78
N GLY E 255 -3.10 11.92 44.51
CA GLY E 255 -3.87 11.61 43.32
C GLY E 255 -4.56 10.27 43.42
N ILE E 256 -5.64 10.12 42.68
CA ILE E 256 -6.42 8.89 42.73
C ILE E 256 -7.01 8.59 41.36
N THR E 257 -6.91 7.33 40.95
CA THR E 257 -7.50 6.86 39.70
C THR E 257 -8.12 5.48 39.91
N GLN E 258 -8.88 5.04 38.90
CA GLN E 258 -9.64 3.79 38.91
C GLN E 258 -9.30 3.01 37.65
N THR E 259 -8.80 1.80 37.79
CA THR E 259 -8.60 0.89 36.67
C THR E 259 -9.19 -0.47 37.00
N ALA E 260 -9.15 -1.38 36.02
CA ALA E 260 -9.65 -2.74 36.25
C ALA E 260 -8.83 -3.46 37.32
N GLN E 261 -7.66 -2.94 37.64
CA GLN E 261 -6.81 -3.49 38.68
C GLN E 261 -7.18 -2.97 40.06
N GLY E 262 -8.09 -2.01 40.16
CA GLY E 262 -8.49 -1.47 41.45
C GLY E 262 -8.50 0.04 41.50
N VAL E 263 -8.29 0.59 42.69
CA VAL E 263 -8.19 2.03 42.90
C VAL E 263 -6.76 2.36 43.25
N HIS E 264 -6.11 3.17 42.44
CA HIS E 264 -4.71 3.50 42.62
C HIS E 264 -4.57 4.84 43.33
N LEU E 265 -3.72 4.86 44.34
CA LEU E 265 -3.41 6.06 45.10
C LEU E 265 -1.98 6.47 44.81
N PHE E 266 -1.78 7.74 44.47
CA PHE E 266 -0.47 8.29 44.17
C PHE E 266 -0.17 9.41 45.14
N SER E 267 1.11 9.58 45.47
CA SER E 267 1.48 10.73 46.28
C SER E 267 2.88 11.17 45.91
N SER E 268 3.19 12.40 46.29
CA SER E 268 4.53 12.95 46.07
C SER E 268 5.53 12.41 47.06
N ARG E 269 5.07 12.05 48.26
CA ARG E 269 5.98 11.55 49.28
C ARG E 269 6.51 10.17 48.92
N TYR E 270 7.59 9.80 49.59
CA TYR E 270 8.32 8.54 49.54
C TYR E 270 9.16 8.39 48.29
N VAL E 271 9.00 9.22 47.26
CA VAL E 271 9.88 9.13 46.11
C VAL E 271 10.43 10.51 45.77
N ASP E 272 9.54 11.46 45.54
CA ASP E 272 9.92 12.82 45.15
C ASP E 272 9.29 13.78 46.15
N LEU E 273 9.96 13.98 47.27
CA LEU E 273 9.39 14.80 48.33
C LEU E 273 9.57 16.28 48.05
N TYR E 274 10.72 16.67 47.54
CA TYR E 274 11.03 18.08 47.29
C TYR E 274 10.73 18.50 45.87
N GLY E 275 10.35 17.57 45.01
CA GLY E 275 9.72 17.91 43.75
C GLY E 275 8.23 17.75 43.95
N GLY E 276 7.50 17.33 42.94
CA GLY E 276 6.09 17.10 43.14
C GLY E 276 5.57 15.89 42.40
N ASN E 277 6.47 15.17 41.75
CA ASN E 277 6.08 14.02 40.95
C ASN E 277 5.35 13.01 41.82
N MET E 278 4.32 12.40 41.27
CA MET E 278 3.46 11.50 42.02
C MET E 278 3.67 10.08 41.55
N PHE E 279 3.94 9.19 42.50
CA PHE E 279 4.19 7.78 42.23
C PHE E 279 3.19 6.96 43.02
N GLN E 280 2.73 5.86 42.43
CA GLN E 280 1.73 5.04 43.07
C GLN E 280 2.27 4.41 44.35
N PHE E 281 1.43 4.39 45.38
CA PHE E 281 1.82 3.77 46.65
C PHE E 281 0.78 2.81 47.19
N ALA E 282 -0.36 2.63 46.53
CA ALA E 282 -1.37 1.72 47.02
C ALA E 282 -2.35 1.38 45.92
N THR E 283 -2.85 0.15 45.96
CA THR E 283 -3.94 -0.27 45.08
C THR E 283 -4.98 -0.94 45.95
N LEU E 284 -6.13 -0.40 45.97
CA LEU E 284 -7.24 -0.84 46.78
C LEU E 284 -8.19 -1.72 45.98
N PRO E 285 -8.67 -2.79 46.58
CA PRO E 285 -9.58 -3.74 45.90
C PRO E 285 -11.01 -3.21 45.81
N VAL E 286 -11.20 -2.20 44.98
CA VAL E 286 -12.52 -1.64 44.71
C VAL E 286 -12.78 -1.82 43.23
N TYR E 287 -13.77 -2.64 42.89
CA TYR E 287 -14.01 -3.00 41.51
C TYR E 287 -15.34 -2.53 40.96
N ASP E 288 -16.23 -2.01 41.79
CA ASP E 288 -17.38 -1.28 41.30
C ASP E 288 -17.00 0.16 40.97
N THR E 289 -17.39 0.62 39.78
CA THR E 289 -16.85 1.87 39.27
C THR E 289 -17.29 3.04 40.12
N ILE E 290 -16.31 3.74 40.70
CA ILE E 290 -16.59 4.97 41.42
C ILE E 290 -17.12 6.01 40.44
N LYS E 291 -18.23 6.64 40.80
CA LYS E 291 -18.83 7.64 39.94
C LYS E 291 -19.09 8.96 40.63
N TYR E 292 -19.13 9.01 41.95
CA TYR E 292 -19.35 10.26 42.65
C TYR E 292 -18.38 10.33 43.81
N TYR E 293 -18.04 11.56 44.19
CA TYR E 293 -17.20 11.78 45.36
C TYR E 293 -17.60 13.08 46.02
N SER E 294 -17.20 13.22 47.27
CA SER E 294 -17.44 14.45 48.01
C SER E 294 -16.36 14.61 49.06
N ILE E 295 -16.16 15.85 49.49
CA ILE E 295 -15.19 16.20 50.49
C ILE E 295 -15.85 16.10 51.86
N ILE E 296 -15.18 15.51 52.82
CA ILE E 296 -15.66 15.43 54.19
C ILE E 296 -15.24 16.70 54.90
N PRO E 297 -16.17 17.46 55.47
CA PRO E 297 -15.77 18.62 56.27
C PRO E 297 -15.04 18.16 57.52
N HIS E 298 -14.09 18.98 57.96
CA HIS E 298 -13.32 18.71 59.15
C HIS E 298 -13.11 19.99 59.91
N SER E 299 -13.39 19.97 61.21
CA SER E 299 -13.22 21.14 62.05
C SER E 299 -12.43 20.77 63.29
N ILE E 300 -11.54 21.64 63.71
CA ILE E 300 -10.75 21.35 64.90
C ILE E 300 -11.46 21.96 66.10
N ARG E 301 -11.36 21.28 67.24
CA ARG E 301 -11.95 21.77 68.48
C ARG E 301 -10.84 22.39 69.32
N SER E 302 -10.49 23.62 68.99
CA SER E 302 -9.38 24.31 69.63
C SER E 302 -9.91 25.41 70.55
N ILE E 303 -8.99 26.21 71.07
CA ILE E 303 -9.29 27.26 72.04
C ILE E 303 -8.74 28.57 71.49
N GLN E 304 -9.33 29.69 71.93
CA GLN E 304 -8.94 30.99 71.38
C GLN E 304 -7.44 31.24 71.49
N SER E 305 -6.78 30.67 72.51
CA SER E 305 -5.34 30.75 72.56
C SER E 305 -4.69 29.81 71.56
N ASP E 306 -5.30 28.65 71.33
CA ASP E 306 -4.77 27.64 70.42
C ASP E 306 -5.51 27.61 69.08
N ARG E 307 -6.00 28.75 68.62
CA ARG E 307 -6.69 28.81 67.35
C ARG E 307 -5.71 29.19 66.24
N LYS E 308 -5.64 28.38 65.19
CA LYS E 308 -4.64 28.56 64.15
C LYS E 308 -5.29 28.46 62.77
N ALA E 309 -4.48 28.72 61.74
CA ALA E 309 -4.96 28.77 60.36
C ALA E 309 -4.47 27.55 59.60
N TRP E 310 -5.39 26.91 58.88
CA TRP E 310 -5.08 25.72 58.10
C TRP E 310 -5.09 26.06 56.62
N ALA E 311 -4.10 25.56 55.90
CA ALA E 311 -3.99 25.83 54.48
C ALA E 311 -5.16 25.20 53.72
N ALA E 312 -5.48 25.79 52.58
CA ALA E 312 -6.51 25.28 51.70
C ALA E 312 -5.89 24.34 50.68
N PHE E 313 -6.66 23.34 50.27
CA PHE E 313 -6.18 22.38 49.29
C PHE E 313 -7.05 22.45 48.05
N TYR E 314 -6.44 22.12 46.91
CA TYR E 314 -7.10 22.31 45.63
C TYR E 314 -7.23 20.98 44.90
N VAL E 315 -8.40 20.74 44.31
CA VAL E 315 -8.69 19.50 43.62
C VAL E 315 -8.85 19.81 42.14
N TYR E 316 -8.11 19.08 41.29
CA TYR E 316 -8.15 19.25 39.85
C TYR E 316 -8.46 17.92 39.19
N LYS E 317 -9.20 17.94 38.10
CA LYS E 317 -9.60 16.71 37.45
C LYS E 317 -8.55 16.23 36.46
N LEU E 318 -8.66 14.97 36.08
CA LEU E 318 -7.74 14.33 35.15
C LEU E 318 -8.47 13.94 33.88
N GLN E 319 -7.82 14.16 32.74
CA GLN E 319 -8.34 13.83 31.43
C GLN E 319 -7.26 13.10 30.64
N PRO E 320 -7.63 12.32 29.65
CA PRO E 320 -6.65 11.69 28.78
C PRO E 320 -6.07 12.69 27.80
N LEU E 321 -4.82 13.07 28.02
CA LEU E 321 -4.16 14.11 27.26
C LEU E 321 -2.78 13.64 26.82
N THR E 322 -2.27 14.28 25.78
CA THR E 322 -0.90 14.11 25.35
C THR E 322 -0.09 15.27 25.90
N PHE E 323 1.07 14.96 26.47
CA PHE E 323 1.93 15.93 27.10
C PHE E 323 3.33 15.77 26.54
N LEU E 324 4.08 16.85 26.57
CA LEU E 324 5.52 16.79 26.32
C LEU E 324 6.23 16.88 27.64
N LEU E 325 6.93 15.82 28.02
CA LEU E 325 7.56 15.69 29.31
C LEU E 325 9.07 15.80 29.14
N ASP E 326 9.72 16.48 30.09
CA ASP E 326 11.17 16.66 30.08
C ASP E 326 11.77 15.92 31.28
N PHE E 327 12.39 14.78 31.02
CA PHE E 327 13.01 14.00 32.08
C PHE E 327 14.45 14.46 32.28
N SER E 328 14.75 14.87 33.51
CA SER E 328 16.08 15.34 33.88
C SER E 328 17.06 14.19 33.84
N VAL E 329 18.32 14.48 34.16
CA VAL E 329 19.31 13.41 34.22
C VAL E 329 18.90 12.40 35.27
N ASP E 330 18.49 12.86 36.45
CA ASP E 330 18.07 11.94 37.49
C ASP E 330 16.63 11.47 37.33
N GLY E 331 16.03 11.64 36.16
CA GLY E 331 14.80 10.98 35.82
C GLY E 331 13.52 11.64 36.29
N TYR E 332 13.59 12.78 36.94
CA TYR E 332 12.38 13.47 37.38
C TYR E 332 11.89 14.41 36.31
N ILE E 333 10.57 14.63 36.31
CA ILE E 333 9.94 15.56 35.38
C ILE E 333 9.86 16.91 36.06
N ARG E 334 10.62 17.87 35.56
CA ARG E 334 10.58 19.23 36.08
C ARG E 334 9.92 20.19 35.11
N ARG E 335 9.43 19.71 33.97
CA ARG E 335 8.93 20.58 32.93
C ARG E 335 8.03 19.81 31.97
N ALA E 336 6.88 20.38 31.62
CA ALA E 336 5.95 19.73 30.72
C ALA E 336 5.25 20.77 29.86
N ILE E 337 4.61 20.29 28.81
CA ILE E 337 3.82 21.11 27.91
C ILE E 337 2.51 20.39 27.64
N ASP E 338 1.39 21.08 27.83
CA ASP E 338 0.07 20.57 27.51
C ASP E 338 -0.15 20.78 26.02
N CYS E 339 -0.21 19.69 25.25
CA CYS E 339 -0.17 19.80 23.81
C CYS E 339 -1.35 20.58 23.25
N GLY E 340 -2.54 20.34 23.78
CA GLY E 340 -3.73 20.93 23.22
C GLY E 340 -4.15 22.23 23.85
N PHE E 341 -3.29 22.85 24.64
CA PHE E 341 -3.68 24.04 25.37
C PHE E 341 -3.78 25.27 24.46
N ASN E 342 -2.96 25.34 23.44
CA ASN E 342 -2.60 26.63 22.87
C ASN E 342 -2.06 26.39 21.47
N ASP E 343 -1.84 27.47 20.73
CA ASP E 343 -1.20 27.36 19.43
C ASP E 343 0.29 27.07 19.56
N LEU E 344 0.96 27.79 20.46
CA LEU E 344 2.36 27.50 20.76
C LEU E 344 2.56 26.12 21.34
N SER E 345 1.56 25.61 22.06
CA SER E 345 1.67 24.28 22.63
C SER E 345 1.74 23.22 21.54
N GLN E 346 0.85 23.27 20.56
CA GLN E 346 0.95 22.32 19.47
C GLN E 346 2.12 22.64 18.57
N LEU E 347 2.61 23.88 18.59
CA LEU E 347 3.89 24.18 17.97
C LEU E 347 5.00 23.36 18.59
N HIS E 348 5.02 23.27 19.91
CA HIS E 348 6.06 22.57 20.66
C HIS E 348 5.93 21.07 20.62
N CYS E 349 4.71 20.54 20.62
CA CYS E 349 4.54 19.11 20.70
C CYS E 349 4.93 18.42 19.40
N SER E 350 4.63 19.01 18.26
CA SER E 350 5.38 18.70 17.06
C SER E 350 6.71 19.44 17.12
N TYR E 351 7.71 18.90 16.42
CA TYR E 351 9.11 19.28 16.60
C TYR E 351 9.64 18.74 17.91
N GLU E 352 8.75 18.16 18.72
CA GLU E 352 9.12 17.29 19.82
C GLU E 352 10.03 17.99 20.84
N SER E 353 9.94 19.31 20.93
CA SER E 353 10.98 20.10 21.57
C SER E 353 10.39 21.22 22.41
N PHE E 354 11.16 21.65 23.39
CA PHE E 354 10.81 22.78 24.25
C PHE E 354 11.29 24.11 23.73
N ASP E 355 12.09 24.13 22.67
CA ASP E 355 12.66 25.37 22.15
C ASP E 355 12.51 25.39 20.63
N VAL E 356 11.29 25.18 20.17
CA VAL E 356 10.94 25.34 18.77
C VAL E 356 11.57 26.60 18.21
N GLU E 357 12.14 26.48 17.02
CA GLU E 357 12.78 27.60 16.35
C GLU E 357 11.71 28.60 15.93
N SER E 358 12.09 29.63 15.19
CA SER E 358 11.04 30.53 14.72
C SER E 358 10.19 29.85 13.67
N GLY E 359 9.45 28.80 14.08
CA GLY E 359 8.63 27.98 13.20
C GLY E 359 7.25 28.56 13.00
N VAL E 360 7.10 29.30 11.90
CA VAL E 360 5.95 30.19 11.70
C VAL E 360 4.86 29.33 11.05
N TYR E 361 4.20 28.53 11.87
CA TYR E 361 3.17 27.65 11.34
C TYR E 361 1.95 28.37 10.80
N SER E 362 1.29 27.65 9.91
CA SER E 362 -0.16 27.56 9.94
C SER E 362 -0.54 26.56 11.02
N VAL E 363 -1.58 26.88 11.77
CA VAL E 363 -2.05 25.99 12.83
C VAL E 363 -3.50 25.67 12.54
N SER E 364 -4.15 24.93 13.44
CA SER E 364 -5.50 24.48 13.19
C SER E 364 -6.46 25.66 13.07
N SER E 365 -7.45 25.50 12.20
CA SER E 365 -8.33 26.58 11.82
C SER E 365 -9.58 26.63 12.70
N PHE E 366 -10.23 27.79 12.68
CA PHE E 366 -11.51 27.98 13.34
C PHE E 366 -12.62 27.60 12.37
N GLU E 367 -13.51 26.72 12.78
CA GLU E 367 -14.64 26.36 11.97
C GLU E 367 -15.92 26.90 12.61
N ALA E 368 -16.86 27.31 11.76
CA ALA E 368 -18.05 27.99 12.25
C ALA E 368 -18.98 27.03 12.96
N LYS E 369 -19.76 27.57 13.89
CA LYS E 369 -20.75 26.81 14.63
C LYS E 369 -22.13 27.01 14.05
N PRO E 370 -22.93 25.94 13.94
CA PRO E 370 -24.25 26.04 13.31
C PRO E 370 -25.20 26.86 14.17
N SER E 371 -25.65 27.98 13.63
CA SER E 371 -26.62 28.83 14.33
C SER E 371 -28.02 28.55 13.80
N GLY E 372 -28.48 27.34 14.04
CA GLY E 372 -29.80 26.92 13.62
C GLY E 372 -29.80 25.56 12.96
N SER E 373 -30.99 25.15 12.56
CA SER E 373 -31.20 23.87 11.88
C SER E 373 -32.41 23.97 10.97
N VAL E 374 -32.31 23.37 9.79
CA VAL E 374 -33.35 23.43 8.78
C VAL E 374 -33.75 22.00 8.44
N VAL E 375 -35.07 21.76 8.34
CA VAL E 375 -35.59 20.45 7.98
C VAL E 375 -36.75 20.63 7.01
N GLU E 376 -36.74 19.89 5.91
CA GLU E 376 -37.86 19.77 5.00
C GLU E 376 -38.14 18.30 4.77
N GLN E 377 -39.39 17.97 4.53
CA GLN E 377 -39.76 16.59 4.19
C GLN E 377 -41.22 16.58 3.79
N ALA E 378 -41.74 15.38 3.55
CA ALA E 378 -43.14 15.21 3.20
C ALA E 378 -44.04 15.58 4.38
N GLU E 379 -45.16 16.21 4.09
CA GLU E 379 -46.08 16.65 5.13
C GLU E 379 -47.46 16.04 4.93
N GLY E 380 -48.03 15.50 6.00
CA GLY E 380 -49.40 15.05 5.96
C GLY E 380 -49.61 13.70 5.31
N VAL E 381 -48.55 12.94 5.07
CA VAL E 381 -48.66 11.62 4.46
C VAL E 381 -47.82 10.65 5.29
N GLU E 382 -48.38 9.48 5.57
CA GLU E 382 -47.68 8.48 6.36
C GLU E 382 -47.58 7.19 5.57
N CYS E 383 -46.43 6.53 5.68
CA CYS E 383 -46.29 5.21 5.09
C CYS E 383 -47.30 4.26 5.73
N ASP E 384 -47.97 3.49 4.88
CA ASP E 384 -49.17 2.76 5.26
C ASP E 384 -48.85 1.28 5.36
N PHE E 385 -48.71 0.79 6.59
CA PHE E 385 -48.43 -0.62 6.83
C PHE E 385 -49.69 -1.44 7.05
N SER E 386 -50.87 -0.86 6.81
CA SER E 386 -52.11 -1.58 7.08
C SER E 386 -52.24 -2.91 6.34
N PRO E 387 -51.86 -3.05 5.07
CA PRO E 387 -52.01 -4.37 4.43
C PRO E 387 -51.28 -5.48 5.15
N LEU E 388 -50.20 -5.13 5.87
CA LEU E 388 -49.49 -6.12 6.67
C LEU E 388 -50.34 -6.66 7.81
N LEU E 389 -51.39 -5.95 8.20
CA LEU E 389 -52.16 -6.31 9.38
C LEU E 389 -53.31 -7.25 9.11
N SER E 390 -53.93 -7.18 7.94
CA SER E 390 -55.12 -7.96 7.64
C SER E 390 -54.83 -9.01 6.58
N GLY E 391 -55.30 -10.21 6.80
CA GLY E 391 -55.23 -11.28 5.81
C GLY E 391 -54.18 -12.33 6.17
N THR E 392 -54.14 -13.35 5.33
CA THR E 392 -53.19 -14.43 5.51
C THR E 392 -51.84 -14.06 4.94
N PRO E 393 -50.77 -14.14 5.72
CA PRO E 393 -49.44 -13.83 5.20
C PRO E 393 -48.93 -14.96 4.34
N PRO E 394 -48.40 -14.66 3.17
CA PRO E 394 -47.97 -15.73 2.25
C PRO E 394 -46.71 -16.43 2.69
N GLN E 395 -46.31 -17.46 1.96
CA GLN E 395 -45.11 -18.21 2.32
C GLN E 395 -43.86 -17.41 1.95
N VAL E 396 -42.70 -17.99 2.22
CA VAL E 396 -41.44 -17.31 1.95
C VAL E 396 -41.27 -17.10 0.44
N TYR E 397 -41.72 -18.06 -0.36
CA TYR E 397 -41.49 -18.01 -1.79
C TYR E 397 -42.55 -17.23 -2.56
N ASN E 398 -43.62 -16.80 -1.90
CA ASN E 398 -44.54 -15.79 -2.43
C ASN E 398 -44.61 -14.56 -1.53
N PHE E 399 -43.48 -14.15 -0.96
CA PHE E 399 -43.47 -13.02 -0.04
C PHE E 399 -44.13 -11.81 -0.67
N LYS E 400 -44.90 -11.06 0.11
CA LYS E 400 -45.51 -9.86 -0.45
C LYS E 400 -44.63 -8.66 -0.15
N ARG E 401 -44.52 -7.77 -1.14
CA ARG E 401 -43.62 -6.65 -1.11
C ARG E 401 -44.41 -5.36 -1.03
N LEU E 402 -44.00 -4.45 -0.15
CA LEU E 402 -44.53 -3.11 -0.05
C LEU E 402 -43.40 -2.13 -0.34
N VAL E 403 -43.69 -1.11 -1.14
CA VAL E 403 -42.70 -0.11 -1.50
C VAL E 403 -43.23 1.25 -1.11
N PHE E 404 -42.46 1.99 -0.33
CA PHE E 404 -42.85 3.28 0.21
C PHE E 404 -41.90 4.35 -0.29
N THR E 405 -42.47 5.40 -0.88
CA THR E 405 -41.76 6.61 -1.23
C THR E 405 -42.65 7.80 -0.88
N ASN E 406 -42.01 8.91 -0.52
CA ASN E 406 -42.70 10.19 -0.28
C ASN E 406 -43.68 10.10 0.89
N CYS E 407 -43.25 9.49 1.98
CA CYS E 407 -44.11 9.34 3.14
C CYS E 407 -43.28 9.43 4.41
N ASN E 408 -43.97 9.63 5.53
CA ASN E 408 -43.36 9.56 6.85
C ASN E 408 -43.68 8.21 7.47
N TYR E 409 -42.69 7.61 8.12
CA TYR E 409 -42.85 6.28 8.65
C TYR E 409 -42.55 6.24 10.14
N ASN E 410 -43.16 5.26 10.81
CA ASN E 410 -42.88 4.96 12.21
C ASN E 410 -42.74 3.44 12.30
N LEU E 411 -41.49 2.96 12.25
CA LEU E 411 -41.25 1.52 12.33
C LEU E 411 -41.40 1.00 13.75
N THR E 412 -41.17 1.86 14.75
CA THR E 412 -41.32 1.43 16.13
C THR E 412 -42.76 1.05 16.43
N LYS E 413 -43.72 1.80 15.89
CA LYS E 413 -45.12 1.45 16.10
C LYS E 413 -45.44 0.08 15.51
N LEU E 414 -44.94 -0.19 14.30
CA LEU E 414 -45.19 -1.49 13.69
C LEU E 414 -44.55 -2.61 14.49
N LEU E 415 -43.32 -2.40 14.96
CA LEU E 415 -42.65 -3.45 15.71
C LEU E 415 -43.21 -3.62 17.11
N SER E 416 -43.90 -2.61 17.64
CA SER E 416 -44.52 -2.76 18.94
C SER E 416 -45.67 -3.75 18.89
N LEU E 417 -46.46 -3.72 17.82
CA LEU E 417 -47.58 -4.62 17.65
C LEU E 417 -47.17 -6.06 17.49
N PHE E 418 -45.89 -6.38 17.51
CA PHE E 418 -45.40 -7.72 17.28
C PHE E 418 -44.42 -8.10 18.39
N SER E 419 -44.27 -9.40 18.60
CA SER E 419 -43.33 -9.91 19.59
C SER E 419 -42.05 -10.26 18.83
N VAL E 420 -41.06 -9.38 18.93
CA VAL E 420 -39.87 -9.45 18.09
C VAL E 420 -38.94 -10.52 18.62
N ASN E 421 -38.67 -11.53 17.79
CA ASN E 421 -37.77 -12.62 18.17
C ASN E 421 -36.34 -12.29 17.79
N ASP E 422 -36.12 -11.93 16.53
CA ASP E 422 -34.79 -11.65 16.01
C ASP E 422 -34.82 -10.36 15.20
N PHE E 423 -33.75 -9.57 15.26
CA PHE E 423 -33.73 -8.28 14.59
C PHE E 423 -32.27 -7.93 14.28
N THR E 424 -31.83 -8.23 13.06
CA THR E 424 -30.43 -8.07 12.68
C THR E 424 -30.30 -7.30 11.37
N CYS E 425 -29.37 -6.34 11.35
CA CYS E 425 -29.23 -5.45 10.21
C CYS E 425 -27.80 -5.45 9.69
N SER E 426 -27.67 -5.22 8.39
CA SER E 426 -26.40 -5.14 7.70
C SER E 426 -26.26 -3.78 7.02
N GLN E 427 -25.10 -3.15 7.25
CA GLN E 427 -24.75 -1.82 6.76
C GLN E 427 -25.65 -0.73 7.32
N ILE E 428 -26.38 -1.04 8.39
CA ILE E 428 -27.22 -0.06 9.05
C ILE E 428 -27.40 -0.55 10.48
N SER E 429 -27.64 0.36 11.37
CA SER E 429 -27.77 -0.22 12.70
C SER E 429 -29.23 -0.40 13.07
N PRO E 430 -29.53 -1.36 13.95
CA PRO E 430 -30.93 -1.59 14.33
C PRO E 430 -31.61 -0.37 14.92
N ALA E 431 -30.86 0.50 15.59
CA ALA E 431 -31.44 1.75 16.05
C ALA E 431 -31.57 2.77 14.93
N ALA E 432 -30.68 2.70 13.93
CA ALA E 432 -30.70 3.69 12.86
C ALA E 432 -31.83 3.45 11.87
N ILE E 433 -32.17 2.18 11.61
CA ILE E 433 -33.17 1.86 10.60
C ILE E 433 -34.52 2.47 10.93
N ALA E 434 -34.75 2.82 12.18
CA ALA E 434 -36.00 3.46 12.59
C ALA E 434 -35.90 4.97 12.65
N SER E 435 -34.77 5.55 12.30
CA SER E 435 -34.58 6.98 12.50
C SER E 435 -33.94 7.72 11.34
N ASN E 436 -33.55 7.04 10.27
CA ASN E 436 -32.87 7.67 9.15
C ASN E 436 -33.86 7.98 8.03
N CYS E 437 -33.43 8.86 7.12
CA CYS E 437 -34.20 9.26 5.95
C CYS E 437 -33.68 8.53 4.72
N TYR E 438 -34.59 8.04 3.90
CA TYR E 438 -34.25 7.26 2.71
C TYR E 438 -35.02 7.81 1.53
N SER E 439 -34.71 7.30 0.35
CA SER E 439 -35.51 7.64 -0.83
C SER E 439 -36.60 6.62 -1.10
N SER E 440 -36.35 5.36 -0.80
CA SER E 440 -37.35 4.32 -0.94
C SER E 440 -37.12 3.26 0.13
N LEU E 441 -38.22 2.78 0.71
CA LEU E 441 -38.18 1.69 1.67
C LEU E 441 -38.98 0.52 1.12
N ILE E 442 -38.41 -0.68 1.21
CA ILE E 442 -39.05 -1.88 0.69
C ILE E 442 -39.18 -2.86 1.86
N LEU E 443 -40.41 -3.30 2.12
CA LEU E 443 -40.71 -4.21 3.20
C LEU E 443 -41.34 -5.46 2.62
N ASP E 444 -40.63 -6.59 2.68
CA ASP E 444 -41.12 -7.87 2.21
C ASP E 444 -41.49 -8.73 3.41
N TYR E 445 -42.71 -9.23 3.43
CA TYR E 445 -43.16 -10.01 4.56
C TYR E 445 -43.70 -11.35 4.10
N PHE E 446 -43.54 -12.35 4.97
CA PHE E 446 -44.01 -13.69 4.64
C PHE E 446 -44.36 -14.43 5.94
N SER E 447 -44.73 -15.69 5.79
CA SER E 447 -44.96 -16.60 6.92
C SER E 447 -43.74 -17.50 7.04
N TYR E 448 -43.05 -17.43 8.18
CA TYR E 448 -41.80 -18.15 8.36
C TYR E 448 -41.73 -18.74 9.75
N PRO E 449 -41.44 -20.03 9.89
CA PRO E 449 -41.28 -20.62 11.22
C PRO E 449 -39.85 -20.45 11.70
N LEU E 450 -39.73 -20.06 12.98
CA LEU E 450 -38.45 -19.65 13.54
C LEU E 450 -37.41 -20.76 13.52
N SER E 451 -37.82 -22.02 13.39
CA SER E 451 -36.89 -23.13 13.50
C SER E 451 -35.74 -23.03 12.51
N MET E 452 -35.99 -22.54 11.30
CA MET E 452 -34.94 -22.37 10.30
C MET E 452 -34.42 -20.93 10.26
N LYS E 453 -34.26 -20.30 11.42
CA LYS E 453 -33.66 -18.97 11.46
C LYS E 453 -32.30 -18.97 10.77
N SER E 454 -31.54 -20.05 10.89
CA SER E 454 -30.22 -20.10 10.26
C SER E 454 -30.27 -20.22 8.75
N ASP E 455 -31.45 -20.40 8.15
CA ASP E 455 -31.55 -20.48 6.71
C ASP E 455 -31.85 -19.14 6.05
N LEU E 456 -31.92 -18.05 6.81
CA LEU E 456 -32.24 -16.75 6.25
C LEU E 456 -31.02 -15.93 5.88
N SER E 457 -29.88 -16.16 6.52
CA SER E 457 -28.66 -15.51 6.11
C SER E 457 -28.15 -16.10 4.80
N VAL E 458 -27.48 -15.28 4.00
CA VAL E 458 -26.88 -15.77 2.76
C VAL E 458 -25.82 -16.81 3.07
N SER E 459 -25.00 -16.56 4.08
CA SER E 459 -24.19 -17.61 4.66
C SER E 459 -25.11 -18.68 5.26
N SER E 460 -24.66 -19.94 5.20
CA SER E 460 -25.50 -21.10 5.47
C SER E 460 -26.68 -21.15 4.50
N ALA E 461 -26.32 -21.39 3.23
CA ALA E 461 -27.24 -21.34 2.10
C ALA E 461 -28.58 -22.01 2.38
N GLY E 462 -28.56 -23.32 2.61
CA GLY E 462 -29.79 -24.05 2.84
C GLY E 462 -30.71 -23.99 1.65
N PRO E 463 -31.98 -24.31 1.85
CA PRO E 463 -32.96 -24.19 0.77
C PRO E 463 -33.62 -22.83 0.66
N ILE E 464 -33.69 -22.09 1.78
CA ILE E 464 -34.40 -20.82 1.78
C ILE E 464 -33.63 -19.77 1.00
N SER E 465 -32.41 -19.46 1.43
CA SER E 465 -31.62 -18.43 0.77
C SER E 465 -31.14 -18.86 -0.61
N GLN E 466 -31.30 -20.12 -0.97
CA GLN E 466 -30.82 -20.62 -2.24
C GLN E 466 -31.93 -20.85 -3.26
N PHE E 467 -33.18 -20.97 -2.82
CA PHE E 467 -34.27 -21.16 -3.76
C PHE E 467 -35.48 -20.29 -3.48
N ASN E 468 -35.58 -19.65 -2.32
CA ASN E 468 -36.83 -19.01 -1.90
C ASN E 468 -36.71 -17.50 -1.82
N TYR E 469 -35.75 -16.97 -1.05
CA TYR E 469 -35.70 -15.55 -0.76
C TYR E 469 -34.26 -15.15 -0.50
N LYS E 470 -33.81 -14.11 -1.19
CA LYS E 470 -32.42 -13.65 -1.09
C LYS E 470 -32.41 -12.13 -1.11
N GLN E 471 -31.67 -11.54 -0.18
CA GLN E 471 -31.59 -10.10 -0.05
C GLN E 471 -30.35 -9.57 -0.78
N SER E 472 -30.46 -8.34 -1.27
CA SER E 472 -29.38 -7.74 -2.03
C SER E 472 -28.19 -7.44 -1.13
N PHE E 473 -26.99 -7.65 -1.66
CA PHE E 473 -25.77 -7.42 -0.92
C PHE E 473 -25.32 -5.97 -0.92
N SER E 474 -25.95 -5.13 -1.75
CA SER E 474 -25.48 -3.75 -1.91
C SER E 474 -26.14 -2.79 -0.93
N ASN E 475 -27.46 -2.68 -0.99
CA ASN E 475 -28.15 -1.74 -0.15
C ASN E 475 -28.19 -2.23 1.30
N PRO E 476 -28.30 -1.32 2.26
CA PRO E 476 -28.45 -1.74 3.65
C PRO E 476 -29.71 -2.55 3.82
N THR E 477 -29.65 -3.57 4.68
CA THR E 477 -30.80 -4.44 4.87
C THR E 477 -31.04 -4.69 6.35
N CYS E 478 -32.26 -5.08 6.67
CA CYS E 478 -32.61 -5.56 7.99
C CYS E 478 -33.49 -6.78 7.86
N LEU E 479 -33.37 -7.69 8.83
CA LEU E 479 -34.15 -8.92 8.86
C LEU E 479 -34.78 -9.06 10.23
N ILE E 480 -36.08 -9.36 10.24
CA ILE E 480 -36.90 -9.38 11.44
C ILE E 480 -37.63 -10.71 11.51
N LEU E 481 -37.56 -11.36 12.66
CA LEU E 481 -38.40 -12.52 12.96
C LEU E 481 -39.29 -12.16 14.14
N ALA E 482 -40.61 -12.30 13.95
CA ALA E 482 -41.56 -11.92 14.98
C ALA E 482 -42.70 -12.93 15.07
N THR E 483 -43.46 -12.85 16.15
CA THR E 483 -44.65 -13.68 16.36
C THR E 483 -45.85 -12.78 16.61
N VAL E 484 -46.93 -13.05 15.90
CA VAL E 484 -48.16 -12.28 16.12
C VAL E 484 -48.78 -12.68 17.45
N PRO E 485 -49.27 -11.75 18.26
CA PRO E 485 -49.85 -12.11 19.55
C PRO E 485 -51.29 -12.59 19.41
N HIS E 486 -51.81 -13.14 20.51
CA HIS E 486 -53.21 -13.55 20.53
C HIS E 486 -54.14 -12.37 20.33
N ASN E 487 -53.82 -11.23 20.95
CA ASN E 487 -54.73 -10.10 20.94
C ASN E 487 -54.94 -9.52 19.55
N LEU E 488 -54.05 -9.79 18.61
CA LEU E 488 -54.18 -9.31 17.24
C LEU E 488 -54.95 -10.37 16.46
N THR E 489 -56.19 -10.05 16.10
CA THR E 489 -57.11 -11.06 15.61
C THR E 489 -57.09 -11.23 14.10
N THR E 490 -56.85 -10.15 13.34
CA THR E 490 -57.19 -10.14 11.93
C THR E 490 -56.14 -10.81 11.04
N ILE E 491 -54.98 -11.18 11.56
CA ILE E 491 -54.06 -12.01 10.77
C ILE E 491 -54.58 -13.44 10.82
N THR E 492 -55.14 -13.90 9.71
CA THR E 492 -55.70 -15.25 9.65
C THR E 492 -54.57 -16.26 9.48
N LYS E 493 -54.41 -17.12 10.47
CA LYS E 493 -53.30 -18.06 10.47
C LYS E 493 -53.45 -19.03 9.30
N PRO E 494 -52.36 -19.34 8.60
CA PRO E 494 -52.45 -20.33 7.51
C PRO E 494 -52.47 -21.74 8.07
N LEU E 495 -52.36 -22.69 7.15
CA LEU E 495 -52.63 -24.08 7.51
C LEU E 495 -51.34 -24.87 7.73
N LYS E 496 -50.25 -24.49 7.08
CA LYS E 496 -48.96 -25.10 7.30
C LYS E 496 -47.88 -24.17 6.74
N TYR E 497 -46.63 -24.49 7.06
CA TYR E 497 -45.49 -23.68 6.60
C TYR E 497 -44.90 -24.34 5.35
N SER E 498 -45.28 -23.83 4.18
CA SER E 498 -44.81 -24.37 2.91
C SER E 498 -43.57 -23.63 2.43
N TYR E 499 -42.62 -24.38 1.85
CA TYR E 499 -41.44 -23.73 1.26
C TYR E 499 -40.73 -24.64 0.28
N ILE E 500 -40.14 -24.03 -0.74
CA ILE E 500 -39.50 -24.74 -1.86
C ILE E 500 -38.24 -25.45 -1.38
N ASN E 501 -37.97 -26.63 -1.95
CA ASN E 501 -36.69 -27.31 -1.74
C ASN E 501 -35.96 -27.61 -3.04
N LYS E 502 -36.66 -27.77 -4.16
CA LYS E 502 -36.07 -27.94 -5.48
C LYS E 502 -36.77 -26.99 -6.44
N CYS E 503 -36.01 -26.16 -7.13
CA CYS E 503 -36.49 -25.46 -8.33
C CYS E 503 -35.39 -25.61 -9.36
N SER E 504 -35.62 -26.46 -10.37
CA SER E 504 -34.57 -26.79 -11.29
C SER E 504 -35.15 -26.98 -12.68
N ARG E 505 -34.29 -26.90 -13.68
CA ARG E 505 -34.68 -26.91 -15.07
C ARG E 505 -34.15 -28.16 -15.74
N LEU E 506 -35.02 -28.85 -16.48
CA LEU E 506 -34.66 -30.08 -17.16
C LEU E 506 -34.37 -29.76 -18.62
N LEU E 507 -33.09 -29.83 -18.98
CA LEU E 507 -32.66 -29.50 -20.33
C LEU E 507 -33.22 -30.54 -21.30
N SER E 508 -33.20 -30.20 -22.60
CA SER E 508 -33.81 -31.06 -23.61
C SER E 508 -33.17 -32.45 -23.66
N ASP E 509 -31.92 -32.58 -23.22
CA ASP E 509 -31.28 -33.88 -23.17
C ASP E 509 -31.96 -34.82 -22.21
N ASP E 510 -32.81 -34.29 -21.32
CA ASP E 510 -33.47 -35.00 -20.22
C ASP E 510 -32.46 -35.64 -19.27
N ARG E 511 -31.18 -35.32 -19.42
CA ARG E 511 -30.11 -35.88 -18.60
C ARG E 511 -29.56 -34.87 -17.61
N THR E 512 -29.31 -33.65 -18.07
CA THR E 512 -28.71 -32.64 -17.21
C THR E 512 -29.77 -31.92 -16.40
N GLU E 513 -29.47 -31.69 -15.14
CA GLU E 513 -30.29 -30.91 -14.23
C GLU E 513 -29.61 -29.58 -14.01
N VAL E 514 -30.33 -28.48 -14.26
CA VAL E 514 -29.78 -27.14 -14.14
C VAL E 514 -30.48 -26.44 -13.00
N PRO E 515 -29.82 -26.28 -11.85
CA PRO E 515 -30.46 -25.60 -10.72
C PRO E 515 -30.78 -24.16 -11.05
N GLN E 516 -31.88 -23.68 -10.47
CA GLN E 516 -32.35 -22.31 -10.68
C GLN E 516 -32.16 -21.56 -9.37
N LEU E 517 -30.99 -20.97 -9.20
CA LEU E 517 -30.72 -20.12 -8.07
C LEU E 517 -31.59 -18.88 -8.13
N VAL E 518 -31.95 -18.37 -6.95
CA VAL E 518 -32.77 -17.17 -6.88
C VAL E 518 -31.85 -15.95 -6.86
N ASN E 519 -32.27 -14.90 -7.56
CA ASN E 519 -31.53 -13.65 -7.60
C ASN E 519 -32.11 -12.67 -6.58
N ALA E 520 -31.25 -11.79 -6.08
CA ALA E 520 -31.63 -10.92 -4.98
C ALA E 520 -32.86 -10.08 -5.33
N ASN E 521 -33.79 -10.01 -4.39
CA ASN E 521 -35.00 -9.19 -4.51
C ASN E 521 -35.89 -9.63 -5.67
N GLN E 522 -35.81 -10.92 -6.03
CA GLN E 522 -36.60 -11.47 -7.12
C GLN E 522 -37.33 -12.72 -6.65
N TYR E 523 -38.46 -13.01 -7.29
CA TYR E 523 -39.16 -14.26 -7.06
C TYR E 523 -38.43 -15.41 -7.72
N SER E 524 -38.57 -16.59 -7.12
CA SER E 524 -37.99 -17.79 -7.73
C SER E 524 -38.71 -18.10 -9.03
N PRO E 525 -38.01 -18.67 -10.01
CA PRO E 525 -38.65 -18.96 -11.30
C PRO E 525 -39.79 -19.96 -11.21
N CYS E 526 -39.85 -20.72 -10.12
CA CYS E 526 -40.79 -21.82 -9.99
C CYS E 526 -42.11 -21.42 -9.36
N VAL E 527 -42.28 -20.16 -8.99
CA VAL E 527 -43.50 -19.75 -8.31
C VAL E 527 -44.73 -19.84 -9.19
N SER E 528 -44.55 -19.99 -10.50
CA SER E 528 -45.68 -20.05 -11.41
C SER E 528 -46.41 -21.38 -11.33
N ILE E 529 -45.74 -22.44 -10.86
CA ILE E 529 -46.31 -23.77 -10.83
C ILE E 529 -46.67 -24.20 -9.41
N VAL E 530 -45.80 -23.92 -8.44
CA VAL E 530 -46.05 -24.34 -7.06
C VAL E 530 -47.21 -23.56 -6.49
N PRO E 531 -48.20 -24.21 -5.87
CA PRO E 531 -49.33 -23.46 -5.31
C PRO E 531 -48.93 -22.72 -4.03
N SER E 532 -49.87 -21.93 -3.54
CA SER E 532 -49.59 -21.09 -2.38
C SER E 532 -49.24 -21.93 -1.16
N THR E 533 -49.98 -23.01 -0.94
CA THR E 533 -49.74 -23.92 0.17
C THR E 533 -49.41 -25.30 -0.37
N VAL E 534 -48.32 -25.88 0.13
CA VAL E 534 -47.91 -27.22 -0.29
C VAL E 534 -48.82 -28.24 0.40
N TRP E 535 -49.56 -29.01 -0.40
CA TRP E 535 -50.53 -29.94 0.15
C TRP E 535 -49.85 -31.04 0.97
N GLU E 536 -48.76 -31.59 0.46
CA GLU E 536 -48.12 -32.74 1.09
C GLU E 536 -46.62 -32.58 1.03
N ASP E 537 -45.94 -32.88 2.13
CA ASP E 537 -44.50 -32.75 2.18
C ASP E 537 -43.82 -33.66 1.17
N GLY E 538 -43.14 -33.05 0.20
CA GLY E 538 -42.42 -33.79 -0.82
C GLY E 538 -43.08 -33.84 -2.18
N ASP E 539 -44.22 -33.16 -2.36
CA ASP E 539 -44.91 -33.19 -3.64
C ASP E 539 -44.01 -32.66 -4.76
N TYR E 540 -44.38 -33.00 -6.00
CA TYR E 540 -43.63 -32.57 -7.17
C TYR E 540 -44.56 -31.89 -8.17
N TYR E 541 -43.97 -30.94 -8.90
CA TYR E 541 -44.66 -30.19 -9.92
C TYR E 541 -43.73 -30.06 -11.12
N ARG E 542 -44.30 -30.07 -12.32
CA ARG E 542 -43.50 -29.92 -13.52
C ARG E 542 -44.34 -29.24 -14.58
N LYS E 543 -43.67 -28.47 -15.43
CA LYS E 543 -44.31 -27.87 -16.59
C LYS E 543 -43.34 -27.84 -17.76
N GLN E 544 -43.90 -27.90 -18.97
CA GLN E 544 -43.11 -27.90 -20.20
C GLN E 544 -42.98 -26.47 -20.71
N LEU E 545 -41.76 -26.03 -20.94
CA LEU E 545 -41.48 -24.69 -21.40
C LEU E 545 -41.54 -24.62 -22.92
N SER E 546 -42.17 -23.56 -23.43
CA SER E 546 -42.24 -23.33 -24.85
C SER E 546 -40.84 -23.07 -25.41
N PRO E 547 -40.64 -23.31 -26.71
CA PRO E 547 -39.32 -23.02 -27.31
C PRO E 547 -38.86 -21.58 -27.13
N LEU E 548 -39.80 -20.63 -27.07
CA LEU E 548 -39.42 -19.24 -26.79
C LEU E 548 -38.70 -19.12 -25.46
N GLU E 549 -39.09 -19.93 -24.48
CA GLU E 549 -38.47 -19.93 -23.16
C GLU E 549 -37.27 -20.86 -23.10
N GLY E 550 -36.87 -21.44 -24.23
CA GLY E 550 -35.75 -22.37 -24.25
C GLY E 550 -36.12 -23.83 -24.15
N GLY E 551 -37.39 -24.16 -24.27
CA GLY E 551 -37.80 -25.55 -24.16
C GLY E 551 -37.50 -26.11 -22.78
N GLY E 552 -37.53 -27.43 -22.71
CA GLY E 552 -37.17 -28.12 -21.49
C GLY E 552 -38.34 -28.24 -20.53
N TRP E 553 -37.98 -28.50 -19.27
CA TRP E 553 -38.96 -28.72 -18.21
C TRP E 553 -38.55 -27.95 -16.97
N LEU E 554 -39.55 -27.46 -16.25
CA LEU E 554 -39.37 -26.81 -14.96
C LEU E 554 -39.98 -27.72 -13.90
N VAL E 555 -39.14 -28.19 -12.98
CA VAL E 555 -39.55 -29.16 -11.97
C VAL E 555 -39.26 -28.57 -10.59
N ALA E 556 -40.26 -28.64 -9.72
CA ALA E 556 -40.16 -28.05 -8.40
C ALA E 556 -40.80 -28.97 -7.37
N SER E 557 -40.46 -28.75 -6.11
CA SER E 557 -40.96 -29.57 -5.01
C SER E 557 -41.04 -28.74 -3.75
N GLY E 558 -42.18 -28.80 -3.07
CA GLY E 558 -42.41 -28.03 -1.86
C GLY E 558 -42.43 -28.93 -0.63
N SER E 559 -41.66 -28.55 0.37
CA SER E 559 -41.65 -29.21 1.66
C SER E 559 -42.51 -28.40 2.64
N THR E 560 -42.82 -29.01 3.78
CA THR E 560 -43.72 -28.41 4.74
C THR E 560 -43.21 -28.61 6.15
N VAL E 561 -43.35 -27.57 6.97
CA VAL E 561 -43.11 -27.62 8.40
C VAL E 561 -44.41 -27.28 9.11
N ALA E 562 -44.71 -28.05 10.17
CA ALA E 562 -46.00 -27.94 10.82
C ALA E 562 -46.20 -26.57 11.44
N MET E 563 -47.46 -26.20 11.62
CA MET E 563 -47.85 -24.90 12.15
C MET E 563 -47.27 -24.71 13.54
N THR E 564 -47.52 -23.53 14.11
CA THR E 564 -47.24 -23.25 15.51
C THR E 564 -48.52 -22.75 16.19
N GLU E 565 -48.45 -22.62 17.51
CA GLU E 565 -49.58 -22.14 18.29
C GLU E 565 -49.96 -20.71 17.88
N GLN E 566 -48.96 -19.85 17.73
CA GLN E 566 -49.12 -18.53 17.16
C GLN E 566 -48.29 -18.42 15.90
N LEU E 567 -48.79 -17.63 14.95
CA LEU E 567 -48.11 -17.49 13.67
C LEU E 567 -46.79 -16.75 13.82
N GLN E 568 -45.76 -17.27 13.16
CA GLN E 568 -44.45 -16.64 13.13
C GLN E 568 -44.20 -16.09 11.73
N MET E 569 -43.78 -14.83 11.65
CA MET E 569 -43.55 -14.17 10.38
C MET E 569 -42.16 -13.58 10.28
N GLY E 570 -41.73 -13.39 9.04
CA GLY E 570 -40.45 -12.77 8.75
C GLY E 570 -40.63 -11.52 7.91
N PHE E 571 -39.82 -10.52 8.22
CA PHE E 571 -39.79 -9.23 7.53
C PHE E 571 -38.39 -8.98 7.01
N GLY E 572 -38.31 -8.46 5.79
CA GLY E 572 -37.06 -8.00 5.24
C GLY E 572 -37.21 -6.55 4.82
N ILE E 573 -36.26 -5.70 5.21
CA ILE E 573 -36.33 -4.28 4.91
C ILE E 573 -35.09 -3.91 4.11
N THR E 574 -35.30 -3.21 3.00
CA THR E 574 -34.25 -2.68 2.16
C THR E 574 -34.47 -1.20 1.97
N VAL E 575 -33.41 -0.41 1.98
CA VAL E 575 -33.52 1.03 1.82
C VAL E 575 -32.61 1.48 0.70
N GLN E 576 -33.09 2.44 -0.09
CA GLN E 576 -32.32 3.03 -1.17
C GLN E 576 -32.14 4.51 -0.90
N TYR E 577 -31.09 5.10 -1.49
CA TYR E 577 -30.71 6.46 -1.15
C TYR E 577 -30.85 7.46 -2.30
N GLY E 578 -30.17 7.24 -3.42
CA GLY E 578 -30.26 8.18 -4.52
C GLY E 578 -31.21 7.81 -5.64
N THR E 579 -32.52 7.71 -5.36
CA THR E 579 -33.45 7.21 -6.35
C THR E 579 -34.63 8.13 -6.63
N ASP E 580 -35.11 8.88 -5.65
CA ASP E 580 -36.25 9.76 -5.84
C ASP E 580 -35.84 11.18 -5.50
N THR E 581 -36.66 12.13 -5.93
CA THR E 581 -36.47 13.51 -5.50
C THR E 581 -37.15 13.78 -4.17
N ASN E 582 -37.98 12.88 -3.71
CA ASN E 582 -38.60 12.93 -2.40
C ASN E 582 -37.89 11.94 -1.49
N SER E 583 -38.44 11.72 -0.31
CA SER E 583 -37.76 10.86 0.65
C SER E 583 -38.76 10.23 1.61
N VAL E 584 -38.31 9.17 2.26
CA VAL E 584 -39.04 8.49 3.32
C VAL E 584 -38.33 8.82 4.61
N CYS E 585 -38.98 9.59 5.47
CA CYS E 585 -38.39 10.11 6.70
C CYS E 585 -39.27 9.76 7.89
N PRO E 586 -38.71 9.74 9.09
CA PRO E 586 -39.57 9.59 10.28
C PRO E 586 -40.47 10.79 10.49
N LYS E 587 -41.41 10.70 11.42
CA LYS E 587 -42.30 11.82 11.71
C LYS E 587 -41.70 12.70 12.79
N LEU E 588 -41.84 14.01 12.63
CA LEU E 588 -41.32 14.98 13.59
C LEU E 588 -42.48 15.76 14.21
N GLU E 589 -42.16 16.75 15.03
CA GLU E 589 -43.13 17.61 15.69
C GLU E 589 -43.25 18.90 14.89
N PHE E 590 -44.46 19.21 14.44
CA PHE E 590 -44.67 20.28 13.45
C PHE E 590 -45.01 21.61 14.13
N ALA E 591 -44.07 22.09 14.97
CA ALA E 591 -44.22 23.40 15.57
C ALA E 591 -42.89 24.13 15.68
N ASN E 592 -41.98 23.91 14.74
CA ASN E 592 -40.62 24.42 14.85
C ASN E 592 -40.36 25.56 13.87
N ASP E 593 -39.19 26.18 14.03
CA ASP E 593 -38.75 27.30 13.20
C ASP E 593 -37.67 26.90 12.21
N THR E 594 -37.76 25.69 11.66
CA THR E 594 -36.73 25.15 10.78
C THR E 594 -37.03 25.46 9.31
N LYS E 595 -37.03 26.75 9.00
CA LYS E 595 -37.35 27.22 7.66
C LYS E 595 -36.12 27.84 7.02
N ILE E 596 -35.92 27.57 5.74
CA ILE E 596 -34.77 28.14 5.04
C ILE E 596 -34.90 29.66 4.97
N ALA E 597 -36.09 30.16 4.68
CA ALA E 597 -36.26 31.59 4.42
C ALA E 597 -35.97 32.45 5.63
N SER E 598 -35.97 31.90 6.83
CA SER E 598 -35.66 32.67 8.02
C SER E 598 -34.17 32.72 8.30
N GLN E 599 -33.48 31.59 8.23
CA GLN E 599 -32.05 31.52 8.51
C GLN E 599 -31.23 31.62 7.22
N LEU E 600 -31.42 32.72 6.51
CA LEU E 600 -30.84 32.90 5.19
C LEU E 600 -29.54 33.67 5.32
N GLY E 601 -28.42 32.97 5.22
CA GLY E 601 -27.13 33.64 5.19
C GLY E 601 -26.20 33.24 6.31
N ASN E 602 -26.62 32.33 7.17
CA ASN E 602 -25.83 31.92 8.33
C ASN E 602 -25.72 30.40 8.36
N CYS E 603 -24.66 29.93 8.99
CA CYS E 603 -24.35 28.51 8.99
C CYS E 603 -25.45 27.73 9.68
N VAL E 604 -25.95 26.69 9.02
CA VAL E 604 -27.04 25.89 9.56
C VAL E 604 -26.80 24.42 9.22
N GLU E 605 -27.29 23.56 10.11
CA GLU E 605 -27.53 22.17 9.78
C GLU E 605 -28.74 22.07 8.87
N TYR E 606 -28.70 21.16 7.91
CA TYR E 606 -29.86 20.96 7.05
C TYR E 606 -30.10 19.47 6.85
N SER E 607 -31.38 19.14 6.76
CA SER E 607 -31.87 17.79 6.47
C SER E 607 -32.96 17.88 5.42
N LEU E 608 -32.65 18.55 4.30
CA LEU E 608 -33.64 18.95 3.32
C LEU E 608 -34.52 17.78 2.90
N TYR E 609 -33.92 16.64 2.61
CA TYR E 609 -34.64 15.40 2.39
C TYR E 609 -33.64 14.34 2.86
N GLY E 610 -33.70 13.14 2.31
CA GLY E 610 -32.71 12.14 2.68
C GLY E 610 -31.28 12.63 2.77
N VAL E 611 -30.97 13.76 2.12
CA VAL E 611 -29.63 14.35 2.12
C VAL E 611 -29.52 15.39 3.23
N SER E 612 -28.38 15.41 3.91
CA SER E 612 -28.19 16.29 5.06
C SER E 612 -26.74 16.76 5.12
N GLY E 613 -26.50 17.84 5.86
CA GLY E 613 -25.16 18.38 6.00
C GLY E 613 -25.17 19.71 6.71
N ARG E 614 -24.11 20.49 6.48
CA ARG E 614 -24.04 21.86 6.98
C ARG E 614 -23.75 22.80 5.83
N GLY E 615 -24.28 24.02 5.92
CA GLY E 615 -24.02 24.97 4.87
C GLY E 615 -24.69 26.30 5.13
N VAL E 616 -24.58 27.17 4.14
CA VAL E 616 -25.16 28.50 4.15
C VAL E 616 -26.02 28.65 2.91
N PHE E 617 -27.28 29.05 3.08
CA PHE E 617 -28.22 29.18 1.99
C PHE E 617 -28.31 30.63 1.54
N GLN E 618 -28.67 30.83 0.27
CA GLN E 618 -28.85 32.17 -0.28
C GLN E 618 -29.96 32.14 -1.30
N ASN E 619 -30.68 33.25 -1.41
CA ASN E 619 -31.59 33.41 -2.54
C ASN E 619 -30.77 33.61 -3.80
N CYS E 620 -31.21 32.98 -4.88
CA CYS E 620 -30.28 32.70 -5.96
C CYS E 620 -31.12 32.30 -7.16
N THR E 621 -30.60 32.55 -8.36
CA THR E 621 -31.40 32.38 -9.57
C THR E 621 -31.43 30.91 -9.99
N ALA E 622 -32.63 30.42 -10.29
CA ALA E 622 -32.83 29.00 -10.57
C ALA E 622 -32.01 28.57 -11.76
N VAL E 623 -31.32 27.44 -11.62
CA VAL E 623 -30.36 27.06 -12.66
C VAL E 623 -30.46 25.61 -13.11
N GLY E 624 -31.06 24.68 -12.37
CA GLY E 624 -31.05 23.31 -12.85
C GLY E 624 -32.34 22.90 -13.53
N VAL E 625 -32.71 21.63 -13.41
CA VAL E 625 -34.06 21.17 -13.75
C VAL E 625 -34.89 21.16 -12.47
N ARG E 626 -36.00 21.89 -12.47
CA ARG E 626 -36.73 22.13 -11.23
C ARG E 626 -37.27 20.83 -10.64
N GLN E 627 -37.76 19.92 -11.47
CA GLN E 627 -38.35 18.70 -10.97
C GLN E 627 -37.34 17.80 -10.27
N GLN E 628 -36.06 17.95 -10.57
CA GLN E 628 -34.99 17.22 -9.90
C GLN E 628 -34.43 18.18 -8.85
N ARG E 629 -34.96 18.11 -7.64
CA ARG E 629 -34.86 19.25 -6.73
C ARG E 629 -33.45 19.54 -6.26
N PHE E 630 -32.51 18.61 -6.39
CA PHE E 630 -31.15 18.80 -5.92
C PHE E 630 -30.22 19.10 -7.09
N VAL E 631 -29.40 20.13 -6.95
CA VAL E 631 -28.44 20.51 -7.97
C VAL E 631 -27.05 20.26 -7.43
N TYR E 632 -26.31 19.38 -8.09
CA TYR E 632 -24.97 18.98 -7.71
C TYR E 632 -23.94 19.60 -8.63
N ASP E 633 -22.68 19.43 -8.26
CA ASP E 633 -21.56 19.86 -9.09
C ASP E 633 -20.79 18.64 -9.56
N ALA E 634 -19.71 18.88 -10.30
CA ALA E 634 -18.93 17.80 -10.86
C ALA E 634 -18.33 16.89 -9.80
N TYR E 635 -18.12 17.40 -8.60
CA TYR E 635 -17.50 16.67 -7.51
C TYR E 635 -18.51 15.95 -6.63
N GLN E 636 -19.79 15.96 -7.03
CA GLN E 636 -20.87 15.25 -6.32
C GLN E 636 -21.07 15.78 -4.91
N ASN E 637 -21.42 17.06 -4.81
CA ASN E 637 -21.96 17.60 -3.57
C ASN E 637 -22.94 18.72 -3.88
N LEU E 638 -23.93 18.90 -3.01
CA LEU E 638 -24.98 19.88 -3.27
C LEU E 638 -24.43 21.28 -3.45
N VAL E 639 -24.94 21.96 -4.47
CA VAL E 639 -24.72 23.38 -4.65
C VAL E 639 -26.03 24.12 -4.87
N GLY E 640 -27.15 23.43 -4.99
CA GLY E 640 -28.41 24.12 -5.18
C GLY E 640 -29.59 23.29 -4.74
N TYR E 641 -30.65 23.98 -4.37
CA TYR E 641 -31.83 23.31 -3.81
C TYR E 641 -33.08 24.05 -4.22
N TYR E 642 -34.08 23.29 -4.68
CA TYR E 642 -35.40 23.83 -4.99
C TYR E 642 -36.29 23.57 -3.80
N SER E 643 -36.64 24.63 -3.08
CA SER E 643 -37.35 24.47 -1.82
C SER E 643 -38.84 24.30 -2.03
N ASP E 644 -39.50 23.79 -1.00
CA ASP E 644 -40.96 23.64 -1.02
C ASP E 644 -41.67 24.98 -0.97
N ASP E 645 -40.98 26.07 -0.65
CA ASP E 645 -41.59 27.39 -0.69
C ASP E 645 -41.64 27.98 -2.08
N GLY E 646 -40.99 27.36 -3.05
CA GLY E 646 -40.98 27.85 -4.41
C GLY E 646 -39.76 28.62 -4.83
N ASN E 647 -38.73 28.68 -3.99
CA ASN E 647 -37.51 29.40 -4.31
C ASN E 647 -36.39 28.43 -4.66
N TYR E 648 -35.33 28.98 -5.25
CA TYR E 648 -34.11 28.23 -5.51
C TYR E 648 -33.01 28.82 -4.64
N TYR E 649 -32.43 27.99 -3.78
CA TYR E 649 -31.35 28.41 -2.90
C TYR E 649 -30.09 27.68 -3.30
N CYS E 650 -28.97 28.38 -3.35
CA CYS E 650 -27.70 27.80 -3.73
C CYS E 650 -26.72 27.79 -2.57
N LEU E 651 -26.33 26.58 -2.15
CA LEU E 651 -25.59 26.29 -0.93
C LEU E 651 -24.14 26.74 -1.02
N ARG E 652 -23.52 26.93 0.16
CA ARG E 652 -22.27 27.65 0.25
C ARG E 652 -21.23 27.11 1.21
N ALA E 653 -21.43 25.94 1.83
CA ALA E 653 -20.31 25.31 2.54
C ALA E 653 -19.72 26.13 3.69
N CYS E 654 -20.36 26.12 4.86
CA CYS E 654 -19.93 26.86 6.06
C CYS E 654 -18.43 26.97 6.20
N VAL E 655 -17.96 28.14 6.60
CA VAL E 655 -16.61 28.56 6.29
C VAL E 655 -15.67 28.37 7.49
N SER E 656 -14.38 28.24 7.18
CA SER E 656 -13.32 28.06 8.15
C SER E 656 -12.39 29.25 8.08
N VAL E 657 -11.90 29.70 9.22
CA VAL E 657 -10.95 30.81 9.30
C VAL E 657 -9.54 30.22 9.45
N PRO E 658 -8.64 30.47 8.51
CA PRO E 658 -7.27 29.96 8.66
C PRO E 658 -6.51 30.74 9.73
N VAL E 659 -5.69 30.02 10.48
CA VAL E 659 -4.96 30.61 11.61
C VAL E 659 -3.49 30.30 11.42
N SER E 660 -2.66 31.28 11.79
CA SER E 660 -1.21 31.15 11.66
C SER E 660 -0.58 31.89 12.83
N VAL E 661 0.54 31.38 13.34
CA VAL E 661 1.21 31.98 14.49
C VAL E 661 2.56 32.52 14.04
N ILE E 662 2.84 33.76 14.41
CA ILE E 662 4.10 34.43 14.14
C ILE E 662 4.90 34.37 15.41
N TYR E 663 6.04 33.68 15.39
CA TYR E 663 6.77 33.40 16.62
C TYR E 663 8.20 33.90 16.53
N ASP E 664 8.67 34.52 17.60
CA ASP E 664 10.06 34.99 17.71
C ASP E 664 10.70 34.32 18.92
N LYS E 665 11.65 33.43 18.68
CA LYS E 665 12.14 32.59 19.78
C LYS E 665 13.05 33.36 20.73
N GLU E 666 13.83 34.32 20.23
CA GLU E 666 14.74 35.05 21.11
C GLU E 666 13.98 35.92 22.09
N THR E 667 12.93 36.57 21.62
CA THR E 667 12.10 37.42 22.47
C THR E 667 10.98 36.66 23.14
N LYS E 668 10.65 35.47 22.63
CA LYS E 668 9.54 34.65 23.09
C LYS E 668 8.19 35.34 22.88
N THR E 669 8.11 36.24 21.91
CA THR E 669 6.85 36.91 21.60
C THR E 669 6.17 36.25 20.40
N HIS E 670 4.89 36.53 20.25
CA HIS E 670 4.08 35.88 19.25
C HIS E 670 2.95 36.80 18.81
N ALA E 671 2.37 36.46 17.66
CA ALA E 671 1.22 37.17 17.12
C ALA E 671 0.40 36.18 16.32
N THR E 672 -0.81 36.58 15.99
CA THR E 672 -1.75 35.71 15.28
C THR E 672 -2.13 36.35 13.97
N LEU E 673 -1.91 35.63 12.87
CA LEU E 673 -2.35 36.05 11.56
C LEU E 673 -3.55 35.20 11.18
N PHE E 674 -4.67 35.85 10.86
CA PHE E 674 -5.90 35.16 10.54
C PHE E 674 -6.04 35.12 9.03
N GLY E 675 -5.35 34.16 8.42
CA GLY E 675 -5.53 33.84 7.02
C GLY E 675 -5.68 35.05 6.17
N SER E 676 -6.53 34.99 5.13
CA SER E 676 -6.97 36.17 4.40
C SER E 676 -8.40 36.49 4.79
N VAL E 677 -8.60 37.06 5.98
CA VAL E 677 -9.95 37.36 6.44
C VAL E 677 -10.01 38.84 6.76
N ALA E 678 -11.23 39.37 6.77
CA ALA E 678 -11.46 40.74 7.16
C ALA E 678 -11.58 40.84 8.67
N CYS E 679 -11.11 41.96 9.23
CA CYS E 679 -11.00 42.07 10.68
C CYS E 679 -12.34 42.10 11.38
N GLU E 680 -13.44 42.25 10.65
CA GLU E 680 -14.77 42.28 11.24
C GLU E 680 -15.44 40.91 11.28
N HIS E 681 -14.78 39.86 10.81
CA HIS E 681 -15.25 38.50 11.03
C HIS E 681 -14.64 37.85 12.26
N ILE E 682 -13.78 38.56 12.98
CA ILE E 682 -13.09 37.98 14.11
C ILE E 682 -13.32 38.86 15.33
N SER E 683 -13.16 38.25 16.50
CA SER E 683 -13.39 38.92 17.77
C SER E 683 -12.31 38.46 18.75
N SER E 684 -12.29 39.10 19.91
CA SER E 684 -11.23 38.81 20.89
C SER E 684 -11.34 37.40 21.43
N THR E 685 -12.54 36.82 21.46
CA THR E 685 -12.74 35.49 21.98
C THR E 685 -13.05 34.46 20.92
N MET E 686 -13.45 34.89 19.72
CA MET E 686 -13.73 33.99 18.61
C MET E 686 -14.79 32.98 19.01
N SER E 687 -15.82 33.45 19.71
CA SER E 687 -16.76 32.57 20.40
C SER E 687 -17.78 31.93 19.48
N GLN E 688 -17.92 32.40 18.25
CA GLN E 688 -18.86 31.81 17.31
C GLN E 688 -18.22 30.73 16.45
N TYR E 689 -17.00 30.33 16.76
CA TYR E 689 -16.30 29.27 16.06
C TYR E 689 -15.84 28.22 17.07
N SER E 690 -15.40 27.09 16.56
CA SER E 690 -14.86 26.01 17.37
C SER E 690 -13.54 25.54 16.77
N ARG E 691 -12.60 25.14 17.63
CA ARG E 691 -11.27 24.84 17.12
C ARG E 691 -10.68 23.53 17.64
N SER E 692 -11.11 23.11 18.83
CA SER E 692 -10.52 21.97 19.54
C SER E 692 -9.11 22.29 20.05
N THR E 693 -8.73 23.56 20.02
CA THR E 693 -7.59 24.05 20.78
C THR E 693 -8.19 24.91 21.89
N ARG E 694 -7.98 24.52 23.13
CA ARG E 694 -8.82 25.02 24.21
C ARG E 694 -8.69 26.52 24.40
N SER E 695 -7.51 27.07 24.23
CA SER E 695 -7.29 28.47 24.51
C SER E 695 -6.73 29.14 23.26
N MET E 696 -6.43 30.41 23.38
CA MET E 696 -5.92 31.17 22.24
C MET E 696 -4.93 32.18 22.79
N LEU E 697 -3.91 32.50 21.99
CA LEU E 697 -2.77 33.26 22.48
C LEU E 697 -3.20 34.57 23.14
N LYS E 698 -2.44 34.98 24.16
CA LYS E 698 -2.83 36.04 25.08
C LYS E 698 -2.03 37.31 24.85
N ARG E 699 -2.70 38.45 24.98
CA ARG E 699 -2.12 39.77 24.75
C ARG E 699 -2.22 40.63 26.01
N ARG E 700 -1.68 41.85 25.92
CA ARG E 700 -1.64 42.81 27.03
C ARG E 700 -0.98 42.22 28.26
N GLY E 705 -5.99 46.04 19.58
CA GLY E 705 -7.08 45.42 18.84
C GLY E 705 -6.62 44.79 17.54
N PRO E 706 -7.57 44.27 16.76
CA PRO E 706 -7.22 43.69 15.46
C PRO E 706 -6.67 44.74 14.52
N LEU E 707 -5.79 44.31 13.62
CA LEU E 707 -5.18 45.19 12.65
C LEU E 707 -5.33 44.59 11.26
N GLN E 708 -5.84 45.37 10.31
CA GLN E 708 -6.07 44.88 8.96
C GLN E 708 -4.86 45.13 8.10
N THR E 709 -4.41 44.10 7.39
CA THR E 709 -3.23 44.13 6.55
C THR E 709 -3.57 43.49 5.22
N PRO E 710 -2.80 43.79 4.16
CA PRO E 710 -3.07 43.17 2.86
C PRO E 710 -3.09 41.66 2.89
N VAL E 711 -2.57 41.02 3.93
CA VAL E 711 -2.58 39.57 3.99
C VAL E 711 -3.68 39.03 4.90
N GLY E 712 -4.27 39.86 5.75
CA GLY E 712 -5.32 39.40 6.64
C GLY E 712 -5.36 40.23 7.89
N CYS E 713 -6.06 39.72 8.89
CA CYS E 713 -6.18 40.40 10.18
C CYS E 713 -5.15 39.84 11.14
N VAL E 714 -4.41 40.72 11.81
CA VAL E 714 -3.42 40.29 12.78
C VAL E 714 -3.83 40.75 14.17
N LEU E 715 -3.51 39.91 15.15
CA LEU E 715 -3.67 40.20 16.57
C LEU E 715 -2.30 40.16 17.22
N GLY E 716 -1.95 41.22 17.93
CA GLY E 716 -0.67 41.28 18.60
C GLY E 716 0.42 42.01 17.85
N LEU E 717 0.07 42.71 16.77
CA LEU E 717 1.00 43.57 16.05
C LEU E 717 0.53 45.00 16.19
N VAL E 718 1.49 45.92 16.30
CA VAL E 718 1.19 47.34 16.34
C VAL E 718 1.68 47.98 15.05
N ASN E 719 0.82 48.75 14.40
CA ASN E 719 1.16 49.37 13.14
C ASN E 719 2.29 50.36 13.33
N SER E 720 3.27 50.30 12.44
CA SER E 720 4.38 51.25 12.44
C SER E 720 4.64 51.70 11.02
N SER E 721 5.27 52.87 10.90
CA SER E 721 5.67 53.41 9.60
C SER E 721 7.12 53.11 9.29
N LEU E 722 7.63 51.98 9.75
CA LEU E 722 9.02 51.61 9.55
C LEU E 722 9.22 50.87 8.24
N PHE E 723 10.48 50.82 7.81
CA PHE E 723 10.90 50.04 6.66
C PHE E 723 12.16 49.29 7.04
N VAL E 724 12.40 48.16 6.38
CA VAL E 724 13.55 47.32 6.67
C VAL E 724 14.10 46.75 5.37
N GLU E 725 15.21 46.05 5.49
CA GLU E 725 15.70 45.17 4.43
C GLU E 725 15.33 43.72 4.67
N ASP E 726 15.03 43.36 5.91
CA ASP E 726 14.56 42.04 6.30
C ASP E 726 14.22 42.10 7.79
N CYS E 727 13.34 41.20 8.22
CA CYS E 727 13.17 41.03 9.66
C CYS E 727 12.98 39.56 10.02
N LYS E 728 13.36 38.65 9.14
CA LYS E 728 13.36 37.20 9.35
C LYS E 728 11.96 36.63 9.51
N LEU E 729 10.93 37.46 9.54
CA LEU E 729 9.55 37.01 9.71
C LEU E 729 8.70 37.63 8.62
N PRO E 730 8.85 37.15 7.38
CA PRO E 730 8.05 37.71 6.29
C PRO E 730 6.62 37.25 6.39
N LEU E 731 5.70 38.18 6.23
CA LEU E 731 4.28 37.85 6.26
C LEU E 731 3.67 37.67 4.89
N GLY E 732 4.39 38.02 3.83
CA GLY E 732 3.86 38.03 2.49
C GLY E 732 3.42 39.43 2.07
N GLN E 733 3.38 39.63 0.75
CA GLN E 733 3.03 40.93 0.17
C GLN E 733 3.93 42.03 0.72
N SER E 734 5.21 41.72 0.89
CA SER E 734 6.24 42.67 1.28
C SER E 734 6.00 43.24 2.67
N LEU E 735 5.38 42.47 3.55
CA LEU E 735 5.16 42.85 4.93
C LEU E 735 6.08 42.04 5.81
N CYS E 736 6.35 42.52 7.02
CA CYS E 736 7.36 41.84 7.81
C CYS E 736 7.07 42.19 9.25
N ALA E 737 7.36 41.27 10.17
CA ALA E 737 7.01 41.42 11.58
C ALA E 737 8.28 41.66 12.39
N LEU E 738 8.46 42.88 12.87
CA LEU E 738 9.66 43.27 13.58
C LEU E 738 9.50 42.99 15.07
N PRO E 739 10.34 42.16 15.65
CA PRO E 739 10.34 42.03 17.11
C PRO E 739 11.04 43.19 17.79
N ASP E 740 11.23 43.10 19.10
CA ASP E 740 11.99 44.10 19.82
C ASP E 740 13.40 43.56 20.09
N THR E 741 14.17 44.30 20.87
CA THR E 741 15.55 43.93 21.15
C THR E 741 15.91 44.19 22.60
N VAL E 753 10.89 43.29 29.75
CA VAL E 753 9.69 42.73 29.15
C VAL E 753 9.40 43.43 27.82
N PRO E 754 9.72 42.75 26.72
CA PRO E 754 9.57 43.38 25.40
C PRO E 754 8.11 43.56 25.02
N GLY E 755 7.86 44.58 24.20
CA GLY E 755 6.53 44.92 23.80
C GLY E 755 6.04 44.10 22.62
N GLU E 756 4.90 44.50 22.10
CA GLU E 756 4.31 43.81 20.97
C GLU E 756 5.20 43.96 19.74
N MET E 757 5.27 42.91 18.94
CA MET E 757 5.92 43.00 17.64
C MET E 757 5.19 44.01 16.78
N ARG E 758 5.93 44.67 15.90
CA ARG E 758 5.36 45.76 15.12
C ARG E 758 5.39 45.41 13.64
N LEU E 759 4.43 45.95 12.90
CA LEU E 759 4.25 45.57 11.51
C LEU E 759 5.01 46.56 10.63
N ALA E 760 6.12 46.13 10.09
CA ALA E 760 6.89 46.93 9.16
C ALA E 760 6.70 46.42 7.74
N SER E 761 7.24 47.16 6.79
CA SER E 761 7.20 46.76 5.40
C SER E 761 8.61 46.71 4.86
N ILE E 762 8.87 45.73 4.00
CA ILE E 762 10.18 45.61 3.36
C ILE E 762 10.31 46.70 2.32
N ALA E 763 11.44 47.39 2.32
CA ALA E 763 11.67 48.51 1.43
C ALA E 763 12.57 48.11 0.27
N PHE E 764 12.28 48.65 -0.90
CA PHE E 764 13.15 48.51 -2.05
C PHE E 764 14.28 49.52 -1.93
N ASN E 765 15.51 49.02 -1.97
CA ASN E 765 16.69 49.88 -1.84
C ASN E 765 17.08 50.36 -3.22
N HIS E 766 16.82 51.62 -3.50
CA HIS E 766 17.02 52.15 -4.84
C HIS E 766 18.51 52.17 -5.19
N PRO E 767 18.87 51.85 -6.43
CA PRO E 767 20.25 51.99 -6.85
C PRO E 767 20.63 53.44 -7.04
N ILE E 768 21.94 53.68 -7.15
CA ILE E 768 22.44 55.01 -7.47
C ILE E 768 21.84 55.45 -8.80
N GLN E 769 21.25 56.63 -8.81
CA GLN E 769 20.57 57.14 -9.99
C GLN E 769 21.52 58.05 -10.75
N VAL E 770 21.79 57.70 -12.00
CA VAL E 770 22.68 58.46 -12.87
C VAL E 770 21.85 58.97 -14.03
N ASP E 771 21.80 60.27 -14.19
CA ASP E 771 20.93 60.87 -15.20
C ASP E 771 21.61 60.91 -16.55
N GLN E 772 20.79 60.89 -17.58
CA GLN E 772 21.26 60.76 -18.95
C GLN E 772 21.26 62.12 -19.62
N LEU E 773 22.44 62.61 -19.98
CA LEU E 773 22.56 63.95 -20.55
C LEU E 773 21.96 64.00 -21.94
N ASN E 774 21.80 65.21 -22.45
CA ASN E 774 21.32 65.43 -23.79
C ASN E 774 22.41 65.81 -24.78
N SER E 775 23.59 66.19 -24.28
CA SER E 775 24.68 66.65 -25.12
C SER E 775 25.40 65.45 -25.72
N SER E 776 26.60 65.67 -26.24
CA SER E 776 27.48 64.62 -26.69
C SER E 776 28.42 64.13 -25.59
N TYR E 777 28.17 64.52 -24.35
CA TYR E 777 28.85 63.96 -23.20
C TYR E 777 28.02 62.84 -22.60
N PHE E 778 28.55 62.22 -21.54
CA PHE E 778 27.73 61.35 -20.72
C PHE E 778 28.26 61.40 -19.30
N LYS E 779 27.49 60.88 -18.36
CA LYS E 779 27.84 60.89 -16.96
C LYS E 779 28.34 59.52 -16.53
N LEU E 780 29.29 59.51 -15.59
CA LEU E 780 30.12 58.33 -15.38
C LEU E 780 29.79 57.53 -14.13
N SER E 781 29.75 58.14 -12.94
CA SER E 781 29.51 57.40 -11.71
C SER E 781 30.58 56.32 -11.49
N ILE E 782 31.79 56.80 -11.20
CA ILE E 782 32.97 55.94 -11.03
C ILE E 782 33.34 55.87 -9.56
N PRO E 783 33.89 54.75 -9.06
CA PRO E 783 34.05 54.58 -7.60
C PRO E 783 35.36 55.07 -7.00
N THR E 784 35.47 54.97 -5.67
CA THR E 784 36.70 55.32 -4.96
C THR E 784 36.97 54.38 -3.77
N ASN E 785 36.80 53.07 -3.95
CA ASN E 785 37.16 52.13 -2.88
C ASN E 785 37.27 50.72 -3.41
N PHE E 786 38.18 49.95 -2.80
CA PHE E 786 38.41 48.56 -3.18
C PHE E 786 37.52 47.62 -2.37
N SER E 787 37.68 47.62 -1.06
CA SER E 787 36.83 46.85 -0.14
C SER E 787 36.65 45.41 -0.62
N PHE E 788 37.74 44.65 -0.55
CA PHE E 788 37.66 43.23 -0.85
C PHE E 788 36.63 42.53 0.04
N GLY E 789 35.88 41.60 -0.54
CA GLY E 789 34.93 40.82 0.22
C GLY E 789 34.98 39.36 -0.17
N VAL E 790 34.43 38.51 0.70
CA VAL E 790 34.45 37.06 0.52
C VAL E 790 33.01 36.57 0.48
N THR E 791 32.72 35.67 -0.47
CA THR E 791 31.35 35.22 -0.70
C THR E 791 31.05 33.86 -0.10
N GLN E 792 31.99 32.92 -0.09
CA GLN E 792 31.93 31.79 0.83
C GLN E 792 30.72 30.87 0.58
N GLU E 793 30.82 30.12 -0.52
CA GLU E 793 29.82 29.17 -0.99
C GLU E 793 30.17 27.73 -0.60
N TYR E 794 29.17 26.85 -0.58
CA TYR E 794 29.38 25.43 -0.31
C TYR E 794 28.65 24.57 -1.34
N ILE E 795 29.36 23.64 -1.97
CA ILE E 795 28.74 22.71 -2.91
C ILE E 795 28.90 21.29 -2.39
N GLN E 796 27.79 20.57 -2.28
CA GLN E 796 27.82 19.18 -1.85
C GLN E 796 28.14 18.27 -3.02
N THR E 797 29.07 17.34 -2.82
CA THR E 797 29.50 16.46 -3.88
C THR E 797 29.14 15.00 -3.64
N THR E 798 28.70 14.63 -2.44
CA THR E 798 28.44 13.23 -2.16
C THR E 798 27.51 13.13 -0.95
N ILE E 799 26.92 11.95 -0.81
CA ILE E 799 26.21 11.54 0.39
C ILE E 799 26.98 10.38 0.99
N GLN E 800 26.71 10.05 2.25
CA GLN E 800 27.47 8.96 2.84
C GLN E 800 26.90 7.64 2.39
N LYS E 801 27.80 6.67 2.20
CA LYS E 801 27.44 5.38 1.67
C LYS E 801 26.95 4.47 2.77
N VAL E 802 25.80 3.85 2.56
CA VAL E 802 25.16 3.00 3.53
C VAL E 802 24.78 1.69 2.86
N THR E 803 25.08 0.58 3.50
CA THR E 803 24.58 -0.72 3.09
C THR E 803 23.64 -1.25 4.16
N VAL E 804 22.67 -2.04 3.76
CA VAL E 804 21.72 -2.63 4.68
C VAL E 804 21.80 -4.14 4.54
N ASP E 805 21.95 -4.83 5.65
CA ASP E 805 21.84 -6.29 5.69
C ASP E 805 20.37 -6.61 5.80
N CYS E 806 19.74 -6.88 4.65
CA CYS E 806 18.29 -6.96 4.59
C CYS E 806 17.74 -8.05 5.49
N LYS E 807 18.34 -9.23 5.45
CA LYS E 807 17.85 -10.35 6.25
C LYS E 807 17.99 -10.06 7.74
N GLN E 808 19.13 -9.51 8.15
CA GLN E 808 19.32 -9.17 9.55
C GLN E 808 18.38 -8.07 9.99
N TYR E 809 18.16 -7.07 9.14
CA TYR E 809 17.25 -5.99 9.50
C TYR E 809 15.83 -6.50 9.68
N VAL E 810 15.38 -7.38 8.79
CA VAL E 810 13.98 -7.82 8.85
C VAL E 810 13.78 -8.88 9.92
N CYS E 811 14.55 -9.96 9.86
CA CYS E 811 14.37 -11.11 10.74
C CYS E 811 15.59 -11.20 11.64
N ASN E 812 15.49 -10.63 12.84
CA ASN E 812 16.67 -10.32 13.62
C ASN E 812 17.33 -11.57 14.17
N GLY E 813 17.83 -12.43 13.28
CA GLY E 813 18.48 -13.65 13.69
C GLY E 813 17.56 -14.77 14.11
N PHE E 814 16.25 -14.64 13.91
CA PHE E 814 15.27 -15.64 14.31
C PHE E 814 15.02 -16.62 13.17
N GLN E 815 15.36 -17.89 13.38
CA GLN E 815 15.26 -18.90 12.31
C GLN E 815 13.87 -18.95 11.72
N LYS E 816 12.85 -18.85 12.56
CA LYS E 816 11.50 -18.94 12.07
C LYS E 816 11.19 -17.80 11.11
N CYS E 817 11.60 -16.58 11.47
CA CYS E 817 11.36 -15.45 10.59
C CYS E 817 12.10 -15.60 9.27
N GLU E 818 13.35 -16.06 9.30
CA GLU E 818 14.10 -16.21 8.07
C GLU E 818 13.46 -17.22 7.14
N GLN E 819 12.99 -18.33 7.69
CA GLN E 819 12.38 -19.35 6.86
C GLN E 819 10.95 -19.00 6.44
N LEU E 820 10.30 -18.04 7.11
CA LEU E 820 9.13 -17.41 6.51
C LEU E 820 9.51 -16.43 5.43
N LEU E 821 10.66 -15.78 5.54
CA LEU E 821 11.11 -14.78 4.59
C LEU E 821 11.56 -15.39 3.27
N ARG E 822 11.98 -16.67 3.29
CA ARG E 822 12.37 -17.33 2.05
C ARG E 822 11.34 -17.20 0.94
N GLU E 823 10.08 -16.90 1.28
CA GLU E 823 9.07 -16.62 0.27
C GLU E 823 9.18 -15.22 -0.30
N TYR E 824 10.02 -14.38 0.29
CA TYR E 824 10.30 -13.03 -0.18
C TYR E 824 11.75 -12.91 -0.62
N GLY E 825 12.22 -13.89 -1.38
CA GLY E 825 13.65 -14.01 -1.63
C GLY E 825 14.23 -12.81 -2.37
N GLN E 826 13.54 -12.35 -3.41
CA GLN E 826 14.14 -11.37 -4.30
C GLN E 826 13.98 -9.93 -3.83
N PHE E 827 13.14 -9.64 -2.84
CA PHE E 827 13.05 -8.28 -2.34
C PHE E 827 14.38 -7.85 -1.72
N CYS E 828 14.97 -8.72 -0.90
CA CYS E 828 16.24 -8.41 -0.29
C CYS E 828 17.35 -8.29 -1.31
N SER E 829 17.35 -9.14 -2.34
CA SER E 829 18.35 -9.03 -3.39
C SER E 829 18.22 -7.70 -4.12
N LYS E 830 17.00 -7.28 -4.42
CA LYS E 830 16.81 -6.01 -5.10
C LYS E 830 17.32 -4.85 -4.24
N ILE E 831 17.01 -4.87 -2.94
CA ILE E 831 17.48 -3.82 -2.05
C ILE E 831 19.00 -3.78 -2.03
N ASN E 832 19.63 -4.93 -1.84
CA ASN E 832 21.08 -4.98 -1.76
C ASN E 832 21.72 -4.48 -3.04
N GLN E 833 21.19 -4.89 -4.19
CA GLN E 833 21.80 -4.50 -5.45
C GLN E 833 21.63 -3.01 -5.71
N ALA E 834 20.46 -2.45 -5.36
CA ALA E 834 20.27 -1.01 -5.54
C ALA E 834 21.26 -0.22 -4.71
N LEU E 835 21.44 -0.60 -3.45
CA LEU E 835 22.38 0.12 -2.60
C LEU E 835 23.81 -0.03 -3.11
N HIS E 836 24.18 -1.22 -3.57
CA HIS E 836 25.52 -1.42 -4.13
C HIS E 836 25.76 -0.51 -5.33
N GLY E 837 24.78 -0.39 -6.21
CA GLY E 837 24.94 0.48 -7.37
C GLY E 837 25.06 1.94 -6.98
N ALA E 838 24.26 2.38 -6.00
CA ALA E 838 24.35 3.77 -5.56
C ALA E 838 25.73 4.08 -4.98
N ASN E 839 26.28 3.16 -4.19
CA ASN E 839 27.60 3.40 -3.63
C ASN E 839 28.68 3.40 -4.71
N LEU E 840 28.58 2.53 -5.71
CA LEU E 840 29.52 2.59 -6.82
C LEU E 840 29.45 3.92 -7.54
N ARG E 841 28.26 4.46 -7.72
CA ARG E 841 28.13 5.76 -8.35
C ARG E 841 28.76 6.86 -7.50
N GLN E 842 28.60 6.82 -6.18
CA GLN E 842 29.27 7.80 -5.34
C GLN E 842 30.78 7.77 -5.53
N ASP E 843 31.35 6.56 -5.56
CA ASP E 843 32.79 6.44 -5.74
C ASP E 843 33.24 6.98 -7.09
N ASP E 844 32.47 6.71 -8.14
CA ASP E 844 32.79 7.28 -9.45
C ASP E 844 32.74 8.80 -9.43
N SER E 845 31.74 9.38 -8.76
CA SER E 845 31.66 10.85 -8.71
C SER E 845 32.88 11.45 -8.03
N VAL E 846 33.31 10.89 -6.90
CA VAL E 846 34.46 11.50 -6.25
C VAL E 846 35.72 11.29 -7.08
N ARG E 847 35.87 10.11 -7.68
CA ARG E 847 37.06 9.85 -8.49
C ARG E 847 37.16 10.80 -9.66
N ASN E 848 36.05 11.10 -10.31
CA ASN E 848 36.08 12.00 -11.46
C ASN E 848 36.13 13.46 -11.07
N LEU E 849 35.61 13.83 -9.91
CA LEU E 849 35.79 15.20 -9.47
C LEU E 849 37.24 15.48 -9.14
N PHE E 850 37.94 14.55 -8.53
CA PHE E 850 39.31 14.84 -8.14
C PHE E 850 40.31 14.61 -9.26
N ALA E 851 39.85 14.33 -10.48
CA ALA E 851 40.73 14.30 -11.62
C ALA E 851 40.77 15.63 -12.36
N SER E 852 39.91 16.57 -12.00
CA SER E 852 39.95 17.93 -12.52
C SER E 852 40.49 18.90 -11.48
N VAL E 853 40.20 18.64 -10.21
CA VAL E 853 40.84 19.36 -9.11
C VAL E 853 42.36 19.20 -9.22
N LYS E 854 42.81 18.10 -9.79
CA LYS E 854 44.24 17.85 -9.94
C LYS E 854 44.87 18.89 -10.84
N SER E 855 46.00 19.42 -10.40
CA SER E 855 46.76 20.41 -11.17
C SER E 855 48.01 19.76 -11.74
N SER E 856 48.28 20.03 -13.01
CA SER E 856 49.42 19.40 -13.68
C SER E 856 50.74 19.85 -13.09
N GLN E 857 50.85 21.12 -12.74
CA GLN E 857 52.07 21.72 -12.21
C GLN E 857 51.70 22.59 -11.03
N SER E 858 52.64 22.76 -10.10
CA SER E 858 52.32 23.45 -8.87
C SER E 858 53.60 23.97 -8.24
N SER E 859 53.45 24.87 -7.29
CA SER E 859 54.54 25.47 -6.57
C SER E 859 54.45 25.08 -5.11
N PRO E 860 55.55 24.68 -4.46
CA PRO E 860 55.47 24.17 -3.10
C PRO E 860 54.95 25.21 -2.12
N ILE E 861 54.16 24.75 -1.15
CA ILE E 861 53.63 25.63 -0.12
C ILE E 861 54.66 25.75 0.99
N ILE E 862 55.00 26.99 1.32
CA ILE E 862 55.97 27.26 2.39
C ILE E 862 55.31 28.19 3.39
N PRO E 863 55.81 28.24 4.63
CA PRO E 863 55.09 29.01 5.67
C PRO E 863 54.79 30.45 5.31
N GLY E 864 55.71 31.15 4.65
CA GLY E 864 55.34 32.44 4.10
C GLY E 864 55.05 32.32 2.61
N PHE E 865 53.78 32.18 2.25
CA PHE E 865 53.39 31.86 0.89
C PHE E 865 52.95 33.10 0.12
N GLY E 866 51.92 33.78 0.59
CA GLY E 866 51.61 35.09 0.08
C GLY E 866 52.40 36.10 0.87
N GLY E 867 53.25 36.87 0.20
CA GLY E 867 54.19 37.73 0.90
C GLY E 867 53.54 38.66 1.91
N ASP E 868 52.79 39.65 1.44
CA ASP E 868 52.08 40.54 2.33
C ASP E 868 50.62 40.15 2.51
N PHE E 869 50.18 39.09 1.85
CA PHE E 869 48.81 38.61 1.97
C PHE E 869 48.81 37.41 2.92
N ASN E 870 48.08 37.52 4.02
CA ASN E 870 47.95 36.39 4.93
C ASN E 870 47.14 35.29 4.28
N LEU E 871 47.64 34.07 4.38
CA LEU E 871 46.91 32.89 3.93
C LEU E 871 46.93 31.88 5.08
N THR E 872 45.78 31.76 5.77
CA THR E 872 45.53 30.69 6.74
C THR E 872 45.07 29.42 6.07
N LEU E 873 45.26 29.32 4.76
CA LEU E 873 44.94 28.12 3.99
C LEU E 873 46.08 27.14 3.98
N LEU E 874 47.23 27.50 4.54
CA LEU E 874 48.34 26.58 4.71
C LEU E 874 48.02 25.52 5.75
N GLU E 875 48.78 24.49 5.71
CA GLU E 875 48.60 23.34 6.59
C GLU E 875 49.44 23.49 7.84
N PRO E 876 48.87 23.33 9.03
CA PRO E 876 49.70 23.29 10.24
C PRO E 876 50.42 21.96 10.36
N VAL E 877 51.57 21.86 9.70
CA VAL E 877 52.38 20.64 9.65
C VAL E 877 51.58 19.51 9.02
N ALA E 886 48.63 17.58 6.03
CA ALA E 886 47.39 17.50 6.80
C ALA E 886 46.42 18.60 6.39
N ARG E 887 45.38 18.79 7.20
CA ARG E 887 44.37 19.79 6.91
C ARG E 887 44.97 21.19 7.04
N SER E 888 44.12 22.18 6.87
CA SER E 888 44.48 23.58 7.08
C SER E 888 43.64 24.16 8.22
N ALA E 889 44.02 25.36 8.63
CA ALA E 889 43.36 25.96 9.79
C ALA E 889 41.88 26.19 9.54
N ILE E 890 41.53 26.74 8.38
CA ILE E 890 40.13 27.01 8.10
C ILE E 890 39.35 25.71 7.89
N GLU E 891 40.00 24.70 7.33
CA GLU E 891 39.34 23.42 7.14
C GLU E 891 39.18 22.65 8.45
N ASP E 892 40.19 22.72 9.32
CA ASP E 892 40.04 22.20 10.68
C ASP E 892 38.88 22.87 11.39
N LEU E 893 38.81 24.20 11.31
CA LEU E 893 37.72 24.93 11.96
C LEU E 893 36.37 24.54 11.38
N LEU E 894 36.30 24.36 10.06
CA LEU E 894 35.06 23.95 9.43
C LEU E 894 34.60 22.59 9.92
N PHE E 895 35.53 21.64 10.05
CA PHE E 895 35.15 20.31 10.52
C PHE E 895 34.84 20.28 12.01
N ASP E 896 35.49 21.14 12.80
CA ASP E 896 35.24 21.18 14.23
C ASP E 896 33.89 21.82 14.54
N LYS E 897 33.59 22.96 13.92
CA LYS E 897 32.37 23.68 14.25
C LYS E 897 31.12 22.92 13.85
N VAL E 898 31.24 21.90 13.03
CA VAL E 898 30.09 21.15 12.53
C VAL E 898 29.86 19.95 13.44
N THR E 899 28.60 19.69 13.74
CA THR E 899 28.24 18.57 14.62
C THR E 899 28.15 17.30 13.79
N ILE E 900 29.25 16.53 13.78
CA ILE E 900 29.33 15.26 13.07
C ILE E 900 29.61 14.15 14.06
N ALA E 901 28.86 13.06 13.95
CA ALA E 901 29.15 11.87 14.72
C ALA E 901 30.38 11.17 14.14
N ASP E 902 31.25 10.71 15.01
CA ASP E 902 32.44 9.99 14.55
C ASP E 902 32.02 8.64 13.98
N PRO E 903 32.42 8.32 12.74
CA PRO E 903 31.95 7.05 12.14
C PRO E 903 32.70 5.83 12.63
N GLY E 904 33.94 5.96 13.09
CA GLY E 904 34.67 4.84 13.61
C GLY E 904 34.98 3.76 12.60
N TYR E 905 35.83 4.07 11.63
CA TYR E 905 36.19 3.09 10.60
C TYR E 905 37.25 2.12 11.10
N MET E 906 38.02 2.51 12.11
CA MET E 906 39.10 1.67 12.59
C MET E 906 38.57 0.57 13.51
N GLN E 907 37.94 0.96 14.61
CA GLN E 907 37.38 0.04 15.59
C GLN E 907 36.08 0.59 16.17
N GLY E 908 35.21 1.11 15.31
CA GLY E 908 33.91 1.54 15.78
C GLY E 908 33.08 0.40 16.35
N TYR E 909 33.46 -0.83 16.06
CA TYR E 909 32.84 -2.00 16.66
C TYR E 909 33.14 -2.10 18.15
N ASP E 910 34.39 -1.84 18.53
CA ASP E 910 34.81 -2.01 19.91
C ASP E 910 34.29 -0.89 20.81
N ASP E 911 34.24 0.33 20.26
CA ASP E 911 33.83 1.50 21.05
C ASP E 911 32.37 1.40 21.47
N CYS E 912 31.58 0.57 20.79
CA CYS E 912 30.15 0.52 21.07
C CYS E 912 29.71 -0.43 22.19
N MET E 913 30.56 -1.35 22.66
CA MET E 913 30.35 -1.83 24.03
C MET E 913 31.38 -1.41 25.04
N GLN E 914 32.57 -0.97 24.64
CA GLN E 914 33.40 -0.40 25.68
C GLN E 914 32.85 0.91 26.19
N GLN E 915 31.99 1.58 25.42
CA GLN E 915 31.25 2.74 25.91
C GLN E 915 29.75 2.61 25.71
N GLY E 916 29.32 2.06 24.57
CA GLY E 916 27.92 2.02 24.22
C GLY E 916 27.44 3.27 23.51
N PRO E 917 26.13 3.51 23.56
CA PRO E 917 25.59 4.75 23.00
C PRO E 917 26.11 5.96 23.75
N ALA E 918 26.73 6.88 23.00
CA ALA E 918 27.31 8.08 23.61
C ALA E 918 26.24 8.96 24.24
N SER E 919 25.11 9.12 23.56
CA SER E 919 24.04 9.98 24.04
C SER E 919 22.73 9.51 23.40
N ALA E 920 21.70 10.36 23.46
CA ALA E 920 20.41 10.01 22.87
C ALA E 920 20.55 9.77 21.38
N ARG E 921 19.94 8.67 20.91
CA ARG E 921 19.83 8.36 19.49
C ARG E 921 21.20 8.32 18.82
N ASP E 922 22.02 7.36 19.27
CA ASP E 922 23.37 7.17 18.74
C ASP E 922 23.25 6.37 17.45
N LEU E 923 23.01 7.08 16.35
CA LEU E 923 22.79 6.44 15.06
C LEU E 923 24.03 5.75 14.53
N ILE E 924 25.20 6.34 14.74
CA ILE E 924 26.43 5.72 14.26
C ILE E 924 26.77 4.48 15.06
N CYS E 925 26.12 4.28 16.20
CA CYS E 925 26.28 3.08 17.00
C CYS E 925 25.06 2.17 16.93
N ALA E 926 23.93 2.66 16.41
CA ALA E 926 22.80 1.78 16.13
C ALA E 926 23.11 0.79 15.01
N GLN E 927 24.08 1.10 14.15
CA GLN E 927 24.64 0.06 13.32
C GLN E 927 25.35 -0.95 14.23
N TYR E 928 25.55 -2.14 13.70
CA TYR E 928 25.88 -3.34 14.48
C TYR E 928 24.71 -3.79 15.33
N VAL E 929 23.59 -3.09 15.30
CA VAL E 929 22.39 -3.50 16.01
C VAL E 929 21.26 -3.64 15.01
N ALA E 930 20.93 -2.53 14.34
CA ALA E 930 19.82 -2.54 13.39
C ALA E 930 20.09 -3.48 12.23
N GLY E 931 21.28 -3.39 11.64
CA GLY E 931 21.58 -4.21 10.49
C GLY E 931 21.98 -3.39 9.28
N TYR E 932 22.35 -2.13 9.50
CA TYR E 932 22.91 -1.31 8.44
C TYR E 932 24.34 -0.94 8.82
N LYS E 933 25.05 -0.39 7.85
CA LYS E 933 26.48 -0.15 7.97
C LYS E 933 26.86 1.07 7.15
N VAL E 934 27.72 1.91 7.71
CA VAL E 934 28.21 3.11 7.05
C VAL E 934 29.57 2.78 6.46
N LEU E 935 29.70 2.97 5.21
CA LEU E 935 30.95 2.60 4.56
C LEU E 935 31.94 3.75 4.61
N PRO E 936 33.24 3.45 4.60
CA PRO E 936 34.24 4.50 4.62
C PRO E 936 34.28 5.24 3.30
N PRO E 937 34.74 6.48 3.30
CA PRO E 937 34.94 7.20 2.03
C PRO E 937 36.11 6.63 1.25
N LEU E 938 36.10 6.92 -0.05
CA LEU E 938 37.12 6.40 -0.94
C LEU E 938 38.50 6.92 -0.61
N MET E 939 38.60 8.09 0.01
CA MET E 939 39.85 8.80 0.19
C MET E 939 40.11 9.05 1.66
N ASP E 940 41.38 9.19 2.01
CA ASP E 940 41.74 9.66 3.34
C ASP E 940 41.33 11.11 3.53
N VAL E 941 41.64 11.65 4.71
CA VAL E 941 41.72 13.09 4.83
C VAL E 941 43.06 13.60 4.29
N ASN E 942 44.10 12.76 4.33
CA ASN E 942 45.40 13.20 3.86
C ASN E 942 45.46 13.34 2.36
N MET E 943 44.85 12.44 1.60
CA MET E 943 44.88 12.62 0.15
C MET E 943 43.98 13.76 -0.31
N GLU E 944 42.85 13.96 0.36
CA GLU E 944 42.04 15.12 0.04
C GLU E 944 42.76 16.43 0.35
N ALA E 945 43.45 16.47 1.49
CA ALA E 945 44.23 17.66 1.80
C ALA E 945 45.36 17.86 0.81
N ALA E 946 45.98 16.77 0.37
CA ALA E 946 47.01 16.88 -0.65
C ALA E 946 46.46 17.47 -1.94
N TYR E 947 45.27 17.05 -2.34
CA TYR E 947 44.67 17.59 -3.55
C TYR E 947 44.38 19.07 -3.42
N THR E 948 43.76 19.50 -2.33
CA THR E 948 43.47 20.92 -2.20
C THR E 948 44.72 21.76 -1.97
N SER E 949 45.77 21.22 -1.37
CA SER E 949 47.01 21.96 -1.26
C SER E 949 47.73 22.09 -2.58
N SER E 950 47.77 21.05 -3.39
CA SER E 950 48.32 21.22 -4.72
C SER E 950 47.49 22.19 -5.55
N LEU E 951 46.20 22.29 -5.27
CA LEU E 951 45.38 23.30 -5.94
C LEU E 951 45.72 24.71 -5.47
N LEU E 952 45.92 24.91 -4.18
CA LEU E 952 46.32 26.22 -3.68
C LEU E 952 47.70 26.62 -4.20
N GLY E 953 48.57 25.65 -4.42
CA GLY E 953 49.90 25.98 -4.88
C GLY E 953 50.04 26.30 -6.34
N SER E 954 48.94 26.28 -7.09
CA SER E 954 48.98 26.61 -8.50
C SER E 954 48.15 27.85 -8.84
N ILE E 955 47.52 28.47 -7.85
CA ILE E 955 46.58 29.55 -8.12
C ILE E 955 47.28 30.72 -8.79
N ALA E 956 48.43 31.12 -8.28
CA ALA E 956 49.13 32.25 -8.89
C ALA E 956 49.62 31.92 -10.28
N GLY E 957 50.14 30.72 -10.48
CA GLY E 957 50.83 30.42 -11.71
C GLY E 957 49.96 30.02 -12.89
N VAL E 958 48.92 29.24 -12.65
CA VAL E 958 48.03 28.88 -13.76
C VAL E 958 47.10 30.04 -14.08
N GLY E 959 46.84 30.92 -13.12
CA GLY E 959 45.90 32.00 -13.30
C GLY E 959 46.53 33.27 -13.79
N TRP E 960 47.73 33.15 -14.38
CA TRP E 960 48.36 34.30 -15.01
C TRP E 960 48.22 34.30 -16.53
N THR E 961 48.50 33.17 -17.17
CA THR E 961 48.59 33.15 -18.63
C THR E 961 47.57 32.22 -19.27
N ALA E 962 47.71 32.02 -20.57
CA ALA E 962 46.61 31.52 -21.40
C ALA E 962 46.11 30.12 -21.09
N GLY E 963 46.93 29.10 -21.34
CA GLY E 963 46.37 27.79 -21.65
C GLY E 963 46.58 26.64 -20.70
N LEU E 964 47.24 26.86 -19.57
CA LEU E 964 47.53 25.80 -18.62
C LEU E 964 48.37 24.67 -19.21
N SER E 965 49.26 25.03 -20.13
CA SER E 965 50.19 24.08 -20.71
C SER E 965 51.53 24.32 -20.00
N SER E 966 51.79 25.58 -19.69
CA SER E 966 52.99 26.03 -19.00
C SER E 966 52.57 26.64 -17.67
N PHE E 967 53.53 26.79 -16.76
CA PHE E 967 53.24 27.25 -15.41
C PHE E 967 54.30 28.25 -14.97
N ALA E 968 53.95 29.52 -15.01
CA ALA E 968 54.84 30.59 -14.58
C ALA E 968 54.77 30.70 -13.08
N ALA E 969 55.88 30.39 -12.39
CA ALA E 969 55.89 30.35 -10.93
C ALA E 969 56.20 31.73 -10.38
N ILE E 970 55.18 32.58 -10.37
CA ILE E 970 55.32 33.97 -9.93
C ILE E 970 54.81 34.08 -8.50
N PRO E 971 55.19 35.11 -7.76
CA PRO E 971 54.64 35.29 -6.41
C PRO E 971 53.15 35.57 -6.42
N PHE E 972 52.54 35.38 -5.26
CA PHE E 972 51.11 35.62 -5.12
C PHE E 972 50.76 37.09 -5.28
N ALA E 973 51.63 37.98 -4.81
CA ALA E 973 51.35 39.41 -4.93
C ALA E 973 51.33 39.84 -6.39
N GLN E 974 52.25 39.33 -7.20
CA GLN E 974 52.23 39.65 -8.62
C GLN E 974 50.95 39.18 -9.27
N SER E 975 50.49 37.99 -8.92
CA SER E 975 49.25 37.49 -9.48
C SER E 975 48.08 38.38 -9.07
N ILE E 976 48.04 38.82 -7.82
CA ILE E 976 46.95 39.68 -7.40
C ILE E 976 46.98 41.00 -8.14
N PHE E 977 48.18 41.55 -8.36
CA PHE E 977 48.26 42.82 -9.06
C PHE E 977 47.89 42.69 -10.52
N TYR E 978 48.18 41.55 -11.14
CA TYR E 978 47.73 41.34 -12.52
C TYR E 978 46.23 41.12 -12.59
N ARG E 979 45.65 40.47 -11.59
CA ARG E 979 44.20 40.31 -11.58
C ARG E 979 43.51 41.64 -11.36
N LEU E 980 44.08 42.51 -10.53
CA LEU E 980 43.49 43.83 -10.31
C LEU E 980 43.67 44.72 -11.51
N ASN E 981 44.86 44.76 -12.09
CA ASN E 981 45.10 45.56 -13.28
C ASN E 981 44.24 45.12 -14.45
N GLY E 982 43.74 43.90 -14.41
CA GLY E 982 43.02 43.34 -15.53
C GLY E 982 41.55 43.60 -15.34
N VAL E 983 40.80 42.60 -14.88
CA VAL E 983 39.35 42.76 -14.72
C VAL E 983 39.04 43.98 -13.88
N GLY E 984 39.44 43.96 -12.61
CA GLY E 984 39.05 45.06 -11.77
C GLY E 984 39.83 46.30 -12.18
N ILE E 985 39.55 46.84 -13.38
CA ILE E 985 40.50 47.66 -14.11
C ILE E 985 40.99 48.82 -13.27
N THR E 986 42.24 48.74 -12.86
CA THR E 986 42.89 49.68 -11.98
C THR E 986 44.30 49.82 -12.52
N GLN E 987 44.64 50.99 -13.05
CA GLN E 987 45.84 51.03 -13.86
C GLN E 987 47.09 50.93 -13.01
N GLN E 988 48.23 50.79 -13.68
CA GLN E 988 49.45 50.40 -13.00
C GLN E 988 49.86 51.40 -11.94
N VAL E 989 49.60 52.68 -12.16
CA VAL E 989 50.06 53.72 -11.23
C VAL E 989 49.52 53.45 -9.84
N LEU E 990 48.25 53.10 -9.73
CA LEU E 990 47.68 52.82 -8.42
C LEU E 990 48.23 51.54 -7.83
N SER E 991 48.14 50.44 -8.59
CA SER E 991 48.57 49.16 -8.04
C SER E 991 50.02 49.21 -7.58
N GLU E 992 50.82 50.11 -8.15
CA GLU E 992 52.17 50.33 -7.64
C GLU E 992 52.21 51.47 -6.63
N ASN E 993 51.12 52.17 -6.41
CA ASN E 993 51.05 53.25 -5.45
C ASN E 993 50.43 52.85 -4.12
N GLN E 994 50.00 51.59 -3.97
CA GLN E 994 49.36 51.13 -2.75
C GLN E 994 49.88 49.78 -2.29
N LYS E 995 50.11 49.68 -0.98
CA LYS E 995 50.21 48.43 -0.26
C LYS E 995 49.13 48.32 0.81
N LEU E 996 48.22 49.29 0.86
CA LEU E 996 46.98 49.11 1.60
C LEU E 996 46.05 48.13 0.91
N ILE E 997 46.36 47.77 -0.33
CA ILE E 997 45.62 46.69 -0.99
C ILE E 997 45.81 45.40 -0.23
N ALA E 998 47.04 45.10 0.17
CA ALA E 998 47.27 43.92 1.01
C ALA E 998 46.55 44.05 2.34
N ASN E 999 46.49 45.25 2.90
CA ASN E 999 45.79 45.42 4.17
C ASN E 999 44.31 45.12 4.03
N LYS E 1000 43.69 45.60 2.95
CA LYS E 1000 42.27 45.33 2.75
C LYS E 1000 42.01 43.86 2.46
N PHE E 1001 42.90 43.21 1.70
CA PHE E 1001 42.80 41.79 1.47
C PHE E 1001 42.88 41.00 2.77
N ASN E 1002 43.86 41.34 3.61
CA ASN E 1002 43.99 40.68 4.90
C ASN E 1002 42.81 40.95 5.80
N GLN E 1003 42.23 42.15 5.75
CA GLN E 1003 41.02 42.40 6.52
C GLN E 1003 39.88 41.51 6.08
N ALA E 1004 39.69 41.34 4.77
CA ALA E 1004 38.63 40.47 4.30
C ALA E 1004 38.85 39.03 4.74
N LEU E 1005 40.06 38.50 4.52
CA LEU E 1005 40.31 37.12 4.90
C LEU E 1005 40.21 36.91 6.40
N GLY E 1006 40.69 37.85 7.20
CA GLY E 1006 40.55 37.73 8.64
C GLY E 1006 39.11 37.79 9.10
N ALA E 1007 38.34 38.74 8.59
CA ALA E 1007 36.93 38.82 8.95
C ALA E 1007 36.16 37.59 8.52
N MET E 1008 36.69 36.83 7.56
CA MET E 1008 36.10 35.54 7.27
C MET E 1008 36.16 34.58 8.44
N GLN E 1009 37.31 34.42 9.07
CA GLN E 1009 37.54 33.27 9.94
C GLN E 1009 36.98 33.46 11.35
N THR E 1010 36.27 34.56 11.61
CA THR E 1010 35.56 34.69 12.87
C THR E 1010 34.15 34.13 12.78
N GLY E 1011 33.44 34.42 11.69
CA GLY E 1011 32.04 34.09 11.59
C GLY E 1011 31.67 32.77 10.94
N PHE E 1012 31.96 31.66 11.60
CA PHE E 1012 31.32 30.38 11.25
C PHE E 1012 30.10 30.16 12.13
N THR E 1013 29.24 31.16 12.15
CA THR E 1013 28.09 31.22 13.05
C THR E 1013 26.82 30.91 12.28
N THR E 1014 25.69 30.94 12.99
CA THR E 1014 24.41 30.62 12.37
C THR E 1014 24.01 31.64 11.33
N THR E 1015 24.53 32.86 11.41
CA THR E 1015 24.23 33.85 10.38
C THR E 1015 24.89 33.50 9.06
N ASN E 1016 25.98 32.74 9.08
CA ASN E 1016 26.66 32.32 7.88
C ASN E 1016 25.80 31.26 7.19
N GLU E 1017 25.40 31.54 5.95
CA GLU E 1017 24.41 30.72 5.28
C GLU E 1017 24.99 29.51 4.57
N ALA E 1018 26.26 29.53 4.20
CA ALA E 1018 26.89 28.34 3.64
C ALA E 1018 27.23 27.32 4.72
N PHE E 1019 27.63 27.79 5.89
CA PHE E 1019 27.84 26.90 7.00
C PHE E 1019 26.55 26.19 7.38
N GLN E 1020 25.43 26.88 7.29
CA GLN E 1020 24.15 26.25 7.52
C GLN E 1020 23.87 25.16 6.50
N LYS E 1021 24.29 25.35 5.25
CA LYS E 1021 24.12 24.29 4.26
C LYS E 1021 24.97 23.07 4.57
N VAL E 1022 26.20 23.30 5.06
CA VAL E 1022 27.02 22.17 5.48
C VAL E 1022 26.33 21.38 6.58
N GLN E 1023 25.80 22.11 7.57
CA GLN E 1023 25.08 21.45 8.65
C GLN E 1023 23.83 20.74 8.14
N ASP E 1024 23.14 21.31 7.16
CA ASP E 1024 21.97 20.68 6.59
C ASP E 1024 22.31 19.35 5.93
N ALA E 1025 23.41 19.31 5.19
CA ALA E 1025 23.82 18.04 4.59
C ALA E 1025 24.14 16.98 5.64
N VAL E 1026 24.86 17.38 6.69
CA VAL E 1026 25.15 16.44 7.77
C VAL E 1026 23.85 15.94 8.40
N ASN E 1027 22.90 16.84 8.62
CA ASN E 1027 21.63 16.45 9.21
C ASN E 1027 20.84 15.53 8.30
N ASN E 1028 20.91 15.72 7.00
CA ASN E 1028 20.22 14.81 6.10
C ASN E 1028 20.78 13.40 6.19
N ASN E 1029 22.10 13.26 6.26
CA ASN E 1029 22.68 11.94 6.50
C ASN E 1029 22.14 11.34 7.79
N ALA E 1030 22.16 12.12 8.87
CA ALA E 1030 21.69 11.60 10.15
C ALA E 1030 20.22 11.19 10.11
N GLN E 1031 19.36 11.97 9.45
CA GLN E 1031 17.96 11.59 9.40
C GLN E 1031 17.75 10.33 8.59
N ALA E 1032 18.47 10.19 7.49
CA ALA E 1032 18.38 8.95 6.71
C ALA E 1032 18.68 7.75 7.60
N LEU E 1033 19.72 7.83 8.43
CA LEU E 1033 19.99 6.69 9.30
C LEU E 1033 18.95 6.53 10.40
N SER E 1034 18.46 7.64 10.95
CA SER E 1034 17.58 7.55 12.10
C SER E 1034 16.23 6.96 11.73
N LYS E 1035 15.74 7.16 10.51
CA LYS E 1035 14.48 6.52 10.16
C LYS E 1035 14.59 5.01 10.15
N LEU E 1036 15.67 4.47 9.59
CA LEU E 1036 15.91 3.03 9.70
C LEU E 1036 15.94 2.59 11.15
N ALA E 1037 16.71 3.30 11.98
CA ALA E 1037 16.82 2.87 13.37
C ALA E 1037 15.47 2.92 14.08
N SER E 1038 14.62 3.88 13.71
CA SER E 1038 13.39 4.09 14.45
C SER E 1038 12.24 3.23 13.95
N GLU E 1039 12.32 2.71 12.73
CA GLU E 1039 11.23 1.86 12.25
C GLU E 1039 11.31 0.43 12.75
N LEU E 1040 12.33 0.08 13.52
CA LEU E 1040 12.39 -1.25 14.10
C LEU E 1040 11.54 -1.39 15.35
N SER E 1041 11.11 -0.28 15.94
CA SER E 1041 10.21 -0.31 17.09
C SER E 1041 8.76 -0.20 16.69
N ASN E 1042 8.47 -0.10 15.39
CA ASN E 1042 7.10 -0.09 14.91
C ASN E 1042 6.54 -1.51 14.91
N THR E 1043 5.26 -1.63 15.27
CA THR E 1043 4.64 -2.94 15.35
C THR E 1043 3.85 -3.31 14.10
N PHE E 1044 3.45 -2.33 13.30
CA PHE E 1044 2.69 -2.58 12.07
C PHE E 1044 1.42 -3.35 12.35
N GLY E 1045 0.88 -3.23 13.56
CA GLY E 1045 -0.35 -3.89 13.93
C GLY E 1045 -0.18 -5.23 14.60
N ALA E 1046 1.04 -5.69 14.82
CA ALA E 1046 1.26 -6.95 15.51
C ALA E 1046 1.13 -6.77 17.01
N ILE E 1047 1.12 -7.90 17.73
CA ILE E 1047 1.02 -7.83 19.18
C ILE E 1047 2.29 -7.26 19.80
N SER E 1048 3.39 -7.26 19.06
CA SER E 1048 4.63 -6.70 19.55
C SER E 1048 5.54 -6.41 18.37
N ALA E 1049 6.51 -5.55 18.59
CA ALA E 1049 7.54 -5.28 17.59
C ALA E 1049 8.74 -6.19 17.75
N SER E 1050 8.72 -7.11 18.69
CA SER E 1050 9.80 -8.05 18.90
C SER E 1050 9.38 -9.42 18.39
N ILE E 1051 10.23 -10.04 17.58
CA ILE E 1051 9.92 -11.36 17.05
C ILE E 1051 9.96 -12.40 18.16
N GLY E 1052 10.93 -12.27 19.06
CA GLY E 1052 11.00 -13.17 20.20
C GLY E 1052 9.76 -13.15 21.08
N ASP E 1053 9.18 -11.96 21.30
CA ASP E 1053 7.95 -11.88 22.06
C ASP E 1053 6.81 -12.60 21.36
N ILE E 1054 6.68 -12.42 20.05
CA ILE E 1054 5.62 -13.10 19.30
C ILE E 1054 5.81 -14.60 19.37
N ILE E 1055 7.05 -15.06 19.19
CA ILE E 1055 7.32 -16.49 19.25
C ILE E 1055 6.99 -17.03 20.63
N GLN E 1056 7.27 -16.25 21.67
CA GLN E 1056 6.99 -16.70 23.03
C GLN E 1056 5.50 -16.76 23.33
N ARG E 1057 4.71 -15.83 22.80
CA ARG E 1057 3.33 -15.70 23.22
C ARG E 1057 2.34 -16.51 22.41
N LEU E 1058 2.63 -16.85 21.16
CA LEU E 1058 1.64 -17.44 20.30
C LEU E 1058 2.08 -18.82 19.81
N ASP E 1059 1.18 -19.48 19.09
CA ASP E 1059 1.37 -20.78 18.49
C ASP E 1059 1.50 -20.64 16.99
N PRO E 1060 2.19 -21.56 16.32
CA PRO E 1060 2.66 -21.33 14.96
C PRO E 1060 1.58 -20.90 13.98
N PRO E 1061 0.36 -21.46 14.03
CA PRO E 1061 -0.64 -21.04 13.02
C PRO E 1061 -0.83 -19.54 12.92
N GLU E 1062 -0.96 -18.84 14.04
CA GLU E 1062 -1.09 -17.39 14.04
C GLU E 1062 0.20 -16.69 14.42
N GLN E 1063 1.17 -17.41 14.95
CA GLN E 1063 2.54 -16.89 15.04
C GLN E 1063 3.02 -16.44 13.67
N ASP E 1064 2.77 -17.25 12.64
CA ASP E 1064 3.17 -16.86 11.29
C ASP E 1064 2.44 -15.61 10.84
N ALA E 1065 1.13 -15.53 11.10
CA ALA E 1065 0.37 -14.38 10.67
C ALA E 1065 0.81 -13.10 11.34
N GLN E 1066 1.28 -13.18 12.58
CA GLN E 1066 1.81 -12.00 13.26
C GLN E 1066 3.21 -11.64 12.78
N ILE E 1067 4.07 -12.62 12.50
CA ILE E 1067 5.41 -12.31 12.03
C ILE E 1067 5.36 -11.74 10.61
N ASP E 1068 4.37 -12.14 9.82
CA ASP E 1068 4.24 -11.63 8.46
C ASP E 1068 3.98 -10.13 8.44
N ARG E 1069 3.24 -9.62 9.41
CA ARG E 1069 3.01 -8.18 9.46
C ARG E 1069 4.32 -7.41 9.63
N LEU E 1070 5.17 -7.86 10.54
CA LEU E 1070 6.47 -7.24 10.71
C LEU E 1070 7.32 -7.37 9.46
N ILE E 1071 7.29 -8.53 8.82
CA ILE E 1071 8.10 -8.73 7.62
C ILE E 1071 7.70 -7.72 6.55
N ASN E 1072 6.40 -7.61 6.28
CA ASN E 1072 5.96 -6.69 5.24
C ASN E 1072 6.22 -5.24 5.61
N GLY E 1073 5.99 -4.87 6.87
CA GLY E 1073 6.25 -3.50 7.27
C GLY E 1073 7.70 -3.12 7.10
N ARG E 1074 8.61 -3.98 7.56
CA ARG E 1074 10.02 -3.69 7.45
C ARG E 1074 10.50 -3.70 6.01
N LEU E 1075 9.99 -4.60 5.17
CA LEU E 1075 10.36 -4.55 3.77
C LEU E 1075 9.91 -3.26 3.09
N THR E 1076 8.70 -2.76 3.41
CA THR E 1076 8.28 -1.52 2.78
C THR E 1076 9.09 -0.33 3.27
N THR E 1077 9.38 -0.24 4.58
CA THR E 1077 10.23 0.85 5.02
C THR E 1077 11.61 0.80 4.38
N LEU E 1078 12.15 -0.39 4.19
CA LEU E 1078 13.45 -0.53 3.59
C LEU E 1078 13.45 -0.16 2.11
N ASN E 1079 12.37 -0.49 1.40
CA ASN E 1079 12.22 -0.03 0.02
C ASN E 1079 12.11 1.49 -0.06
N ALA E 1080 11.37 2.11 0.86
CA ALA E 1080 11.30 3.56 0.87
C ALA E 1080 12.67 4.18 1.10
N PHE E 1081 13.45 3.61 2.02
CA PHE E 1081 14.81 4.09 2.25
C PHE E 1081 15.64 4.00 0.98
N VAL E 1082 15.55 2.88 0.25
CA VAL E 1082 16.34 2.74 -0.97
C VAL E 1082 15.93 3.78 -2.00
N ALA E 1083 14.64 4.02 -2.16
CA ALA E 1083 14.19 4.99 -3.16
C ALA E 1083 14.67 6.39 -2.83
N GLN E 1084 14.56 6.79 -1.57
CA GLN E 1084 15.05 8.11 -1.20
C GLN E 1084 16.56 8.22 -1.35
N GLN E 1085 17.31 7.16 -1.06
CA GLN E 1085 18.74 7.17 -1.26
C GLN E 1085 19.12 7.35 -2.71
N LEU E 1086 18.39 6.72 -3.62
CA LEU E 1086 18.61 6.92 -5.05
C LEU E 1086 18.37 8.37 -5.46
N VAL E 1087 17.29 8.98 -4.97
CA VAL E 1087 17.06 10.39 -5.30
C VAL E 1087 18.21 11.26 -4.79
N ARG E 1088 18.62 11.04 -3.55
CA ARG E 1088 19.69 11.85 -2.97
C ARG E 1088 21.00 11.70 -3.72
N SER E 1089 21.38 10.48 -4.07
CA SER E 1089 22.61 10.29 -4.82
C SER E 1089 22.53 10.89 -6.21
N GLU E 1090 21.37 10.81 -6.85
CA GLU E 1090 21.19 11.44 -8.16
C GLU E 1090 21.41 12.94 -8.10
N SER E 1091 20.88 13.61 -7.08
CA SER E 1091 21.11 15.06 -6.97
C SER E 1091 22.55 15.41 -6.60
N ALA E 1092 23.17 14.64 -5.72
CA ALA E 1092 24.55 14.91 -5.37
C ALA E 1092 25.49 14.71 -6.56
N ALA E 1093 25.20 13.79 -7.45
CA ALA E 1093 26.02 13.64 -8.64
C ALA E 1093 25.96 14.83 -9.59
N LEU E 1094 24.84 15.55 -9.62
CA LEU E 1094 24.76 16.79 -10.38
C LEU E 1094 25.48 17.94 -9.70
N SER E 1095 25.35 18.06 -8.38
CA SER E 1095 26.09 19.12 -7.72
C SER E 1095 27.60 18.88 -7.75
N ALA E 1096 28.04 17.64 -7.88
CA ALA E 1096 29.47 17.42 -8.09
C ALA E 1096 29.96 17.97 -9.41
N GLN E 1097 29.17 17.87 -10.47
CA GLN E 1097 29.51 18.53 -11.72
C GLN E 1097 29.52 20.04 -11.58
N LEU E 1098 28.59 20.59 -10.82
CA LEU E 1098 28.63 22.03 -10.57
C LEU E 1098 29.92 22.43 -9.84
N ALA E 1099 30.35 21.63 -8.86
CA ALA E 1099 31.60 21.91 -8.17
C ALA E 1099 32.80 21.81 -9.09
N LYS E 1100 32.81 20.84 -10.00
CA LYS E 1100 33.87 20.77 -10.99
C LYS E 1100 33.92 22.01 -11.86
N ASP E 1101 32.76 22.49 -12.30
CA ASP E 1101 32.71 23.70 -13.09
C ASP E 1101 33.22 24.91 -12.31
N LYS E 1102 32.89 24.99 -11.02
CA LYS E 1102 33.38 26.11 -10.21
C LYS E 1102 34.87 26.03 -9.94
N VAL E 1103 35.43 24.85 -9.79
CA VAL E 1103 36.87 24.75 -9.62
C VAL E 1103 37.58 25.18 -10.89
N ASN E 1104 37.09 24.75 -12.05
CA ASN E 1104 37.75 25.15 -13.29
C ASN E 1104 37.53 26.61 -13.63
N GLU E 1105 36.39 27.17 -13.28
CA GLU E 1105 36.01 28.53 -13.65
C GLU E 1105 36.51 29.57 -12.67
N CYS E 1106 36.41 29.30 -11.37
CA CYS E 1106 36.65 30.31 -10.35
C CYS E 1106 38.00 30.18 -9.66
N VAL E 1107 38.51 28.96 -9.49
CA VAL E 1107 39.75 28.75 -8.75
C VAL E 1107 40.96 28.74 -9.66
N LYS E 1108 40.88 28.02 -10.78
CA LYS E 1108 42.02 27.92 -11.69
C LYS E 1108 42.07 29.05 -12.69
N ALA E 1109 41.16 30.01 -12.60
CA ALA E 1109 41.18 31.16 -13.49
C ALA E 1109 40.40 32.29 -12.82
N GLN E 1110 40.54 33.48 -13.38
CA GLN E 1110 39.72 34.61 -12.96
C GLN E 1110 38.52 34.73 -13.90
N SER E 1111 37.35 34.95 -13.33
CA SER E 1111 36.11 34.86 -14.08
C SER E 1111 35.62 36.22 -14.52
N LYS E 1112 35.17 36.30 -15.78
CA LYS E 1112 34.50 37.48 -16.30
C LYS E 1112 33.01 37.47 -16.02
N ARG E 1113 32.41 36.30 -15.83
CA ARG E 1113 31.00 36.22 -15.52
C ARG E 1113 30.71 36.87 -14.19
N SER E 1114 29.63 37.63 -14.13
CA SER E 1114 29.20 38.22 -12.88
C SER E 1114 28.26 37.25 -12.18
N GLY E 1115 28.34 37.23 -10.85
CA GLY E 1115 27.49 36.39 -10.06
C GLY E 1115 27.87 34.92 -9.99
N PHE E 1116 28.63 34.41 -10.95
CA PHE E 1116 28.93 32.98 -10.93
C PHE E 1116 29.85 32.64 -9.77
N CYS E 1117 30.94 33.37 -9.60
CA CYS E 1117 31.81 33.10 -8.47
C CYS E 1117 31.29 33.76 -7.21
N GLY E 1118 31.25 35.07 -7.17
CA GLY E 1118 30.63 35.71 -6.03
C GLY E 1118 29.95 37.00 -6.43
N GLN E 1119 29.94 37.97 -5.54
CA GLN E 1119 29.46 39.29 -5.86
C GLN E 1119 30.65 40.20 -6.16
N GLY E 1120 30.36 41.42 -6.58
CA GLY E 1120 31.45 42.26 -6.99
C GLY E 1120 32.03 41.73 -8.29
N THR E 1121 33.29 42.07 -8.53
CA THR E 1121 34.03 41.50 -9.63
C THR E 1121 35.02 40.51 -9.07
N HIS E 1122 34.99 39.29 -9.59
CA HIS E 1122 35.79 38.20 -9.07
C HIS E 1122 37.27 38.53 -9.17
N ILE E 1123 38.01 38.33 -8.10
CA ILE E 1123 39.47 38.46 -8.09
C ILE E 1123 40.14 37.11 -7.98
N VAL E 1124 39.86 36.37 -6.90
CA VAL E 1124 40.54 35.09 -6.68
C VAL E 1124 39.67 34.21 -5.81
N SER E 1125 39.75 32.90 -6.00
CA SER E 1125 38.96 31.97 -5.23
C SER E 1125 39.83 30.87 -4.66
N PHE E 1126 39.44 30.38 -3.48
CA PHE E 1126 40.08 29.26 -2.81
C PHE E 1126 39.03 28.20 -2.53
N VAL E 1127 39.47 26.96 -2.36
CA VAL E 1127 38.56 25.86 -2.04
C VAL E 1127 39.24 24.93 -1.05
N VAL E 1128 38.46 24.47 -0.07
CA VAL E 1128 38.88 23.45 0.88
C VAL E 1128 37.82 22.36 0.93
N ASN E 1129 38.12 21.28 1.65
CA ASN E 1129 37.14 20.23 1.84
C ASN E 1129 36.19 20.55 2.96
N ALA E 1130 34.92 20.26 2.76
CA ALA E 1130 33.90 20.36 3.77
C ALA E 1130 33.25 18.99 3.91
N PRO E 1131 32.60 18.71 5.04
CA PRO E 1131 31.86 17.46 5.17
C PRO E 1131 30.92 17.25 3.99
N ASN E 1132 31.20 16.22 3.21
CA ASN E 1132 30.41 15.79 2.06
C ASN E 1132 30.51 16.73 0.87
N GLY E 1133 31.58 17.49 0.73
CA GLY E 1133 31.66 18.37 -0.42
C GLY E 1133 32.82 19.34 -0.34
N LEU E 1134 32.67 20.45 -1.05
CA LEU E 1134 33.71 21.44 -1.18
C LEU E 1134 33.20 22.78 -0.66
N TYR E 1135 34.11 23.57 -0.13
CA TYR E 1135 33.81 24.88 0.42
C TYR E 1135 34.67 25.91 -0.30
N PHE E 1136 34.02 26.87 -0.95
CA PHE E 1136 34.67 27.89 -1.76
C PHE E 1136 34.67 29.22 -1.03
N MET E 1137 35.78 29.93 -1.12
CA MET E 1137 35.87 31.32 -0.65
C MET E 1137 36.19 32.17 -1.88
N HIS E 1138 35.25 33.01 -2.30
CA HIS E 1138 35.42 33.85 -3.47
C HIS E 1138 35.73 35.27 -3.03
N VAL E 1139 36.96 35.73 -3.27
CA VAL E 1139 37.37 37.09 -2.99
C VAL E 1139 37.09 37.95 -4.21
N GLY E 1140 36.25 38.96 -4.00
CA GLY E 1140 35.88 39.88 -5.06
C GLY E 1140 36.06 41.32 -4.63
N TYR E 1141 35.89 42.20 -5.59
CA TYR E 1141 36.22 43.63 -5.47
C TYR E 1141 34.92 44.42 -5.36
N TYR E 1142 34.80 45.20 -4.29
CA TYR E 1142 33.54 45.91 -3.99
C TYR E 1142 33.77 47.41 -3.95
N PRO E 1143 33.33 48.16 -4.95
CA PRO E 1143 33.52 49.61 -4.94
C PRO E 1143 32.45 50.33 -4.14
N SER E 1144 32.85 51.44 -3.50
CA SER E 1144 31.93 52.10 -2.58
C SER E 1144 31.54 53.52 -2.97
N ASN E 1145 32.48 54.46 -3.08
CA ASN E 1145 32.14 55.88 -3.10
C ASN E 1145 32.15 56.40 -4.53
N HIS E 1146 30.96 56.62 -5.09
CA HIS E 1146 30.82 56.98 -6.49
C HIS E 1146 30.58 58.47 -6.63
N ILE E 1147 31.56 59.18 -7.19
CA ILE E 1147 31.40 60.56 -7.65
C ILE E 1147 30.88 60.45 -9.08
N GLU E 1148 30.39 61.53 -9.69
CA GLU E 1148 29.78 61.19 -10.97
C GLU E 1148 30.76 61.10 -12.11
N VAL E 1149 30.83 62.09 -13.00
CA VAL E 1149 31.97 62.71 -13.69
C VAL E 1149 31.29 63.14 -14.98
N VAL E 1150 31.86 64.05 -15.75
CA VAL E 1150 31.43 64.23 -17.14
C VAL E 1150 32.50 63.63 -18.05
N SER E 1151 32.07 62.92 -19.09
CA SER E 1151 32.98 62.10 -19.88
C SER E 1151 32.64 62.16 -21.36
N ALA E 1152 33.65 61.93 -22.20
CA ALA E 1152 33.55 62.02 -23.64
C ALA E 1152 33.74 60.66 -24.30
N TYR E 1153 33.03 60.44 -25.41
CA TYR E 1153 33.14 59.17 -26.11
C TYR E 1153 34.52 59.00 -26.73
N GLY E 1154 35.04 60.06 -27.35
CA GLY E 1154 36.35 60.01 -27.97
C GLY E 1154 36.83 61.42 -28.20
N LEU E 1155 38.04 61.53 -28.72
CA LEU E 1155 38.64 62.83 -28.99
C LEU E 1155 39.21 62.83 -30.39
N CYS E 1156 38.87 63.86 -31.16
CA CYS E 1156 39.41 64.05 -32.49
C CYS E 1156 40.19 65.34 -32.54
N ASP E 1157 41.11 65.43 -33.49
CA ASP E 1157 41.86 66.66 -33.71
C ASP E 1157 41.05 67.58 -34.60
N ALA E 1158 40.81 68.80 -34.13
CA ALA E 1158 39.99 69.73 -34.91
C ALA E 1158 40.63 70.04 -36.25
N ALA E 1159 41.94 70.24 -36.28
CA ALA E 1159 42.63 70.52 -37.53
C ALA E 1159 42.52 69.35 -38.50
N ASN E 1160 42.69 68.12 -37.99
CA ASN E 1160 42.62 66.90 -38.81
C ASN E 1160 41.55 66.02 -38.21
N PRO E 1161 40.30 66.20 -38.59
CA PRO E 1161 39.21 65.48 -37.92
C PRO E 1161 39.17 64.00 -38.25
N THR E 1162 40.18 63.52 -38.96
CA THR E 1162 40.30 62.10 -39.24
C THR E 1162 41.11 61.36 -38.18
N ASN E 1163 41.99 62.07 -37.47
CA ASN E 1163 42.81 61.49 -36.41
C ASN E 1163 42.01 61.52 -35.12
N CYS E 1164 41.53 60.36 -34.68
CA CYS E 1164 40.69 60.26 -33.49
C CYS E 1164 41.12 59.11 -32.61
N ILE E 1165 40.95 59.27 -31.30
CA ILE E 1165 41.33 58.24 -30.33
C ILE E 1165 40.15 57.93 -29.42
N ALA E 1166 40.20 56.75 -28.83
CA ALA E 1166 39.25 56.29 -27.84
C ALA E 1166 40.03 55.66 -26.71
N PRO E 1167 39.47 55.63 -25.50
CA PRO E 1167 40.18 55.00 -24.39
C PRO E 1167 40.02 53.49 -24.39
N VAL E 1168 41.00 52.81 -23.79
CA VAL E 1168 40.97 51.37 -23.64
C VAL E 1168 40.90 51.06 -22.15
N ASN E 1169 39.89 50.28 -21.75
CA ASN E 1169 39.71 49.89 -20.35
C ASN E 1169 39.61 51.10 -19.44
N GLY E 1170 38.86 52.10 -19.86
CA GLY E 1170 38.80 53.32 -19.07
C GLY E 1170 38.02 54.38 -19.81
N TYR E 1171 38.06 55.57 -19.25
CA TYR E 1171 37.25 56.68 -19.75
C TYR E 1171 38.09 57.94 -19.89
N PHE E 1172 37.65 58.80 -20.80
CA PHE E 1172 38.14 60.16 -20.90
C PHE E 1172 37.29 61.04 -20.01
N ILE E 1173 37.91 61.69 -19.04
CA ILE E 1173 37.19 62.50 -18.06
C ILE E 1173 37.66 63.94 -18.15
N LYS E 1174 36.70 64.85 -18.09
CA LYS E 1174 36.98 66.27 -18.01
C LYS E 1174 37.48 66.58 -16.61
N THR E 1175 38.79 66.69 -16.45
CA THR E 1175 39.37 66.97 -15.15
C THR E 1175 39.17 68.44 -14.80
N ASN E 1176 38.81 68.70 -13.55
CA ASN E 1176 38.58 70.05 -13.05
C ASN E 1176 39.68 70.52 -12.11
N ASN E 1177 40.88 69.99 -12.25
CA ASN E 1177 41.99 70.36 -11.38
C ASN E 1177 43.14 70.97 -12.16
N ASP E 1182 45.50 70.03 -18.43
CA ASP E 1182 44.86 69.72 -19.70
C ASP E 1182 43.37 69.51 -19.50
N GLU E 1183 42.57 69.83 -20.52
CA GLU E 1183 41.12 69.72 -20.38
C GLU E 1183 40.68 68.29 -20.14
N TRP E 1184 41.32 67.34 -20.81
CA TRP E 1184 40.89 65.95 -20.80
C TRP E 1184 41.98 65.06 -20.21
N SER E 1185 41.60 64.15 -19.34
CA SER E 1185 42.54 63.18 -18.81
C SER E 1185 41.89 61.80 -18.89
N TYR E 1186 42.62 60.78 -18.47
CA TYR E 1186 42.18 59.40 -18.57
C TYR E 1186 42.04 58.81 -17.19
N THR E 1187 41.04 57.96 -17.00
CA THR E 1187 40.91 57.24 -15.74
C THR E 1187 40.61 55.78 -16.02
N GLY E 1188 41.11 54.91 -15.15
CA GLY E 1188 40.81 53.51 -15.28
C GLY E 1188 39.34 53.22 -15.02
N SER E 1189 38.89 52.07 -15.46
CA SER E 1189 37.46 51.80 -15.49
C SER E 1189 36.87 51.62 -14.11
N SER E 1190 37.63 51.08 -13.16
CA SER E 1190 37.08 50.63 -11.89
C SER E 1190 37.57 51.43 -10.69
N PHE E 1191 38.31 52.52 -10.91
CA PHE E 1191 38.78 53.34 -9.81
C PHE E 1191 39.08 54.72 -10.36
N TYR E 1192 38.63 55.74 -9.66
CA TYR E 1192 38.81 57.12 -10.14
C TYR E 1192 40.19 57.61 -9.74
N ALA E 1193 41.05 57.80 -10.74
CA ALA E 1193 42.38 58.35 -10.53
C ALA E 1193 42.89 58.94 -11.84
N PRO E 1194 42.63 60.22 -12.09
CA PRO E 1194 42.93 60.79 -13.42
C PRO E 1194 44.41 60.79 -13.75
N GLU E 1195 44.69 60.70 -15.03
CA GLU E 1195 46.04 60.53 -15.55
C GLU E 1195 46.18 61.23 -16.90
N PRO E 1196 47.40 61.54 -17.30
CA PRO E 1196 47.59 62.08 -18.66
C PRO E 1196 47.23 61.05 -19.71
N ILE E 1197 46.76 61.53 -20.84
CA ILE E 1197 46.40 60.67 -21.96
C ILE E 1197 47.66 60.38 -22.76
N THR E 1198 47.98 59.10 -22.90
CA THR E 1198 49.16 58.67 -23.62
C THR E 1198 48.76 57.65 -24.67
N SER E 1199 49.74 57.21 -25.46
CA SER E 1199 49.48 56.17 -26.44
C SER E 1199 49.30 54.79 -25.82
N LEU E 1200 49.53 54.67 -24.52
CA LEU E 1200 49.41 53.40 -23.82
C LEU E 1200 48.02 53.14 -23.28
N ASN E 1201 47.16 54.15 -23.20
CA ASN E 1201 45.80 53.95 -22.71
C ASN E 1201 44.77 54.39 -23.74
N THR E 1202 45.15 54.52 -25.00
CA THR E 1202 44.25 54.93 -26.06
C THR E 1202 44.45 54.05 -27.28
N LYS E 1203 43.49 54.09 -28.18
CA LYS E 1203 43.61 53.42 -29.46
C LYS E 1203 43.01 54.31 -30.54
N TYR E 1204 43.58 54.23 -31.74
CA TYR E 1204 43.11 55.05 -32.85
C TYR E 1204 41.85 54.45 -33.44
N VAL E 1205 40.85 55.29 -33.67
CA VAL E 1205 39.55 54.83 -34.12
C VAL E 1205 39.07 55.71 -35.27
N ALA E 1206 38.06 55.22 -35.96
CA ALA E 1206 37.41 56.00 -37.00
C ALA E 1206 36.57 57.10 -36.38
N PRO E 1207 36.49 58.26 -37.02
CA PRO E 1207 35.78 59.39 -36.42
C PRO E 1207 34.29 59.10 -36.28
N GLN E 1208 33.65 59.91 -35.45
CA GLN E 1208 32.25 59.69 -35.11
C GLN E 1208 31.65 61.02 -34.71
N VAL E 1209 30.33 61.13 -34.86
CA VAL E 1209 29.68 62.42 -34.64
C VAL E 1209 29.72 62.82 -33.18
N THR E 1210 29.79 61.85 -32.26
CA THR E 1210 29.79 62.12 -30.84
C THR E 1210 31.18 62.44 -30.30
N TYR E 1211 32.21 62.40 -31.12
CA TYR E 1211 33.56 62.64 -30.65
C TYR E 1211 33.83 64.13 -30.54
N GLN E 1212 34.63 64.51 -29.56
CA GLN E 1212 34.93 65.92 -29.32
C GLN E 1212 36.02 66.39 -30.25
N ASN E 1213 35.83 67.58 -30.82
CA ASN E 1213 36.80 68.18 -31.74
C ASN E 1213 37.60 69.22 -30.98
N ILE E 1214 38.64 68.75 -30.32
CA ILE E 1214 39.47 69.63 -29.50
C ILE E 1214 40.56 70.24 -30.35
N SER E 1215 40.93 71.48 -30.04
CA SER E 1215 41.90 72.19 -30.85
C SER E 1215 42.99 72.87 -30.02
N THR E 1216 42.67 73.28 -28.79
CA THR E 1216 43.58 74.17 -28.07
C THR E 1216 44.76 73.41 -27.47
N ASN E 1217 44.51 72.51 -26.53
CA ASN E 1217 45.57 71.74 -25.88
C ASN E 1217 45.36 70.28 -26.24
N LEU E 1218 46.38 69.66 -26.80
CA LEU E 1218 46.14 68.46 -27.56
C LEU E 1218 46.98 67.31 -27.01
N PRO E 1219 46.39 66.16 -26.74
CA PRO E 1219 47.13 65.06 -26.11
C PRO E 1219 48.19 64.51 -27.04
N PRO E 1220 49.24 63.90 -26.50
CA PRO E 1220 50.34 63.43 -27.32
C PRO E 1220 49.93 62.47 -28.43
N PRO E 1221 48.99 61.55 -28.21
CA PRO E 1221 48.60 60.67 -29.31
C PRO E 1221 48.01 61.40 -30.49
N LEU E 1222 47.47 62.59 -30.31
CA LEU E 1222 46.86 63.33 -31.40
C LEU E 1222 47.82 64.31 -32.06
N LEU E 1223 49.00 64.52 -31.51
CA LEU E 1223 49.94 65.46 -32.09
C LEU E 1223 50.56 64.89 -33.37
N GLY E 1224 50.81 65.79 -34.32
CA GLY E 1224 51.43 65.40 -35.58
C GLY E 1224 52.90 65.73 -35.62
N GLN F 1 -49.78 14.32 26.87
CA GLN F 1 -50.06 15.60 26.25
C GLN F 1 -51.40 15.57 25.54
N VAL F 2 -51.78 14.41 25.03
CA VAL F 2 -53.01 14.26 24.26
C VAL F 2 -54.16 13.94 25.19
N GLN F 3 -55.25 14.69 25.05
CA GLN F 3 -56.43 14.54 25.89
C GLN F 3 -57.64 14.25 25.01
N LEU F 4 -58.38 13.19 25.34
CA LEU F 4 -59.60 12.83 24.64
C LEU F 4 -60.75 12.85 25.64
N GLN F 5 -61.82 13.55 25.29
CA GLN F 5 -62.96 13.70 26.20
C GLN F 5 -64.26 13.42 25.47
N GLU F 6 -65.01 12.43 25.94
CA GLU F 6 -66.34 12.14 25.42
C GLU F 6 -67.40 12.95 26.16
N SER F 7 -68.47 13.26 25.45
CA SER F 7 -69.57 14.03 26.02
C SER F 7 -70.82 13.80 25.19
N GLY F 8 -71.96 14.29 25.70
CA GLY F 8 -73.23 14.16 25.05
C GLY F 8 -74.04 12.94 25.43
N GLY F 9 -73.53 12.10 26.32
CA GLY F 9 -74.24 10.88 26.66
C GLY F 9 -75.50 11.14 27.47
N GLY F 10 -76.47 10.25 27.30
CA GLY F 10 -77.75 10.37 27.99
C GLY F 10 -78.62 9.20 27.62
N SER F 11 -79.81 9.16 28.22
CA SER F 11 -80.75 8.08 28.01
C SER F 11 -81.86 8.54 27.08
N VAL F 12 -82.13 7.76 26.04
CA VAL F 12 -83.21 8.03 25.10
C VAL F 12 -84.02 6.75 24.90
N GLN F 13 -85.26 6.94 24.47
CA GLN F 13 -86.13 5.80 24.18
C GLN F 13 -85.51 4.93 23.09
N ALA F 14 -85.64 3.61 23.25
CA ALA F 14 -85.14 2.69 22.24
C ALA F 14 -85.76 3.01 20.88
N GLY F 15 -84.92 2.99 19.86
CA GLY F 15 -85.34 3.44 18.54
C GLY F 15 -85.20 4.93 18.31
N GLY F 16 -84.53 5.65 19.21
CA GLY F 16 -84.29 7.07 19.05
C GLY F 16 -83.00 7.35 18.31
N SER F 17 -82.45 8.54 18.57
CA SER F 17 -81.24 8.98 17.89
C SER F 17 -80.45 9.88 18.84
N LEU F 18 -79.13 9.72 18.84
CA LEU F 18 -78.25 10.42 19.76
C LEU F 18 -76.92 10.71 19.09
N LYS F 19 -76.16 11.63 19.68
CA LYS F 19 -74.89 12.05 19.10
C LYS F 19 -73.91 12.43 20.21
N LEU F 20 -72.74 11.81 20.21
CA LEU F 20 -71.69 12.13 21.17
C LEU F 20 -70.74 13.18 20.61
N SER F 21 -69.73 13.53 21.40
CA SER F 21 -68.63 14.36 20.94
C SER F 21 -67.38 13.88 21.63
N CYS F 22 -66.25 13.97 20.93
CA CYS F 22 -64.97 13.52 21.48
C CYS F 22 -63.94 14.60 21.19
N SER F 23 -63.79 15.53 22.12
CA SER F 23 -62.78 16.57 21.97
C SER F 23 -61.39 15.95 22.04
N VAL F 24 -60.53 16.36 21.12
CA VAL F 24 -59.20 15.80 20.94
C VAL F 24 -58.20 16.94 21.04
N SER F 25 -57.13 16.73 21.82
CA SER F 25 -56.11 17.75 21.95
C SER F 25 -54.75 17.08 22.11
N GLY F 26 -53.71 17.83 21.77
CA GLY F 26 -52.35 17.35 21.94
C GLY F 26 -51.68 16.76 20.71
N TYR F 27 -52.31 16.86 19.55
CA TYR F 27 -51.70 16.43 18.29
C TYR F 27 -50.95 17.57 17.62
N THR F 28 -49.65 17.37 17.43
CA THR F 28 -48.79 18.29 16.69
C THR F 28 -48.70 17.94 15.22
N TYR F 29 -49.15 16.76 14.82
CA TYR F 29 -49.12 16.31 13.45
C TYR F 29 -50.48 15.74 13.04
N SER F 30 -50.87 16.02 11.81
CA SER F 30 -52.23 15.76 11.36
C SER F 30 -52.47 14.32 10.94
N THR F 31 -51.50 13.43 11.12
CA THR F 31 -51.58 12.07 10.56
C THR F 31 -51.88 11.09 11.69
N TYR F 32 -53.17 10.90 11.96
CA TYR F 32 -53.63 10.03 13.04
C TYR F 32 -55.03 9.56 12.71
N CYS F 33 -55.48 8.54 13.46
CA CYS F 33 -56.82 8.00 13.29
C CYS F 33 -57.50 7.86 14.65
N ILE F 34 -58.79 8.17 14.70
CA ILE F 34 -59.56 8.21 15.94
C ILE F 34 -60.72 7.22 15.84
N ALA F 35 -60.86 6.37 16.85
CA ALA F 35 -61.85 5.31 16.83
C ALA F 35 -62.81 5.44 18.01
N TRP F 36 -63.98 4.82 17.84
CA TRP F 36 -65.00 4.72 18.88
C TRP F 36 -65.18 3.26 19.30
N PHE F 37 -65.29 3.04 20.60
CA PHE F 37 -65.52 1.73 21.18
C PHE F 37 -66.74 1.81 22.08
N ARG F 38 -67.20 0.65 22.54
CA ARG F 38 -68.10 0.62 23.69
C ARG F 38 -67.75 -0.59 24.54
N GLN F 39 -68.03 -0.46 25.83
CA GLN F 39 -67.79 -1.50 26.82
C GLN F 39 -69.10 -1.80 27.53
N VAL F 40 -69.65 -2.99 27.28
CA VAL F 40 -70.78 -3.45 28.09
C VAL F 40 -70.25 -3.98 29.42
N PRO F 41 -70.87 -3.64 30.55
CA PRO F 41 -70.31 -4.04 31.84
C PRO F 41 -70.22 -5.55 31.98
N GLY F 42 -69.16 -6.00 32.62
CA GLY F 42 -68.95 -7.42 32.85
C GLY F 42 -68.54 -8.20 31.63
N LYS F 43 -68.01 -7.54 30.60
CA LYS F 43 -67.56 -8.21 29.39
C LYS F 43 -66.33 -7.48 28.87
N GLU F 44 -65.92 -7.82 27.65
CA GLU F 44 -64.72 -7.26 27.05
C GLU F 44 -65.07 -6.16 26.06
N ARG F 45 -64.12 -5.26 25.85
CA ARG F 45 -64.31 -4.13 24.95
C ARG F 45 -64.40 -4.61 23.51
N GLU F 46 -65.05 -3.79 22.67
CA GLU F 46 -65.18 -4.09 21.25
C GLU F 46 -65.46 -2.81 20.50
N GLY F 47 -64.85 -2.67 19.30
CA GLY F 47 -64.85 -1.42 18.59
C GLY F 47 -66.00 -1.28 17.61
N LEU F 48 -66.27 -0.02 17.23
CA LEU F 48 -67.42 0.30 16.41
C LEU F 48 -67.06 0.98 15.09
N ALA F 49 -66.23 2.01 15.10
CA ALA F 49 -65.93 2.75 13.89
C ALA F 49 -64.63 3.53 14.10
N PHE F 50 -64.12 4.11 13.01
CA PHE F 50 -62.95 4.97 13.09
C PHE F 50 -62.91 5.91 11.90
N ILE F 51 -62.18 7.01 12.08
CA ILE F 51 -61.94 8.02 11.06
C ILE F 51 -60.44 8.21 10.92
N LYS F 52 -59.97 8.22 9.68
CA LYS F 52 -58.57 8.45 9.35
C LYS F 52 -58.42 9.91 8.92
N ASN F 53 -57.58 10.67 9.64
CA ASN F 53 -57.74 12.12 9.63
C ASN F 53 -57.30 12.78 8.32
N PRO F 54 -56.04 12.67 7.88
CA PRO F 54 -55.66 13.41 6.67
C PRO F 54 -56.48 13.01 5.46
N GLU F 55 -56.60 11.70 5.21
CA GLU F 55 -57.42 11.23 4.10
C GLU F 55 -58.87 11.62 4.29
N GLY F 56 -59.36 11.50 5.53
CA GLY F 56 -60.76 11.76 5.83
C GLY F 56 -61.66 10.56 5.72
N ASN F 57 -61.18 9.45 5.16
CA ASN F 57 -62.03 8.28 4.98
C ASN F 57 -62.34 7.63 6.33
N THR F 58 -63.51 7.02 6.41
CA THR F 58 -64.02 6.44 7.64
C THR F 58 -64.45 5.01 7.38
N ASP F 59 -64.47 4.22 8.45
CA ASP F 59 -64.96 2.85 8.37
C ASP F 59 -65.71 2.51 9.63
N TYR F 60 -66.63 1.54 9.52
CA TYR F 60 -67.45 1.10 10.64
C TYR F 60 -67.36 -0.41 10.78
N ALA F 61 -67.68 -0.89 11.99
CA ALA F 61 -67.71 -2.32 12.24
C ALA F 61 -68.96 -2.93 11.62
N ASP F 62 -68.99 -4.27 11.59
CA ASP F 62 -70.11 -4.97 10.97
C ASP F 62 -71.41 -4.74 11.72
N SER F 63 -71.37 -4.83 13.05
CA SER F 63 -72.61 -4.87 13.83
C SER F 63 -73.40 -3.58 13.69
N VAL F 64 -72.74 -2.43 13.74
CA VAL F 64 -73.43 -1.15 13.79
C VAL F 64 -73.29 -0.40 12.46
N GLN F 65 -72.89 -1.10 11.40
CA GLN F 65 -72.69 -0.45 10.11
C GLN F 65 -74.00 0.08 9.57
N GLY F 66 -73.97 1.31 9.06
CA GLY F 66 -75.17 1.95 8.56
C GLY F 66 -76.00 2.59 9.64
N ARG F 67 -76.17 1.88 10.76
CA ARG F 67 -76.91 2.45 11.89
C ARG F 67 -76.19 3.66 12.46
N PHE F 68 -74.86 3.59 12.53
CA PHE F 68 -74.06 4.66 13.12
C PHE F 68 -73.44 5.52 12.03
N PHE F 69 -73.07 6.74 12.40
CA PHE F 69 -72.39 7.64 11.47
C PHE F 69 -71.33 8.43 12.23
N ILE F 70 -70.13 8.50 11.65
CA ILE F 70 -68.99 9.16 12.26
C ILE F 70 -68.56 10.32 11.37
N SER F 71 -68.09 11.39 12.00
CA SER F 71 -67.70 12.59 11.29
C SER F 71 -66.74 13.38 12.17
N GLN F 72 -66.32 14.54 11.67
CA GLN F 72 -65.35 15.36 12.40
C GLN F 72 -65.46 16.80 11.92
N ASP F 73 -65.47 17.73 12.88
CA ASP F 73 -65.57 19.14 12.54
C ASP F 73 -64.24 19.66 12.01
N THR F 74 -64.31 20.37 10.88
CA THR F 74 -63.10 20.83 10.21
C THR F 74 -62.34 21.88 11.00
N VAL F 75 -62.97 22.52 11.97
CA VAL F 75 -62.31 23.56 12.75
C VAL F 75 -62.06 23.14 14.20
N ASP F 76 -62.82 22.17 14.73
CA ASP F 76 -62.64 21.71 16.09
C ASP F 76 -61.87 20.40 16.20
N ASN F 77 -61.58 19.73 15.08
CA ASN F 77 -60.94 18.42 15.03
C ASN F 77 -61.52 17.44 16.04
N THR F 78 -62.80 17.58 16.35
CA THR F 78 -63.50 16.68 17.26
C THR F 78 -64.33 15.69 16.46
N VAL F 79 -64.30 14.43 16.88
CA VAL F 79 -65.06 13.40 16.20
C VAL F 79 -66.37 13.18 16.94
N TYR F 80 -67.34 12.60 16.23
CA TYR F 80 -68.69 12.39 16.70
C TYR F 80 -69.02 10.91 16.61
N LEU F 81 -70.23 10.55 17.03
CA LEU F 81 -70.75 9.21 16.80
C LEU F 81 -72.27 9.31 16.86
N SER F 82 -72.90 9.32 15.69
CA SER F 82 -74.34 9.44 15.60
C SER F 82 -74.97 8.05 15.63
N MET F 83 -75.74 7.76 16.68
CA MET F 83 -76.53 6.55 16.72
C MET F 83 -77.94 6.87 16.28
N ASN F 84 -78.53 5.96 15.49
CA ASN F 84 -79.92 6.08 15.10
C ASN F 84 -80.60 4.75 15.36
N SER F 85 -81.87 4.81 15.74
CA SER F 85 -82.70 3.62 15.98
C SER F 85 -82.03 2.68 16.96
N LEU F 86 -81.82 3.17 18.18
CA LEU F 86 -81.09 2.41 19.18
C LEU F 86 -81.91 1.23 19.67
N LYS F 87 -81.22 0.27 20.26
CA LYS F 87 -81.81 -0.97 20.74
C LYS F 87 -81.33 -1.26 22.15
N PRO F 88 -82.05 -2.11 22.88
CA PRO F 88 -81.64 -2.40 24.28
C PRO F 88 -80.24 -2.97 24.39
N GLU F 89 -79.75 -3.66 23.36
CA GLU F 89 -78.41 -4.22 23.38
C GLU F 89 -77.32 -3.14 23.31
N ASP F 90 -77.70 -1.89 23.10
CA ASP F 90 -76.75 -0.79 22.95
C ASP F 90 -76.50 -0.02 24.25
N THR F 91 -76.67 -0.67 25.40
CA THR F 91 -76.41 -0.03 26.69
C THR F 91 -75.01 -0.39 27.14
N ALA F 92 -74.14 0.62 27.24
CA ALA F 92 -72.72 0.39 27.50
C ALA F 92 -72.07 1.74 27.72
N THR F 93 -70.79 1.72 28.04
CA THR F 93 -70.00 2.95 28.15
C THR F 93 -69.23 3.15 26.85
N TYR F 94 -69.52 4.24 26.14
CA TYR F 94 -68.85 4.54 24.89
C TYR F 94 -67.48 5.14 25.19
N TYR F 95 -66.45 4.58 24.56
CA TYR F 95 -65.08 5.04 24.69
C TYR F 95 -64.63 5.74 23.41
N CYS F 96 -63.78 6.74 23.56
CA CYS F 96 -63.04 7.31 22.46
C CYS F 96 -61.60 6.82 22.54
N ALA F 97 -60.94 6.72 21.39
CA ALA F 97 -59.57 6.25 21.38
C ALA F 97 -58.83 6.85 20.19
N GLY F 98 -57.51 6.87 20.31
CA GLY F 98 -56.66 7.38 19.26
C GLY F 98 -55.34 6.65 19.27
N ALA F 99 -54.52 6.95 18.27
CA ALA F 99 -53.22 6.30 18.15
C ALA F 99 -52.21 7.27 17.56
N VAL F 100 -50.94 6.97 17.78
CA VAL F 100 -49.86 7.78 17.22
C VAL F 100 -49.84 7.65 15.70
N SER F 101 -50.05 6.45 15.20
CA SER F 101 -49.99 6.17 13.76
C SER F 101 -51.32 6.51 13.12
N ASN F 102 -51.49 6.07 11.89
CA ASN F 102 -52.66 6.42 11.09
C ASN F 102 -53.33 5.18 10.52
N TRP F 103 -52.65 4.04 10.54
CA TRP F 103 -53.06 2.84 9.83
C TRP F 103 -53.44 1.71 10.76
N VAL F 104 -53.51 1.97 12.06
CA VAL F 104 -53.74 0.90 13.03
C VAL F 104 -55.22 0.76 13.41
N CYS F 105 -56.03 1.78 13.15
CA CYS F 105 -57.42 1.77 13.61
C CYS F 105 -58.23 0.65 12.97
N GLY F 106 -57.93 0.30 11.72
CA GLY F 106 -58.67 -0.76 11.06
C GLY F 106 -58.46 -2.11 11.74
N MET F 107 -57.21 -2.43 12.04
CA MET F 107 -56.93 -3.61 12.86
C MET F 107 -57.45 -3.42 14.27
N SER F 108 -57.46 -2.18 14.76
CA SER F 108 -57.80 -1.93 16.15
C SER F 108 -59.27 -2.24 16.44
N ILE F 109 -60.19 -1.69 15.64
CA ILE F 109 -61.60 -1.87 15.95
C ILE F 109 -62.04 -3.31 15.74
N LYS F 110 -61.24 -4.11 15.04
CA LYS F 110 -61.51 -5.51 14.83
C LYS F 110 -60.67 -6.40 15.74
N SER F 111 -59.87 -5.80 16.62
CA SER F 111 -59.14 -6.47 17.68
C SER F 111 -59.31 -5.72 18.99
N GLN F 112 -60.51 -5.18 19.20
CA GLN F 112 -60.94 -4.53 20.45
C GLN F 112 -59.93 -3.49 20.95
N GLY F 113 -59.16 -2.91 20.05
CA GLY F 113 -58.27 -1.83 20.44
C GLY F 113 -56.89 -2.25 20.90
N TYR F 114 -56.37 -3.34 20.33
CA TYR F 114 -55.04 -3.79 20.73
C TYR F 114 -53.96 -2.79 20.37
N GLY F 115 -54.17 -2.00 19.33
CA GLY F 115 -53.11 -1.11 18.92
C GLY F 115 -53.15 0.30 19.48
N MET F 116 -54.23 0.68 20.15
CA MET F 116 -54.38 2.07 20.55
C MET F 116 -53.38 2.45 21.64
N ASP F 117 -53.21 3.76 21.79
CA ASP F 117 -52.27 4.32 22.75
C ASP F 117 -52.96 5.34 23.63
N TYR F 118 -54.04 5.93 23.11
CA TYR F 118 -54.75 7.01 23.77
C TYR F 118 -56.18 6.59 24.02
N TRP F 119 -56.67 6.83 25.24
CA TRP F 119 -58.00 6.42 25.65
C TRP F 119 -58.72 7.60 26.28
N GLY F 120 -60.02 7.66 26.05
CA GLY F 120 -60.86 8.64 26.73
C GLY F 120 -61.41 8.10 28.04
N LYS F 121 -62.02 9.00 28.81
CA LYS F 121 -62.60 8.61 30.08
C LYS F 121 -63.83 7.73 29.89
N GLY F 122 -64.59 7.96 28.84
CA GLY F 122 -65.78 7.19 28.56
C GLY F 122 -67.04 7.99 28.85
N THR F 123 -68.18 7.42 28.45
CA THR F 123 -69.47 8.02 28.71
C THR F 123 -70.53 6.93 28.69
N GLN F 124 -71.15 6.68 29.83
CA GLN F 124 -72.16 5.62 29.92
C GLN F 124 -73.45 6.05 29.23
N VAL F 125 -74.05 5.12 28.50
CA VAL F 125 -75.35 5.31 27.88
C VAL F 125 -76.21 4.09 28.19
N THR F 126 -77.46 4.33 28.57
CA THR F 126 -78.44 3.28 28.82
C THR F 126 -79.73 3.67 28.14
N VAL F 127 -80.32 2.74 27.41
CA VAL F 127 -81.54 3.00 26.63
C VAL F 127 -82.72 2.40 27.38
N SER F 128 -83.80 3.16 27.48
CA SER F 128 -85.00 2.74 28.19
C SER F 128 -85.88 1.88 27.30
#